data_2L25
#
_entry.id   2L25
#
_entity_poly.entity_id   1
_entity_poly.type   'polypeptide(L)'
_entity_poly.pdbx_seq_one_letter_code
;GMSQDLIRAAFEKRLSDWAKARTPALPVAWQNTKFTPPAAGVYLRAYVMPAATISRDAAGDHRQYRGVFQVNVVMPIGDG
SRSAEQVAAELDALFPVNLVMQSGGLAVRVRTPISNGQPTTGDADHTVPISLGYDVQFYPE
;
_entity_poly.pdbx_strand_id   A
#
# COMPACT_ATOMS: atom_id res chain seq x y z
N GLY A 1 18.95 -3.59 -9.10
CA GLY A 1 17.58 -4.08 -9.25
C GLY A 1 17.16 -4.00 -10.70
N MET A 2 16.37 -4.98 -11.14
CA MET A 2 15.83 -5.12 -12.49
C MET A 2 14.40 -5.67 -12.39
N SER A 3 13.57 -5.45 -13.42
CA SER A 3 12.18 -5.89 -13.60
C SER A 3 11.30 -5.68 -12.35
N GLN A 4 11.40 -6.58 -11.37
CA GLN A 4 10.73 -6.48 -10.08
C GLN A 4 10.86 -5.07 -9.49
N ASP A 5 12.06 -4.50 -9.45
CA ASP A 5 12.22 -3.21 -8.76
C ASP A 5 11.39 -2.12 -9.43
N LEU A 6 11.26 -2.17 -10.76
CA LEU A 6 10.46 -1.25 -11.55
C LEU A 6 9.01 -1.29 -11.08
N ILE A 7 8.49 -2.50 -10.82
CA ILE A 7 7.14 -2.74 -10.31
C ILE A 7 6.92 -1.86 -9.08
N ARG A 8 7.70 -2.12 -8.02
CA ARG A 8 7.47 -1.49 -6.73
C ARG A 8 7.78 0.01 -6.78
N ALA A 9 8.73 0.40 -7.64
CA ALA A 9 9.00 1.80 -7.90
C ALA A 9 7.76 2.56 -8.39
N ALA A 10 6.76 1.92 -9.01
CA ALA A 10 5.48 2.58 -9.30
C ALA A 10 4.69 2.86 -8.01
N PHE A 11 4.63 1.87 -7.12
CA PHE A 11 3.87 1.94 -5.87
C PHE A 11 4.38 3.14 -5.07
N GLU A 12 5.69 3.28 -4.96
CA GLU A 12 6.30 4.34 -4.17
C GLU A 12 6.06 5.72 -4.78
N LYS A 13 6.11 5.82 -6.11
CA LYS A 13 6.07 7.04 -6.89
C LYS A 13 4.83 7.83 -6.54
N ARG A 14 3.73 7.10 -6.28
CA ARG A 14 2.48 7.71 -5.93
C ARG A 14 2.30 7.77 -4.42
N LEU A 15 2.54 6.68 -3.68
CA LEU A 15 2.17 6.62 -2.26
C LEU A 15 3.10 7.46 -1.39
N SER A 16 4.41 7.44 -1.61
CA SER A 16 5.31 8.27 -0.85
C SER A 16 5.03 9.75 -1.11
N ASP A 17 4.77 10.10 -2.36
CA ASP A 17 4.42 11.47 -2.75
C ASP A 17 3.12 11.91 -2.10
N TRP A 18 2.20 10.98 -1.87
CA TRP A 18 0.94 11.27 -1.20
C TRP A 18 1.20 11.53 0.27
N ALA A 19 2.03 10.69 0.91
CA ALA A 19 2.32 10.80 2.32
C ALA A 19 2.90 12.17 2.67
N LYS A 20 3.81 12.72 1.85
CA LYS A 20 4.41 14.05 2.05
C LYS A 20 3.51 15.18 1.58
N ALA A 21 2.68 14.96 0.55
CA ALA A 21 1.74 15.95 0.06
C ALA A 21 0.68 16.22 1.13
N ARG A 22 0.34 15.19 1.93
CA ARG A 22 -0.64 15.29 2.99
C ARG A 22 -0.19 16.37 3.97
N THR A 23 -1.17 17.06 4.52
CA THR A 23 -1.01 18.10 5.53
C THR A 23 -0.32 17.57 6.83
N PRO A 24 -0.77 16.48 7.50
CA PRO A 24 -0.03 15.93 8.64
C PRO A 24 1.28 15.26 8.25
N ALA A 25 1.50 15.06 6.95
CA ALA A 25 2.73 14.56 6.32
C ALA A 25 3.34 13.34 7.03
N LEU A 26 2.92 12.15 6.63
CA LEU A 26 3.14 10.93 7.41
C LEU A 26 4.42 10.22 6.98
N PRO A 27 5.13 9.55 7.90
CA PRO A 27 6.21 8.62 7.55
C PRO A 27 5.64 7.40 6.82
N VAL A 28 6.42 6.84 5.90
CA VAL A 28 5.94 5.88 4.91
C VAL A 28 6.81 4.61 4.97
N ALA A 29 6.62 3.82 6.04
CA ALA A 29 7.43 2.63 6.35
C ALA A 29 7.18 1.45 5.40
N TRP A 30 8.06 1.28 4.39
CA TRP A 30 8.05 0.17 3.42
C TRP A 30 8.80 -1.07 3.91
N GLN A 31 8.73 -2.16 3.13
CA GLN A 31 9.54 -3.38 3.28
C GLN A 31 11.02 -3.05 3.36
N ASN A 32 11.76 -3.82 4.18
CA ASN A 32 13.18 -3.70 4.55
C ASN A 32 13.61 -2.32 5.02
N THR A 33 12.71 -1.34 5.04
CA THR A 33 12.94 0.05 5.33
C THR A 33 12.41 0.29 6.74
N LYS A 34 12.90 1.31 7.42
CA LYS A 34 12.36 1.78 8.68
C LYS A 34 12.11 3.27 8.48
N PHE A 35 11.15 3.79 9.24
CA PHE A 35 10.86 5.20 9.32
C PHE A 35 10.61 5.46 10.79
N THR A 36 11.28 6.43 11.36
CA THR A 36 11.07 6.89 12.72
C THR A 36 11.76 8.26 12.87
N PRO A 37 11.34 9.16 13.78
CA PRO A 37 10.17 9.06 14.66
C PRO A 37 8.87 9.02 13.86
N PRO A 38 7.74 8.68 14.50
CA PRO A 38 6.43 8.84 13.88
C PRO A 38 6.13 10.32 13.64
N ALA A 39 5.02 10.60 12.97
CA ALA A 39 4.39 11.90 12.95
C ALA A 39 3.51 11.97 14.19
N ALA A 40 4.15 12.24 15.33
CA ALA A 40 3.51 12.48 16.63
C ALA A 40 2.74 11.26 17.14
N GLY A 41 3.14 10.06 16.75
CA GLY A 41 2.50 8.79 17.10
C GLY A 41 1.55 8.29 16.02
N VAL A 42 1.35 9.06 14.96
CA VAL A 42 0.71 8.65 13.72
C VAL A 42 1.81 8.14 12.81
N TYR A 43 1.61 6.98 12.18
CA TYR A 43 2.53 6.45 11.18
C TYR A 43 1.79 5.43 10.30
N LEU A 44 2.45 4.91 9.27
CA LEU A 44 1.85 4.03 8.26
C LEU A 44 2.86 2.93 7.92
N ARG A 45 2.57 1.71 8.37
CA ARG A 45 3.30 0.50 7.96
C ARG A 45 2.62 -0.03 6.70
N ALA A 46 3.35 -0.20 5.60
CA ALA A 46 2.80 -0.52 4.28
C ALA A 46 3.55 -1.71 3.68
N TYR A 47 2.91 -2.88 3.72
CA TYR A 47 3.46 -4.13 3.28
C TYR A 47 2.91 -4.49 1.90
N VAL A 48 3.77 -4.41 0.88
CA VAL A 48 3.49 -4.95 -0.45
C VAL A 48 3.74 -6.46 -0.38
N MET A 49 2.87 -7.27 -0.99
CA MET A 49 2.90 -8.73 -0.95
C MET A 49 2.85 -9.28 -2.37
N PRO A 50 3.99 -9.42 -3.06
CA PRO A 50 4.02 -9.97 -4.40
C PRO A 50 3.62 -11.45 -4.44
N ALA A 51 3.39 -11.97 -5.64
CA ALA A 51 3.37 -13.41 -5.91
C ALA A 51 4.80 -13.94 -5.84
N ALA A 52 4.96 -15.15 -5.34
CA ALA A 52 6.21 -15.88 -5.29
C ALA A 52 5.84 -17.36 -5.47
N THR A 53 5.99 -17.87 -6.70
CA THR A 53 5.69 -19.25 -7.05
C THR A 53 6.72 -20.19 -6.39
N ILE A 54 6.72 -21.47 -6.75
CA ILE A 54 7.85 -22.37 -6.47
C ILE A 54 8.80 -22.47 -7.68
N SER A 55 8.65 -21.55 -8.63
CA SER A 55 9.34 -21.60 -9.91
C SER A 55 9.08 -22.99 -10.58
N ARG A 56 9.99 -23.44 -11.45
CA ARG A 56 9.89 -24.64 -12.29
C ARG A 56 8.59 -24.66 -13.10
N ASP A 57 8.70 -24.32 -14.37
CA ASP A 57 7.58 -24.28 -15.32
C ASP A 57 8.03 -24.99 -16.59
N ALA A 58 7.22 -24.98 -17.67
CA ALA A 58 7.49 -25.73 -18.90
C ALA A 58 7.44 -24.88 -20.16
N ALA A 59 7.27 -23.58 -19.98
CA ALA A 59 7.49 -22.52 -20.96
C ALA A 59 7.96 -21.29 -20.16
N GLY A 60 8.02 -20.12 -20.79
CA GLY A 60 8.44 -18.87 -20.15
C GLY A 60 7.45 -17.76 -20.43
N ASP A 61 6.17 -18.08 -20.51
CA ASP A 61 5.10 -17.21 -20.96
C ASP A 61 3.87 -17.66 -20.20
N HIS A 62 3.45 -16.86 -19.23
CA HIS A 62 2.33 -17.13 -18.33
C HIS A 62 2.22 -15.99 -17.33
N ARG A 63 1.29 -16.15 -16.37
CA ARG A 63 1.31 -15.52 -15.05
C ARG A 63 0.93 -14.04 -15.16
N GLN A 64 0.73 -13.40 -14.02
CA GLN A 64 0.18 -12.05 -13.91
C GLN A 64 0.83 -11.27 -12.78
N TYR A 65 1.83 -11.89 -12.17
CA TYR A 65 2.63 -11.43 -11.06
C TYR A 65 1.83 -10.72 -9.97
N ARG A 66 0.68 -11.32 -9.64
CA ARG A 66 -0.32 -10.62 -8.85
C ARG A 66 0.00 -10.69 -7.38
N GLY A 67 -0.74 -9.97 -6.56
CA GLY A 67 -0.40 -9.84 -5.16
C GLY A 67 -1.50 -9.11 -4.41
N VAL A 68 -1.17 -8.71 -3.20
CA VAL A 68 -1.97 -7.81 -2.39
C VAL A 68 -1.03 -6.70 -1.92
N PHE A 69 -1.60 -5.64 -1.36
CA PHE A 69 -0.91 -4.62 -0.62
C PHE A 69 -1.77 -4.30 0.59
N GLN A 70 -1.12 -4.09 1.74
CA GLN A 70 -1.72 -4.07 3.06
C GLN A 70 -1.09 -2.91 3.81
N VAL A 71 -1.89 -1.99 4.34
CA VAL A 71 -1.40 -0.87 5.14
C VAL A 71 -2.04 -0.98 6.53
N ASN A 72 -1.33 -0.51 7.55
CA ASN A 72 -1.87 -0.36 8.90
C ASN A 72 -1.78 1.10 9.29
N VAL A 73 -2.95 1.73 9.38
CA VAL A 73 -3.13 3.10 9.83
C VAL A 73 -3.15 3.05 11.35
N VAL A 74 -2.07 3.50 11.97
CA VAL A 74 -1.93 3.62 13.42
C VAL A 74 -1.94 5.11 13.75
N MET A 75 -2.71 5.48 14.76
CA MET A 75 -2.79 6.83 15.31
C MET A 75 -3.00 6.70 16.82
N PRO A 76 -2.50 7.68 17.61
CA PRO A 76 -2.45 7.58 19.07
C PRO A 76 -3.84 7.84 19.65
N ILE A 77 -4.11 7.34 20.86
CA ILE A 77 -5.35 7.66 21.56
C ILE A 77 -5.10 8.98 22.30
N GLY A 78 -5.28 10.08 21.58
CA GLY A 78 -5.31 11.44 22.12
C GLY A 78 -6.62 11.75 22.86
N ASP A 79 -7.44 10.74 23.15
CA ASP A 79 -8.89 10.73 23.36
C ASP A 79 -9.63 11.28 22.14
N GLY A 80 -10.59 10.50 21.63
CA GLY A 80 -11.41 10.88 20.48
C GLY A 80 -10.64 10.89 19.17
N SER A 81 -9.47 10.25 19.13
CA SER A 81 -8.67 10.08 17.93
C SER A 81 -9.32 9.00 17.07
N ARG A 82 -10.00 9.43 16.01
CA ARG A 82 -10.72 8.59 15.07
C ARG A 82 -10.08 8.65 13.68
N SER A 83 -8.86 9.22 13.56
CA SER A 83 -8.25 9.60 12.28
C SER A 83 -8.08 8.46 11.27
N ALA A 84 -8.19 7.21 11.71
CA ALA A 84 -8.22 6.01 10.88
C ALA A 84 -9.14 6.22 9.68
N GLU A 85 -10.31 6.79 9.91
CA GLU A 85 -11.33 7.03 8.90
C GLU A 85 -10.86 8.02 7.84
N GLN A 86 -10.42 9.21 8.27
CA GLN A 86 -9.89 10.25 7.42
C GLN A 86 -8.85 9.65 6.47
N VAL A 87 -7.92 8.86 6.99
CA VAL A 87 -6.87 8.24 6.22
C VAL A 87 -7.41 7.18 5.26
N ALA A 88 -8.32 6.31 5.71
CA ALA A 88 -8.96 5.34 4.82
C ALA A 88 -9.60 6.05 3.63
N ALA A 89 -10.25 7.19 3.88
CA ALA A 89 -11.02 7.94 2.91
C ALA A 89 -10.13 8.75 1.96
N GLU A 90 -9.04 9.35 2.46
CA GLU A 90 -8.07 10.06 1.62
C GLU A 90 -7.35 9.08 0.71
N LEU A 91 -6.99 7.90 1.23
CA LEU A 91 -6.37 6.84 0.44
C LEU A 91 -7.37 6.23 -0.54
N ASP A 92 -8.67 6.21 -0.23
CA ASP A 92 -9.69 5.76 -1.18
C ASP A 92 -9.74 6.68 -2.38
N ALA A 93 -9.78 8.00 -2.15
CA ALA A 93 -9.74 8.99 -3.20
C ALA A 93 -8.50 8.79 -4.08
N LEU A 94 -7.36 8.43 -3.47
CA LEU A 94 -6.14 8.21 -4.22
C LEU A 94 -6.12 6.86 -4.96
N PHE A 95 -6.89 5.84 -4.59
CA PHE A 95 -6.76 4.49 -5.15
C PHE A 95 -8.05 4.03 -5.86
N PRO A 96 -8.33 4.49 -7.10
CA PRO A 96 -9.48 4.02 -7.88
C PRO A 96 -9.29 2.59 -8.40
N VAL A 97 -10.39 1.91 -8.75
CA VAL A 97 -10.41 0.49 -9.12
C VAL A 97 -9.69 0.15 -10.44
N ASN A 98 -9.26 1.16 -11.19
CA ASN A 98 -8.49 1.01 -12.41
C ASN A 98 -6.99 1.20 -12.13
N LEU A 99 -6.64 2.04 -11.15
CA LEU A 99 -5.31 2.23 -10.59
C LEU A 99 -4.21 2.31 -11.64
N VAL A 100 -4.41 3.10 -12.70
CA VAL A 100 -3.50 3.12 -13.83
C VAL A 100 -2.16 3.73 -13.34
N MET A 101 -1.15 2.90 -13.09
CA MET A 101 0.24 3.29 -12.89
C MET A 101 1.11 2.33 -13.68
N GLN A 102 1.94 2.87 -14.57
CA GLN A 102 2.92 2.14 -15.35
C GLN A 102 4.25 2.24 -14.61
N SER A 103 4.70 1.10 -14.10
CA SER A 103 6.08 0.92 -13.70
C SER A 103 6.97 0.97 -14.94
N GLY A 104 8.27 1.15 -14.74
CA GLY A 104 9.23 1.15 -15.85
C GLY A 104 9.35 -0.21 -16.55
N GLY A 105 8.78 -1.28 -15.97
CA GLY A 105 8.65 -2.57 -16.62
C GLY A 105 7.30 -2.61 -17.34
N LEU A 106 6.23 -2.81 -16.58
CA LEU A 106 4.90 -3.15 -17.06
C LEU A 106 3.90 -2.12 -16.53
N ALA A 107 2.62 -2.39 -16.77
CA ALA A 107 1.54 -1.76 -16.04
C ALA A 107 1.14 -2.66 -14.88
N VAL A 108 0.57 -2.05 -13.85
CA VAL A 108 0.03 -2.68 -12.66
C VAL A 108 -1.37 -2.11 -12.41
N ARG A 109 -2.28 -2.92 -11.86
CA ARG A 109 -3.71 -2.61 -11.81
C ARG A 109 -4.29 -3.22 -10.55
N VAL A 110 -5.08 -2.48 -9.78
CA VAL A 110 -5.56 -2.95 -8.48
C VAL A 110 -6.48 -4.19 -8.59
N ARG A 111 -7.27 -4.30 -9.66
CA ARG A 111 -8.41 -5.21 -9.81
C ARG A 111 -9.52 -4.87 -8.83
N THR A 112 -9.29 -5.03 -7.54
CA THR A 112 -10.33 -4.92 -6.54
C THR A 112 -10.62 -3.45 -6.22
N PRO A 113 -11.81 -3.11 -5.73
CA PRO A 113 -12.04 -1.82 -5.13
C PRO A 113 -11.29 -1.73 -3.78
N ILE A 114 -11.32 -0.55 -3.18
CA ILE A 114 -10.79 -0.30 -1.85
C ILE A 114 -11.64 -1.01 -0.80
N SER A 115 -11.01 -1.43 0.30
CA SER A 115 -11.66 -2.03 1.44
C SER A 115 -11.02 -1.52 2.74
N ASN A 116 -11.80 -1.54 3.83
CA ASN A 116 -11.43 -1.13 5.17
C ASN A 116 -12.20 -2.02 6.18
N GLY A 117 -11.95 -1.89 7.48
CA GLY A 117 -12.81 -2.48 8.51
C GLY A 117 -12.63 -1.79 9.87
N GLN A 118 -13.32 -2.30 10.89
CA GLN A 118 -13.17 -1.86 12.27
C GLN A 118 -11.78 -2.19 12.79
N PRO A 119 -11.24 -1.41 13.74
CA PRO A 119 -9.97 -1.69 14.37
C PRO A 119 -10.07 -2.76 15.46
N THR A 120 -8.92 -3.22 15.99
CA THR A 120 -8.90 -4.10 17.16
C THR A 120 -8.37 -3.44 18.45
N THR A 121 -8.17 -2.13 18.43
CA THR A 121 -7.59 -1.37 19.55
C THR A 121 -6.13 -1.79 19.82
N GLY A 122 -5.42 -1.01 20.63
CA GLY A 122 -4.04 -1.19 20.99
C GLY A 122 -3.77 -0.59 22.37
N ASP A 123 -2.51 -0.60 22.77
CA ASP A 123 -2.06 -0.27 24.14
C ASP A 123 -2.16 1.22 24.47
N ALA A 124 -2.14 2.04 23.41
CA ALA A 124 -2.31 3.50 23.42
C ALA A 124 -2.59 4.02 22.01
N ASP A 125 -3.00 3.12 21.11
CA ASP A 125 -3.24 3.34 19.69
C ASP A 125 -4.44 2.48 19.31
N HIS A 126 -4.96 2.64 18.08
CA HIS A 126 -5.79 1.63 17.42
C HIS A 126 -5.16 1.36 16.05
N THR A 127 -5.67 0.34 15.33
CA THR A 127 -5.18 -0.09 14.04
C THR A 127 -6.35 -0.66 13.27
N VAL A 128 -6.58 -0.17 12.04
CA VAL A 128 -7.68 -0.61 11.18
C VAL A 128 -7.14 -1.50 10.05
N PRO A 129 -7.89 -2.53 9.61
CA PRO A 129 -7.55 -3.42 8.50
C PRO A 129 -7.87 -2.76 7.16
N ILE A 130 -6.84 -2.42 6.37
CA ILE A 130 -6.98 -1.74 5.09
C ILE A 130 -6.05 -2.44 4.10
N SER A 131 -6.55 -2.74 2.90
CA SER A 131 -5.82 -3.38 1.82
C SER A 131 -6.54 -3.28 0.48
N LEU A 132 -5.82 -3.61 -0.60
CA LEU A 132 -6.36 -3.94 -1.91
C LEU A 132 -5.49 -5.04 -2.56
N GLY A 133 -6.00 -5.68 -3.60
CA GLY A 133 -5.23 -6.56 -4.47
C GLY A 133 -4.46 -5.75 -5.52
N TYR A 134 -3.61 -6.40 -6.31
CA TYR A 134 -2.98 -5.79 -7.49
C TYR A 134 -2.52 -6.92 -8.45
N ASP A 135 -2.37 -6.63 -9.75
CA ASP A 135 -1.80 -7.51 -10.79
C ASP A 135 -0.77 -6.77 -11.64
N VAL A 136 -0.07 -7.48 -12.53
CA VAL A 136 1.01 -7.00 -13.38
C VAL A 136 0.80 -7.55 -14.79
N GLN A 137 0.69 -6.64 -15.75
CA GLN A 137 0.49 -6.97 -17.15
C GLN A 137 1.74 -7.49 -17.85
N PHE A 138 1.54 -7.99 -19.07
CA PHE A 138 2.53 -8.51 -19.99
C PHE A 138 2.11 -8.27 -21.46
N TYR A 139 1.55 -7.10 -21.70
CA TYR A 139 1.25 -6.61 -23.05
C TYR A 139 2.52 -6.59 -23.90
N PRO A 140 2.42 -6.77 -25.22
CA PRO A 140 3.58 -6.74 -26.08
C PRO A 140 4.14 -5.32 -26.19
N GLU A 141 5.45 -5.20 -26.39
CA GLU A 141 6.12 -3.96 -26.78
C GLU A 141 5.86 -3.67 -28.25
N GLY A 1 17.11 -10.56 -15.05
CA GLY A 1 15.90 -9.75 -15.21
C GLY A 1 15.43 -9.24 -13.86
N MET A 2 14.50 -8.28 -13.86
CA MET A 2 13.96 -7.72 -12.63
C MET A 2 12.44 -7.79 -12.61
N SER A 3 11.75 -6.96 -13.39
CA SER A 3 10.30 -6.80 -13.37
C SER A 3 9.78 -6.26 -12.03
N GLN A 4 9.80 -7.03 -10.94
CA GLN A 4 9.20 -6.64 -9.66
C GLN A 4 9.81 -5.34 -9.14
N ASP A 5 11.11 -5.12 -9.35
CA ASP A 5 11.83 -3.86 -9.06
C ASP A 5 11.10 -2.62 -9.59
N LEU A 6 10.47 -2.78 -10.76
CA LEU A 6 9.84 -1.76 -11.56
C LEU A 6 8.40 -1.62 -11.08
N ILE A 7 7.67 -2.73 -11.02
CA ILE A 7 6.31 -2.81 -10.48
C ILE A 7 6.26 -2.08 -9.14
N ARG A 8 7.11 -2.48 -8.20
CA ARG A 8 7.18 -1.95 -6.83
C ARG A 8 7.47 -0.45 -6.83
N ALA A 9 8.29 0.04 -7.76
CA ALA A 9 8.63 1.46 -7.82
C ALA A 9 7.40 2.33 -8.04
N ALA A 10 6.40 1.89 -8.82
CA ALA A 10 5.21 2.71 -9.06
C ALA A 10 4.45 3.03 -7.75
N PHE A 11 4.49 2.10 -6.80
CA PHE A 11 3.83 2.19 -5.51
C PHE A 11 4.60 3.22 -4.69
N GLU A 12 5.93 3.05 -4.59
CA GLU A 12 6.83 3.91 -3.85
C GLU A 12 6.80 5.34 -4.37
N LYS A 13 6.56 5.53 -5.66
CA LYS A 13 6.42 6.86 -6.22
C LYS A 13 5.11 7.41 -5.71
N ARG A 14 3.98 6.82 -6.12
CA ARG A 14 2.66 7.40 -5.83
C ARG A 14 2.44 7.65 -4.34
N LEU A 15 2.66 6.64 -3.48
CA LEU A 15 2.35 6.73 -2.06
C LEU A 15 3.08 7.91 -1.46
N SER A 16 4.40 8.03 -1.62
CA SER A 16 5.13 9.14 -1.06
C SER A 16 4.76 10.48 -1.70
N ASP A 17 4.45 10.50 -2.99
CA ASP A 17 4.05 11.71 -3.72
C ASP A 17 2.72 12.25 -3.16
N TRP A 18 1.84 11.36 -2.69
CA TRP A 18 0.69 11.72 -1.86
C TRP A 18 1.13 12.12 -0.47
N ALA A 19 1.95 11.29 0.20
CA ALA A 19 2.27 11.46 1.60
C ALA A 19 3.03 12.76 1.88
N LYS A 20 3.60 13.42 0.87
CA LYS A 20 4.18 14.75 1.03
C LYS A 20 3.36 15.85 0.38
N ALA A 21 2.41 15.53 -0.51
CA ALA A 21 1.40 16.49 -0.97
C ALA A 21 0.40 16.79 0.15
N ARG A 22 0.06 15.77 0.94
CA ARG A 22 -0.91 15.88 2.03
C ARG A 22 -0.44 16.94 3.01
N THR A 23 -1.39 17.52 3.72
CA THR A 23 -1.18 18.63 4.61
C THR A 23 -0.25 18.27 5.78
N PRO A 24 -0.61 17.37 6.72
CA PRO A 24 0.30 17.00 7.82
C PRO A 24 1.55 16.24 7.38
N ALA A 25 1.56 15.82 6.11
CA ALA A 25 2.57 15.03 5.42
C ALA A 25 3.08 13.84 6.25
N LEU A 26 2.45 12.67 6.06
CA LEU A 26 2.61 11.52 6.95
C LEU A 26 3.97 10.84 6.77
N PRO A 27 4.48 10.14 7.80
CA PRO A 27 5.65 9.27 7.68
C PRO A 27 5.26 7.94 7.02
N VAL A 28 6.20 7.28 6.34
CA VAL A 28 5.91 6.24 5.36
C VAL A 28 6.89 5.07 5.57
N ALA A 29 6.63 4.22 6.57
CA ALA A 29 7.45 3.04 6.83
C ALA A 29 7.05 1.92 5.85
N TRP A 30 7.96 1.56 4.94
CA TRP A 30 7.87 0.37 4.08
C TRP A 30 8.30 -0.89 4.84
N GLN A 31 8.21 -2.05 4.18
CA GLN A 31 8.98 -3.24 4.54
C GLN A 31 10.48 -2.89 4.62
N ASN A 32 11.20 -3.55 5.53
CA ASN A 32 12.66 -3.59 5.70
C ASN A 32 13.33 -2.22 5.91
N THR A 33 12.63 -1.09 5.71
CA THR A 33 13.19 0.23 5.86
C THR A 33 13.51 0.47 7.33
N LYS A 34 14.45 1.38 7.58
CA LYS A 34 14.69 1.93 8.89
C LYS A 34 13.54 2.90 9.14
N PHE A 35 12.82 2.74 10.25
CA PHE A 35 11.66 3.57 10.56
C PHE A 35 11.69 3.98 12.02
N THR A 36 10.73 4.81 12.43
CA THR A 36 10.73 5.58 13.67
C THR A 36 11.72 6.76 13.56
N PRO A 37 11.53 7.83 14.35
CA PRO A 37 10.39 8.09 15.25
C PRO A 37 9.07 8.32 14.49
N PRO A 38 7.91 8.29 15.18
CA PRO A 38 6.59 8.50 14.57
C PRO A 38 6.30 9.99 14.33
N ALA A 39 5.14 10.28 13.74
CA ALA A 39 4.52 11.58 13.73
C ALA A 39 3.58 11.62 14.92
N ALA A 40 4.16 11.89 16.09
CA ALA A 40 3.45 12.16 17.34
C ALA A 40 2.55 11.00 17.81
N GLY A 41 2.94 9.78 17.46
CA GLY A 41 2.23 8.54 17.78
C GLY A 41 1.44 7.98 16.61
N VAL A 42 1.40 8.71 15.50
CA VAL A 42 0.73 8.35 14.26
C VAL A 42 1.79 7.98 13.23
N TYR A 43 1.53 6.96 12.43
CA TYR A 43 2.39 6.59 11.31
C TYR A 43 1.67 5.58 10.41
N LEU A 44 2.21 5.38 9.21
CA LEU A 44 1.73 4.39 8.25
C LEU A 44 2.78 3.29 8.14
N ARG A 45 2.32 2.05 7.97
CA ARG A 45 3.15 0.87 7.74
C ARG A 45 2.56 0.14 6.56
N ALA A 46 3.14 0.37 5.38
CA ALA A 46 2.78 -0.38 4.19
C ALA A 46 3.35 -1.80 4.30
N TYR A 47 2.81 -2.71 3.48
CA TYR A 47 3.40 -3.98 3.19
C TYR A 47 2.99 -4.34 1.76
N VAL A 48 3.96 -4.40 0.84
CA VAL A 48 3.76 -5.01 -0.47
C VAL A 48 4.01 -6.50 -0.23
N MET A 49 3.14 -7.38 -0.74
CA MET A 49 3.21 -8.85 -0.57
C MET A 49 3.01 -9.44 -1.98
N PRO A 50 4.07 -9.36 -2.80
CA PRO A 50 4.08 -9.77 -4.19
C PRO A 50 4.21 -11.28 -4.26
N ALA A 51 3.55 -11.91 -5.23
CA ALA A 51 3.60 -13.36 -5.41
C ALA A 51 5.05 -13.82 -5.67
N ALA A 52 5.37 -15.03 -5.24
CA ALA A 52 6.69 -15.64 -5.42
C ALA A 52 6.62 -17.12 -5.82
N THR A 53 5.45 -17.57 -6.20
CA THR A 53 5.13 -18.97 -6.50
C THR A 53 5.44 -19.30 -7.97
N ILE A 54 6.58 -18.81 -8.49
CA ILE A 54 6.94 -19.10 -9.86
C ILE A 54 7.28 -20.59 -9.93
N SER A 55 6.66 -21.27 -10.88
CA SER A 55 6.69 -22.70 -11.12
C SER A 55 6.04 -23.47 -9.95
N ARG A 56 6.01 -24.79 -10.05
CA ARG A 56 5.28 -25.73 -9.17
C ARG A 56 3.76 -25.52 -9.20
N ASP A 57 3.23 -24.77 -10.16
CA ASP A 57 1.81 -24.52 -10.28
C ASP A 57 1.19 -25.48 -11.29
N ALA A 58 -0.10 -25.75 -11.10
CA ALA A 58 -0.89 -26.65 -11.94
C ALA A 58 -2.38 -26.38 -11.75
N ALA A 59 -2.84 -25.19 -12.13
CA ALA A 59 -4.25 -24.79 -12.05
C ALA A 59 -4.60 -23.65 -13.01
N GLY A 60 -3.72 -23.36 -13.97
CA GLY A 60 -3.70 -22.08 -14.63
C GLY A 60 -3.11 -21.02 -13.74
N ASP A 61 -2.09 -21.38 -12.96
CA ASP A 61 -1.38 -20.51 -12.03
C ASP A 61 0.08 -20.33 -12.39
N HIS A 62 0.62 -21.17 -13.28
CA HIS A 62 1.94 -21.01 -13.85
C HIS A 62 2.02 -19.63 -14.48
N ARG A 63 3.07 -18.90 -14.09
CA ARG A 63 3.40 -17.57 -14.59
C ARG A 63 2.27 -16.53 -14.35
N GLN A 64 1.37 -16.78 -13.41
CA GLN A 64 0.42 -15.77 -12.95
C GLN A 64 1.09 -14.99 -11.82
N TYR A 65 1.41 -13.73 -12.11
CA TYR A 65 1.90 -12.78 -11.12
C TYR A 65 0.72 -12.04 -10.52
N ARG A 66 0.79 -11.81 -9.21
CA ARG A 66 -0.25 -11.27 -8.37
C ARG A 66 0.43 -10.54 -7.20
N GLY A 67 -0.33 -9.85 -6.36
CA GLY A 67 0.16 -9.44 -5.06
C GLY A 67 -0.92 -8.69 -4.30
N VAL A 68 -0.65 -8.37 -3.05
CA VAL A 68 -1.53 -7.58 -2.21
C VAL A 68 -0.69 -6.42 -1.67
N PHE A 69 -1.35 -5.31 -1.33
CA PHE A 69 -0.70 -4.11 -0.84
C PHE A 69 -1.57 -3.57 0.28
N GLN A 70 -1.08 -3.73 1.50
CA GLN A 70 -1.73 -3.42 2.76
C GLN A 70 -1.12 -2.13 3.30
N VAL A 71 -1.91 -1.27 3.97
CA VAL A 71 -1.39 -0.13 4.72
C VAL A 71 -2.15 -0.09 6.04
N ASN A 72 -1.41 -0.24 7.14
CA ASN A 72 -1.91 -0.02 8.48
C ASN A 72 -1.63 1.43 8.85
N VAL A 73 -2.65 2.27 8.92
CA VAL A 73 -2.57 3.51 9.69
C VAL A 73 -2.75 3.12 11.16
N VAL A 74 -1.78 3.47 11.99
CA VAL A 74 -1.83 3.36 13.44
C VAL A 74 -1.90 4.79 13.97
N MET A 75 -2.76 5.09 14.95
CA MET A 75 -2.89 6.41 15.57
C MET A 75 -3.01 6.22 17.09
N PRO A 76 -2.65 7.22 17.93
CA PRO A 76 -2.66 7.09 19.37
C PRO A 76 -4.09 7.15 19.90
N ILE A 77 -4.26 6.85 21.18
CA ILE A 77 -5.52 6.91 21.89
C ILE A 77 -5.33 7.92 23.02
N GLY A 78 -5.91 9.10 22.85
CA GLY A 78 -5.92 10.16 23.85
C GLY A 78 -5.52 11.51 23.27
N ASP A 79 -4.89 11.54 22.09
CA ASP A 79 -4.26 12.74 21.52
C ASP A 79 -4.90 13.08 20.18
N GLY A 80 -6.24 13.09 20.20
CA GLY A 80 -7.08 13.13 19.02
C GLY A 80 -7.00 11.77 18.34
N SER A 81 -7.57 10.74 18.97
CA SER A 81 -7.76 9.44 18.36
C SER A 81 -8.78 9.57 17.20
N ARG A 82 -9.26 8.45 16.64
CA ARG A 82 -10.31 8.42 15.61
C ARG A 82 -9.87 9.07 14.29
N SER A 83 -8.59 9.33 14.10
CA SER A 83 -8.03 9.83 12.84
C SER A 83 -8.17 8.83 11.68
N ALA A 84 -8.53 7.57 11.97
CA ALA A 84 -8.68 6.46 11.02
C ALA A 84 -9.58 6.85 9.84
N GLU A 85 -10.71 7.48 10.14
CA GLU A 85 -11.73 7.80 9.15
C GLU A 85 -11.18 8.68 8.04
N GLN A 86 -10.61 9.81 8.43
CA GLN A 86 -9.96 10.74 7.53
C GLN A 86 -9.00 10.03 6.59
N VAL A 87 -8.14 9.14 7.08
CA VAL A 87 -7.11 8.53 6.27
C VAL A 87 -7.68 7.44 5.39
N ALA A 88 -8.68 6.67 5.84
CA ALA A 88 -9.34 5.70 4.97
C ALA A 88 -9.90 6.41 3.73
N ALA A 89 -10.51 7.59 3.92
CA ALA A 89 -11.08 8.40 2.87
C ALA A 89 -10.02 8.89 1.88
N GLU A 90 -8.86 9.31 2.38
CA GLU A 90 -7.78 9.83 1.54
C GLU A 90 -7.13 8.70 0.75
N LEU A 91 -6.69 7.65 1.44
CA LEU A 91 -6.11 6.43 0.88
C LEU A 91 -7.04 5.77 -0.14
N ASP A 92 -8.37 5.80 0.08
CA ASP A 92 -9.35 5.24 -0.87
C ASP A 92 -9.27 6.03 -2.15
N ALA A 93 -9.57 7.32 -2.08
CA ALA A 93 -9.76 8.14 -3.26
C ALA A 93 -8.42 8.43 -3.97
N LEU A 94 -7.30 8.17 -3.30
CA LEU A 94 -5.98 8.13 -3.90
C LEU A 94 -5.84 6.92 -4.82
N PHE A 95 -6.48 5.78 -4.52
CA PHE A 95 -6.31 4.50 -5.20
C PHE A 95 -7.65 3.99 -5.78
N PRO A 96 -8.15 4.54 -6.90
CA PRO A 96 -9.38 4.09 -7.56
C PRO A 96 -9.20 2.72 -8.22
N VAL A 97 -10.28 1.98 -8.52
CA VAL A 97 -10.34 0.58 -8.97
C VAL A 97 -9.76 0.30 -10.37
N ASN A 98 -8.97 1.21 -10.90
CA ASN A 98 -8.31 1.12 -12.18
C ASN A 98 -6.81 1.04 -11.96
N LEU A 99 -6.24 2.03 -11.25
CA LEU A 99 -4.82 2.32 -11.13
C LEU A 99 -4.13 2.29 -12.49
N VAL A 100 -4.23 3.41 -13.21
CA VAL A 100 -3.44 3.61 -14.41
C VAL A 100 -2.05 4.13 -13.96
N MET A 101 -1.16 3.22 -13.61
CA MET A 101 0.26 3.49 -13.43
C MET A 101 1.08 2.36 -14.09
N GLN A 102 2.36 2.62 -14.29
CA GLN A 102 3.37 1.72 -14.79
C GLN A 102 4.71 2.10 -14.15
N SER A 103 5.76 1.43 -14.56
CA SER A 103 7.14 1.84 -14.37
C SER A 103 7.90 1.46 -15.65
N GLY A 104 9.20 1.25 -15.56
CA GLY A 104 10.05 0.87 -16.68
C GLY A 104 9.73 -0.50 -17.28
N GLY A 105 8.87 -1.32 -16.67
CA GLY A 105 8.66 -2.72 -17.06
C GLY A 105 7.37 -2.93 -17.84
N LEU A 106 6.27 -2.39 -17.33
CA LEU A 106 4.89 -2.69 -17.68
C LEU A 106 3.98 -1.90 -16.74
N ALA A 107 2.69 -1.82 -17.09
CA ALA A 107 1.63 -1.28 -16.24
C ALA A 107 1.45 -2.09 -14.96
N VAL A 108 0.71 -1.55 -14.00
CA VAL A 108 0.29 -2.24 -12.79
C VAL A 108 -1.06 -1.71 -12.32
N ARG A 109 -2.08 -2.59 -12.31
CA ARG A 109 -3.47 -2.22 -12.02
C ARG A 109 -3.91 -2.89 -10.73
N VAL A 110 -4.94 -2.31 -10.12
CA VAL A 110 -5.30 -2.65 -8.74
C VAL A 110 -6.24 -3.87 -8.64
N ARG A 111 -6.97 -4.22 -9.71
CA ARG A 111 -7.98 -5.29 -9.79
C ARG A 111 -9.16 -5.01 -8.88
N THR A 112 -8.95 -5.05 -7.57
CA THR A 112 -10.00 -4.90 -6.58
C THR A 112 -10.27 -3.42 -6.38
N PRO A 113 -11.45 -3.06 -5.84
CA PRO A 113 -11.61 -1.82 -5.13
C PRO A 113 -10.84 -1.90 -3.81
N ILE A 114 -11.08 -0.93 -2.93
CA ILE A 114 -10.58 -0.90 -1.57
C ILE A 114 -11.17 -2.07 -0.75
N SER A 115 -10.57 -2.34 0.41
CA SER A 115 -11.10 -3.18 1.47
C SER A 115 -10.86 -2.44 2.80
N ASN A 116 -11.62 -2.76 3.85
CA ASN A 116 -11.54 -2.14 5.17
C ASN A 116 -12.00 -3.14 6.24
N GLY A 117 -11.92 -2.77 7.52
CA GLY A 117 -12.54 -3.51 8.61
C GLY A 117 -12.63 -2.65 9.86
N GLN A 118 -13.23 -3.18 10.92
CA GLN A 118 -13.23 -2.55 12.24
C GLN A 118 -11.82 -2.59 12.84
N PRO A 119 -11.44 -1.58 13.65
CA PRO A 119 -10.08 -1.43 14.12
C PRO A 119 -9.71 -2.48 15.16
N THR A 120 -8.41 -2.75 15.26
CA THR A 120 -7.79 -3.27 16.47
C THR A 120 -7.53 -2.08 17.39
N THR A 121 -8.06 -2.10 18.62
CA THR A 121 -7.50 -1.29 19.70
C THR A 121 -6.37 -2.11 20.34
N GLY A 122 -5.33 -1.41 20.81
CA GLY A 122 -4.25 -1.94 21.63
C GLY A 122 -3.98 -1.01 22.80
N ASP A 123 -2.82 -1.17 23.42
CA ASP A 123 -2.44 -0.53 24.69
C ASP A 123 -2.81 0.96 24.71
N ALA A 124 -2.29 1.69 23.73
CA ALA A 124 -2.54 3.10 23.55
C ALA A 124 -2.60 3.44 22.06
N ASP A 125 -2.72 2.46 21.16
CA ASP A 125 -2.77 2.78 19.73
C ASP A 125 -3.90 2.00 19.10
N HIS A 126 -4.45 2.52 18.02
CA HIS A 126 -5.51 1.85 17.28
C HIS A 126 -5.20 1.86 15.79
N THR A 127 -5.66 0.83 15.10
CA THR A 127 -5.25 0.50 13.75
C THR A 127 -6.48 0.00 13.02
N VAL A 128 -6.85 0.66 11.94
CA VAL A 128 -7.81 0.10 11.02
C VAL A 128 -7.04 -0.73 9.96
N PRO A 129 -7.61 -1.86 9.51
CA PRO A 129 -7.08 -2.64 8.40
C PRO A 129 -7.55 -2.04 7.07
N ILE A 130 -6.63 -1.85 6.12
CA ILE A 130 -6.92 -1.44 4.74
C ILE A 130 -5.92 -2.16 3.83
N SER A 131 -6.41 -2.72 2.72
CA SER A 131 -5.59 -3.26 1.62
C SER A 131 -6.39 -3.32 0.31
N LEU A 132 -5.72 -3.66 -0.80
CA LEU A 132 -6.26 -4.07 -2.10
C LEU A 132 -5.36 -5.18 -2.68
N GLY A 133 -5.77 -5.85 -3.76
CA GLY A 133 -5.13 -7.04 -4.30
C GLY A 133 -4.91 -6.95 -5.81
N TYR A 134 -3.77 -6.39 -6.17
CA TYR A 134 -3.35 -6.07 -7.54
C TYR A 134 -2.96 -7.32 -8.34
N ASP A 135 -2.70 -7.11 -9.64
CA ASP A 135 -2.26 -8.16 -10.56
C ASP A 135 -1.25 -7.59 -11.56
N VAL A 136 -0.80 -8.41 -12.53
CA VAL A 136 0.21 -8.01 -13.50
C VAL A 136 -0.16 -8.56 -14.87
N GLN A 137 0.26 -7.85 -15.91
CA GLN A 137 0.03 -8.11 -17.32
C GLN A 137 1.13 -7.45 -18.14
N PHE A 138 1.38 -7.93 -19.35
CA PHE A 138 2.26 -7.31 -20.34
C PHE A 138 1.55 -6.25 -21.20
N TYR A 139 0.28 -5.96 -20.88
CA TYR A 139 -0.62 -5.03 -21.54
C TYR A 139 -0.90 -5.49 -22.99
N PRO A 140 -1.91 -4.93 -23.68
CA PRO A 140 -2.12 -5.23 -25.09
C PRO A 140 -1.02 -4.58 -25.93
N GLU A 141 -1.01 -4.89 -27.23
CA GLU A 141 0.02 -4.55 -28.20
C GLU A 141 1.31 -5.33 -27.95
N GLY A 1 16.66 -2.23 -14.07
CA GLY A 1 15.22 -2.33 -13.76
C GLY A 1 14.70 -3.70 -14.13
N MET A 2 14.71 -4.65 -13.20
CA MET A 2 14.55 -6.08 -13.51
C MET A 2 13.07 -6.48 -13.52
N SER A 3 12.20 -5.65 -14.13
CA SER A 3 10.75 -5.73 -14.10
C SER A 3 10.22 -5.48 -12.68
N GLN A 4 10.43 -6.38 -11.72
CA GLN A 4 9.80 -6.28 -10.41
C GLN A 4 10.28 -5.05 -9.64
N ASP A 5 11.50 -4.55 -9.90
CA ASP A 5 12.00 -3.30 -9.34
C ASP A 5 11.07 -2.16 -9.73
N LEU A 6 10.70 -2.10 -11.00
CA LEU A 6 9.88 -1.05 -11.62
C LEU A 6 8.49 -1.08 -10.98
N ILE A 7 7.91 -2.28 -10.92
CA ILE A 7 6.63 -2.56 -10.26
C ILE A 7 6.63 -2.07 -8.80
N ARG A 8 7.73 -2.19 -8.04
CA ARG A 8 7.82 -1.63 -6.68
C ARG A 8 7.99 -0.12 -6.74
N ALA A 9 8.91 0.37 -7.56
CA ALA A 9 9.18 1.79 -7.72
C ALA A 9 7.94 2.57 -8.14
N ALA A 10 6.97 1.94 -8.82
CA ALA A 10 5.71 2.55 -9.16
C ALA A 10 4.89 2.89 -7.91
N PHE A 11 4.88 1.97 -6.95
CA PHE A 11 4.06 2.06 -5.75
C PHE A 11 4.55 3.19 -4.84
N GLU A 12 5.87 3.39 -4.73
CA GLU A 12 6.43 4.51 -3.99
C GLU A 12 6.57 5.81 -4.77
N LYS A 13 6.22 5.79 -6.06
CA LYS A 13 6.13 7.00 -6.87
C LYS A 13 4.71 7.59 -6.90
N ARG A 14 3.77 6.99 -6.16
CA ARG A 14 2.52 7.66 -5.77
C ARG A 14 2.44 7.87 -4.27
N LEU A 15 2.61 6.80 -3.47
CA LEU A 15 2.20 6.82 -2.07
C LEU A 15 2.92 7.92 -1.30
N SER A 16 4.26 7.97 -1.42
CA SER A 16 5.08 8.95 -0.73
C SER A 16 4.63 10.36 -1.09
N ASP A 17 4.34 10.62 -2.37
CA ASP A 17 4.03 11.93 -2.91
C ASP A 17 2.69 12.45 -2.37
N TRP A 18 1.77 11.57 -1.97
CA TRP A 18 0.61 11.95 -1.18
C TRP A 18 0.99 12.15 0.29
N ALA A 19 1.78 11.24 0.87
CA ALA A 19 2.11 11.28 2.29
C ALA A 19 2.80 12.59 2.66
N LYS A 20 3.77 13.03 1.86
CA LYS A 20 4.42 14.34 2.00
C LYS A 20 3.48 15.51 1.70
N ALA A 21 2.49 15.34 0.82
CA ALA A 21 1.56 16.41 0.44
C ALA A 21 0.37 16.52 1.40
N ARG A 22 0.17 15.58 2.32
CA ARG A 22 -0.75 15.79 3.44
C ARG A 22 -0.18 16.91 4.28
N THR A 23 -1.02 17.62 5.01
CA THR A 23 -0.54 18.59 5.98
C THR A 23 0.40 17.97 7.03
N PRO A 24 -0.04 17.02 7.87
CA PRO A 24 0.77 16.59 9.00
C PRO A 24 2.00 15.79 8.58
N ALA A 25 2.04 15.38 7.30
CA ALA A 25 3.10 14.68 6.60
C ALA A 25 3.46 13.35 7.26
N LEU A 26 3.05 12.23 6.66
CA LEU A 26 3.21 10.92 7.29
C LEU A 26 4.48 10.22 6.78
N PRO A 27 5.12 9.34 7.57
CA PRO A 27 6.17 8.45 7.08
C PRO A 27 5.53 7.30 6.30
N VAL A 28 6.29 6.69 5.38
CA VAL A 28 5.84 5.58 4.55
C VAL A 28 6.89 4.47 4.66
N ALA A 29 6.62 3.51 5.54
CA ALA A 29 7.54 2.44 5.91
C ALA A 29 7.25 1.18 5.11
N TRP A 30 8.01 0.98 4.03
CA TRP A 30 8.01 -0.23 3.20
C TRP A 30 8.50 -1.46 3.98
N GLN A 31 8.55 -2.62 3.30
CA GLN A 31 9.00 -3.90 3.83
C GLN A 31 10.40 -3.81 4.46
N ASN A 32 11.44 -3.78 3.62
CA ASN A 32 12.83 -3.99 4.03
C ASN A 32 13.51 -2.65 4.34
N THR A 33 12.87 -1.55 3.95
CA THR A 33 13.20 -0.17 4.29
C THR A 33 12.77 0.11 5.74
N LYS A 34 13.10 1.28 6.25
CA LYS A 34 12.74 1.81 7.56
C LYS A 34 12.38 3.28 7.41
N PHE A 35 11.56 3.84 8.31
CA PHE A 35 11.27 5.27 8.34
C PHE A 35 11.16 5.67 9.80
N THR A 36 11.99 6.60 10.26
CA THR A 36 12.13 6.99 11.66
C THR A 36 12.75 8.40 11.70
N PRO A 37 12.58 9.15 12.81
CA PRO A 37 11.56 8.94 13.84
C PRO A 37 10.14 9.16 13.29
N PRO A 38 9.08 8.72 14.01
CA PRO A 38 7.71 8.82 13.55
C PRO A 38 7.23 10.27 13.45
N ALA A 39 6.03 10.42 12.90
CA ALA A 39 5.28 11.66 12.88
C ALA A 39 4.57 11.80 14.22
N ALA A 40 5.34 12.09 15.26
CA ALA A 40 4.91 12.25 16.65
C ALA A 40 4.04 11.06 17.08
N GLY A 41 4.64 9.86 17.04
CA GLY A 41 4.02 8.61 17.45
C GLY A 41 3.00 8.05 16.47
N VAL A 42 2.67 8.78 15.41
CA VAL A 42 1.90 8.30 14.28
C VAL A 42 2.88 7.79 13.23
N TYR A 43 2.51 6.72 12.54
CA TYR A 43 3.23 6.19 11.40
C TYR A 43 2.27 5.33 10.59
N LEU A 44 2.76 4.78 9.48
CA LEU A 44 2.09 3.78 8.68
C LEU A 44 3.03 2.56 8.66
N ARG A 45 2.48 1.39 8.31
CA ARG A 45 3.26 0.17 8.08
C ARG A 45 2.80 -0.36 6.73
N ALA A 46 3.56 -0.12 5.66
CA ALA A 46 3.24 -0.50 4.28
C ALA A 46 3.95 -1.82 3.96
N TYR A 47 3.39 -2.95 4.42
CA TYR A 47 3.94 -4.24 4.00
C TYR A 47 3.44 -4.58 2.60
N VAL A 48 4.24 -5.35 1.88
CA VAL A 48 3.98 -5.77 0.51
C VAL A 48 4.12 -7.30 0.52
N MET A 49 3.10 -8.02 0.06
CA MET A 49 2.99 -9.48 0.15
C MET A 49 2.74 -10.06 -1.25
N PRO A 50 3.81 -10.27 -2.03
CA PRO A 50 3.73 -10.66 -3.44
C PRO A 50 3.27 -12.11 -3.60
N ALA A 51 3.18 -12.55 -4.86
CA ALA A 51 3.03 -13.96 -5.21
C ALA A 51 4.38 -14.66 -5.44
N ALA A 52 5.49 -13.99 -5.12
CA ALA A 52 6.87 -14.33 -5.42
C ALA A 52 7.17 -14.20 -6.92
N THR A 53 8.32 -13.59 -7.21
CA THR A 53 8.86 -13.39 -8.55
C THR A 53 9.43 -14.70 -9.12
N ILE A 54 8.57 -15.71 -9.32
CA ILE A 54 8.72 -17.00 -9.83
C ILE A 54 7.81 -17.12 -11.04
N SER A 55 8.43 -17.09 -12.21
CA SER A 55 7.71 -16.98 -13.46
C SER A 55 8.70 -17.17 -14.62
N ARG A 56 8.19 -17.14 -15.84
CA ARG A 56 8.97 -17.13 -17.06
C ARG A 56 8.89 -15.70 -17.54
N ASP A 57 9.84 -14.88 -17.13
CA ASP A 57 10.06 -13.58 -17.76
C ASP A 57 10.41 -13.80 -19.23
N ALA A 58 10.48 -12.71 -20.01
CA ALA A 58 10.81 -12.75 -21.44
C ALA A 58 9.92 -13.73 -22.22
N ALA A 59 8.71 -13.98 -21.71
CA ALA A 59 7.58 -14.51 -22.47
C ALA A 59 6.28 -14.03 -21.83
N GLY A 60 5.24 -13.85 -22.64
CA GLY A 60 3.94 -13.34 -22.23
C GLY A 60 2.92 -14.43 -21.95
N ASP A 61 3.35 -15.70 -21.95
CA ASP A 61 2.46 -16.84 -22.12
C ASP A 61 2.93 -17.99 -21.23
N HIS A 62 3.36 -17.66 -20.00
CA HIS A 62 3.60 -18.63 -18.94
C HIS A 62 3.51 -17.91 -17.61
N ARG A 63 3.11 -18.66 -16.56
CA ARG A 63 2.99 -18.21 -15.17
C ARG A 63 2.19 -16.90 -15.09
N GLN A 64 2.18 -16.21 -13.95
CA GLN A 64 1.53 -14.94 -13.72
C GLN A 64 2.04 -14.33 -12.42
N TYR A 65 1.68 -13.08 -12.15
CA TYR A 65 1.94 -12.37 -10.89
C TYR A 65 0.63 -12.13 -10.12
N ARG A 66 0.78 -11.70 -8.87
CA ARG A 66 -0.26 -11.17 -8.00
C ARG A 66 0.40 -10.59 -6.76
N GLY A 67 -0.36 -10.00 -5.85
CA GLY A 67 0.10 -9.74 -4.50
C GLY A 67 -0.91 -8.89 -3.76
N VAL A 68 -0.68 -8.68 -2.46
CA VAL A 68 -1.46 -7.77 -1.64
C VAL A 68 -0.54 -6.65 -1.15
N PHE A 69 -1.13 -5.52 -0.79
CA PHE A 69 -0.51 -4.42 -0.10
C PHE A 69 -1.30 -4.24 1.19
N GLN A 70 -0.63 -3.99 2.31
CA GLN A 70 -1.22 -3.93 3.63
C GLN A 70 -0.72 -2.66 4.29
N VAL A 71 -1.63 -1.79 4.72
CA VAL A 71 -1.29 -0.50 5.29
C VAL A 71 -2.08 -0.28 6.57
N ASN A 72 -1.48 -0.68 7.69
CA ASN A 72 -2.07 -0.56 9.01
C ASN A 72 -1.93 0.88 9.50
N VAL A 73 -3.01 1.64 9.45
CA VAL A 73 -3.09 3.00 9.98
C VAL A 73 -3.18 2.91 11.50
N VAL A 74 -2.07 3.16 12.18
CA VAL A 74 -1.99 3.26 13.63
C VAL A 74 -1.93 4.75 13.98
N MET A 75 -2.61 5.18 15.04
CA MET A 75 -2.54 6.51 15.61
C MET A 75 -2.75 6.40 17.13
N PRO A 76 -2.18 7.33 17.92
CA PRO A 76 -2.41 7.46 19.35
C PRO A 76 -3.71 8.21 19.63
N ILE A 77 -4.39 7.77 20.68
CA ILE A 77 -5.72 8.20 21.02
C ILE A 77 -5.46 9.38 21.96
N GLY A 78 -5.31 10.58 21.42
CA GLY A 78 -4.95 11.76 22.20
C GLY A 78 -6.24 12.31 22.77
N ASP A 79 -6.88 13.18 21.99
CA ASP A 79 -8.30 13.43 22.04
C ASP A 79 -8.89 12.97 20.71
N GLY A 80 -9.57 11.81 20.73
CA GLY A 80 -10.38 11.31 19.62
C GLY A 80 -9.57 10.75 18.45
N SER A 81 -8.72 11.57 17.83
CA SER A 81 -8.06 11.42 16.55
C SER A 81 -9.07 11.34 15.40
N ARG A 82 -9.83 10.24 15.32
CA ARG A 82 -10.73 9.87 14.22
C ARG A 82 -10.07 9.81 12.83
N SER A 83 -8.75 10.05 12.73
CA SER A 83 -7.99 10.06 11.49
C SER A 83 -8.21 8.79 10.66
N ALA A 84 -8.36 7.61 11.29
CA ALA A 84 -8.56 6.35 10.58
C ALA A 84 -9.75 6.35 9.62
N GLU A 85 -10.72 7.25 9.80
CA GLU A 85 -11.87 7.40 8.93
C GLU A 85 -11.47 8.26 7.74
N GLN A 86 -11.00 9.48 8.00
CA GLN A 86 -10.55 10.42 6.98
C GLN A 86 -9.48 9.80 6.09
N VAL A 87 -8.50 9.11 6.66
CA VAL A 87 -7.37 8.51 5.97
C VAL A 87 -7.86 7.44 4.99
N ALA A 88 -8.82 6.60 5.39
CA ALA A 88 -9.37 5.59 4.49
C ALA A 88 -9.95 6.26 3.24
N ALA A 89 -10.60 7.41 3.42
CA ALA A 89 -11.24 8.16 2.34
C ALA A 89 -10.23 8.94 1.49
N GLU A 90 -9.21 9.55 2.10
CA GLU A 90 -8.16 10.26 1.37
C GLU A 90 -7.47 9.29 0.42
N LEU A 91 -7.01 8.16 0.96
CA LEU A 91 -6.29 7.14 0.21
C LEU A 91 -7.16 6.53 -0.90
N ASP A 92 -8.47 6.35 -0.68
CA ASP A 92 -9.38 5.80 -1.70
C ASP A 92 -9.39 6.68 -2.95
N ALA A 93 -9.51 8.00 -2.79
CA ALA A 93 -9.45 8.94 -3.90
C ALA A 93 -8.10 8.94 -4.61
N LEU A 94 -7.04 8.45 -3.96
CA LEU A 94 -5.74 8.29 -4.58
C LEU A 94 -5.61 6.92 -5.24
N PHE A 95 -6.33 5.90 -4.76
CA PHE A 95 -6.21 4.51 -5.17
C PHE A 95 -7.57 3.90 -5.58
N PRO A 96 -8.22 4.39 -6.65
CA PRO A 96 -9.43 3.77 -7.17
C PRO A 96 -9.13 2.43 -7.86
N VAL A 97 -10.19 1.67 -8.17
CA VAL A 97 -10.26 0.30 -8.72
C VAL A 97 -9.61 0.10 -10.12
N ASN A 98 -8.85 1.08 -10.59
CA ASN A 98 -8.14 1.07 -11.85
C ASN A 98 -6.65 1.01 -11.53
N LEU A 99 -6.13 2.02 -10.84
CA LEU A 99 -4.73 2.06 -10.41
C LEU A 99 -3.77 1.86 -11.60
N VAL A 100 -4.13 2.40 -12.76
CA VAL A 100 -3.36 2.32 -13.99
C VAL A 100 -2.09 3.15 -13.81
N MET A 101 -1.02 2.53 -13.32
CA MET A 101 0.29 3.16 -13.20
C MET A 101 0.98 3.01 -14.54
N GLN A 102 1.31 4.13 -15.18
CA GLN A 102 2.46 4.15 -16.07
C GLN A 102 3.70 3.99 -15.17
N SER A 103 4.39 2.87 -15.30
CA SER A 103 5.69 2.60 -14.71
C SER A 103 6.54 1.91 -15.76
N GLY A 104 7.87 2.00 -15.64
CA GLY A 104 8.78 1.80 -16.75
C GLY A 104 8.73 0.39 -17.36
N GLY A 105 8.22 -0.59 -16.62
CA GLY A 105 8.01 -1.93 -17.12
C GLY A 105 6.76 -1.96 -17.98
N LEU A 106 5.60 -1.81 -17.35
CA LEU A 106 4.30 -2.30 -17.81
C LEU A 106 3.19 -1.75 -16.89
N ALA A 107 1.95 -1.65 -17.39
CA ALA A 107 0.85 -1.04 -16.66
C ALA A 107 0.22 -2.05 -15.69
N VAL A 108 0.26 -1.79 -14.38
CA VAL A 108 -0.35 -2.62 -13.33
C VAL A 108 -1.85 -2.26 -13.19
N ARG A 109 -2.64 -3.02 -12.42
CA ARG A 109 -4.00 -2.65 -12.02
C ARG A 109 -4.19 -3.10 -10.57
N VAL A 110 -5.06 -2.44 -9.81
CA VAL A 110 -5.38 -2.87 -8.45
C VAL A 110 -6.27 -4.12 -8.38
N ARG A 111 -6.93 -4.51 -9.48
CA ARG A 111 -7.76 -5.72 -9.64
C ARG A 111 -9.07 -5.65 -8.84
N THR A 112 -9.00 -5.18 -7.61
CA THR A 112 -10.07 -5.11 -6.63
C THR A 112 -10.16 -3.69 -6.10
N PRO A 113 -11.25 -3.30 -5.44
CA PRO A 113 -11.33 -1.99 -4.80
C PRO A 113 -10.46 -1.98 -3.51
N ILE A 114 -10.47 -0.85 -2.82
CA ILE A 114 -9.95 -0.74 -1.45
C ILE A 114 -10.62 -1.82 -0.58
N SER A 115 -9.89 -2.35 0.40
CA SER A 115 -10.45 -3.12 1.50
C SER A 115 -10.35 -2.33 2.80
N ASN A 116 -11.24 -2.65 3.73
CA ASN A 116 -11.63 -1.92 4.91
C ASN A 116 -12.23 -2.99 5.83
N GLY A 117 -12.06 -2.85 7.15
CA GLY A 117 -12.65 -3.74 8.13
C GLY A 117 -12.82 -3.07 9.49
N GLN A 118 -13.43 -3.80 10.43
CA GLN A 118 -13.50 -3.37 11.81
C GLN A 118 -12.08 -3.32 12.40
N PRO A 119 -11.79 -2.37 13.31
CA PRO A 119 -10.48 -2.22 13.93
C PRO A 119 -10.13 -3.38 14.87
N THR A 120 -8.92 -3.31 15.44
CA THR A 120 -8.28 -4.28 16.34
C THR A 120 -7.85 -3.58 17.65
N THR A 121 -8.47 -2.43 17.97
CA THR A 121 -7.93 -1.47 18.92
C THR A 121 -7.52 -2.08 20.25
N GLY A 122 -6.48 -1.48 20.81
CA GLY A 122 -5.94 -1.75 22.10
C GLY A 122 -6.21 -0.59 23.04
N ASP A 123 -5.39 -0.57 24.08
CA ASP A 123 -5.42 0.21 25.31
C ASP A 123 -5.75 1.65 25.02
N ALA A 124 -4.98 2.26 24.10
CA ALA A 124 -5.17 3.59 23.59
C ALA A 124 -4.54 3.69 22.21
N ASP A 125 -4.56 2.61 21.42
CA ASP A 125 -4.29 2.72 20.01
C ASP A 125 -5.12 1.78 19.16
N HIS A 126 -5.84 2.36 18.18
CA HIS A 126 -6.58 1.63 17.18
C HIS A 126 -5.66 1.38 15.98
N THR A 127 -5.93 0.31 15.24
CA THR A 127 -5.30 0.01 13.97
C THR A 127 -6.34 -0.61 13.05
N VAL A 128 -6.91 0.20 12.17
CA VAL A 128 -7.87 -0.27 11.18
C VAL A 128 -7.15 -1.11 10.11
N PRO A 129 -7.80 -2.17 9.60
CA PRO A 129 -7.26 -3.06 8.58
C PRO A 129 -7.58 -2.51 7.18
N ILE A 130 -6.55 -2.12 6.41
CA ILE A 130 -6.73 -1.54 5.08
C ILE A 130 -5.70 -2.22 4.18
N SER A 131 -6.16 -2.76 3.06
CA SER A 131 -5.36 -3.52 2.12
C SER A 131 -6.00 -3.52 0.74
N LEU A 132 -5.28 -4.02 -0.27
CA LEU A 132 -5.77 -4.22 -1.63
C LEU A 132 -4.93 -5.29 -2.33
N GLY A 133 -5.55 -6.09 -3.20
CA GLY A 133 -4.96 -7.28 -3.80
C GLY A 133 -4.88 -7.12 -5.30
N TYR A 134 -3.70 -6.79 -5.81
CA TYR A 134 -3.43 -6.30 -7.15
C TYR A 134 -2.77 -7.36 -8.04
N ASP A 135 -2.73 -7.08 -9.34
CA ASP A 135 -2.14 -7.98 -10.34
C ASP A 135 -1.38 -7.19 -11.42
N VAL A 136 -0.30 -7.81 -11.88
CA VAL A 136 0.52 -7.37 -13.01
C VAL A 136 0.02 -8.10 -14.26
N GLN A 137 0.08 -7.39 -15.39
CA GLN A 137 -0.03 -7.89 -16.74
C GLN A 137 1.02 -7.16 -17.60
N PHE A 138 1.38 -7.69 -18.76
CA PHE A 138 2.17 -6.92 -19.74
C PHE A 138 1.31 -5.86 -20.43
N TYR A 139 -0.01 -5.94 -20.24
CA TYR A 139 -1.05 -5.10 -20.83
C TYR A 139 -1.01 -5.16 -22.36
N PRO A 140 -1.21 -6.35 -22.96
CA PRO A 140 -1.09 -6.51 -24.40
C PRO A 140 -2.14 -5.69 -25.14
N GLU A 141 -1.70 -5.09 -26.23
CA GLU A 141 -2.47 -4.30 -27.17
C GLU A 141 -3.30 -5.19 -28.10
N GLY A 1 17.35 -3.56 -13.53
CA GLY A 1 16.01 -3.51 -14.15
C GLY A 1 15.56 -4.91 -14.51
N MET A 2 14.63 -5.46 -13.72
CA MET A 2 14.15 -6.84 -13.83
C MET A 2 12.72 -6.93 -13.27
N SER A 3 11.75 -6.28 -13.92
CA SER A 3 10.32 -6.31 -13.59
C SER A 3 10.05 -5.83 -12.14
N GLN A 4 10.24 -6.68 -11.13
CA GLN A 4 10.06 -6.47 -9.71
C GLN A 4 10.68 -5.14 -9.23
N ASP A 5 11.83 -4.76 -9.79
CA ASP A 5 12.52 -3.50 -9.47
C ASP A 5 11.57 -2.32 -9.69
N LEU A 6 11.01 -2.28 -10.90
CA LEU A 6 10.29 -1.17 -11.49
C LEU A 6 8.88 -1.12 -10.91
N ILE A 7 8.27 -2.30 -10.79
CA ILE A 7 7.07 -2.57 -10.05
C ILE A 7 7.13 -1.93 -8.65
N ARG A 8 8.15 -2.20 -7.81
CA ARG A 8 8.25 -1.54 -6.50
C ARG A 8 8.27 -0.01 -6.65
N ALA A 9 8.99 0.52 -7.63
CA ALA A 9 9.14 1.96 -7.80
C ALA A 9 7.79 2.67 -7.93
N ALA A 10 6.83 2.12 -8.69
CA ALA A 10 5.55 2.82 -8.89
C ALA A 10 4.68 2.81 -7.63
N PHE A 11 4.87 1.86 -6.71
CA PHE A 11 4.21 1.89 -5.41
C PHE A 11 4.72 3.09 -4.60
N GLU A 12 6.02 3.39 -4.69
CA GLU A 12 6.59 4.55 -4.05
C GLU A 12 5.89 5.80 -4.55
N LYS A 13 5.69 5.91 -5.87
CA LYS A 13 5.02 7.02 -6.49
C LYS A 13 3.63 7.10 -5.90
N ARG A 14 2.79 6.06 -6.02
CA ARG A 14 1.40 6.32 -5.67
C ARG A 14 1.19 6.52 -4.16
N LEU A 15 2.04 5.99 -3.28
CA LEU A 15 1.90 6.23 -1.84
C LEU A 15 2.64 7.50 -1.37
N SER A 16 3.93 7.62 -1.65
CA SER A 16 4.83 8.62 -1.09
C SER A 16 4.42 10.02 -1.53
N ASP A 17 4.10 10.19 -2.82
CA ASP A 17 3.73 11.49 -3.39
C ASP A 17 2.46 12.06 -2.75
N TRP A 18 1.64 11.21 -2.12
CA TRP A 18 0.48 11.57 -1.30
C TRP A 18 0.91 11.82 0.14
N ALA A 19 1.64 10.89 0.76
CA ALA A 19 2.04 11.02 2.16
C ALA A 19 2.80 12.32 2.41
N LYS A 20 3.76 12.65 1.55
CA LYS A 20 4.58 13.85 1.68
C LYS A 20 3.76 15.13 1.42
N ALA A 21 2.78 15.04 0.52
CA ALA A 21 1.93 16.15 0.13
C ALA A 21 0.91 16.48 1.22
N ARG A 22 0.57 15.50 2.06
CA ARG A 22 -0.46 15.66 3.05
C ARG A 22 -0.06 16.75 4.04
N THR A 23 -1.05 17.31 4.73
CA THR A 23 -0.82 18.33 5.74
C THR A 23 -0.01 17.78 6.93
N PRO A 24 -0.45 16.71 7.64
CA PRO A 24 0.36 16.13 8.71
C PRO A 24 1.67 15.56 8.20
N ALA A 25 1.76 15.35 6.89
CA ALA A 25 2.85 14.76 6.12
C ALA A 25 3.39 13.48 6.76
N LEU A 26 2.91 12.32 6.31
CA LEU A 26 3.13 11.10 7.07
C LEU A 26 4.47 10.45 6.72
N PRO A 27 5.16 9.82 7.68
CA PRO A 27 6.28 8.95 7.42
C PRO A 27 5.77 7.60 6.89
N VAL A 28 6.56 6.93 6.06
CA VAL A 28 6.14 5.79 5.27
C VAL A 28 7.22 4.73 5.45
N ALA A 29 6.91 3.65 6.18
CA ALA A 29 7.78 2.50 6.17
C ALA A 29 7.53 1.67 4.90
N TRP A 30 8.49 0.83 4.52
CA TRP A 30 8.48 0.04 3.29
C TRP A 30 8.98 -1.39 3.48
N GLN A 31 8.92 -1.88 4.72
CA GLN A 31 9.46 -3.14 5.19
C GLN A 31 10.97 -3.07 5.20
N ASN A 32 11.57 -3.32 6.36
CA ASN A 32 13.01 -3.42 6.60
C ASN A 32 13.73 -2.07 6.58
N THR A 33 13.22 -1.09 5.84
CA THR A 33 13.77 0.24 5.59
C THR A 33 14.02 1.04 6.88
N LYS A 34 15.02 1.95 6.83
CA LYS A 34 15.36 2.89 7.89
C LYS A 34 14.14 3.74 8.15
N PHE A 35 13.65 3.78 9.37
CA PHE A 35 12.37 4.38 9.71
C PHE A 35 12.43 4.90 11.15
N THR A 36 11.40 5.64 11.56
CA THR A 36 11.26 6.23 12.88
C THR A 36 12.23 7.43 13.06
N PRO A 37 12.00 8.34 14.03
CA PRO A 37 10.85 8.40 14.93
C PRO A 37 9.53 8.72 14.21
N PRO A 38 8.36 8.49 14.83
CA PRO A 38 7.07 8.78 14.22
C PRO A 38 6.81 10.30 14.11
N ALA A 39 5.67 10.64 13.52
CA ALA A 39 5.08 11.96 13.53
C ALA A 39 4.13 12.00 14.72
N ALA A 40 4.71 12.20 15.91
CA ALA A 40 4.01 12.39 17.18
C ALA A 40 3.35 11.11 17.70
N GLY A 41 3.80 9.96 17.22
CA GLY A 41 3.23 8.65 17.50
C GLY A 41 2.30 8.15 16.40
N VAL A 42 1.93 9.04 15.48
CA VAL A 42 1.26 8.68 14.24
C VAL A 42 2.33 8.28 13.23
N TYR A 43 2.10 7.22 12.47
CA TYR A 43 2.94 6.80 11.35
C TYR A 43 2.18 5.82 10.48
N LEU A 44 2.67 5.52 9.27
CA LEU A 44 2.11 4.48 8.42
C LEU A 44 3.10 3.33 8.35
N ARG A 45 2.58 2.14 8.06
CA ARG A 45 3.37 0.93 7.84
C ARG A 45 2.77 0.19 6.67
N ALA A 46 3.41 0.26 5.50
CA ALA A 46 3.09 -0.55 4.35
C ALA A 46 3.62 -1.97 4.60
N TYR A 47 2.94 -2.98 4.06
CA TYR A 47 3.50 -4.30 3.87
C TYR A 47 3.04 -4.83 2.51
N VAL A 48 3.98 -4.91 1.59
CA VAL A 48 3.88 -5.53 0.27
C VAL A 48 3.99 -7.05 0.46
N MET A 49 2.92 -7.80 0.18
CA MET A 49 2.89 -9.26 0.22
C MET A 49 2.75 -9.77 -1.22
N PRO A 50 3.86 -9.93 -1.96
CA PRO A 50 3.82 -10.35 -3.36
C PRO A 50 3.43 -11.82 -3.52
N ALA A 51 3.16 -12.21 -4.76
CA ALA A 51 3.01 -13.60 -5.21
C ALA A 51 4.40 -14.26 -5.31
N ALA A 52 4.43 -15.52 -5.76
CA ALA A 52 5.57 -16.42 -5.76
C ALA A 52 6.21 -16.47 -4.37
N THR A 53 5.42 -16.88 -3.37
CA THR A 53 5.89 -17.19 -2.03
C THR A 53 6.69 -18.51 -2.06
N ILE A 54 7.18 -18.96 -0.91
CA ILE A 54 7.83 -20.26 -0.79
C ILE A 54 6.87 -21.34 -1.32
N SER A 55 7.43 -22.32 -2.03
CA SER A 55 6.77 -23.55 -2.45
C SER A 55 7.83 -24.65 -2.55
N ARG A 56 7.43 -25.87 -2.88
CA ARG A 56 8.33 -26.96 -3.27
C ARG A 56 8.73 -26.84 -4.75
N ASP A 57 8.46 -25.70 -5.36
CA ASP A 57 9.00 -25.30 -6.66
C ASP A 57 9.54 -23.88 -6.46
N ALA A 58 10.36 -23.41 -7.40
CA ALA A 58 11.03 -22.12 -7.32
C ALA A 58 11.24 -21.46 -8.69
N ALA A 59 10.53 -21.94 -9.71
CA ALA A 59 10.67 -21.46 -11.08
C ALA A 59 10.26 -20.00 -11.25
N GLY A 60 9.53 -19.45 -10.29
CA GLY A 60 9.06 -18.06 -10.24
C GLY A 60 7.85 -17.85 -11.16
N ASP A 61 7.92 -18.36 -12.39
CA ASP A 61 6.98 -18.35 -13.50
C ASP A 61 6.72 -16.92 -13.97
N HIS A 62 7.36 -16.57 -15.09
CA HIS A 62 7.32 -15.22 -15.61
C HIS A 62 5.92 -14.89 -16.14
N ARG A 63 5.62 -13.60 -16.26
CA ARG A 63 4.34 -13.03 -16.69
C ARG A 63 3.15 -13.37 -15.78
N GLN A 64 3.43 -13.85 -14.58
CA GLN A 64 2.46 -14.05 -13.51
C GLN A 64 3.00 -13.47 -12.21
N TYR A 65 2.61 -12.23 -11.94
CA TYR A 65 2.65 -11.60 -10.62
C TYR A 65 1.21 -11.56 -10.08
N ARG A 66 1.06 -11.16 -8.82
CA ARG A 66 -0.11 -10.78 -8.06
C ARG A 66 0.41 -10.32 -6.69
N GLY A 67 -0.41 -9.76 -5.81
CA GLY A 67 -0.08 -9.65 -4.39
C GLY A 67 -1.26 -9.07 -3.62
N VAL A 68 -1.05 -8.81 -2.33
CA VAL A 68 -1.92 -7.96 -1.54
C VAL A 68 -1.02 -6.89 -0.94
N PHE A 69 -1.44 -5.63 -1.06
CA PHE A 69 -0.83 -4.52 -0.37
C PHE A 69 -1.60 -4.33 0.92
N GLN A 70 -0.91 -3.96 1.99
CA GLN A 70 -1.47 -3.67 3.29
C GLN A 70 -0.90 -2.34 3.73
N VAL A 71 -1.71 -1.51 4.38
CA VAL A 71 -1.23 -0.42 5.21
C VAL A 71 -2.07 -0.40 6.49
N ASN A 72 -1.52 0.27 7.52
CA ASN A 72 -2.16 0.52 8.80
C ASN A 72 -2.03 2.02 9.07
N VAL A 73 -3.08 2.61 9.63
CA VAL A 73 -3.11 3.97 10.16
C VAL A 73 -3.27 3.85 11.68
N VAL A 74 -2.15 3.52 12.34
CA VAL A 74 -2.01 3.60 13.79
C VAL A 74 -2.06 5.10 14.15
N MET A 75 -2.82 5.48 15.18
CA MET A 75 -2.85 6.88 15.64
C MET A 75 -3.43 6.89 17.05
N PRO A 76 -2.96 7.77 17.96
CA PRO A 76 -3.30 7.65 19.38
C PRO A 76 -4.80 7.80 19.62
N ILE A 77 -5.32 7.18 20.69
CA ILE A 77 -6.74 7.22 21.03
C ILE A 77 -6.96 8.50 21.87
N GLY A 78 -6.57 9.65 21.34
CA GLY A 78 -6.49 10.89 22.10
C GLY A 78 -6.87 12.06 21.22
N ASP A 79 -5.86 12.71 20.64
CA ASP A 79 -5.95 14.03 20.03
C ASP A 79 -6.57 13.92 18.63
N GLY A 80 -7.84 13.50 18.56
CA GLY A 80 -8.58 13.28 17.35
C GLY A 80 -8.57 11.82 16.91
N SER A 81 -8.99 10.87 17.76
CA SER A 81 -8.86 9.44 17.48
C SER A 81 -9.63 8.94 16.25
N ARG A 82 -10.54 9.74 15.67
CA ARG A 82 -11.33 9.32 14.51
C ARG A 82 -10.56 9.53 13.20
N SER A 83 -9.26 9.86 13.30
CA SER A 83 -8.37 10.18 12.18
C SER A 83 -8.27 9.05 11.15
N ALA A 84 -8.40 7.78 11.57
CA ALA A 84 -8.30 6.63 10.67
C ALA A 84 -9.28 6.74 9.50
N GLU A 85 -10.49 7.25 9.75
CA GLU A 85 -11.50 7.42 8.74
C GLU A 85 -11.07 8.47 7.72
N GLN A 86 -10.61 9.62 8.20
CA GLN A 86 -10.07 10.70 7.40
C GLN A 86 -9.00 10.15 6.45
N VAL A 87 -8.04 9.40 6.98
CA VAL A 87 -6.99 8.76 6.19
C VAL A 87 -7.57 7.80 5.17
N ALA A 88 -8.47 6.92 5.59
CA ALA A 88 -9.05 5.96 4.69
C ALA A 88 -9.80 6.65 3.53
N ALA A 89 -10.43 7.79 3.82
CA ALA A 89 -11.20 8.57 2.86
C ALA A 89 -10.25 9.25 1.89
N GLU A 90 -9.23 9.93 2.41
CA GLU A 90 -8.22 10.65 1.66
C GLU A 90 -7.49 9.73 0.68
N LEU A 91 -7.27 8.48 1.11
CA LEU A 91 -6.62 7.46 0.31
C LEU A 91 -7.57 6.86 -0.71
N ASP A 92 -8.84 6.66 -0.37
CA ASP A 92 -9.81 6.09 -1.32
C ASP A 92 -10.00 7.01 -2.52
N ALA A 93 -9.94 8.32 -2.32
CA ALA A 93 -9.93 9.28 -3.43
C ALA A 93 -8.71 9.08 -4.33
N LEU A 94 -7.57 8.66 -3.77
CA LEU A 94 -6.35 8.41 -4.52
C LEU A 94 -6.35 7.04 -5.20
N PHE A 95 -7.02 6.05 -4.62
CA PHE A 95 -6.98 4.66 -5.05
C PHE A 95 -8.36 4.22 -5.58
N PRO A 96 -8.65 4.47 -6.88
CA PRO A 96 -9.74 3.81 -7.59
C PRO A 96 -9.40 2.33 -7.84
N VAL A 97 -10.30 1.60 -8.49
CA VAL A 97 -10.23 0.15 -8.74
C VAL A 97 -9.48 -0.24 -10.01
N ASN A 98 -8.97 0.72 -10.76
CA ASN A 98 -8.16 0.46 -11.95
C ASN A 98 -6.70 0.67 -11.64
N LEU A 99 -6.38 1.81 -11.06
CA LEU A 99 -5.07 2.31 -10.69
C LEU A 99 -4.07 2.08 -11.83
N VAL A 100 -4.30 2.80 -12.91
CA VAL A 100 -3.42 2.80 -14.07
C VAL A 100 -2.08 3.43 -13.68
N MET A 101 -1.10 2.65 -13.21
CA MET A 101 0.26 3.16 -13.10
C MET A 101 0.94 3.22 -14.47
N GLN A 102 2.17 3.72 -14.49
CA GLN A 102 3.20 3.49 -15.47
C GLN A 102 4.45 3.10 -14.67
N SER A 103 5.01 1.92 -14.94
CA SER A 103 6.09 1.35 -14.14
C SER A 103 7.19 0.77 -15.02
N GLY A 104 7.47 1.39 -16.17
CA GLY A 104 8.59 1.04 -17.04
C GLY A 104 8.38 -0.31 -17.71
N GLY A 105 8.60 -1.38 -16.95
CA GLY A 105 8.36 -2.78 -17.23
C GLY A 105 6.99 -2.99 -17.87
N LEU A 106 5.95 -2.66 -17.11
CA LEU A 106 4.54 -2.87 -17.42
C LEU A 106 3.71 -1.98 -16.49
N ALA A 107 2.42 -1.81 -16.78
CA ALA A 107 1.48 -1.03 -15.99
C ALA A 107 0.73 -1.97 -15.05
N VAL A 108 1.05 -1.97 -13.77
CA VAL A 108 0.31 -2.71 -12.76
C VAL A 108 -1.14 -2.16 -12.65
N ARG A 109 -2.10 -3.00 -12.21
CA ARG A 109 -3.46 -2.59 -11.84
C ARG A 109 -3.78 -3.10 -10.45
N VAL A 110 -4.76 -2.45 -9.81
CA VAL A 110 -5.07 -2.71 -8.41
C VAL A 110 -6.05 -3.87 -8.22
N ARG A 111 -6.77 -4.26 -9.28
CA ARG A 111 -7.71 -5.38 -9.35
C ARG A 111 -8.94 -5.21 -8.46
N THR A 112 -8.81 -4.87 -7.19
CA THR A 112 -9.90 -4.74 -6.24
C THR A 112 -10.00 -3.29 -5.76
N PRO A 113 -11.18 -2.87 -5.28
CA PRO A 113 -11.31 -1.54 -4.70
C PRO A 113 -10.64 -1.53 -3.32
N ILE A 114 -10.54 -0.36 -2.71
CA ILE A 114 -10.10 -0.21 -1.32
C ILE A 114 -10.98 -1.08 -0.44
N SER A 115 -10.40 -2.05 0.26
CA SER A 115 -10.99 -2.71 1.38
C SER A 115 -10.57 -1.89 2.62
N ASN A 116 -11.46 -1.79 3.59
CA ASN A 116 -11.38 -0.93 4.75
C ASN A 116 -12.19 -1.61 5.85
N GLY A 117 -11.52 -2.25 6.79
CA GLY A 117 -12.16 -3.10 7.79
C GLY A 117 -12.28 -2.38 9.12
N GLN A 118 -13.03 -2.99 10.02
CA GLN A 118 -13.01 -2.66 11.44
C GLN A 118 -11.64 -3.06 12.02
N PRO A 119 -11.18 -2.39 13.08
CA PRO A 119 -9.83 -2.57 13.60
C PRO A 119 -9.63 -3.91 14.32
N THR A 120 -8.38 -4.19 14.65
CA THR A 120 -7.98 -5.29 15.53
C THR A 120 -7.39 -4.77 16.86
N THR A 121 -7.43 -3.44 17.02
CA THR A 121 -6.98 -2.67 18.17
C THR A 121 -5.45 -2.75 18.39
N GLY A 122 -4.93 -1.76 19.12
CA GLY A 122 -3.51 -1.50 19.32
C GLY A 122 -3.23 -1.46 20.81
N ASP A 123 -2.14 -0.79 21.17
CA ASP A 123 -1.78 -0.53 22.55
C ASP A 123 -2.70 0.54 23.13
N ALA A 124 -2.77 1.70 22.48
CA ALA A 124 -3.67 2.82 22.76
C ALA A 124 -3.79 3.66 21.49
N ASP A 125 -3.90 2.99 20.34
CA ASP A 125 -3.62 3.59 19.02
C ASP A 125 -4.48 3.04 17.85
N HIS A 126 -5.21 1.99 18.19
CA HIS A 126 -5.90 1.04 17.35
C HIS A 126 -5.01 0.51 16.22
N THR A 127 -5.59 -0.33 15.36
CA THR A 127 -5.09 -0.51 14.01
C THR A 127 -6.28 -0.94 13.17
N VAL A 128 -6.78 -0.03 12.35
CA VAL A 128 -7.63 -0.39 11.23
C VAL A 128 -6.77 -1.04 10.13
N PRO A 129 -7.29 -2.05 9.43
CA PRO A 129 -6.72 -2.63 8.22
C PRO A 129 -7.24 -1.88 6.99
N ILE A 130 -6.33 -1.56 6.06
CA ILE A 130 -6.66 -1.11 4.71
C ILE A 130 -5.79 -1.96 3.78
N SER A 131 -6.37 -2.53 2.73
CA SER A 131 -5.66 -3.40 1.81
C SER A 131 -6.40 -3.51 0.47
N LEU A 132 -5.77 -4.16 -0.51
CA LEU A 132 -6.25 -4.38 -1.87
C LEU A 132 -5.35 -5.44 -2.54
N GLY A 133 -5.89 -6.20 -3.50
CA GLY A 133 -5.34 -7.47 -3.96
C GLY A 133 -5.02 -7.44 -5.45
N TYR A 134 -4.04 -6.60 -5.77
CA TYR A 134 -3.56 -6.24 -7.10
C TYR A 134 -3.01 -7.43 -7.86
N ASP A 135 -3.09 -7.38 -9.22
CA ASP A 135 -2.55 -8.52 -9.99
C ASP A 135 -1.33 -8.16 -10.81
N VAL A 136 -1.04 -6.87 -11.00
CA VAL A 136 -0.30 -6.42 -12.17
C VAL A 136 -1.15 -6.70 -13.44
N GLN A 137 -0.71 -6.20 -14.57
CA GLN A 137 -1.37 -6.11 -15.85
C GLN A 137 -0.28 -5.97 -16.91
N PHE A 138 -0.66 -6.25 -18.15
CA PHE A 138 0.23 -6.50 -19.27
C PHE A 138 -0.56 -6.33 -20.56
N TYR A 139 -0.49 -5.13 -21.13
CA TYR A 139 -0.99 -4.88 -22.48
C TYR A 139 -0.11 -5.63 -23.49
N PRO A 140 -0.61 -5.94 -24.70
CA PRO A 140 0.20 -6.58 -25.72
C PRO A 140 1.30 -5.64 -26.20
N GLU A 141 2.40 -6.23 -26.65
CA GLU A 141 3.57 -5.57 -27.22
C GLU A 141 3.83 -6.16 -28.59
N GLY A 1 16.70 -2.96 -14.17
CA GLY A 1 15.35 -2.97 -14.71
C GLY A 1 14.97 -4.36 -15.17
N MET A 2 14.29 -5.14 -14.33
CA MET A 2 13.62 -6.39 -14.75
C MET A 2 12.27 -6.51 -14.05
N SER A 3 11.27 -5.86 -14.66
CA SER A 3 9.84 -5.93 -14.39
C SER A 3 9.47 -5.74 -12.91
N GLN A 4 9.53 -6.78 -12.06
CA GLN A 4 9.20 -6.69 -10.63
C GLN A 4 9.96 -5.53 -9.95
N ASP A 5 11.23 -5.39 -10.35
CA ASP A 5 12.16 -4.33 -9.98
C ASP A 5 11.57 -2.92 -10.14
N LEU A 6 10.79 -2.66 -11.19
CA LEU A 6 10.09 -1.41 -11.44
C LEU A 6 8.73 -1.38 -10.75
N ILE A 7 8.02 -2.50 -10.69
CA ILE A 7 6.72 -2.61 -10.03
C ILE A 7 6.86 -2.13 -8.58
N ARG A 8 7.92 -2.56 -7.88
CA ARG A 8 8.25 -2.15 -6.52
C ARG A 8 8.34 -0.62 -6.38
N ALA A 9 8.77 0.06 -7.45
CA ALA A 9 9.16 1.46 -7.47
C ALA A 9 7.96 2.31 -7.87
N ALA A 10 7.09 1.80 -8.74
CA ALA A 10 5.83 2.42 -9.14
C ALA A 10 5.00 2.74 -7.89
N PHE A 11 4.89 1.75 -7.00
CA PHE A 11 4.15 1.84 -5.76
C PHE A 11 4.60 3.03 -4.93
N GLU A 12 5.91 3.21 -4.78
CA GLU A 12 6.47 4.30 -4.02
C GLU A 12 6.28 5.63 -4.73
N LYS A 13 6.38 5.65 -6.07
CA LYS A 13 6.30 6.90 -6.80
C LYS A 13 4.91 7.48 -6.62
N ARG A 14 3.88 6.62 -6.57
CA ARG A 14 2.55 7.08 -6.21
C ARG A 14 2.52 7.55 -4.76
N LEU A 15 2.92 6.67 -3.83
CA LEU A 15 2.60 6.84 -2.42
C LEU A 15 3.32 8.03 -1.78
N SER A 16 4.63 8.18 -1.97
CA SER A 16 5.36 9.25 -1.33
C SER A 16 4.90 10.62 -1.85
N ASP A 17 4.64 10.74 -3.16
CA ASP A 17 4.15 12.00 -3.75
C ASP A 17 2.74 12.35 -3.27
N TRP A 18 2.02 11.44 -2.61
CA TRP A 18 0.81 11.75 -1.84
C TRP A 18 1.20 12.16 -0.42
N ALA A 19 1.99 11.33 0.26
CA ALA A 19 2.22 11.44 1.70
C ALA A 19 2.92 12.75 2.06
N LYS A 20 3.98 13.13 1.33
CA LYS A 20 4.65 14.41 1.55
C LYS A 20 3.80 15.59 1.09
N ALA A 21 2.85 15.39 0.18
CA ALA A 21 2.04 16.45 -0.38
C ALA A 21 0.79 16.75 0.45
N ARG A 22 0.40 15.88 1.39
CA ARG A 22 -0.72 16.15 2.27
C ARG A 22 -0.44 17.43 3.05
N THR A 23 -1.47 18.00 3.66
CA THR A 23 -1.34 19.22 4.45
C THR A 23 -0.38 19.01 5.64
N PRO A 24 -0.69 18.21 6.68
CA PRO A 24 0.26 17.92 7.76
C PRO A 24 1.47 17.09 7.30
N ALA A 25 1.36 16.56 6.09
CA ALA A 25 2.08 15.39 5.55
C ALA A 25 1.89 14.13 6.42
N LEU A 26 2.32 12.96 5.92
CA LEU A 26 2.42 11.70 6.67
C LEU A 26 3.70 10.94 6.28
N PRO A 27 4.18 10.00 7.12
CA PRO A 27 5.33 9.16 6.79
C PRO A 27 4.94 7.91 5.98
N VAL A 28 5.96 7.22 5.44
CA VAL A 28 5.78 6.06 4.57
C VAL A 28 6.85 5.04 4.97
N ALA A 29 6.42 3.84 5.37
CA ALA A 29 7.28 2.75 5.79
C ALA A 29 6.95 1.50 4.98
N TRP A 30 7.80 1.19 4.00
CA TRP A 30 7.77 -0.09 3.29
C TRP A 30 8.23 -1.22 4.21
N GLN A 31 8.15 -2.46 3.69
CA GLN A 31 8.25 -3.70 4.44
C GLN A 31 9.38 -3.72 5.46
N ASN A 32 10.64 -3.61 5.05
CA ASN A 32 11.79 -3.55 5.96
C ASN A 32 12.64 -2.32 5.65
N THR A 33 12.00 -1.19 5.30
CA THR A 33 12.75 0.00 4.91
C THR A 33 13.33 0.72 6.13
N LYS A 34 14.03 1.83 5.89
CA LYS A 34 14.69 2.64 6.90
C LYS A 34 13.67 3.61 7.50
N PHE A 35 12.65 3.05 8.15
CA PHE A 35 11.61 3.83 8.80
C PHE A 35 12.02 4.18 10.23
N THR A 36 11.22 5.04 10.86
CA THR A 36 11.28 5.52 12.22
C THR A 36 12.28 6.69 12.35
N PRO A 37 11.95 7.78 13.06
CA PRO A 37 10.81 7.95 13.96
C PRO A 37 9.46 8.04 13.24
N PRO A 38 8.33 7.84 13.96
CA PRO A 38 7.00 8.10 13.43
C PRO A 38 6.79 9.60 13.22
N ALA A 39 5.57 10.00 12.87
CA ALA A 39 5.10 11.36 12.94
C ALA A 39 4.34 11.48 14.27
N ALA A 40 5.11 11.70 15.33
CA ALA A 40 4.63 12.03 16.67
C ALA A 40 3.58 11.05 17.21
N GLY A 41 3.71 9.76 16.87
CA GLY A 41 2.86 8.67 17.31
C GLY A 41 1.89 8.15 16.25
N VAL A 42 1.77 8.89 15.15
CA VAL A 42 1.04 8.48 13.95
C VAL A 42 2.06 7.92 12.97
N TYR A 43 1.70 6.85 12.24
CA TYR A 43 2.46 6.36 11.11
C TYR A 43 1.63 5.38 10.28
N LEU A 44 2.13 5.04 9.10
CA LEU A 44 1.56 4.11 8.14
C LEU A 44 2.64 3.08 7.84
N ARG A 45 2.54 1.89 8.40
CA ARG A 45 3.18 0.69 7.86
C ARG A 45 2.51 0.41 6.52
N ALA A 46 3.28 -0.02 5.52
CA ALA A 46 2.79 -0.39 4.19
C ALA A 46 3.44 -1.73 3.83
N TYR A 47 2.80 -2.81 4.23
CA TYR A 47 3.25 -4.15 3.87
C TYR A 47 2.77 -4.42 2.44
N VAL A 48 3.62 -4.12 1.46
CA VAL A 48 3.46 -4.60 0.09
C VAL A 48 4.05 -5.99 0.09
N MET A 49 3.22 -6.96 0.49
CA MET A 49 3.61 -8.35 0.35
C MET A 49 3.58 -8.73 -1.14
N PRO A 50 4.49 -9.62 -1.57
CA PRO A 50 4.47 -10.19 -2.90
C PRO A 50 3.20 -11.02 -3.12
N ALA A 51 3.04 -11.54 -4.33
CA ALA A 51 2.13 -12.65 -4.61
C ALA A 51 2.40 -13.76 -3.58
N ALA A 52 1.35 -14.50 -3.20
CA ALA A 52 1.36 -15.43 -2.08
C ALA A 52 0.91 -16.84 -2.50
N THR A 53 1.28 -17.26 -3.72
CA THR A 53 0.54 -18.24 -4.50
C THR A 53 1.48 -19.20 -5.24
N ILE A 54 2.61 -19.56 -4.61
CA ILE A 54 3.61 -20.46 -5.17
C ILE A 54 2.93 -21.80 -5.52
N SER A 55 3.26 -22.31 -6.71
CA SER A 55 2.88 -23.61 -7.22
C SER A 55 3.72 -24.69 -6.51
N ARG A 56 3.92 -25.85 -7.15
CA ARG A 56 4.57 -27.02 -6.53
C ARG A 56 5.96 -27.30 -7.09
N ASP A 57 6.52 -26.37 -7.88
CA ASP A 57 7.91 -26.44 -8.34
C ASP A 57 8.86 -26.11 -7.17
N ALA A 58 10.16 -26.13 -7.40
CA ALA A 58 11.20 -25.82 -6.41
C ALA A 58 11.68 -24.37 -6.46
N ALA A 59 10.96 -23.50 -7.18
CA ALA A 59 11.27 -22.10 -7.43
C ALA A 59 10.11 -21.19 -6.99
N GLY A 60 10.29 -19.87 -7.07
CA GLY A 60 9.37 -18.87 -6.55
C GLY A 60 8.88 -17.90 -7.62
N ASP A 61 8.73 -18.37 -8.86
CA ASP A 61 8.32 -17.64 -10.04
C ASP A 61 7.58 -18.63 -10.93
N HIS A 62 6.36 -18.30 -11.35
CA HIS A 62 5.49 -19.13 -12.18
C HIS A 62 4.72 -18.30 -13.22
N ARG A 63 3.86 -18.95 -14.01
CA ARG A 63 2.84 -18.31 -14.83
C ARG A 63 2.02 -17.37 -13.97
N GLN A 64 1.86 -16.14 -14.45
CA GLN A 64 1.13 -14.99 -13.94
C GLN A 64 1.76 -14.37 -12.69
N TYR A 65 1.44 -13.10 -12.43
CA TYR A 65 1.97 -12.31 -11.32
C TYR A 65 0.83 -11.76 -10.46
N ARG A 66 1.15 -11.30 -9.24
CA ARG A 66 0.18 -10.82 -8.27
C ARG A 66 0.89 -9.95 -7.24
N GLY A 67 0.17 -9.38 -6.30
CA GLY A 67 0.73 -8.71 -5.15
C GLY A 67 -0.37 -8.20 -4.24
N VAL A 68 0.00 -7.67 -3.08
CA VAL A 68 -0.95 -7.16 -2.11
C VAL A 68 -0.35 -5.87 -1.56
N PHE A 69 -1.21 -5.00 -1.03
CA PHE A 69 -0.81 -3.84 -0.27
C PHE A 69 -1.68 -3.83 0.98
N GLN A 70 -1.06 -3.80 2.16
CA GLN A 70 -1.72 -3.68 3.45
C GLN A 70 -1.12 -2.46 4.15
N VAL A 71 -1.83 -1.33 4.16
CA VAL A 71 -1.48 -0.19 5.01
C VAL A 71 -2.23 -0.31 6.35
N ASN A 72 -1.67 0.25 7.43
CA ASN A 72 -2.29 0.24 8.77
C ASN A 72 -2.11 1.61 9.40
N VAL A 73 -3.16 2.43 9.41
CA VAL A 73 -3.21 3.71 10.09
C VAL A 73 -3.44 3.45 11.57
N VAL A 74 -2.34 3.46 12.31
CA VAL A 74 -2.32 3.65 13.75
C VAL A 74 -2.46 5.15 14.03
N MET A 75 -3.03 5.48 15.18
CA MET A 75 -3.03 6.81 15.78
C MET A 75 -2.77 6.62 17.28
N PRO A 76 -2.15 7.58 17.97
CA PRO A 76 -1.97 7.50 19.41
C PRO A 76 -3.26 7.96 20.10
N ILE A 77 -3.56 7.37 21.25
CA ILE A 77 -4.81 7.57 21.95
C ILE A 77 -4.59 8.76 22.87
N GLY A 78 -4.50 9.94 22.25
CA GLY A 78 -4.34 11.22 22.90
C GLY A 78 -5.61 12.03 22.70
N ASP A 79 -5.64 12.87 21.67
CA ASP A 79 -6.69 13.85 21.40
C ASP A 79 -7.76 13.28 20.45
N GLY A 80 -8.57 12.35 20.95
CA GLY A 80 -9.69 11.74 20.24
C GLY A 80 -9.25 10.93 19.02
N SER A 81 -8.93 9.66 19.22
CA SER A 81 -8.29 8.75 18.28
C SER A 81 -9.23 8.15 17.22
N ARG A 82 -9.86 8.98 16.39
CA ARG A 82 -10.87 8.55 15.42
C ARG A 82 -10.41 8.80 13.97
N SER A 83 -9.20 9.31 13.72
CA SER A 83 -8.69 9.70 12.41
C SER A 83 -8.56 8.57 11.36
N ALA A 84 -8.87 7.32 11.70
CA ALA A 84 -8.85 6.22 10.73
C ALA A 84 -9.70 6.50 9.49
N GLU A 85 -10.87 7.13 9.65
CA GLU A 85 -11.77 7.40 8.54
C GLU A 85 -11.15 8.38 7.56
N GLN A 86 -10.71 9.54 8.07
CA GLN A 86 -10.07 10.59 7.36
C GLN A 86 -9.00 10.05 6.43
N VAL A 87 -8.04 9.31 6.98
CA VAL A 87 -6.95 8.70 6.25
C VAL A 87 -7.47 7.68 5.25
N ALA A 88 -8.40 6.78 5.62
CA ALA A 88 -8.92 5.80 4.67
C ALA A 88 -9.53 6.49 3.44
N ALA A 89 -10.17 7.66 3.62
CA ALA A 89 -10.82 8.37 2.54
C ALA A 89 -9.78 9.01 1.61
N GLU A 90 -8.62 9.36 2.14
CA GLU A 90 -7.48 9.85 1.37
C GLU A 90 -6.89 8.71 0.56
N LEU A 91 -6.48 7.61 1.22
CA LEU A 91 -5.87 6.47 0.55
C LEU A 91 -6.81 5.83 -0.47
N ASP A 92 -8.13 5.83 -0.25
CA ASP A 92 -9.09 5.29 -1.21
C ASP A 92 -9.01 6.12 -2.50
N ALA A 93 -9.12 7.46 -2.38
CA ALA A 93 -9.03 8.34 -3.54
C ALA A 93 -7.65 8.26 -4.19
N LEU A 94 -6.59 7.95 -3.42
CA LEU A 94 -5.26 7.71 -3.95
C LEU A 94 -5.20 6.40 -4.72
N PHE A 95 -5.91 5.36 -4.28
CA PHE A 95 -5.96 4.03 -4.87
C PHE A 95 -7.39 3.74 -5.39
N PRO A 96 -7.82 4.37 -6.49
CA PRO A 96 -9.06 4.02 -7.17
C PRO A 96 -8.97 2.58 -7.71
N VAL A 97 -10.08 1.97 -8.16
CA VAL A 97 -10.19 0.61 -8.71
C VAL A 97 -9.40 0.42 -10.04
N ASN A 98 -8.57 1.39 -10.39
CA ASN A 98 -7.78 1.47 -11.60
C ASN A 98 -6.32 1.16 -11.27
N LEU A 99 -5.68 1.87 -10.34
CA LEU A 99 -4.24 1.81 -10.07
C LEU A 99 -3.40 1.85 -11.37
N VAL A 100 -3.81 2.67 -12.33
CA VAL A 100 -3.17 2.78 -13.63
C VAL A 100 -1.91 3.65 -13.46
N MET A 101 -0.85 3.04 -12.94
CA MET A 101 0.49 3.63 -12.77
C MET A 101 1.24 3.52 -14.10
N GLN A 102 2.42 4.15 -14.19
CA GLN A 102 3.42 3.83 -15.20
C GLN A 102 4.79 3.84 -14.53
N SER A 103 5.67 2.99 -15.05
CA SER A 103 6.95 2.63 -14.47
C SER A 103 7.81 2.05 -15.59
N GLY A 104 9.08 1.73 -15.33
CA GLY A 104 10.03 1.30 -16.35
C GLY A 104 9.76 -0.10 -16.91
N GLY A 105 8.68 -0.76 -16.50
CA GLY A 105 8.40 -2.14 -16.86
C GLY A 105 7.11 -2.26 -17.64
N LEU A 106 6.02 -1.74 -17.09
CA LEU A 106 4.63 -1.96 -17.49
C LEU A 106 3.72 -1.26 -16.47
N ALA A 107 2.44 -1.09 -16.80
CA ALA A 107 1.39 -0.69 -15.83
C ALA A 107 1.07 -1.84 -14.87
N VAL A 108 0.26 -1.58 -13.83
CA VAL A 108 -0.27 -2.55 -12.88
C VAL A 108 -1.78 -2.27 -12.74
N ARG A 109 -2.56 -3.11 -12.04
CA ARG A 109 -3.99 -2.83 -11.81
C ARG A 109 -4.43 -3.47 -10.49
N VAL A 110 -5.15 -2.73 -9.66
CA VAL A 110 -5.56 -3.12 -8.30
C VAL A 110 -6.48 -4.33 -8.24
N ARG A 111 -7.21 -4.64 -9.32
CA ARG A 111 -8.08 -5.82 -9.48
C ARG A 111 -9.33 -5.79 -8.61
N THR A 112 -9.31 -5.16 -7.45
CA THR A 112 -10.45 -5.06 -6.56
C THR A 112 -10.60 -3.61 -6.09
N PRO A 113 -11.76 -3.22 -5.53
CA PRO A 113 -11.91 -1.93 -4.88
C PRO A 113 -11.15 -1.94 -3.55
N ILE A 114 -11.12 -0.80 -2.88
CA ILE A 114 -10.57 -0.66 -1.54
C ILE A 114 -11.37 -1.54 -0.58
N SER A 115 -10.75 -1.96 0.51
CA SER A 115 -11.38 -2.79 1.52
C SER A 115 -11.04 -2.25 2.90
N ASN A 116 -11.93 -2.46 3.86
CA ASN A 116 -11.79 -2.03 5.25
C ASN A 116 -12.49 -3.03 6.15
N GLY A 117 -12.40 -2.83 7.46
CA GLY A 117 -13.12 -3.56 8.49
C GLY A 117 -13.13 -2.72 9.76
N GLN A 118 -13.78 -3.22 10.81
CA GLN A 118 -13.80 -2.55 12.09
C GLN A 118 -12.39 -2.63 12.70
N PRO A 119 -11.97 -1.61 13.45
CA PRO A 119 -10.62 -1.55 13.98
C PRO A 119 -10.39 -2.61 15.04
N THR A 120 -9.13 -3.02 15.17
CA THR A 120 -8.62 -3.54 16.41
C THR A 120 -8.36 -2.35 17.34
N THR A 121 -8.51 -2.54 18.64
CA THR A 121 -7.99 -1.67 19.67
C THR A 121 -7.00 -2.53 20.45
N GLY A 122 -5.85 -1.96 20.78
CA GLY A 122 -4.78 -2.53 21.56
C GLY A 122 -4.77 -1.93 22.95
N ASP A 123 -3.58 -1.88 23.54
CA ASP A 123 -3.35 -1.33 24.88
C ASP A 123 -3.82 0.11 24.99
N ALA A 124 -3.51 0.90 23.96
CA ALA A 124 -3.75 2.33 23.79
C ALA A 124 -3.35 2.69 22.37
N ASP A 125 -3.71 1.83 21.42
CA ASP A 125 -3.78 2.17 20.04
C ASP A 125 -5.03 1.59 19.41
N HIS A 126 -5.40 2.13 18.25
CA HIS A 126 -6.34 1.50 17.35
C HIS A 126 -5.64 1.31 16.02
N THR A 127 -6.09 0.33 15.25
CA THR A 127 -5.62 0.08 13.90
C THR A 127 -6.81 -0.45 13.13
N VAL A 128 -7.27 0.30 12.14
CA VAL A 128 -8.19 -0.27 11.18
C VAL A 128 -7.41 -1.23 10.28
N PRO A 129 -8.05 -2.34 9.86
CA PRO A 129 -7.57 -3.18 8.78
C PRO A 129 -7.88 -2.48 7.46
N ILE A 130 -6.88 -2.33 6.59
CA ILE A 130 -7.04 -1.92 5.19
C ILE A 130 -6.09 -2.82 4.41
N SER A 131 -6.56 -3.35 3.28
CA SER A 131 -5.72 -4.11 2.35
C SER A 131 -6.41 -4.29 0.99
N LEU A 132 -5.67 -4.68 -0.04
CA LEU A 132 -6.12 -4.94 -1.41
C LEU A 132 -5.14 -5.89 -2.09
N GLY A 133 -5.55 -6.57 -3.17
CA GLY A 133 -4.76 -7.61 -3.83
C GLY A 133 -4.72 -7.37 -5.33
N TYR A 134 -3.64 -6.75 -5.80
CA TYR A 134 -3.44 -6.36 -7.18
C TYR A 134 -2.89 -7.52 -8.00
N ASP A 135 -3.00 -7.42 -9.32
CA ASP A 135 -2.27 -8.29 -10.25
C ASP A 135 -1.54 -7.38 -11.25
N VAL A 136 -0.72 -8.01 -12.09
CA VAL A 136 -0.03 -7.40 -13.20
C VAL A 136 -0.84 -7.67 -14.49
N GLN A 137 -0.46 -7.05 -15.60
CA GLN A 137 -1.03 -7.25 -16.92
C GLN A 137 0.08 -7.02 -17.94
N PHE A 138 -0.26 -7.14 -19.22
CA PHE A 138 0.56 -6.72 -20.34
C PHE A 138 -0.38 -6.19 -21.42
N TYR A 139 0.18 -5.50 -22.39
CA TYR A 139 -0.49 -4.85 -23.53
C TYR A 139 0.33 -5.13 -24.80
N PRO A 140 -0.23 -4.91 -26.01
CA PRO A 140 0.60 -4.84 -27.21
C PRO A 140 1.51 -3.61 -27.13
N GLU A 141 2.73 -3.78 -27.66
CA GLU A 141 3.90 -2.92 -27.47
C GLU A 141 4.11 -2.50 -26.03
N GLY A 1 17.04 -7.04 -9.79
CA GLY A 1 16.15 -7.27 -10.93
C GLY A 1 15.40 -6.02 -11.32
N MET A 2 14.97 -5.97 -12.58
CA MET A 2 14.32 -4.82 -13.19
C MET A 2 13.01 -5.25 -13.86
N SER A 3 12.06 -5.74 -13.05
CA SER A 3 10.70 -6.03 -13.49
C SER A 3 9.72 -5.97 -12.30
N GLN A 4 9.57 -7.02 -11.50
CA GLN A 4 8.64 -7.02 -10.37
C GLN A 4 8.89 -5.86 -9.39
N ASP A 5 10.16 -5.45 -9.28
CA ASP A 5 10.63 -4.34 -8.45
C ASP A 5 10.16 -3.00 -8.98
N LEU A 6 10.51 -2.71 -10.23
CA LEU A 6 10.14 -1.47 -10.90
C LEU A 6 8.61 -1.36 -10.86
N ILE A 7 7.88 -2.45 -11.14
CA ILE A 7 6.43 -2.54 -10.96
C ILE A 7 5.99 -1.96 -9.61
N ARG A 8 6.43 -2.49 -8.46
CA ARG A 8 6.02 -1.95 -7.17
C ARG A 8 6.43 -0.49 -6.99
N ALA A 9 7.55 -0.07 -7.58
CA ALA A 9 8.04 1.29 -7.42
C ALA A 9 7.04 2.35 -7.95
N ALA A 10 6.11 2.01 -8.85
CA ALA A 10 5.04 2.93 -9.24
C ALA A 10 3.93 3.06 -8.19
N PHE A 11 3.77 2.10 -7.28
CA PHE A 11 2.88 2.23 -6.14
C PHE A 11 3.49 3.27 -5.19
N GLU A 12 4.80 3.17 -4.93
CA GLU A 12 5.54 4.13 -4.14
C GLU A 12 5.40 5.53 -4.74
N LYS A 13 5.43 5.67 -6.07
CA LYS A 13 5.31 6.96 -6.74
C LYS A 13 4.03 7.63 -6.29
N ARG A 14 2.95 6.85 -6.19
CA ARG A 14 1.67 7.37 -5.77
C ARG A 14 1.68 7.69 -4.28
N LEU A 15 1.99 6.70 -3.43
CA LEU A 15 1.85 6.83 -1.99
C LEU A 15 2.82 7.85 -1.42
N SER A 16 4.06 7.91 -1.92
CA SER A 16 5.10 8.82 -1.48
C SER A 16 4.66 10.25 -1.78
N ASP A 17 4.34 10.54 -3.06
CA ASP A 17 3.93 11.88 -3.51
C ASP A 17 2.71 12.36 -2.74
N TRP A 18 1.78 11.48 -2.39
CA TRP A 18 0.67 11.83 -1.52
C TRP A 18 1.17 12.13 -0.13
N ALA A 19 1.92 11.21 0.50
CA ALA A 19 2.24 11.28 1.91
C ALA A 19 2.95 12.58 2.24
N LYS A 20 3.98 12.92 1.46
CA LYS A 20 4.78 14.14 1.58
C LYS A 20 4.00 15.41 1.25
N ALA A 21 2.87 15.32 0.56
CA ALA A 21 2.09 16.45 0.07
C ALA A 21 0.79 16.65 0.84
N ARG A 22 0.35 15.65 1.60
CA ARG A 22 -0.76 15.80 2.53
C ARG A 22 -0.38 16.88 3.53
N THR A 23 -1.40 17.46 4.13
CA THR A 23 -1.22 18.54 5.08
C THR A 23 -0.46 18.09 6.35
N PRO A 24 -0.94 17.12 7.15
CA PRO A 24 -0.22 16.70 8.33
C PRO A 24 1.15 16.07 8.06
N ALA A 25 1.40 15.68 6.81
CA ALA A 25 2.52 14.91 6.28
C ALA A 25 2.90 13.65 7.10
N LEU A 26 2.75 12.46 6.53
CA LEU A 26 2.88 11.20 7.26
C LEU A 26 4.10 10.40 6.77
N PRO A 27 4.82 9.67 7.65
CA PRO A 27 5.92 8.80 7.25
C PRO A 27 5.39 7.45 6.74
N VAL A 28 6.21 6.78 5.93
CA VAL A 28 5.83 5.62 5.15
C VAL A 28 6.94 4.58 5.27
N ALA A 29 6.88 3.72 6.29
CA ALA A 29 7.89 2.72 6.58
C ALA A 29 7.75 1.52 5.62
N TRP A 30 8.33 1.62 4.42
CA TRP A 30 8.35 0.54 3.43
C TRP A 30 9.15 -0.67 3.91
N GLN A 31 9.13 -1.74 3.13
CA GLN A 31 9.94 -2.92 3.37
C GLN A 31 11.41 -2.56 3.26
N ASN A 32 12.22 -3.26 4.04
CA ASN A 32 13.69 -3.19 4.11
C ASN A 32 14.21 -1.75 4.33
N THR A 33 13.36 -0.80 4.72
CA THR A 33 13.68 0.62 4.80
C THR A 33 14.49 0.93 6.07
N LYS A 34 14.73 2.23 6.28
CA LYS A 34 15.30 2.86 7.45
C LYS A 34 14.31 3.91 7.97
N PHE A 35 13.78 3.72 9.18
CA PHE A 35 12.66 4.51 9.68
C PHE A 35 12.67 4.67 11.20
N THR A 36 11.69 5.46 11.68
CA THR A 36 11.33 5.73 13.07
C THR A 36 12.31 6.75 13.71
N PRO A 37 11.89 7.55 14.71
CA PRO A 37 10.57 7.55 15.36
C PRO A 37 9.46 8.00 14.39
N PRO A 38 8.19 7.71 14.70
CA PRO A 38 7.06 8.09 13.85
C PRO A 38 6.86 9.60 13.80
N ALA A 39 5.82 10.03 13.09
CA ALA A 39 5.26 11.37 13.23
C ALA A 39 4.46 11.39 14.52
N ALA A 40 5.21 11.47 15.61
CA ALA A 40 4.72 11.71 16.97
C ALA A 40 3.60 10.72 17.36
N GLY A 41 3.76 9.44 16.99
CA GLY A 41 2.85 8.35 17.31
C GLY A 41 2.05 7.84 16.11
N VAL A 42 2.23 8.44 14.93
CA VAL A 42 1.47 8.16 13.72
C VAL A 42 2.45 7.75 12.60
N TYR A 43 2.20 6.61 11.95
CA TYR A 43 2.97 6.20 10.76
C TYR A 43 2.21 5.15 9.95
N LEU A 44 2.66 4.91 8.71
CA LEU A 44 2.17 3.82 7.86
C LEU A 44 3.22 2.72 7.77
N ARG A 45 2.74 1.48 7.61
CA ARG A 45 3.55 0.26 7.51
C ARG A 45 3.20 -0.44 6.20
N ALA A 46 3.43 0.23 5.08
CA ALA A 46 3.07 -0.29 3.77
C ALA A 46 4.01 -1.45 3.44
N TYR A 47 3.48 -2.64 3.20
CA TYR A 47 4.16 -3.90 3.00
C TYR A 47 3.52 -4.62 1.81
N VAL A 48 4.24 -4.67 0.69
CA VAL A 48 3.87 -5.40 -0.51
C VAL A 48 4.27 -6.86 -0.30
N MET A 49 3.35 -7.64 0.27
CA MET A 49 3.49 -9.08 0.42
C MET A 49 3.61 -9.76 -0.95
N PRO A 50 4.25 -10.94 -1.01
CA PRO A 50 4.48 -11.66 -2.26
C PRO A 50 3.22 -12.40 -2.71
N ALA A 51 3.30 -13.00 -3.89
CA ALA A 51 2.29 -13.86 -4.50
C ALA A 51 2.10 -15.23 -3.81
N ALA A 52 2.24 -15.28 -2.48
CA ALA A 52 2.06 -16.43 -1.61
C ALA A 52 2.74 -17.70 -2.15
N THR A 53 4.08 -17.72 -2.11
CA THR A 53 4.85 -18.88 -2.51
C THR A 53 4.57 -20.02 -1.54
N ILE A 54 3.99 -21.12 -2.03
CA ILE A 54 3.83 -22.37 -1.32
C ILE A 54 4.14 -23.46 -2.33
N SER A 55 4.87 -24.48 -1.89
CA SER A 55 5.25 -25.62 -2.71
C SER A 55 4.06 -26.56 -2.91
N ARG A 56 4.29 -27.60 -3.70
CA ARG A 56 3.37 -28.37 -4.51
C ARG A 56 3.00 -27.54 -5.75
N ASP A 57 3.46 -28.02 -6.91
CA ASP A 57 3.30 -27.46 -8.26
C ASP A 57 1.82 -27.35 -8.64
N ALA A 58 1.50 -26.98 -9.89
CA ALA A 58 0.14 -26.72 -10.36
C ALA A 58 -0.55 -25.59 -9.58
N ALA A 59 0.27 -24.79 -8.89
CA ALA A 59 -0.12 -23.70 -8.01
C ALA A 59 -0.84 -22.60 -8.77
N GLY A 60 -1.44 -21.67 -8.02
CA GLY A 60 -2.16 -20.50 -8.50
C GLY A 60 -1.22 -19.36 -8.76
N ASP A 61 -0.19 -19.65 -9.53
CA ASP A 61 0.91 -18.82 -9.96
C ASP A 61 1.49 -19.55 -11.17
N HIS A 62 1.72 -18.86 -12.29
CA HIS A 62 2.27 -19.50 -13.50
C HIS A 62 2.85 -18.52 -14.50
N ARG A 63 2.35 -17.31 -14.50
CA ARG A 63 2.72 -16.19 -15.35
C ARG A 63 2.23 -14.94 -14.63
N GLN A 64 2.58 -13.76 -15.12
CA GLN A 64 2.40 -12.47 -14.49
C GLN A 64 2.83 -12.50 -13.01
N TYR A 65 2.42 -11.50 -12.24
CA TYR A 65 2.78 -11.29 -10.84
C TYR A 65 1.51 -11.26 -9.99
N ARG A 66 1.63 -11.13 -8.67
CA ARG A 66 0.50 -11.02 -7.74
C ARG A 66 1.03 -10.61 -6.36
N GLY A 67 0.15 -10.41 -5.38
CA GLY A 67 0.49 -10.15 -4.00
C GLY A 67 -0.62 -9.34 -3.34
N VAL A 68 -0.41 -8.94 -2.10
CA VAL A 68 -1.33 -8.07 -1.36
C VAL A 68 -0.51 -6.91 -0.83
N PHE A 69 -0.96 -5.69 -1.08
CA PHE A 69 -0.43 -4.50 -0.46
C PHE A 69 -1.14 -4.34 0.87
N GLN A 70 -0.44 -4.60 1.97
CA GLN A 70 -0.85 -4.32 3.33
C GLN A 70 -0.40 -2.90 3.66
N VAL A 71 -1.22 -2.11 4.35
CA VAL A 71 -0.81 -0.87 4.97
C VAL A 71 -1.62 -0.76 6.26
N ASN A 72 -0.98 -0.44 7.39
CA ASN A 72 -1.70 -0.18 8.64
C ASN A 72 -1.56 1.28 9.03
N VAL A 73 -2.64 1.83 9.59
CA VAL A 73 -2.85 3.25 9.83
C VAL A 73 -2.97 3.45 11.34
N VAL A 74 -1.86 3.22 12.05
CA VAL A 74 -1.79 3.33 13.51
C VAL A 74 -1.79 4.81 13.93
N MET A 75 -2.64 5.17 14.91
CA MET A 75 -2.70 6.47 15.56
C MET A 75 -2.64 6.27 17.07
N PRO A 76 -2.16 7.24 17.86
CA PRO A 76 -2.30 7.21 19.32
C PRO A 76 -3.74 7.59 19.68
N ILE A 77 -4.05 7.62 20.97
CA ILE A 77 -5.33 8.08 21.48
C ILE A 77 -5.05 9.20 22.48
N GLY A 78 -4.89 10.42 21.98
CA GLY A 78 -4.76 11.63 22.78
C GLY A 78 -6.13 12.20 23.14
N ASP A 79 -7.11 11.33 23.37
CA ASP A 79 -8.56 11.49 23.34
C ASP A 79 -9.07 11.93 21.98
N GLY A 80 -10.12 11.25 21.50
CA GLY A 80 -10.87 11.66 20.32
C GLY A 80 -10.00 11.72 19.06
N SER A 81 -9.22 10.66 18.82
CA SER A 81 -8.30 10.62 17.69
C SER A 81 -9.08 10.62 16.38
N ARG A 82 -9.94 9.60 16.18
CA ARG A 82 -10.95 9.45 15.12
C ARG A 82 -10.44 9.52 13.66
N SER A 83 -9.14 9.67 13.45
CA SER A 83 -8.51 9.90 12.17
C SER A 83 -8.59 8.70 11.21
N ALA A 84 -8.88 7.48 11.69
CA ALA A 84 -8.94 6.29 10.84
C ALA A 84 -9.84 6.52 9.63
N GLU A 85 -11.06 6.98 9.88
CA GLU A 85 -12.09 7.02 8.87
C GLU A 85 -11.78 8.07 7.81
N GLN A 86 -11.28 9.21 8.27
CA GLN A 86 -10.83 10.33 7.47
C GLN A 86 -9.74 9.87 6.51
N VAL A 87 -8.69 9.25 7.05
CA VAL A 87 -7.52 8.83 6.30
C VAL A 87 -7.89 7.73 5.31
N ALA A 88 -8.72 6.76 5.71
CA ALA A 88 -9.13 5.67 4.84
C ALA A 88 -9.87 6.15 3.58
N ALA A 89 -10.46 7.34 3.61
CA ALA A 89 -11.09 7.96 2.45
C ALA A 89 -10.09 8.77 1.61
N GLU A 90 -9.04 9.32 2.21
CA GLU A 90 -7.97 10.01 1.48
C GLU A 90 -7.20 9.01 0.63
N LEU A 91 -6.65 7.97 1.26
CA LEU A 91 -5.93 6.91 0.57
C LEU A 91 -6.78 6.19 -0.48
N ASP A 92 -8.12 6.19 -0.34
CA ASP A 92 -9.03 5.54 -1.26
C ASP A 92 -9.26 6.39 -2.50
N ALA A 93 -9.52 7.69 -2.34
CA ALA A 93 -9.62 8.60 -3.46
C ALA A 93 -8.30 8.65 -4.24
N LEU A 94 -7.18 8.43 -3.55
CA LEU A 94 -5.85 8.33 -4.13
C LEU A 94 -5.69 7.02 -4.93
N PHE A 95 -6.32 5.92 -4.52
CA PHE A 95 -6.18 4.59 -5.13
C PHE A 95 -7.54 4.06 -5.63
N PRO A 96 -8.13 4.63 -6.71
CA PRO A 96 -9.35 4.12 -7.31
C PRO A 96 -9.09 2.82 -8.09
N VAL A 97 -10.15 2.07 -8.39
CA VAL A 97 -10.09 0.65 -8.77
C VAL A 97 -9.37 0.35 -10.10
N ASN A 98 -9.15 1.38 -10.90
CA ASN A 98 -8.48 1.23 -12.18
C ASN A 98 -6.97 1.31 -11.99
N LEU A 99 -6.53 2.25 -11.15
CA LEU A 99 -5.15 2.53 -10.78
C LEU A 99 -4.21 2.52 -11.98
N VAL A 100 -4.54 3.30 -13.01
CA VAL A 100 -3.84 3.27 -14.28
C VAL A 100 -2.43 3.86 -14.07
N MET A 101 -1.41 3.03 -13.80
CA MET A 101 -0.03 3.45 -13.64
C MET A 101 0.86 2.68 -14.61
N GLN A 102 1.85 3.36 -15.19
CA GLN A 102 2.89 2.77 -16.02
C GLN A 102 4.22 3.02 -15.31
N SER A 103 4.77 1.98 -14.69
CA SER A 103 6.11 2.01 -14.08
C SER A 103 7.19 2.06 -15.19
N GLY A 104 8.46 2.03 -14.83
CA GLY A 104 9.62 2.07 -15.72
C GLY A 104 9.81 0.81 -16.58
N GLY A 105 8.74 0.06 -16.84
CA GLY A 105 8.75 -1.34 -17.23
C GLY A 105 7.60 -1.57 -18.19
N LEU A 106 6.38 -1.75 -17.66
CA LEU A 106 5.21 -2.03 -18.48
C LEU A 106 4.04 -1.22 -17.95
N ALA A 107 3.30 -1.76 -16.99
CA ALA A 107 2.24 -1.13 -16.23
C ALA A 107 1.87 -2.08 -15.09
N VAL A 108 0.85 -1.72 -14.32
CA VAL A 108 0.26 -2.51 -13.24
C VAL A 108 -1.06 -1.84 -12.84
N ARG A 109 -1.98 -2.61 -12.23
CA ARG A 109 -3.24 -2.04 -11.69
C ARG A 109 -3.59 -2.63 -10.34
N VAL A 110 -4.54 -2.00 -9.66
CA VAL A 110 -4.97 -2.40 -8.31
C VAL A 110 -5.87 -3.63 -8.32
N ARG A 111 -6.58 -3.88 -9.43
CA ARG A 111 -7.50 -5.01 -9.67
C ARG A 111 -8.78 -4.87 -8.85
N THR A 112 -8.68 -4.90 -7.53
CA THR A 112 -9.82 -4.92 -6.63
C THR A 112 -9.92 -3.57 -5.89
N PRO A 113 -11.11 -3.17 -5.40
CA PRO A 113 -11.29 -1.90 -4.72
C PRO A 113 -10.64 -1.96 -3.34
N ILE A 114 -10.26 -0.80 -2.79
CA ILE A 114 -9.66 -0.63 -1.45
C ILE A 114 -10.48 -1.41 -0.41
N SER A 115 -9.80 -2.22 0.41
CA SER A 115 -10.47 -2.85 1.55
C SER A 115 -10.60 -1.88 2.72
N ASN A 116 -11.32 -2.30 3.76
CA ASN A 116 -11.68 -1.59 4.97
C ASN A 116 -12.12 -2.68 5.94
N GLY A 117 -11.99 -2.50 7.24
CA GLY A 117 -12.68 -3.32 8.21
C GLY A 117 -12.84 -2.62 9.55
N GLN A 118 -13.51 -3.31 10.49
CA GLN A 118 -13.54 -2.92 11.88
C GLN A 118 -12.11 -2.87 12.42
N PRO A 119 -11.79 -1.94 13.34
CA PRO A 119 -10.45 -1.78 13.86
C PRO A 119 -10.02 -2.93 14.77
N THR A 120 -8.80 -2.84 15.28
CA THR A 120 -8.15 -3.83 16.13
C THR A 120 -7.36 -3.10 17.24
N THR A 121 -7.94 -1.99 17.69
CA THR A 121 -7.49 -1.00 18.65
C THR A 121 -6.85 -1.67 19.87
N GLY A 122 -5.69 -1.17 20.28
CA GLY A 122 -4.93 -1.62 21.41
C GLY A 122 -4.96 -0.61 22.54
N ASP A 123 -4.03 -0.82 23.47
CA ASP A 123 -4.00 -0.21 24.80
C ASP A 123 -4.27 1.28 24.78
N ALA A 124 -3.64 1.99 23.83
CA ALA A 124 -3.79 3.42 23.62
C ALA A 124 -3.47 3.76 22.15
N ASP A 125 -3.72 2.85 21.22
CA ASP A 125 -3.67 3.10 19.79
C ASP A 125 -4.93 2.54 19.14
N HIS A 126 -5.39 3.17 18.05
CA HIS A 126 -6.32 2.53 17.14
C HIS A 126 -5.60 2.29 15.81
N THR A 127 -6.03 1.23 15.13
CA THR A 127 -5.62 0.91 13.78
C THR A 127 -6.82 0.19 13.15
N VAL A 128 -7.24 0.68 12.00
CA VAL A 128 -8.15 0.02 11.09
C VAL A 128 -7.36 -0.78 10.04
N PRO A 129 -7.88 -1.95 9.62
CA PRO A 129 -7.30 -2.75 8.56
C PRO A 129 -7.62 -2.15 7.18
N ILE A 130 -6.60 -2.01 6.33
CA ILE A 130 -6.70 -1.59 4.93
C ILE A 130 -5.69 -2.43 4.16
N SER A 131 -6.07 -2.89 2.96
CA SER A 131 -5.19 -3.60 2.04
C SER A 131 -5.83 -3.63 0.63
N LEU A 132 -5.17 -4.28 -0.33
CA LEU A 132 -5.67 -4.55 -1.69
C LEU A 132 -4.80 -5.62 -2.38
N GLY A 133 -5.32 -6.32 -3.39
CA GLY A 133 -4.62 -7.46 -4.03
C GLY A 133 -4.53 -7.30 -5.54
N TYR A 134 -3.41 -6.76 -6.00
CA TYR A 134 -3.08 -6.47 -7.40
C TYR A 134 -2.79 -7.75 -8.19
N ASP A 135 -2.53 -7.61 -9.50
CA ASP A 135 -2.13 -8.73 -10.38
C ASP A 135 -1.12 -8.41 -11.48
N VAL A 136 -0.95 -7.14 -11.81
CA VAL A 136 -0.11 -6.48 -12.82
C VAL A 136 -0.74 -6.63 -14.21
N GLN A 137 -0.13 -5.91 -15.13
CA GLN A 137 -0.39 -5.91 -16.54
C GLN A 137 0.94 -6.30 -17.17
N PHE A 138 0.90 -7.37 -17.94
CA PHE A 138 1.86 -7.71 -18.98
C PHE A 138 1.06 -7.60 -20.27
N TYR A 139 1.43 -6.68 -21.14
CA TYR A 139 0.98 -6.73 -22.53
C TYR A 139 1.72 -7.88 -23.23
N PRO A 140 1.21 -8.37 -24.38
CA PRO A 140 2.02 -9.16 -25.29
C PRO A 140 3.12 -8.25 -25.85
N GLU A 141 4.24 -8.84 -26.20
CA GLU A 141 5.44 -8.15 -26.69
C GLU A 141 5.61 -8.50 -28.15
N GLY A 1 15.61 -8.19 -17.21
CA GLY A 1 14.99 -7.98 -15.89
C GLY A 1 13.99 -6.85 -16.00
N MET A 2 14.33 -5.68 -15.44
CA MET A 2 13.63 -4.42 -15.65
C MET A 2 12.12 -4.61 -15.45
N SER A 3 11.73 -5.08 -14.27
CA SER A 3 10.36 -5.45 -14.00
C SER A 3 10.05 -5.13 -12.54
N GLN A 4 10.34 -6.01 -11.56
CA GLN A 4 9.83 -5.84 -10.21
C GLN A 4 10.41 -4.58 -9.54
N ASP A 5 11.62 -4.19 -9.96
CA ASP A 5 12.30 -2.92 -9.63
C ASP A 5 11.36 -1.75 -9.90
N LEU A 6 10.88 -1.65 -11.15
CA LEU A 6 10.00 -0.59 -11.57
C LEU A 6 8.66 -0.68 -10.89
N ILE A 7 8.05 -1.86 -10.89
CA ILE A 7 6.75 -2.07 -10.27
C ILE A 7 6.81 -1.54 -8.83
N ARG A 8 7.79 -1.96 -8.02
CA ARG A 8 8.03 -1.43 -6.67
C ARG A 8 8.16 0.09 -6.71
N ALA A 9 9.01 0.62 -7.59
CA ALA A 9 9.22 2.05 -7.75
C ALA A 9 7.94 2.83 -8.10
N ALA A 10 6.93 2.19 -8.70
CA ALA A 10 5.64 2.83 -8.99
C ALA A 10 4.75 2.85 -7.75
N PHE A 11 4.87 1.87 -6.85
CA PHE A 11 4.06 1.83 -5.64
C PHE A 11 4.31 3.09 -4.82
N GLU A 12 5.57 3.47 -4.63
CA GLU A 12 5.89 4.68 -3.89
C GLU A 12 5.56 5.96 -4.65
N LYS A 13 5.55 5.93 -5.98
CA LYS A 13 5.26 7.11 -6.79
C LYS A 13 3.82 7.54 -6.67
N ARG A 14 2.94 6.62 -6.31
CA ARG A 14 1.65 6.96 -5.73
C ARG A 14 1.80 7.26 -4.24
N LEU A 15 2.18 6.27 -3.44
CA LEU A 15 1.95 6.30 -1.99
C LEU A 15 2.75 7.42 -1.30
N SER A 16 4.06 7.51 -1.55
CA SER A 16 4.95 8.51 -0.95
C SER A 16 4.48 9.91 -1.35
N ASP A 17 4.24 10.09 -2.65
CA ASP A 17 3.86 11.35 -3.25
C ASP A 17 2.49 11.81 -2.74
N TRP A 18 1.55 10.91 -2.48
CA TRP A 18 0.33 11.28 -1.75
C TRP A 18 0.69 11.65 -0.33
N ALA A 19 1.44 10.79 0.35
CA ALA A 19 1.64 10.90 1.78
C ALA A 19 2.19 12.26 2.16
N LYS A 20 3.18 12.76 1.40
CA LYS A 20 3.79 14.07 1.57
C LYS A 20 2.87 15.23 1.13
N ALA A 21 2.02 15.01 0.12
CA ALA A 21 1.11 16.01 -0.42
C ALA A 21 -0.22 16.03 0.34
N ARG A 22 -0.37 15.22 1.39
CA ARG A 22 -1.42 15.42 2.36
C ARG A 22 -1.04 16.61 3.24
N THR A 23 -2.02 17.17 3.93
CA THR A 23 -1.83 18.15 4.97
C THR A 23 -0.78 17.69 6.01
N PRO A 24 -1.03 16.64 6.83
CA PRO A 24 -0.13 16.29 7.93
C PRO A 24 1.22 15.72 7.49
N ALA A 25 1.33 15.44 6.20
CA ALA A 25 2.47 14.89 5.48
C ALA A 25 3.15 13.72 6.20
N LEU A 26 2.69 12.50 5.90
CA LEU A 26 3.05 11.29 6.63
C LEU A 26 4.27 10.59 5.98
N PRO A 27 5.07 9.80 6.73
CA PRO A 27 6.16 8.99 6.17
C PRO A 27 5.61 7.72 5.50
N VAL A 28 6.45 6.82 4.96
CA VAL A 28 5.99 5.53 4.43
C VAL A 28 7.02 4.44 4.78
N ALA A 29 6.80 3.69 5.86
CA ALA A 29 7.64 2.55 6.22
C ALA A 29 7.25 1.34 5.36
N TRP A 30 7.97 1.10 4.26
CA TRP A 30 7.88 -0.10 3.45
C TRP A 30 8.42 -1.35 4.17
N GLN A 31 8.38 -2.51 3.50
CA GLN A 31 8.98 -3.75 3.99
C GLN A 31 10.48 -3.59 4.16
N ASN A 32 11.04 -4.16 5.24
CA ASN A 32 12.47 -4.27 5.53
C ASN A 32 13.21 -2.95 5.25
N THR A 33 12.52 -1.85 5.52
CA THR A 33 13.02 -0.49 5.41
C THR A 33 13.72 -0.15 6.74
N LYS A 34 14.15 1.09 6.91
CA LYS A 34 14.62 1.66 8.16
C LYS A 34 14.06 3.08 8.21
N PHE A 35 12.97 3.29 8.93
CA PHE A 35 12.23 4.56 8.97
C PHE A 35 11.80 4.82 10.40
N THR A 36 12.51 5.70 11.10
CA THR A 36 12.15 6.07 12.46
C THR A 36 12.83 7.41 12.85
N PRO A 37 12.32 8.15 13.84
CA PRO A 37 11.10 7.87 14.60
C PRO A 37 9.84 7.97 13.72
N PRO A 38 8.66 7.53 14.19
CA PRO A 38 7.40 7.78 13.50
C PRO A 38 7.07 9.28 13.49
N ALA A 39 5.95 9.62 12.86
CA ALA A 39 5.39 10.96 12.93
C ALA A 39 4.62 11.12 14.23
N ALA A 40 5.36 11.14 15.34
CA ALA A 40 4.88 11.28 16.72
C ALA A 40 3.67 10.39 16.98
N GLY A 41 3.90 9.08 17.05
CA GLY A 41 2.87 8.08 17.33
C GLY A 41 2.14 7.58 16.10
N VAL A 42 2.33 8.22 14.95
CA VAL A 42 1.57 7.95 13.73
C VAL A 42 2.49 7.40 12.65
N TYR A 43 2.06 6.30 12.01
CA TYR A 43 2.65 5.78 10.79
C TYR A 43 1.66 4.85 10.07
N LEU A 44 1.95 4.57 8.81
CA LEU A 44 1.20 3.74 7.87
C LEU A 44 2.15 2.63 7.48
N ARG A 45 1.95 1.45 8.07
CA ARG A 45 2.90 0.34 7.98
C ARG A 45 2.69 -0.40 6.66
N ALA A 46 3.24 0.16 5.59
CA ALA A 46 3.01 -0.23 4.21
C ALA A 46 3.69 -1.57 3.91
N TYR A 47 2.95 -2.66 3.71
CA TYR A 47 3.49 -3.99 3.54
C TYR A 47 2.91 -4.66 2.29
N VAL A 48 3.61 -4.47 1.17
CA VAL A 48 3.38 -5.05 -0.16
C VAL A 48 3.91 -6.49 -0.20
N MET A 49 3.16 -7.36 0.46
CA MET A 49 3.20 -8.83 0.46
C MET A 49 3.30 -9.40 -0.97
N PRO A 50 4.52 -9.62 -1.51
CA PRO A 50 4.69 -10.07 -2.89
C PRO A 50 4.10 -11.46 -3.10
N ALA A 51 4.14 -11.95 -4.34
CA ALA A 51 3.80 -13.32 -4.68
C ALA A 51 4.89 -14.27 -4.16
N ALA A 52 4.81 -14.61 -2.87
CA ALA A 52 5.71 -15.43 -2.06
C ALA A 52 7.09 -14.79 -1.88
N THR A 53 7.61 -14.82 -0.65
CA THR A 53 8.95 -14.32 -0.33
C THR A 53 10.00 -15.45 -0.35
N ILE A 54 10.03 -16.29 -1.40
CA ILE A 54 10.91 -17.47 -1.46
C ILE A 54 11.85 -17.41 -2.68
N SER A 55 11.93 -16.25 -3.31
CA SER A 55 12.66 -16.00 -4.55
C SER A 55 12.59 -14.50 -4.86
N ARG A 56 13.34 -14.04 -5.87
CA ARG A 56 13.36 -12.66 -6.35
C ARG A 56 13.35 -12.60 -7.88
N ASP A 57 12.65 -13.55 -8.51
CA ASP A 57 12.48 -13.65 -9.95
C ASP A 57 11.77 -12.41 -10.51
N ALA A 58 12.15 -12.00 -11.72
CA ALA A 58 11.66 -10.83 -12.45
C ALA A 58 12.25 -10.84 -13.88
N ALA A 59 11.80 -11.72 -14.78
CA ALA A 59 12.38 -11.93 -16.12
C ALA A 59 11.53 -11.31 -17.25
N GLY A 60 10.40 -10.68 -16.95
CA GLY A 60 9.44 -10.21 -17.95
C GLY A 60 8.93 -11.36 -18.78
N ASP A 61 8.79 -12.55 -18.19
CA ASP A 61 8.48 -13.77 -18.91
C ASP A 61 7.82 -14.76 -17.97
N HIS A 62 8.62 -15.41 -17.13
CA HIS A 62 8.17 -16.52 -16.34
C HIS A 62 7.24 -16.01 -15.26
N ARG A 63 5.98 -16.49 -15.25
CA ARG A 63 4.98 -16.11 -14.27
C ARG A 63 4.80 -14.59 -14.17
N GLN A 64 4.09 -14.13 -13.15
CA GLN A 64 3.55 -12.79 -13.08
C GLN A 64 3.40 -12.38 -11.60
N TYR A 65 3.11 -11.11 -11.36
CA TYR A 65 3.10 -10.51 -10.02
C TYR A 65 1.68 -10.48 -9.47
N ARG A 66 1.46 -11.12 -8.33
CA ARG A 66 0.15 -11.11 -7.66
C ARG A 66 0.41 -10.97 -6.16
N GLY A 67 0.20 -9.78 -5.63
CA GLY A 67 0.54 -9.48 -4.24
C GLY A 67 -0.66 -8.93 -3.51
N VAL A 68 -0.51 -8.68 -2.22
CA VAL A 68 -1.47 -7.98 -1.38
C VAL A 68 -0.69 -6.87 -0.70
N PHE A 69 -1.27 -5.68 -0.68
CA PHE A 69 -0.76 -4.59 0.12
C PHE A 69 -1.46 -4.68 1.49
N GLN A 70 -0.84 -4.12 2.52
CA GLN A 70 -1.47 -3.87 3.80
C GLN A 70 -1.01 -2.49 4.22
N VAL A 71 -1.91 -1.66 4.75
CA VAL A 71 -1.53 -0.44 5.44
C VAL A 71 -2.28 -0.44 6.76
N ASN A 72 -1.61 -0.94 7.80
CA ASN A 72 -2.08 -0.75 9.16
C ASN A 72 -1.82 0.72 9.48
N VAL A 73 -2.83 1.57 9.26
CA VAL A 73 -2.86 2.94 9.76
C VAL A 73 -2.84 2.81 11.27
N VAL A 74 -1.79 3.28 11.93
CA VAL A 74 -1.72 3.32 13.38
C VAL A 74 -1.51 4.75 13.80
N MET A 75 -2.34 5.20 14.76
CA MET A 75 -2.31 6.51 15.38
C MET A 75 -2.59 6.26 16.87
N PRO A 76 -2.06 7.07 17.79
CA PRO A 76 -2.17 6.84 19.22
C PRO A 76 -3.61 7.12 19.70
N ILE A 77 -3.87 6.92 20.99
CA ILE A 77 -5.15 7.21 21.62
C ILE A 77 -4.90 8.26 22.70
N GLY A 78 -4.76 9.52 22.29
CA GLY A 78 -4.54 10.64 23.20
C GLY A 78 -5.12 11.93 22.62
N ASP A 79 -4.66 12.33 21.44
CA ASP A 79 -4.95 13.62 20.83
C ASP A 79 -4.93 13.45 19.32
N GLY A 80 -6.13 13.41 18.72
CA GLY A 80 -6.33 13.24 17.28
C GLY A 80 -6.78 11.83 16.86
N SER A 81 -7.25 10.98 17.77
CA SER A 81 -7.40 9.54 17.53
C SER A 81 -8.36 9.23 16.40
N ARG A 82 -9.42 10.04 16.21
CA ARG A 82 -10.34 9.91 15.09
C ARG A 82 -9.70 10.43 13.80
N SER A 83 -8.64 9.76 13.35
CA SER A 83 -7.94 10.04 12.10
C SER A 83 -8.02 8.87 11.12
N ALA A 84 -8.44 7.67 11.58
CA ALA A 84 -8.53 6.48 10.74
C ALA A 84 -9.44 6.70 9.54
N GLU A 85 -10.64 7.23 9.73
CA GLU A 85 -11.65 7.33 8.68
C GLU A 85 -11.23 8.37 7.64
N GLN A 86 -10.59 9.45 8.10
CA GLN A 86 -9.97 10.45 7.25
C GLN A 86 -8.97 9.74 6.32
N VAL A 87 -8.02 9.03 6.90
CA VAL A 87 -6.98 8.31 6.19
C VAL A 87 -7.58 7.27 5.26
N ALA A 88 -8.61 6.54 5.68
CA ALA A 88 -9.28 5.58 4.84
C ALA A 88 -9.87 6.24 3.60
N ALA A 89 -10.45 7.43 3.73
CA ALA A 89 -11.12 8.10 2.60
C ALA A 89 -10.10 8.72 1.64
N GLU A 90 -8.91 9.06 2.13
CA GLU A 90 -7.82 9.57 1.31
C GLU A 90 -7.20 8.42 0.53
N LEU A 91 -6.73 7.41 1.25
CA LEU A 91 -6.13 6.20 0.69
C LEU A 91 -7.04 5.53 -0.32
N ASP A 92 -8.35 5.51 -0.06
CA ASP A 92 -9.37 5.03 -0.98
C ASP A 92 -9.39 5.86 -2.27
N ALA A 93 -9.62 7.17 -2.15
CA ALA A 93 -9.72 8.05 -3.31
C ALA A 93 -8.47 7.99 -4.17
N LEU A 94 -7.29 7.95 -3.52
CA LEU A 94 -5.98 7.98 -4.15
C LEU A 94 -5.61 6.64 -4.78
N PHE A 95 -6.24 5.54 -4.36
CA PHE A 95 -6.09 4.24 -4.97
C PHE A 95 -7.45 3.81 -5.57
N PRO A 96 -7.83 4.37 -6.73
CA PRO A 96 -9.05 3.98 -7.45
C PRO A 96 -8.87 2.61 -8.11
N VAL A 97 -9.95 1.94 -8.52
CA VAL A 97 -9.93 0.52 -8.93
C VAL A 97 -9.21 0.23 -10.25
N ASN A 98 -8.84 1.27 -11.01
CA ASN A 98 -7.96 1.14 -12.17
C ASN A 98 -6.50 1.09 -11.77
N LEU A 99 -6.14 2.00 -10.87
CA LEU A 99 -4.84 2.21 -10.28
C LEU A 99 -3.69 2.15 -11.28
N VAL A 100 -3.61 3.19 -12.12
CA VAL A 100 -2.71 3.34 -13.26
C VAL A 100 -1.25 3.60 -12.85
N MET A 101 -0.69 2.75 -12.00
CA MET A 101 0.72 2.77 -11.59
C MET A 101 1.58 2.22 -12.74
N GLN A 102 1.59 2.92 -13.88
CA GLN A 102 2.65 2.85 -14.86
C GLN A 102 3.96 3.12 -14.14
N SER A 103 4.96 2.32 -14.48
CA SER A 103 6.29 2.29 -13.93
C SER A 103 7.29 2.43 -15.08
N GLY A 104 8.59 2.40 -14.80
CA GLY A 104 9.64 2.32 -15.82
C GLY A 104 9.61 1.09 -16.72
N GLY A 105 8.60 0.22 -16.63
CA GLY A 105 8.67 -1.16 -17.06
C GLY A 105 7.31 -1.61 -17.57
N LEU A 106 6.34 -1.73 -16.66
CA LEU A 106 4.98 -2.20 -16.93
C LEU A 106 4.01 -1.20 -16.29
N ALA A 107 2.74 -1.58 -16.22
CA ALA A 107 1.72 -0.90 -15.45
C ALA A 107 1.11 -1.90 -14.49
N VAL A 108 1.11 -1.58 -13.19
CA VAL A 108 0.30 -2.33 -12.23
C VAL A 108 -1.17 -2.03 -12.52
N ARG A 109 -2.07 -2.88 -12.04
CA ARG A 109 -3.50 -2.60 -11.94
C ARG A 109 -3.86 -3.23 -10.62
N VAL A 110 -4.58 -2.48 -9.79
CA VAL A 110 -4.95 -2.97 -8.47
C VAL A 110 -5.86 -4.19 -8.53
N ARG A 111 -6.58 -4.39 -9.64
CA ARG A 111 -7.61 -5.40 -9.83
C ARG A 111 -8.82 -5.07 -8.98
N THR A 112 -8.69 -5.24 -7.67
CA THR A 112 -9.76 -5.13 -6.71
C THR A 112 -9.97 -3.67 -6.29
N PRO A 113 -11.16 -3.31 -5.79
CA PRO A 113 -11.36 -2.05 -5.09
C PRO A 113 -10.81 -2.18 -3.66
N ILE A 114 -10.73 -1.03 -2.99
CA ILE A 114 -10.20 -0.91 -1.64
C ILE A 114 -11.21 -1.56 -0.70
N SER A 115 -10.71 -2.15 0.39
CA SER A 115 -11.55 -2.59 1.46
C SER A 115 -11.00 -1.98 2.75
N ASN A 116 -11.91 -1.63 3.65
CA ASN A 116 -11.71 -0.98 4.92
C ASN A 116 -12.87 -1.43 5.81
N GLY A 117 -12.58 -1.68 7.08
CA GLY A 117 -13.53 -2.09 8.12
C GLY A 117 -13.38 -1.23 9.36
N GLN A 118 -14.10 -1.56 10.44
CA GLN A 118 -13.96 -0.89 11.73
C GLN A 118 -12.55 -1.19 12.29
N PRO A 119 -11.94 -0.24 13.03
CA PRO A 119 -10.68 -0.48 13.72
C PRO A 119 -10.84 -1.46 14.88
N THR A 120 -9.76 -2.17 15.19
CA THR A 120 -9.72 -3.20 16.24
C THR A 120 -9.18 -2.66 17.58
N THR A 121 -8.98 -1.34 17.67
CA THR A 121 -8.26 -0.69 18.77
C THR A 121 -6.83 -1.29 18.90
N GLY A 122 -6.16 -1.04 20.03
CA GLY A 122 -4.92 -1.64 20.45
C GLY A 122 -4.57 -1.05 21.81
N ASP A 123 -3.41 -1.43 22.32
CA ASP A 123 -2.88 -1.08 23.63
C ASP A 123 -3.05 0.39 23.96
N ALA A 124 -2.55 1.27 23.07
CA ALA A 124 -2.67 2.71 23.18
C ALA A 124 -2.72 3.34 21.79
N ASP A 125 -3.10 2.56 20.77
CA ASP A 125 -3.13 3.00 19.39
C ASP A 125 -4.27 2.25 18.70
N HIS A 126 -4.97 2.87 17.77
CA HIS A 126 -5.99 2.17 16.96
C HIS A 126 -5.34 1.65 15.69
N THR A 127 -5.81 0.53 15.14
CA THR A 127 -5.58 0.12 13.75
C THR A 127 -6.91 -0.11 13.06
N VAL A 128 -7.18 0.62 11.98
CA VAL A 128 -8.10 0.18 10.94
C VAL A 128 -7.40 -0.84 10.04
N PRO A 129 -8.14 -1.86 9.55
CA PRO A 129 -7.75 -2.67 8.43
C PRO A 129 -8.00 -1.86 7.15
N ILE A 130 -7.00 -1.73 6.27
CA ILE A 130 -7.15 -1.13 4.94
C ILE A 130 -6.21 -1.90 4.02
N SER A 131 -6.76 -2.52 2.97
CA SER A 131 -5.95 -3.22 1.98
C SER A 131 -6.68 -3.46 0.66
N LEU A 132 -5.92 -3.91 -0.33
CA LEU A 132 -6.30 -4.31 -1.66
C LEU A 132 -5.32 -5.39 -2.14
N GLY A 133 -5.68 -6.15 -3.17
CA GLY A 133 -4.95 -7.32 -3.67
C GLY A 133 -4.87 -7.24 -5.18
N TYR A 134 -3.64 -7.09 -5.71
CA TYR A 134 -3.33 -6.73 -7.09
C TYR A 134 -2.69 -7.90 -7.84
N ASP A 135 -2.76 -7.84 -9.17
CA ASP A 135 -2.44 -8.92 -10.11
C ASP A 135 -1.62 -8.40 -11.29
N VAL A 136 -1.23 -7.12 -11.26
CA VAL A 136 -0.49 -6.38 -12.29
C VAL A 136 -1.30 -6.35 -13.59
N GLN A 137 -0.74 -5.85 -14.67
CA GLN A 137 -0.96 -6.42 -15.98
C GLN A 137 0.38 -6.44 -16.71
N PHE A 138 0.42 -7.05 -17.91
CA PHE A 138 1.51 -6.93 -18.86
C PHE A 138 1.16 -5.92 -19.97
N TYR A 139 -0.03 -5.30 -19.87
CA TYR A 139 -0.67 -4.36 -20.79
C TYR A 139 -0.56 -4.80 -22.25
N PRO A 140 -1.20 -5.93 -22.64
CA PRO A 140 -1.23 -6.36 -24.03
C PRO A 140 -2.01 -5.37 -24.87
N GLU A 141 -1.63 -5.23 -26.14
CA GLU A 141 -2.50 -4.67 -27.15
C GLU A 141 -3.62 -5.65 -27.46
N GLY A 1 16.62 -2.31 -15.06
CA GLY A 1 15.20 -2.63 -15.09
C GLY A 1 15.00 -4.12 -15.20
N MET A 2 14.16 -4.71 -14.36
CA MET A 2 13.94 -6.16 -14.28
C MET A 2 12.44 -6.46 -14.18
N SER A 3 11.58 -5.65 -14.79
CA SER A 3 10.12 -5.70 -14.66
C SER A 3 9.66 -5.52 -13.20
N GLN A 4 9.71 -6.54 -12.34
CA GLN A 4 9.12 -6.47 -10.99
C GLN A 4 9.72 -5.34 -10.17
N ASP A 5 11.02 -5.09 -10.36
CA ASP A 5 11.78 -3.98 -9.78
C ASP A 5 11.00 -2.67 -9.88
N LEU A 6 10.33 -2.45 -11.02
CA LEU A 6 9.63 -1.24 -11.39
C LEU A 6 8.15 -1.28 -11.00
N ILE A 7 7.55 -2.47 -10.91
CA ILE A 7 6.15 -2.64 -10.54
C ILE A 7 5.92 -2.01 -9.16
N ARG A 8 6.67 -2.48 -8.17
CA ARG A 8 6.66 -1.90 -6.83
C ARG A 8 7.00 -0.42 -6.87
N ALA A 9 7.99 -0.03 -7.69
CA ALA A 9 8.41 1.35 -7.81
C ALA A 9 7.28 2.26 -8.32
N ALA A 10 6.28 1.72 -9.04
CA ALA A 10 5.09 2.43 -9.47
C ALA A 10 4.20 2.75 -8.27
N PHE A 11 3.99 1.77 -7.38
CA PHE A 11 3.23 1.92 -6.14
C PHE A 11 3.90 3.00 -5.30
N GLU A 12 5.22 2.90 -5.14
CA GLU A 12 6.05 3.82 -4.39
C GLU A 12 5.92 5.25 -4.92
N LYS A 13 5.80 5.44 -6.24
CA LYS A 13 5.70 6.75 -6.89
C LYS A 13 4.37 7.43 -6.66
N ARG A 14 3.37 6.64 -6.25
CA ARG A 14 2.10 7.20 -5.82
C ARG A 14 2.11 7.41 -4.32
N LEU A 15 2.37 6.37 -3.53
CA LEU A 15 2.20 6.41 -2.08
C LEU A 15 3.13 7.47 -1.46
N SER A 16 4.42 7.39 -1.76
CA SER A 16 5.44 8.22 -1.13
C SER A 16 5.52 9.61 -1.74
N ASP A 17 4.76 9.86 -2.78
CA ASP A 17 4.60 11.19 -3.37
C ASP A 17 3.29 11.80 -2.91
N TRP A 18 2.32 10.97 -2.53
CA TRP A 18 1.05 11.37 -1.93
C TRP A 18 1.29 11.78 -0.48
N ALA A 19 2.02 10.97 0.29
CA ALA A 19 2.00 11.13 1.75
C ALA A 19 2.53 12.49 2.19
N LYS A 20 3.54 13.05 1.49
CA LYS A 20 4.06 14.40 1.69
C LYS A 20 3.22 15.48 1.02
N ALA A 21 2.43 15.14 -0.01
CA ALA A 21 1.45 16.07 -0.59
C ALA A 21 0.32 16.33 0.40
N ARG A 22 0.00 15.35 1.25
CA ARG A 22 -0.99 15.47 2.30
C ARG A 22 -0.54 16.56 3.26
N THR A 23 -1.49 17.17 3.96
CA THR A 23 -1.23 18.25 4.90
C THR A 23 -0.37 17.76 6.09
N PRO A 24 -0.85 16.84 6.95
CA PRO A 24 -0.09 16.38 8.13
C PRO A 24 1.20 15.61 7.84
N ALA A 25 1.44 15.32 6.57
CA ALA A 25 2.64 14.73 5.95
C ALA A 25 3.24 13.53 6.71
N LEU A 26 2.87 12.32 6.27
CA LEU A 26 3.04 11.10 7.04
C LEU A 26 4.20 10.23 6.53
N PRO A 27 4.82 9.41 7.41
CA PRO A 27 5.92 8.51 7.04
C PRO A 27 5.39 7.32 6.24
N VAL A 28 6.28 6.63 5.53
CA VAL A 28 5.97 5.46 4.73
C VAL A 28 7.10 4.44 4.95
N ALA A 29 6.88 3.45 5.81
CA ALA A 29 7.88 2.45 6.17
C ALA A 29 7.69 1.20 5.30
N TRP A 30 8.43 1.09 4.19
CA TRP A 30 8.46 -0.10 3.32
C TRP A 30 9.23 -1.26 3.95
N GLN A 31 9.34 -2.39 3.24
CA GLN A 31 10.17 -3.53 3.62
C GLN A 31 11.65 -3.13 3.62
N ASN A 32 12.46 -3.67 4.55
CA ASN A 32 13.92 -3.52 4.69
C ASN A 32 14.42 -2.08 4.90
N THR A 33 13.64 -1.08 4.48
CA THR A 33 13.83 0.34 4.69
C THR A 33 13.90 0.63 6.18
N LYS A 34 14.62 1.71 6.53
CA LYS A 34 14.73 2.21 7.89
C LYS A 34 13.75 3.36 8.08
N PHE A 35 13.06 3.34 9.23
CA PHE A 35 11.93 4.17 9.60
C PHE A 35 11.90 4.26 11.13
N THR A 36 11.02 5.12 11.66
CA THR A 36 10.85 5.42 13.08
C THR A 36 12.03 6.30 13.56
N PRO A 37 11.89 7.09 14.64
CA PRO A 37 10.68 7.31 15.43
C PRO A 37 9.57 8.04 14.65
N PRO A 38 8.28 7.86 15.04
CA PRO A 38 7.15 8.56 14.44
C PRO A 38 7.11 10.03 14.81
N ALA A 39 6.05 10.73 14.37
CA ALA A 39 5.97 12.15 14.59
C ALA A 39 5.46 12.56 15.95
N ALA A 40 4.64 11.72 16.54
CA ALA A 40 3.84 11.99 17.72
C ALA A 40 2.89 10.81 17.99
N GLY A 41 3.23 9.63 17.45
CA GLY A 41 2.53 8.35 17.61
C GLY A 41 1.83 7.81 16.36
N VAL A 42 1.77 8.59 15.29
CA VAL A 42 1.11 8.20 14.03
C VAL A 42 2.17 7.80 13.02
N TYR A 43 1.96 6.70 12.30
CA TYR A 43 2.85 6.26 11.23
C TYR A 43 2.18 5.18 10.38
N LEU A 44 2.74 4.89 9.20
CA LEU A 44 2.22 3.90 8.26
C LEU A 44 3.29 2.83 8.02
N ARG A 45 3.09 1.67 8.62
CA ARG A 45 3.75 0.43 8.24
C ARG A 45 3.20 0.06 6.88
N ALA A 46 4.02 0.12 5.83
CA ALA A 46 3.64 -0.20 4.46
C ALA A 46 4.25 -1.57 4.14
N TYR A 47 3.47 -2.51 3.60
CA TYR A 47 3.97 -3.81 3.24
C TYR A 47 3.37 -4.29 1.92
N VAL A 48 4.22 -4.34 0.89
CA VAL A 48 3.99 -5.01 -0.38
C VAL A 48 4.26 -6.50 -0.13
N MET A 49 3.22 -7.25 0.23
CA MET A 49 3.35 -8.71 0.36
C MET A 49 3.42 -9.33 -1.03
N PRO A 50 4.22 -10.40 -1.21
CA PRO A 50 4.51 -10.97 -2.52
C PRO A 50 3.38 -11.88 -3.02
N ALA A 51 3.51 -12.37 -4.25
CA ALA A 51 2.71 -13.45 -4.85
C ALA A 51 3.01 -14.84 -4.22
N ALA A 52 3.40 -14.89 -2.95
CA ALA A 52 3.26 -16.01 -2.01
C ALA A 52 3.63 -17.37 -2.61
N THR A 53 4.91 -17.71 -2.64
CA THR A 53 5.49 -18.88 -3.31
C THR A 53 4.79 -20.19 -2.92
N ILE A 54 3.83 -20.61 -3.74
CA ILE A 54 3.18 -21.90 -3.78
C ILE A 54 2.99 -22.18 -5.28
N SER A 55 2.81 -23.45 -5.65
CA SER A 55 2.14 -23.83 -6.88
C SER A 55 1.23 -24.99 -6.53
N ARG A 56 0.06 -25.03 -7.18
CA ARG A 56 -0.90 -26.12 -7.05
C ARG A 56 -1.90 -26.16 -8.22
N ASP A 57 -1.62 -25.48 -9.33
CA ASP A 57 -2.46 -25.50 -10.53
C ASP A 57 -1.85 -26.36 -11.62
N ALA A 58 -2.68 -26.64 -12.60
CA ALA A 58 -2.47 -27.56 -13.71
C ALA A 58 -2.96 -26.94 -15.02
N ALA A 59 -3.07 -25.62 -15.07
CA ALA A 59 -3.47 -24.80 -16.21
C ALA A 59 -2.55 -23.57 -16.24
N GLY A 60 -2.88 -22.59 -17.06
CA GLY A 60 -2.43 -21.22 -16.96
C GLY A 60 -3.35 -20.38 -17.83
N ASP A 61 -3.27 -19.06 -17.74
CA ASP A 61 -4.17 -18.14 -18.43
C ASP A 61 -3.38 -17.02 -19.06
N HIS A 62 -2.77 -16.22 -18.21
CA HIS A 62 -1.84 -15.18 -18.57
C HIS A 62 -0.91 -14.97 -17.39
N ARG A 63 0.19 -14.26 -17.64
CA ARG A 63 1.04 -13.57 -16.67
C ARG A 63 1.52 -14.45 -15.52
N GLN A 64 2.24 -13.89 -14.56
CA GLN A 64 2.68 -14.65 -13.38
C GLN A 64 2.95 -13.80 -12.14
N TYR A 65 2.54 -12.53 -12.14
CA TYR A 65 2.81 -11.61 -11.04
C TYR A 65 1.53 -11.36 -10.24
N ARG A 66 1.69 -11.07 -8.95
CA ARG A 66 0.63 -10.78 -8.02
C ARG A 66 1.24 -10.13 -6.78
N GLY A 67 0.40 -9.83 -5.81
CA GLY A 67 0.73 -9.60 -4.43
C GLY A 67 -0.51 -9.05 -3.74
N VAL A 68 -0.37 -8.72 -2.46
CA VAL A 68 -1.37 -7.98 -1.72
C VAL A 68 -0.62 -6.83 -1.08
N PHE A 69 -1.23 -5.66 -1.08
CA PHE A 69 -0.63 -4.46 -0.55
C PHE A 69 -1.42 -4.13 0.71
N GLN A 70 -0.74 -4.18 1.84
CA GLN A 70 -1.33 -4.00 3.16
C GLN A 70 -0.65 -2.81 3.84
N VAL A 71 -1.36 -2.22 4.79
CA VAL A 71 -0.90 -1.10 5.60
C VAL A 71 -1.73 -1.10 6.89
N ASN A 72 -1.24 -0.41 7.91
CA ASN A 72 -1.85 -0.32 9.23
C ASN A 72 -1.79 1.15 9.62
N VAL A 73 -2.90 1.87 9.48
CA VAL A 73 -2.99 3.23 10.00
C VAL A 73 -3.20 3.10 11.49
N VAL A 74 -2.14 3.30 12.26
CA VAL A 74 -2.18 3.37 13.71
C VAL A 74 -2.29 4.85 14.08
N MET A 75 -3.01 5.18 15.17
CA MET A 75 -2.91 6.50 15.76
C MET A 75 -3.15 6.36 17.27
N PRO A 76 -2.55 7.23 18.10
CA PRO A 76 -2.74 7.22 19.54
C PRO A 76 -4.16 7.71 19.88
N ILE A 77 -4.65 7.38 21.08
CA ILE A 77 -6.04 7.57 21.48
C ILE A 77 -6.12 8.81 22.40
N GLY A 78 -6.02 9.99 21.81
CA GLY A 78 -6.05 11.27 22.51
C GLY A 78 -7.43 11.56 23.09
N ASP A 79 -8.35 12.04 22.26
CA ASP A 79 -9.77 12.21 22.54
C ASP A 79 -10.51 11.81 21.26
N GLY A 80 -11.37 10.80 21.38
CA GLY A 80 -12.09 10.14 20.31
C GLY A 80 -11.19 9.26 19.44
N SER A 81 -10.21 9.89 18.79
CA SER A 81 -9.29 9.42 17.76
C SER A 81 -10.01 8.73 16.59
N ARG A 82 -10.20 9.50 15.50
CA ARG A 82 -10.99 9.13 14.32
C ARG A 82 -10.21 9.35 13.02
N SER A 83 -8.90 9.64 13.08
CA SER A 83 -8.08 9.91 11.91
C SER A 83 -8.07 8.78 10.88
N ALA A 84 -8.38 7.54 11.30
CA ALA A 84 -8.59 6.40 10.43
C ALA A 84 -9.60 6.71 9.32
N GLU A 85 -10.69 7.40 9.64
CA GLU A 85 -11.76 7.70 8.67
C GLU A 85 -11.20 8.54 7.53
N GLN A 86 -10.58 9.67 7.86
CA GLN A 86 -10.00 10.59 6.91
C GLN A 86 -9.00 9.87 6.01
N VAL A 87 -8.03 9.20 6.61
CA VAL A 87 -6.98 8.51 5.87
C VAL A 87 -7.59 7.45 4.96
N ALA A 88 -8.58 6.68 5.44
CA ALA A 88 -9.26 5.66 4.68
C ALA A 88 -10.09 6.20 3.52
N ALA A 89 -10.48 7.48 3.55
CA ALA A 89 -11.19 8.13 2.45
C ALA A 89 -10.20 8.73 1.45
N GLU A 90 -9.09 9.31 1.93
CA GLU A 90 -8.10 9.95 1.08
C GLU A 90 -7.41 8.92 0.20
N LEU A 91 -6.80 7.92 0.86
CA LEU A 91 -6.06 6.85 0.21
C LEU A 91 -6.97 5.97 -0.63
N ASP A 92 -8.28 5.92 -0.31
CA ASP A 92 -9.25 5.23 -1.13
C ASP A 92 -9.27 5.84 -2.53
N ALA A 93 -9.55 7.13 -2.64
CA ALA A 93 -9.60 7.78 -3.95
C ALA A 93 -8.25 7.79 -4.65
N LEU A 94 -7.15 7.58 -3.91
CA LEU A 94 -5.82 7.40 -4.46
C LEU A 94 -5.69 6.07 -5.20
N PHE A 95 -6.22 4.97 -4.65
CA PHE A 95 -6.08 3.61 -5.20
C PHE A 95 -7.44 2.91 -5.40
N PRO A 96 -8.42 3.49 -6.12
CA PRO A 96 -9.70 2.84 -6.41
C PRO A 96 -9.50 1.81 -7.53
N VAL A 97 -10.56 1.09 -7.92
CA VAL A 97 -10.61 0.16 -9.04
C VAL A 97 -10.03 0.58 -10.39
N ASN A 98 -9.78 1.86 -10.61
CA ASN A 98 -9.18 2.36 -11.84
C ASN A 98 -7.77 2.85 -11.67
N LEU A 99 -7.15 2.58 -10.53
CA LEU A 99 -5.75 2.84 -10.22
C LEU A 99 -4.88 2.43 -11.41
N VAL A 100 -4.41 3.40 -12.17
CA VAL A 100 -3.60 3.17 -13.35
C VAL A 100 -2.28 3.91 -13.16
N MET A 101 -1.18 3.23 -13.48
CA MET A 101 0.17 3.73 -13.42
C MET A 101 0.98 2.99 -14.48
N GLN A 102 2.05 3.62 -14.95
CA GLN A 102 3.14 2.97 -15.67
C GLN A 102 4.41 3.24 -14.89
N SER A 103 5.45 2.45 -15.14
CA SER A 103 6.76 2.57 -14.53
C SER A 103 7.78 2.07 -15.56
N GLY A 104 9.04 1.91 -15.15
CA GLY A 104 10.12 1.54 -16.06
C GLY A 104 9.95 0.16 -16.69
N GLY A 105 9.10 -0.73 -16.15
CA GLY A 105 8.87 -2.03 -16.74
C GLY A 105 7.76 -1.94 -17.78
N LEU A 106 6.59 -1.47 -17.31
CA LEU A 106 5.25 -1.66 -17.86
C LEU A 106 4.22 -1.03 -16.89
N ALA A 107 2.93 -1.22 -17.17
CA ALA A 107 1.82 -0.80 -16.35
C ALA A 107 1.47 -1.80 -15.24
N VAL A 108 0.63 -1.37 -14.29
CA VAL A 108 -0.02 -2.23 -13.30
C VAL A 108 -1.33 -1.54 -12.88
N ARG A 109 -2.28 -2.30 -12.33
CA ARG A 109 -3.60 -1.85 -11.87
C ARG A 109 -3.87 -2.47 -10.50
N VAL A 110 -5.12 -2.39 -10.04
CA VAL A 110 -5.54 -2.90 -8.74
C VAL A 110 -6.44 -4.15 -8.88
N ARG A 111 -7.27 -4.25 -9.93
CA ARG A 111 -8.27 -5.31 -10.15
C ARG A 111 -9.42 -5.29 -9.12
N THR A 112 -9.13 -5.12 -7.84
CA THR A 112 -10.13 -5.04 -6.77
C THR A 112 -10.35 -3.58 -6.36
N PRO A 113 -11.48 -3.25 -5.73
CA PRO A 113 -11.63 -2.00 -5.01
C PRO A 113 -10.74 -2.02 -3.76
N ILE A 114 -10.78 -0.93 -3.01
CA ILE A 114 -10.31 -0.83 -1.64
C ILE A 114 -11.14 -1.79 -0.78
N SER A 115 -10.53 -2.34 0.28
CA SER A 115 -11.23 -2.98 1.37
C SER A 115 -10.82 -2.31 2.69
N ASN A 116 -11.65 -2.46 3.72
CA ASN A 116 -11.47 -1.90 5.05
C ASN A 116 -12.07 -2.87 6.08
N GLY A 117 -12.10 -2.47 7.35
CA GLY A 117 -12.78 -3.19 8.42
C GLY A 117 -12.81 -2.30 9.66
N GLN A 118 -13.42 -2.77 10.75
CA GLN A 118 -13.45 -2.08 12.01
C GLN A 118 -12.03 -2.04 12.60
N PRO A 119 -11.69 -1.03 13.41
CA PRO A 119 -10.38 -0.93 14.01
C PRO A 119 -10.18 -1.98 15.12
N THR A 120 -8.93 -2.16 15.50
CA THR A 120 -8.46 -3.03 16.56
C THR A 120 -7.75 -2.12 17.55
N THR A 121 -8.35 -1.94 18.73
CA THR A 121 -7.78 -1.09 19.78
C THR A 121 -6.52 -1.74 20.37
N GLY A 122 -5.76 -0.94 21.09
CA GLY A 122 -4.58 -1.27 21.84
C GLY A 122 -4.52 -0.38 23.08
N ASP A 123 -3.41 -0.44 23.80
CA ASP A 123 -3.26 0.15 25.13
C ASP A 123 -3.56 1.64 25.14
N ALA A 124 -2.98 2.36 24.17
CA ALA A 124 -3.18 3.78 23.95
C ALA A 124 -3.08 4.11 22.46
N ASP A 125 -3.13 3.11 21.57
CA ASP A 125 -3.14 3.29 20.13
C ASP A 125 -4.24 2.42 19.56
N HIS A 126 -4.69 2.70 18.34
CA HIS A 126 -5.67 1.87 17.63
C HIS A 126 -5.35 1.86 16.15
N THR A 127 -5.76 0.79 15.47
CA THR A 127 -5.34 0.55 14.09
C THR A 127 -6.50 0.01 13.27
N VAL A 128 -6.77 0.62 12.13
CA VAL A 128 -7.69 0.07 11.14
C VAL A 128 -6.94 -0.88 10.20
N PRO A 129 -7.59 -1.98 9.76
CA PRO A 129 -7.10 -2.88 8.73
C PRO A 129 -7.48 -2.35 7.34
N ILE A 130 -6.51 -2.20 6.44
CA ILE A 130 -6.75 -1.70 5.08
C ILE A 130 -5.84 -2.48 4.12
N SER A 131 -6.33 -2.71 2.90
CA SER A 131 -5.58 -3.31 1.81
C SER A 131 -6.39 -3.31 0.51
N LEU A 132 -5.71 -3.65 -0.59
CA LEU A 132 -6.24 -4.10 -1.86
C LEU A 132 -5.30 -5.22 -2.39
N GLY A 133 -5.75 -5.95 -3.40
CA GLY A 133 -4.88 -6.82 -4.19
C GLY A 133 -4.34 -6.03 -5.39
N TYR A 134 -3.44 -6.62 -6.16
CA TYR A 134 -2.98 -6.09 -7.44
C TYR A 134 -2.33 -7.24 -8.23
N ASP A 135 -1.90 -6.95 -9.46
CA ASP A 135 -0.94 -7.82 -10.16
C ASP A 135 -0.09 -7.04 -11.15
N VAL A 136 -0.56 -6.86 -12.38
CA VAL A 136 0.08 -6.31 -13.58
C VAL A 136 -1.02 -6.10 -14.62
N GLN A 137 -0.84 -5.04 -15.41
CA GLN A 137 -1.64 -4.67 -16.55
C GLN A 137 -0.66 -4.53 -17.71
N PHE A 138 -1.16 -4.73 -18.92
CA PHE A 138 -0.43 -4.59 -20.16
C PHE A 138 -1.22 -3.55 -20.95
N TYR A 139 -0.59 -2.44 -21.34
CA TYR A 139 -1.23 -1.41 -22.14
C TYR A 139 -1.56 -1.96 -23.54
N PRO A 140 -2.41 -1.29 -24.34
CA PRO A 140 -2.60 -1.64 -25.74
C PRO A 140 -1.31 -1.36 -26.52
N GLU A 141 -0.97 -2.24 -27.44
CA GLU A 141 -0.19 -1.89 -28.62
C GLU A 141 -1.22 -1.37 -29.59
N GLY A 1 15.94 -4.77 -18.39
CA GLY A 1 14.62 -5.19 -17.94
C GLY A 1 14.69 -5.87 -16.58
N MET A 2 14.29 -5.18 -15.52
CA MET A 2 14.34 -5.66 -14.14
C MET A 2 12.98 -6.09 -13.61
N SER A 3 11.88 -5.80 -14.31
CA SER A 3 10.48 -6.01 -13.92
C SER A 3 10.15 -5.50 -12.50
N GLN A 4 10.44 -6.29 -11.46
CA GLN A 4 10.13 -6.01 -10.06
C GLN A 4 10.56 -4.60 -9.64
N ASP A 5 11.71 -4.15 -10.12
CA ASP A 5 12.25 -2.80 -9.92
C ASP A 5 11.25 -1.73 -10.35
N LEU A 6 10.82 -1.78 -11.61
CA LEU A 6 9.89 -0.82 -12.18
C LEU A 6 8.56 -0.86 -11.44
N ILE A 7 8.09 -2.08 -11.18
CA ILE A 7 6.87 -2.34 -10.45
C ILE A 7 6.91 -1.58 -9.13
N ARG A 8 7.87 -1.93 -8.26
CA ARG A 8 8.03 -1.37 -6.93
C ARG A 8 8.22 0.15 -7.04
N ALA A 9 9.03 0.62 -7.99
CA ALA A 9 9.33 2.03 -8.13
C ALA A 9 8.06 2.87 -8.27
N ALA A 10 7.11 2.44 -9.13
CA ALA A 10 5.92 3.23 -9.40
C ALA A 10 5.02 3.41 -8.15
N PHE A 11 5.18 2.54 -7.14
CA PHE A 11 4.35 2.57 -5.95
C PHE A 11 4.69 3.79 -5.11
N GLU A 12 5.98 4.13 -4.99
CA GLU A 12 6.38 5.34 -4.30
C GLU A 12 5.83 6.55 -5.02
N LYS A 13 5.71 6.50 -6.36
CA LYS A 13 5.16 7.58 -7.17
C LYS A 13 3.67 7.75 -6.96
N ARG A 14 3.03 6.90 -6.14
CA ARG A 14 1.69 7.15 -5.66
C ARG A 14 1.71 7.44 -4.17
N LEU A 15 2.20 6.51 -3.35
CA LEU A 15 2.07 6.60 -1.89
C LEU A 15 2.96 7.72 -1.37
N SER A 16 4.23 7.77 -1.75
CA SER A 16 5.16 8.81 -1.31
C SER A 16 4.63 10.16 -1.81
N ASP A 17 4.26 10.22 -3.09
CA ASP A 17 3.66 11.36 -3.80
C ASP A 17 2.28 11.78 -3.25
N TRP A 18 1.75 11.11 -2.23
CA TRP A 18 0.57 11.50 -1.47
C TRP A 18 0.99 11.82 -0.05
N ALA A 19 1.78 10.97 0.59
CA ALA A 19 2.23 11.15 1.96
C ALA A 19 3.00 12.47 2.12
N LYS A 20 3.84 12.84 1.14
CA LYS A 20 4.53 14.14 1.14
C LYS A 20 3.61 15.31 0.85
N ALA A 21 2.52 15.05 0.12
CA ALA A 21 1.60 16.07 -0.31
C ALA A 21 0.57 16.36 0.78
N ARG A 22 0.27 15.36 1.62
CA ARG A 22 -0.67 15.52 2.71
C ARG A 22 -0.13 16.56 3.65
N THR A 23 -1.04 17.25 4.29
CA THR A 23 -0.75 18.32 5.22
C THR A 23 0.13 17.87 6.39
N PRO A 24 -0.30 16.91 7.24
CA PRO A 24 0.53 16.45 8.35
C PRO A 24 1.83 15.77 7.89
N ALA A 25 1.89 15.42 6.60
CA ALA A 25 2.93 14.67 5.94
C ALA A 25 3.28 13.35 6.65
N LEU A 26 2.76 12.23 6.15
CA LEU A 26 2.90 10.95 6.83
C LEU A 26 4.31 10.38 6.62
N PRO A 27 4.87 9.70 7.63
CA PRO A 27 5.99 8.79 7.43
C PRO A 27 5.46 7.51 6.78
N VAL A 28 6.29 6.82 6.01
CA VAL A 28 5.88 5.64 5.25
C VAL A 28 6.94 4.56 5.48
N ALA A 29 6.67 3.67 6.43
CA ALA A 29 7.56 2.58 6.82
C ALA A 29 7.25 1.37 5.93
N TRP A 30 7.82 1.36 4.73
CA TRP A 30 7.78 0.26 3.75
C TRP A 30 8.37 -1.05 4.30
N GLN A 31 8.41 -2.09 3.47
CA GLN A 31 9.16 -3.32 3.72
C GLN A 31 10.56 -2.99 4.23
N ASN A 32 10.96 -3.68 5.30
CA ASN A 32 12.26 -3.62 5.98
C ASN A 32 12.75 -2.19 6.30
N THR A 33 11.86 -1.21 6.23
CA THR A 33 12.18 0.17 6.51
C THR A 33 12.00 0.40 8.01
N LYS A 34 12.61 1.47 8.52
CA LYS A 34 12.48 2.00 9.85
C LYS A 34 11.96 3.41 9.68
N PHE A 35 10.97 3.84 10.47
CA PHE A 35 10.71 5.26 10.63
C PHE A 35 10.57 5.51 12.12
N THR A 36 11.67 5.92 12.74
CA THR A 36 11.79 6.07 14.17
C THR A 36 12.67 7.30 14.43
N PRO A 37 12.25 8.26 15.28
CA PRO A 37 10.91 8.36 15.84
C PRO A 37 9.87 8.66 14.73
N PRO A 38 8.59 8.36 14.97
CA PRO A 38 7.52 8.49 13.99
C PRO A 38 7.05 9.95 13.84
N ALA A 39 5.90 10.13 13.19
CA ALA A 39 5.09 11.31 13.32
C ALA A 39 4.36 11.28 14.66
N ALA A 40 5.12 11.47 15.73
CA ALA A 40 4.64 11.85 17.05
C ALA A 40 3.49 10.95 17.58
N GLY A 41 3.57 9.65 17.30
CA GLY A 41 2.64 8.61 17.70
C GLY A 41 1.92 7.93 16.54
N VAL A 42 2.06 8.47 15.33
CA VAL A 42 1.34 8.05 14.14
C VAL A 42 2.35 7.56 13.11
N TYR A 43 2.07 6.41 12.48
CA TYR A 43 2.86 5.92 11.36
C TYR A 43 2.04 4.98 10.46
N LEU A 44 2.61 4.61 9.31
CA LEU A 44 1.89 4.14 8.13
C LEU A 44 2.71 2.99 7.55
N ARG A 45 2.49 1.81 8.10
CA ARG A 45 3.31 0.61 7.92
C ARG A 45 3.02 0.07 6.51
N ALA A 46 3.77 0.51 5.50
CA ALA A 46 3.48 0.32 4.08
C ALA A 46 4.03 -1.01 3.56
N TYR A 47 3.73 -2.14 4.21
CA TYR A 47 4.18 -3.41 3.68
C TYR A 47 3.43 -3.71 2.39
N VAL A 48 4.10 -4.41 1.49
CA VAL A 48 3.56 -4.83 0.23
C VAL A 48 3.97 -6.32 0.15
N MET A 49 3.12 -7.20 -0.34
CA MET A 49 3.35 -8.64 -0.38
C MET A 49 3.09 -9.07 -1.82
N PRO A 50 4.09 -8.97 -2.72
CA PRO A 50 3.97 -9.47 -4.09
C PRO A 50 3.69 -10.97 -4.09
N ALA A 51 3.45 -11.56 -5.26
CA ALA A 51 3.17 -12.99 -5.40
C ALA A 51 4.32 -13.78 -4.78
N ALA A 52 4.07 -14.41 -3.62
CA ALA A 52 5.03 -15.14 -2.81
C ALA A 52 4.36 -16.00 -1.72
N THR A 53 3.07 -16.31 -1.90
CA THR A 53 2.19 -16.96 -0.91
C THR A 53 2.78 -18.26 -0.35
N ILE A 54 2.48 -18.60 0.91
CA ILE A 54 3.07 -19.75 1.58
C ILE A 54 1.93 -20.57 2.20
N SER A 55 2.03 -21.88 2.03
CA SER A 55 1.18 -22.89 2.62
C SER A 55 1.96 -24.21 2.58
N ARG A 56 1.27 -25.36 2.65
CA ARG A 56 1.86 -26.70 2.72
C ARG A 56 2.47 -27.18 1.40
N ASP A 57 2.48 -26.33 0.38
CA ASP A 57 2.88 -26.67 -0.99
C ASP A 57 4.29 -26.14 -1.27
N ALA A 58 4.85 -26.54 -2.41
CA ALA A 58 6.12 -26.07 -2.93
C ALA A 58 6.17 -26.24 -4.46
N ALA A 59 5.12 -25.77 -5.15
CA ALA A 59 4.83 -26.15 -6.54
C ALA A 59 5.57 -25.31 -7.59
N GLY A 60 6.79 -24.86 -7.29
CA GLY A 60 7.69 -24.23 -8.26
C GLY A 60 7.36 -22.75 -8.40
N ASP A 61 6.15 -22.46 -8.85
CA ASP A 61 5.38 -21.24 -8.96
C ASP A 61 6.09 -20.30 -9.90
N HIS A 62 5.55 -20.14 -11.11
CA HIS A 62 6.19 -19.27 -12.06
C HIS A 62 6.08 -17.82 -11.60
N ARG A 63 6.96 -16.98 -12.15
CA ARG A 63 6.98 -15.53 -11.97
C ARG A 63 5.58 -14.96 -12.15
N GLN A 64 5.07 -14.31 -11.12
CA GLN A 64 3.84 -13.55 -11.08
C GLN A 64 4.06 -12.39 -10.10
N TYR A 65 3.13 -11.43 -10.08
CA TYR A 65 3.26 -10.23 -9.26
C TYR A 65 2.00 -9.92 -8.45
N ARG A 66 0.88 -10.54 -8.82
CA ARG A 66 -0.39 -10.51 -8.11
C ARG A 66 -0.17 -10.87 -6.66
N GLY A 67 -0.58 -9.99 -5.77
CA GLY A 67 -0.22 -10.07 -4.36
C GLY A 67 -1.31 -9.40 -3.52
N VAL A 68 -0.93 -8.90 -2.35
CA VAL A 68 -1.78 -8.09 -1.49
C VAL A 68 -0.91 -7.05 -0.79
N PHE A 69 -1.39 -5.81 -0.61
CA PHE A 69 -0.62 -4.72 0.03
C PHE A 69 -1.31 -4.47 1.35
N GLN A 70 -0.60 -4.75 2.42
CA GLN A 70 -1.12 -4.85 3.77
C GLN A 70 -0.59 -3.67 4.58
N VAL A 71 -1.39 -2.61 4.71
CA VAL A 71 -0.98 -1.38 5.36
C VAL A 71 -1.61 -1.35 6.75
N ASN A 72 -0.96 -0.69 7.69
CA ASN A 72 -1.47 -0.44 9.03
C ASN A 72 -1.25 1.04 9.32
N VAL A 73 -2.34 1.80 9.25
CA VAL A 73 -2.45 3.17 9.75
C VAL A 73 -2.72 3.06 11.25
N VAL A 74 -1.67 3.21 12.05
CA VAL A 74 -1.68 3.12 13.52
C VAL A 74 -1.59 4.55 14.04
N MET A 75 -2.47 4.90 14.99
CA MET A 75 -2.58 6.25 15.53
C MET A 75 -2.90 6.12 17.03
N PRO A 76 -2.51 7.09 17.87
CA PRO A 76 -2.76 7.04 19.31
C PRO A 76 -4.22 7.37 19.61
N ILE A 77 -4.61 7.36 20.90
CA ILE A 77 -5.95 7.72 21.35
C ILE A 77 -5.83 8.74 22.50
N GLY A 78 -5.43 9.95 22.14
CA GLY A 78 -5.34 11.09 23.06
C GLY A 78 -6.32 12.21 22.71
N ASP A 79 -6.80 12.28 21.46
CA ASP A 79 -7.70 13.34 20.98
C ASP A 79 -8.75 12.80 19.99
N GLY A 80 -9.07 11.51 20.08
CA GLY A 80 -10.18 10.89 19.36
C GLY A 80 -9.69 9.89 18.31
N SER A 81 -10.00 8.61 18.49
CA SER A 81 -9.66 7.51 17.59
C SER A 81 -10.54 7.50 16.31
N ARG A 82 -10.80 8.67 15.72
CA ARG A 82 -11.54 8.79 14.46
C ARG A 82 -10.61 9.17 13.31
N SER A 83 -9.30 9.25 13.56
CA SER A 83 -8.33 9.63 12.54
C SER A 83 -8.24 8.56 11.42
N ALA A 84 -8.55 7.29 11.72
CA ALA A 84 -8.68 6.25 10.71
C ALA A 84 -9.71 6.63 9.64
N GLU A 85 -10.82 7.26 10.02
CA GLU A 85 -11.99 7.46 9.16
C GLU A 85 -11.80 8.60 8.15
N GLN A 86 -10.86 9.47 8.46
CA GLN A 86 -10.23 10.43 7.64
C GLN A 86 -9.30 9.67 6.69
N VAL A 87 -8.19 9.11 7.20
CA VAL A 87 -7.14 8.55 6.35
C VAL A 87 -7.67 7.49 5.41
N ALA A 88 -8.52 6.57 5.86
CA ALA A 88 -9.07 5.51 5.01
C ALA A 88 -9.80 6.11 3.80
N ALA A 89 -10.51 7.24 3.98
CA ALA A 89 -11.24 7.87 2.90
C ALA A 89 -10.31 8.62 1.94
N GLU A 90 -9.16 9.11 2.41
CA GLU A 90 -8.17 9.77 1.57
C GLU A 90 -7.43 8.71 0.75
N LEU A 91 -6.94 7.67 1.40
CA LEU A 91 -6.26 6.55 0.78
C LEU A 91 -7.12 5.85 -0.28
N ASP A 92 -8.44 5.82 -0.08
CA ASP A 92 -9.38 5.29 -1.06
C ASP A 92 -9.31 6.11 -2.34
N ALA A 93 -9.44 7.43 -2.23
CA ALA A 93 -9.35 8.34 -3.36
C ALA A 93 -7.95 8.33 -3.98
N LEU A 94 -6.90 7.96 -3.23
CA LEU A 94 -5.57 7.76 -3.79
C LEU A 94 -5.54 6.51 -4.66
N PHE A 95 -6.18 5.42 -4.23
CA PHE A 95 -6.08 4.11 -4.86
C PHE A 95 -7.42 3.61 -5.45
N PRO A 96 -8.05 4.34 -6.39
CA PRO A 96 -9.31 3.94 -7.00
C PRO A 96 -9.13 2.78 -7.97
N VAL A 97 -10.25 2.16 -8.37
CA VAL A 97 -10.43 0.86 -9.02
C VAL A 97 -9.93 0.77 -10.48
N ASN A 98 -9.07 1.69 -10.89
CA ASN A 98 -8.34 1.66 -12.16
C ASN A 98 -6.85 1.54 -11.93
N LEU A 99 -6.27 2.55 -11.30
CA LEU A 99 -4.85 2.69 -11.00
C LEU A 99 -3.91 2.29 -12.14
N VAL A 100 -4.04 2.94 -13.29
CA VAL A 100 -3.12 2.67 -14.40
C VAL A 100 -1.80 3.37 -14.05
N MET A 101 -0.78 2.63 -13.61
CA MET A 101 0.58 3.14 -13.56
C MET A 101 1.24 2.88 -14.91
N GLN A 102 2.31 3.62 -15.19
CA GLN A 102 3.14 3.48 -16.37
C GLN A 102 4.58 3.32 -15.87
N SER A 103 5.04 2.08 -15.78
CA SER A 103 6.36 1.73 -15.28
C SER A 103 7.09 0.97 -16.39
N GLY A 104 8.42 0.96 -16.36
CA GLY A 104 9.31 0.59 -17.47
C GLY A 104 9.35 -0.88 -17.84
N GLY A 105 8.49 -1.71 -17.23
CA GLY A 105 8.48 -3.14 -17.38
C GLY A 105 7.17 -3.60 -18.03
N LEU A 106 6.05 -3.16 -17.47
CA LEU A 106 4.68 -3.61 -17.69
C LEU A 106 3.78 -2.68 -16.87
N ALA A 107 2.47 -2.76 -17.08
CA ALA A 107 1.49 -1.96 -16.36
C ALA A 107 0.89 -2.82 -15.25
N VAL A 108 1.10 -2.44 -14.01
CA VAL A 108 0.33 -2.91 -12.86
C VAL A 108 -1.06 -2.24 -12.93
N ARG A 109 -2.09 -2.79 -12.27
CA ARG A 109 -3.36 -2.10 -12.03
C ARG A 109 -3.99 -2.65 -10.74
N VAL A 110 -5.01 -1.96 -10.22
CA VAL A 110 -5.63 -2.31 -8.95
C VAL A 110 -6.47 -3.59 -8.99
N ARG A 111 -7.22 -3.82 -10.08
CA ARG A 111 -8.24 -4.84 -10.25
C ARG A 111 -9.41 -4.61 -9.30
N THR A 112 -9.21 -4.82 -8.02
CA THR A 112 -10.30 -4.81 -7.06
C THR A 112 -10.51 -3.38 -6.56
N PRO A 113 -11.67 -3.08 -5.98
CA PRO A 113 -11.83 -1.88 -5.17
C PRO A 113 -11.03 -2.03 -3.86
N ILE A 114 -11.10 -0.99 -3.05
CA ILE A 114 -10.69 -0.92 -1.65
C ILE A 114 -11.48 -1.92 -0.81
N SER A 115 -11.01 -2.17 0.42
CA SER A 115 -11.78 -2.77 1.49
C SER A 115 -11.18 -2.34 2.83
N ASN A 116 -11.89 -2.62 3.93
CA ASN A 116 -11.61 -2.11 5.27
C ASN A 116 -12.16 -3.09 6.33
N GLY A 117 -12.03 -2.75 7.61
CA GLY A 117 -12.66 -3.47 8.71
C GLY A 117 -12.67 -2.63 9.98
N GLN A 118 -13.18 -3.19 11.08
CA GLN A 118 -13.18 -2.55 12.39
C GLN A 118 -11.73 -2.38 12.87
N PRO A 119 -11.42 -1.36 13.69
CA PRO A 119 -10.09 -1.19 14.24
C PRO A 119 -9.79 -2.20 15.34
N THR A 120 -8.50 -2.41 15.58
CA THR A 120 -7.92 -3.25 16.64
C THR A 120 -7.62 -2.42 17.90
N THR A 121 -8.48 -1.43 18.18
CA THR A 121 -8.33 -0.41 19.20
C THR A 121 -7.83 -1.03 20.51
N GLY A 122 -6.67 -0.55 20.92
CA GLY A 122 -5.85 -1.05 21.99
C GLY A 122 -5.82 -0.08 23.15
N ASP A 123 -4.90 -0.37 24.06
CA ASP A 123 -4.61 0.38 25.27
C ASP A 123 -4.52 1.87 24.99
N ALA A 124 -3.72 2.28 24.02
CA ALA A 124 -3.54 3.69 23.71
C ALA A 124 -3.37 3.94 22.22
N ASP A 125 -3.63 2.95 21.36
CA ASP A 125 -3.48 3.12 19.91
C ASP A 125 -4.56 2.34 19.20
N HIS A 126 -4.89 2.76 17.98
CA HIS A 126 -5.90 2.13 17.16
C HIS A 126 -5.41 2.10 15.72
N THR A 127 -5.73 0.99 15.05
CA THR A 127 -5.26 0.66 13.73
C THR A 127 -6.40 -0.07 13.06
N VAL A 128 -6.81 0.43 11.90
CA VAL A 128 -7.77 -0.23 11.04
C VAL A 128 -7.04 -1.19 10.09
N PRO A 129 -7.65 -2.31 9.72
CA PRO A 129 -7.23 -3.15 8.62
C PRO A 129 -7.59 -2.45 7.31
N ILE A 130 -6.62 -2.33 6.39
CA ILE A 130 -6.86 -1.91 5.02
C ILE A 130 -5.90 -2.72 4.15
N SER A 131 -6.43 -3.29 3.08
CA SER A 131 -5.64 -4.00 2.08
C SER A 131 -6.44 -4.21 0.80
N LEU A 132 -5.73 -4.46 -0.30
CA LEU A 132 -6.25 -4.81 -1.61
C LEU A 132 -5.25 -5.70 -2.33
N GLY A 133 -5.61 -6.24 -3.50
CA GLY A 133 -4.84 -7.25 -4.18
C GLY A 133 -4.76 -6.96 -5.67
N TYR A 134 -3.70 -6.24 -6.03
CA TYR A 134 -3.39 -5.77 -7.36
C TYR A 134 -2.89 -6.92 -8.24
N ASP A 135 -2.70 -6.66 -9.54
CA ASP A 135 -2.13 -7.60 -10.50
C ASP A 135 -1.39 -6.87 -11.62
N VAL A 136 -0.92 -7.59 -12.64
CA VAL A 136 -0.09 -6.99 -13.65
C VAL A 136 -0.59 -7.45 -15.02
N GLN A 137 -0.17 -6.76 -16.06
CA GLN A 137 -0.48 -7.05 -17.46
C GLN A 137 0.42 -6.17 -18.34
N PHE A 138 0.33 -6.35 -19.63
CA PHE A 138 1.22 -5.75 -20.61
C PHE A 138 0.46 -5.63 -21.92
N TYR A 139 0.63 -4.52 -22.64
CA TYR A 139 -0.02 -4.26 -23.91
C TYR A 139 1.05 -4.08 -25.00
N PRO A 140 1.70 -5.16 -25.47
CA PRO A 140 2.46 -5.09 -26.70
C PRO A 140 1.52 -4.95 -27.90
N GLU A 141 2.09 -4.63 -29.07
CA GLU A 141 1.39 -4.12 -30.26
C GLU A 141 0.49 -2.96 -29.87
N GLY A 1 17.69 -5.44 -16.61
CA GLY A 1 16.25 -5.70 -16.47
C GLY A 1 16.00 -6.55 -15.26
N MET A 2 15.17 -6.09 -14.32
CA MET A 2 14.85 -6.80 -13.08
C MET A 2 13.34 -6.87 -12.80
N SER A 3 12.49 -6.16 -13.55
CA SER A 3 11.04 -6.05 -13.32
C SER A 3 10.70 -5.57 -11.90
N GLN A 4 10.73 -6.39 -10.85
CA GLN A 4 10.27 -6.08 -9.50
C GLN A 4 10.71 -4.70 -8.98
N ASP A 5 11.94 -4.29 -9.30
CA ASP A 5 12.54 -2.99 -9.03
C ASP A 5 11.60 -1.85 -9.43
N LEU A 6 11.21 -1.88 -10.71
CA LEU A 6 10.43 -0.89 -11.42
C LEU A 6 8.98 -0.96 -10.91
N ILE A 7 8.38 -2.15 -10.81
CA ILE A 7 7.02 -2.32 -10.30
C ILE A 7 6.91 -1.70 -8.88
N ARG A 8 7.87 -1.96 -7.98
CA ARG A 8 7.91 -1.35 -6.64
C ARG A 8 7.95 0.18 -6.75
N ALA A 9 8.77 0.71 -7.67
CA ALA A 9 8.98 2.14 -7.81
C ALA A 9 7.69 2.93 -8.04
N ALA A 10 6.68 2.36 -8.73
CA ALA A 10 5.42 3.07 -8.93
C ALA A 10 4.59 3.14 -7.66
N PHE A 11 4.55 2.08 -6.86
CA PHE A 11 3.83 2.07 -5.59
C PHE A 11 4.42 3.17 -4.70
N GLU A 12 5.76 3.23 -4.64
CA GLU A 12 6.51 4.19 -3.86
C GLU A 12 6.27 5.61 -4.36
N LYS A 13 6.38 5.84 -5.67
CA LYS A 13 6.25 7.16 -6.27
C LYS A 13 4.82 7.67 -6.15
N ARG A 14 3.83 6.79 -5.95
CA ARG A 14 2.49 7.24 -5.67
C ARG A 14 2.34 7.57 -4.18
N LEU A 15 2.54 6.58 -3.31
CA LEU A 15 2.24 6.66 -1.88
C LEU A 15 3.10 7.73 -1.21
N SER A 16 4.43 7.67 -1.38
CA SER A 16 5.37 8.56 -0.72
C SER A 16 5.06 10.01 -1.10
N ASP A 17 4.85 10.24 -2.40
CA ASP A 17 4.60 11.54 -2.97
C ASP A 17 3.29 12.15 -2.43
N TRP A 18 2.30 11.32 -2.10
CA TRP A 18 1.11 11.74 -1.38
C TRP A 18 1.42 12.02 0.09
N ALA A 19 2.21 11.19 0.77
CA ALA A 19 2.45 11.32 2.21
C ALA A 19 3.24 12.59 2.57
N LYS A 20 3.89 13.22 1.59
CA LYS A 20 4.53 14.53 1.72
C LYS A 20 3.67 15.68 1.16
N ALA A 21 2.68 15.37 0.33
CA ALA A 21 1.72 16.34 -0.22
C ALA A 21 0.39 16.38 0.55
N ARG A 22 0.18 15.54 1.57
CA ARG A 22 -0.98 15.59 2.44
C ARG A 22 -0.91 16.85 3.33
N THR A 23 -1.91 17.11 4.16
CA THR A 23 -1.73 18.14 5.20
C THR A 23 -0.77 17.66 6.32
N PRO A 24 -1.11 16.67 7.17
CA PRO A 24 -0.37 16.41 8.41
C PRO A 24 1.04 15.84 8.25
N ALA A 25 1.37 15.47 7.01
CA ALA A 25 2.60 14.85 6.53
C ALA A 25 3.00 13.60 7.32
N LEU A 26 2.63 12.42 6.79
CA LEU A 26 2.84 11.16 7.47
C LEU A 26 4.19 10.53 7.10
N PRO A 27 4.85 9.84 8.03
CA PRO A 27 5.93 8.93 7.71
C PRO A 27 5.38 7.68 7.02
N VAL A 28 6.14 7.08 6.11
CA VAL A 28 5.74 5.89 5.37
C VAL A 28 6.84 4.84 5.54
N ALA A 29 6.55 3.81 6.33
CA ALA A 29 7.45 2.72 6.61
C ALA A 29 7.23 1.62 5.57
N TRP A 30 8.15 1.49 4.62
CA TRP A 30 8.19 0.43 3.62
C TRP A 30 8.97 -0.79 4.13
N GLN A 31 9.01 -1.85 3.33
CA GLN A 31 9.85 -3.01 3.61
C GLN A 31 11.33 -2.60 3.45
N ASN A 32 12.22 -3.25 4.19
CA ASN A 32 13.69 -3.08 4.19
C ASN A 32 14.18 -1.66 4.51
N THR A 33 13.28 -0.73 4.86
CA THR A 33 13.64 0.63 5.20
C THR A 33 14.23 0.67 6.61
N LYS A 34 14.67 1.86 7.05
CA LYS A 34 15.01 2.14 8.44
C LYS A 34 14.07 3.24 8.90
N PHE A 35 12.95 2.87 9.49
CA PHE A 35 11.88 3.78 9.90
C PHE A 35 11.99 4.08 11.40
N THR A 36 11.00 4.78 11.95
CA THR A 36 10.95 5.31 13.32
C THR A 36 11.83 6.59 13.44
N PRO A 37 11.56 7.50 14.38
CA PRO A 37 10.38 7.52 15.26
C PRO A 37 9.11 7.81 14.46
N PRO A 38 7.92 7.38 14.93
CA PRO A 38 6.67 7.82 14.34
C PRO A 38 6.47 9.31 14.54
N ALA A 39 5.45 9.87 13.89
CA ALA A 39 5.17 11.28 13.93
C ALA A 39 4.13 11.56 15.00
N ALA A 40 4.59 11.51 16.24
CA ALA A 40 3.83 11.70 17.47
C ALA A 40 2.71 10.65 17.56
N GLY A 41 3.10 9.38 17.44
CA GLY A 41 2.21 8.22 17.47
C GLY A 41 1.39 8.03 16.20
N VAL A 42 1.48 8.94 15.24
CA VAL A 42 0.79 8.87 13.96
C VAL A 42 1.78 8.30 12.93
N TYR A 43 1.46 7.19 12.28
CA TYR A 43 2.29 6.59 11.24
C TYR A 43 1.49 5.66 10.31
N LEU A 44 2.18 5.07 9.33
CA LEU A 44 1.63 4.25 8.24
C LEU A 44 2.65 3.17 7.91
N ARG A 45 2.26 1.89 7.92
CA ARG A 45 3.12 0.75 7.59
C ARG A 45 2.67 0.12 6.28
N ALA A 46 3.42 0.36 5.21
CA ALA A 46 3.10 0.12 3.81
C ALA A 46 3.72 -1.19 3.31
N TYR A 47 3.16 -2.34 3.71
CA TYR A 47 3.71 -3.63 3.30
C TYR A 47 3.21 -3.99 1.90
N VAL A 48 4.10 -4.51 1.05
CA VAL A 48 3.84 -4.91 -0.33
C VAL A 48 4.25 -6.38 -0.41
N MET A 49 3.29 -7.30 -0.63
CA MET A 49 3.46 -8.75 -0.51
C MET A 49 3.34 -9.44 -1.88
N PRO A 50 4.43 -9.50 -2.67
CA PRO A 50 4.45 -10.07 -4.01
C PRO A 50 4.27 -11.61 -4.04
N ALA A 51 3.84 -12.12 -5.19
CA ALA A 51 3.82 -13.54 -5.54
C ALA A 51 5.24 -14.04 -5.85
N ALA A 52 5.99 -14.35 -4.81
CA ALA A 52 7.36 -14.85 -4.90
C ALA A 52 7.59 -16.13 -4.08
N THR A 53 6.50 -16.77 -3.67
CA THR A 53 6.48 -17.76 -2.60
C THR A 53 5.53 -18.92 -2.96
N ILE A 54 5.61 -19.38 -4.21
CA ILE A 54 4.83 -20.47 -4.78
C ILE A 54 5.76 -21.28 -5.69
N SER A 55 5.70 -22.59 -5.53
CA SER A 55 6.57 -23.63 -6.09
C SER A 55 8.03 -23.47 -5.63
N ARG A 56 8.92 -24.28 -6.20
CA ARG A 56 10.37 -24.16 -6.12
C ARG A 56 10.87 -23.26 -7.28
N ASP A 57 10.14 -22.19 -7.59
CA ASP A 57 10.48 -21.26 -8.66
C ASP A 57 10.09 -19.86 -8.17
N ALA A 58 10.49 -18.82 -8.89
CA ALA A 58 10.02 -17.46 -8.69
C ALA A 58 10.07 -16.75 -10.05
N ALA A 59 9.11 -17.06 -10.91
CA ALA A 59 9.01 -16.55 -12.26
C ALA A 59 7.70 -15.79 -12.49
N GLY A 60 6.82 -15.71 -11.49
CA GLY A 60 5.48 -15.16 -11.60
C GLY A 60 4.61 -15.86 -12.62
N ASP A 61 5.03 -17.04 -13.08
CA ASP A 61 4.65 -17.77 -14.28
C ASP A 61 4.58 -16.87 -15.51
N HIS A 62 5.21 -15.71 -15.45
CA HIS A 62 5.00 -14.57 -16.31
C HIS A 62 3.53 -14.09 -16.39
N ARG A 63 2.56 -14.68 -15.66
CA ARG A 63 1.12 -14.43 -15.80
C ARG A 63 0.30 -14.61 -14.52
N GLN A 64 0.97 -14.71 -13.40
CA GLN A 64 0.46 -14.94 -12.05
C GLN A 64 1.20 -14.10 -10.99
N TYR A 65 1.82 -12.98 -11.37
CA TYR A 65 2.27 -11.95 -10.43
C TYR A 65 1.05 -11.27 -9.80
N ARG A 66 0.46 -11.94 -8.82
CA ARG A 66 -0.60 -11.43 -7.95
C ARG A 66 0.07 -10.88 -6.69
N GLY A 67 -0.67 -10.27 -5.78
CA GLY A 67 -0.15 -9.87 -4.50
C GLY A 67 -1.20 -9.13 -3.70
N VAL A 68 -0.82 -8.59 -2.55
CA VAL A 68 -1.65 -7.74 -1.72
C VAL A 68 -0.76 -6.63 -1.17
N PHE A 69 -1.33 -5.44 -1.02
CA PHE A 69 -0.70 -4.32 -0.33
C PHE A 69 -1.52 -4.06 0.92
N GLN A 70 -0.85 -3.54 1.95
CA GLN A 70 -1.37 -3.38 3.29
C GLN A 70 -0.90 -2.04 3.83
N VAL A 71 -1.81 -1.34 4.49
CA VAL A 71 -1.64 -0.04 5.10
C VAL A 71 -2.32 -0.09 6.46
N ASN A 72 -1.55 -0.49 7.47
CA ASN A 72 -1.95 -0.28 8.86
C ASN A 72 -1.67 1.18 9.18
N VAL A 73 -2.71 2.00 9.13
CA VAL A 73 -2.74 3.35 9.67
C VAL A 73 -2.74 3.24 11.19
N VAL A 74 -1.84 3.95 11.84
CA VAL A 74 -1.73 4.00 13.29
C VAL A 74 -1.98 5.45 13.73
N MET A 75 -2.79 5.65 14.77
CA MET A 75 -2.97 6.96 15.40
C MET A 75 -3.15 6.78 16.91
N PRO A 76 -2.65 7.71 17.75
CA PRO A 76 -2.57 7.53 19.19
C PRO A 76 -3.93 7.74 19.86
N ILE A 77 -4.16 7.07 20.98
CA ILE A 77 -5.42 7.10 21.72
C ILE A 77 -5.32 8.18 22.80
N GLY A 78 -5.25 9.44 22.37
CA GLY A 78 -5.09 10.60 23.22
C GLY A 78 -6.01 11.71 22.76
N ASP A 79 -7.31 11.42 22.77
CA ASP A 79 -8.45 12.23 22.34
C ASP A 79 -8.23 12.91 20.98
N GLY A 80 -8.66 12.25 19.92
CA GLY A 80 -8.47 12.63 18.52
C GLY A 80 -8.40 11.41 17.60
N SER A 81 -8.53 10.20 18.16
CA SER A 81 -8.26 8.87 17.61
C SER A 81 -9.08 8.48 16.38
N ARG A 82 -10.01 9.33 15.92
CA ARG A 82 -10.98 8.98 14.90
C ARG A 82 -10.46 9.22 13.46
N SER A 83 -9.16 9.38 13.28
CA SER A 83 -8.54 9.75 11.99
C SER A 83 -8.72 8.68 10.90
N ALA A 84 -9.04 7.44 11.29
CA ALA A 84 -9.10 6.28 10.42
C ALA A 84 -9.98 6.52 9.19
N GLU A 85 -11.18 7.06 9.35
CA GLU A 85 -12.12 7.23 8.24
C GLU A 85 -11.55 8.22 7.22
N GLN A 86 -11.10 9.38 7.70
CA GLN A 86 -10.46 10.41 6.91
C GLN A 86 -9.36 9.82 6.03
N VAL A 87 -8.41 9.13 6.65
CA VAL A 87 -7.27 8.58 5.94
C VAL A 87 -7.73 7.47 4.99
N ALA A 88 -8.74 6.67 5.34
CA ALA A 88 -9.19 5.60 4.46
C ALA A 88 -9.65 6.20 3.13
N ALA A 89 -10.35 7.34 3.20
CA ALA A 89 -10.87 8.00 2.02
C ALA A 89 -9.77 8.78 1.28
N GLU A 90 -8.80 9.37 1.96
CA GLU A 90 -7.69 10.04 1.27
C GLU A 90 -6.84 9.03 0.51
N LEU A 91 -6.57 7.88 1.14
CA LEU A 91 -5.89 6.74 0.54
C LEU A 91 -6.68 6.23 -0.66
N ASP A 92 -8.02 6.11 -0.55
CA ASP A 92 -8.89 5.65 -1.64
C ASP A 92 -8.85 6.65 -2.80
N ALA A 93 -8.91 7.95 -2.51
CA ALA A 93 -8.80 9.03 -3.48
C ALA A 93 -7.45 9.05 -4.19
N LEU A 94 -6.48 8.26 -3.73
CA LEU A 94 -5.18 8.06 -4.36
C LEU A 94 -5.05 6.69 -5.00
N PHE A 95 -5.84 5.69 -4.62
CA PHE A 95 -5.71 4.32 -5.09
C PHE A 95 -7.09 3.81 -5.58
N PRO A 96 -7.51 4.14 -6.82
CA PRO A 96 -8.79 3.73 -7.41
C PRO A 96 -8.76 2.34 -8.03
N VAL A 97 -9.92 1.75 -8.33
CA VAL A 97 -10.11 0.35 -8.79
C VAL A 97 -9.34 -0.06 -10.05
N ASN A 98 -8.69 0.87 -10.74
CA ASN A 98 -7.85 0.60 -11.90
C ASN A 98 -6.37 0.53 -11.52
N LEU A 99 -5.87 1.48 -10.73
CA LEU A 99 -4.47 1.81 -10.56
C LEU A 99 -3.75 1.87 -11.91
N VAL A 100 -3.84 3.00 -12.61
CA VAL A 100 -3.09 3.26 -13.84
C VAL A 100 -1.65 3.64 -13.50
N MET A 101 -1.00 2.80 -12.71
CA MET A 101 0.44 2.83 -12.48
C MET A 101 1.11 2.37 -13.78
N GLN A 102 1.39 3.33 -14.66
CA GLN A 102 2.39 3.17 -15.70
C GLN A 102 3.75 3.30 -15.01
N SER A 103 4.31 2.17 -14.64
CA SER A 103 5.73 2.05 -14.31
C SER A 103 6.47 1.68 -15.62
N GLY A 104 7.80 1.74 -15.62
CA GLY A 104 8.68 1.50 -16.76
C GLY A 104 8.77 0.04 -17.24
N GLY A 105 7.74 -0.77 -17.00
CA GLY A 105 7.79 -2.21 -17.12
C GLY A 105 6.49 -2.70 -17.76
N LEU A 106 5.36 -2.45 -17.10
CA LEU A 106 4.03 -2.90 -17.47
C LEU A 106 3.00 -2.23 -16.57
N ALA A 107 1.76 -2.15 -17.02
CA ALA A 107 0.64 -1.60 -16.27
C ALA A 107 0.24 -2.56 -15.13
N VAL A 108 0.27 -2.05 -13.89
CA VAL A 108 -0.34 -2.72 -12.74
C VAL A 108 -1.86 -2.69 -12.91
N ARG A 109 -2.62 -3.46 -12.11
CA ARG A 109 -4.05 -3.25 -11.94
C ARG A 109 -4.39 -3.67 -10.53
N VAL A 110 -5.05 -2.81 -9.76
CA VAL A 110 -5.48 -3.23 -8.43
C VAL A 110 -6.57 -4.30 -8.49
N ARG A 111 -7.32 -4.39 -9.59
CA ARG A 111 -8.25 -5.48 -9.92
C ARG A 111 -9.52 -5.45 -9.07
N THR A 112 -9.46 -4.98 -7.84
CA THR A 112 -10.57 -4.97 -6.89
C THR A 112 -10.62 -3.61 -6.15
N PRO A 113 -11.80 -3.14 -5.70
CA PRO A 113 -11.93 -1.83 -5.04
C PRO A 113 -11.30 -1.87 -3.63
N ILE A 114 -10.99 -0.69 -3.06
CA ILE A 114 -10.58 -0.57 -1.66
C ILE A 114 -11.66 -1.24 -0.80
N SER A 115 -11.22 -1.94 0.23
CA SER A 115 -12.05 -2.33 1.35
C SER A 115 -11.25 -1.95 2.60
N ASN A 116 -11.95 -1.70 3.70
CA ASN A 116 -11.38 -1.47 5.03
C ASN A 116 -12.29 -2.06 6.08
N GLY A 117 -11.85 -2.14 7.32
CA GLY A 117 -12.61 -2.80 8.39
C GLY A 117 -12.65 -1.96 9.66
N GLN A 118 -13.47 -2.42 10.60
CA GLN A 118 -13.55 -1.89 11.96
C GLN A 118 -12.19 -2.14 12.63
N PRO A 119 -11.73 -1.22 13.51
CA PRO A 119 -10.41 -1.30 14.09
C PRO A 119 -10.28 -2.48 15.05
N THR A 120 -9.04 -2.81 15.40
CA THR A 120 -8.73 -3.86 16.36
C THR A 120 -8.00 -3.33 17.59
N THR A 121 -7.84 -2.01 17.66
CA THR A 121 -7.10 -1.30 18.71
C THR A 121 -5.64 -1.80 18.81
N GLY A 122 -4.90 -1.34 19.79
CA GLY A 122 -3.50 -1.64 20.06
C GLY A 122 -3.16 -1.07 21.42
N ASP A 123 -1.87 -1.06 21.77
CA ASP A 123 -1.41 -0.77 23.14
C ASP A 123 -1.77 0.65 23.57
N ALA A 124 -1.59 1.61 22.67
CA ALA A 124 -1.89 3.02 22.85
C ALA A 124 -2.27 3.65 21.52
N ASP A 125 -2.69 2.83 20.56
CA ASP A 125 -2.77 3.20 19.16
C ASP A 125 -3.83 2.31 18.53
N HIS A 126 -4.85 2.89 17.90
CA HIS A 126 -5.76 2.07 17.10
C HIS A 126 -5.17 1.85 15.71
N THR A 127 -5.71 0.86 15.02
CA THR A 127 -5.40 0.45 13.67
C THR A 127 -6.71 -0.08 13.10
N VAL A 128 -7.10 0.46 11.95
CA VAL A 128 -8.08 -0.17 11.09
C VAL A 128 -7.25 -0.96 10.06
N PRO A 129 -7.74 -2.14 9.63
CA PRO A 129 -7.15 -2.89 8.53
C PRO A 129 -7.56 -2.25 7.21
N ILE A 130 -6.60 -1.94 6.34
CA ILE A 130 -6.83 -1.40 5.00
C ILE A 130 -5.84 -2.08 4.05
N SER A 131 -6.35 -2.61 2.95
CA SER A 131 -5.63 -3.46 2.02
C SER A 131 -6.47 -3.75 0.78
N LEU A 132 -5.78 -4.11 -0.32
CA LEU A 132 -6.36 -4.47 -1.61
C LEU A 132 -5.49 -5.53 -2.30
N GLY A 133 -6.04 -6.28 -3.26
CA GLY A 133 -5.39 -7.48 -3.80
C GLY A 133 -5.17 -7.38 -5.30
N TYR A 134 -4.08 -6.71 -5.65
CA TYR A 134 -3.66 -6.41 -7.01
C TYR A 134 -3.15 -7.64 -7.77
N ASP A 135 -2.96 -7.47 -9.08
CA ASP A 135 -2.13 -8.34 -9.89
C ASP A 135 -1.40 -7.53 -10.98
N VAL A 136 -0.72 -8.24 -11.88
CA VAL A 136 -0.01 -7.71 -13.04
C VAL A 136 -0.65 -8.34 -14.27
N GLN A 137 -0.54 -7.65 -15.41
CA GLN A 137 -0.84 -8.14 -16.74
C GLN A 137 0.15 -7.46 -17.68
N PHE A 138 0.18 -7.87 -18.96
CA PHE A 138 0.84 -7.07 -19.98
C PHE A 138 -0.07 -5.94 -20.48
N TYR A 139 -1.35 -5.97 -20.12
CA TYR A 139 -2.37 -5.01 -20.52
C TYR A 139 -2.40 -4.78 -22.04
N PRO A 140 -2.79 -5.79 -22.85
CA PRO A 140 -2.82 -5.68 -24.29
C PRO A 140 -3.84 -4.62 -24.72
N GLU A 141 -3.39 -3.60 -25.43
CA GLU A 141 -4.23 -2.66 -26.15
C GLU A 141 -4.70 -3.30 -27.44
N GLY A 1 13.34 -11.74 -15.77
CA GLY A 1 14.47 -10.87 -15.39
C GLY A 1 14.17 -9.43 -15.74
N MET A 2 14.55 -8.48 -14.87
CA MET A 2 14.05 -7.11 -14.93
C MET A 2 12.51 -7.12 -14.91
N SER A 3 11.85 -6.02 -15.29
CA SER A 3 10.41 -5.81 -15.08
C SER A 3 10.00 -6.13 -13.63
N GLN A 4 10.80 -5.70 -12.65
CA GLN A 4 10.58 -5.97 -11.24
C GLN A 4 10.84 -4.74 -10.39
N ASP A 5 12.04 -4.16 -10.40
CA ASP A 5 12.30 -2.98 -9.57
C ASP A 5 11.56 -1.75 -10.11
N LEU A 6 11.14 -1.80 -11.37
CA LEU A 6 10.23 -0.83 -11.98
C LEU A 6 8.82 -0.96 -11.39
N ILE A 7 8.35 -2.20 -11.24
CA ILE A 7 7.03 -2.54 -10.70
C ILE A 7 6.85 -1.85 -9.36
N ARG A 8 7.69 -2.23 -8.39
CA ARG A 8 7.64 -1.71 -7.05
C ARG A 8 7.78 -0.19 -7.02
N ALA A 9 8.69 0.35 -7.84
CA ALA A 9 8.89 1.79 -7.90
C ALA A 9 7.60 2.53 -8.27
N ALA A 10 6.73 1.94 -9.09
CA ALA A 10 5.47 2.56 -9.47
C ALA A 10 4.60 2.88 -8.24
N PHE A 11 4.69 2.06 -7.18
CA PHE A 11 3.92 2.27 -5.98
C PHE A 11 4.47 3.49 -5.24
N GLU A 12 5.78 3.53 -4.93
CA GLU A 12 6.38 4.67 -4.25
C GLU A 12 6.28 5.95 -5.08
N LYS A 13 6.33 5.88 -6.41
CA LYS A 13 6.15 7.02 -7.31
C LYS A 13 4.76 7.61 -7.12
N ARG A 14 3.79 6.86 -6.59
CA ARG A 14 2.46 7.37 -6.32
C ARG A 14 2.31 7.70 -4.85
N LEU A 15 2.46 6.72 -3.95
CA LEU A 15 2.17 6.87 -2.52
C LEU A 15 3.05 7.94 -1.87
N SER A 16 4.32 8.06 -2.26
CA SER A 16 5.21 9.05 -1.67
C SER A 16 4.69 10.45 -1.99
N ASP A 17 4.24 10.66 -3.24
CA ASP A 17 3.70 11.92 -3.73
C ASP A 17 2.32 12.25 -3.15
N TRP A 18 1.72 11.35 -2.36
CA TRP A 18 0.59 11.62 -1.48
C TRP A 18 1.09 11.91 -0.06
N ALA A 19 1.90 11.02 0.52
CA ALA A 19 2.28 11.11 1.92
C ALA A 19 3.02 12.41 2.22
N LYS A 20 3.92 12.86 1.34
CA LYS A 20 4.58 14.16 1.50
C LYS A 20 3.63 15.32 1.20
N ALA A 21 2.63 15.11 0.34
CA ALA A 21 1.71 16.17 -0.10
C ALA A 21 0.63 16.42 0.93
N ARG A 22 0.38 15.47 1.84
CA ARG A 22 -0.54 15.62 2.95
C ARG A 22 -0.13 16.80 3.81
N THR A 23 -1.08 17.30 4.59
CA THR A 23 -0.86 18.40 5.50
C THR A 23 -0.08 17.99 6.76
N PRO A 24 -0.46 16.95 7.52
CA PRO A 24 0.41 16.41 8.57
C PRO A 24 1.67 15.78 7.99
N ALA A 25 1.63 15.50 6.68
CA ALA A 25 2.67 14.89 5.86
C ALA A 25 3.24 13.63 6.52
N LEU A 26 2.69 12.48 6.16
CA LEU A 26 2.89 11.23 6.90
C LEU A 26 4.16 10.51 6.47
N PRO A 27 4.72 9.60 7.29
CA PRO A 27 5.83 8.75 6.87
C PRO A 27 5.34 7.60 5.98
N VAL A 28 6.30 6.83 5.45
CA VAL A 28 6.06 5.61 4.70
C VAL A 28 7.08 4.60 5.21
N ALA A 29 6.64 3.50 5.81
CA ALA A 29 7.50 2.36 6.08
C ALA A 29 7.11 1.22 5.15
N TRP A 30 7.81 1.11 4.03
CA TRP A 30 7.78 -0.04 3.15
C TRP A 30 8.36 -1.23 3.91
N GLN A 31 7.55 -2.27 4.18
CA GLN A 31 7.96 -3.53 4.80
C GLN A 31 8.86 -3.40 6.04
N ASN A 32 10.19 -3.28 5.85
CA ASN A 32 11.21 -3.32 6.88
C ASN A 32 12.28 -2.24 6.64
N THR A 33 11.99 -1.24 5.80
CA THR A 33 12.94 -0.26 5.30
C THR A 33 13.53 0.62 6.43
N LYS A 34 14.53 1.45 6.09
CA LYS A 34 15.00 2.54 6.94
C LYS A 34 13.80 3.43 7.24
N PHE A 35 13.36 3.47 8.48
CA PHE A 35 12.28 4.27 9.00
C PHE A 35 12.69 4.71 10.41
N THR A 36 11.74 5.19 11.20
CA THR A 36 11.87 5.74 12.54
C THR A 36 12.41 7.17 12.44
N PRO A 37 12.09 8.04 13.42
CA PRO A 37 11.06 7.86 14.44
C PRO A 37 9.65 7.87 13.80
N PRO A 38 8.57 7.58 14.56
CA PRO A 38 7.23 7.92 14.10
C PRO A 38 7.04 9.43 14.12
N ALA A 39 5.93 9.88 13.54
CA ALA A 39 5.51 11.25 13.55
C ALA A 39 4.56 11.46 14.73
N ALA A 40 5.13 11.46 15.94
CA ALA A 40 4.47 11.73 17.21
C ALA A 40 3.19 10.91 17.38
N GLY A 41 3.35 9.62 17.65
CA GLY A 41 2.27 8.67 17.91
C GLY A 41 1.56 8.16 16.65
N VAL A 42 1.90 8.72 15.49
CA VAL A 42 1.25 8.44 14.22
C VAL A 42 2.33 7.99 13.24
N TYR A 43 2.08 6.86 12.56
CA TYR A 43 2.96 6.35 11.51
C TYR A 43 2.15 5.41 10.60
N LEU A 44 2.81 4.77 9.62
CA LEU A 44 2.17 4.01 8.54
C LEU A 44 3.03 2.82 8.13
N ARG A 45 2.56 1.61 8.46
CA ARG A 45 3.16 0.37 7.96
C ARG A 45 2.52 0.02 6.64
N ALA A 46 3.23 0.30 5.54
CA ALA A 46 2.87 -0.05 4.17
C ALA A 46 3.53 -1.40 3.82
N TYR A 47 2.89 -2.52 4.15
CA TYR A 47 3.45 -3.85 3.97
C TYR A 47 3.07 -4.38 2.59
N VAL A 48 4.05 -4.42 1.70
CA VAL A 48 3.95 -5.04 0.39
C VAL A 48 4.01 -6.56 0.59
N MET A 49 3.22 -7.34 -0.13
CA MET A 49 3.30 -8.80 -0.13
C MET A 49 3.33 -9.22 -1.61
N PRO A 50 4.53 -9.23 -2.22
CA PRO A 50 4.71 -9.63 -3.61
C PRO A 50 4.35 -11.11 -3.85
N ALA A 51 4.32 -11.52 -5.11
CA ALA A 51 4.02 -12.87 -5.58
C ALA A 51 5.27 -13.52 -6.16
N ALA A 52 5.58 -14.76 -5.77
CA ALA A 52 6.75 -15.49 -6.23
C ALA A 52 6.48 -16.99 -6.09
N THR A 53 5.91 -17.64 -7.12
CA THR A 53 5.77 -19.09 -7.10
C THR A 53 7.17 -19.74 -7.18
N ILE A 54 7.26 -21.00 -6.73
CA ILE A 54 8.47 -21.79 -6.86
C ILE A 54 8.38 -22.53 -8.19
N SER A 55 9.45 -22.39 -8.97
CA SER A 55 9.79 -23.20 -10.12
C SER A 55 11.32 -23.20 -10.24
N ARG A 56 11.90 -24.06 -11.08
CA ARG A 56 13.35 -24.33 -11.07
C ARG A 56 14.04 -24.04 -12.40
N ASP A 57 13.28 -23.51 -13.33
CA ASP A 57 13.53 -23.42 -14.75
C ASP A 57 12.51 -22.42 -15.26
N ALA A 58 12.81 -21.73 -16.37
CA ALA A 58 12.01 -20.66 -16.97
C ALA A 58 11.66 -19.50 -16.02
N ALA A 59 12.31 -19.47 -14.85
CA ALA A 59 11.98 -18.71 -13.65
C ALA A 59 10.59 -19.04 -13.08
N GLY A 60 10.31 -18.53 -11.89
CA GLY A 60 9.03 -18.66 -11.19
C GLY A 60 8.13 -17.46 -11.53
N ASP A 61 8.24 -16.94 -12.74
CA ASP A 61 7.40 -15.86 -13.21
C ASP A 61 7.17 -16.02 -14.71
N HIS A 62 5.91 -15.92 -15.10
CA HIS A 62 5.53 -15.62 -16.47
C HIS A 62 4.14 -15.04 -16.57
N ARG A 63 3.26 -15.54 -15.71
CA ARG A 63 1.84 -15.28 -15.76
C ARG A 63 1.22 -15.46 -14.36
N GLN A 64 2.01 -15.26 -13.30
CA GLN A 64 1.62 -15.51 -11.90
C GLN A 64 1.93 -14.35 -10.95
N TYR A 65 2.37 -13.22 -11.50
CA TYR A 65 2.80 -12.08 -10.73
C TYR A 65 1.59 -11.23 -10.33
N ARG A 66 1.56 -10.79 -9.07
CA ARG A 66 0.46 -10.10 -8.40
C ARG A 66 0.95 -9.70 -7.01
N GLY A 67 0.06 -9.38 -6.07
CA GLY A 67 0.42 -9.34 -4.66
C GLY A 67 -0.80 -9.02 -3.82
N VAL A 68 -0.55 -8.57 -2.60
CA VAL A 68 -1.48 -7.80 -1.79
C VAL A 68 -0.64 -6.69 -1.15
N PHE A 69 -1.30 -5.62 -0.73
CA PHE A 69 -0.66 -4.50 -0.04
C PHE A 69 -1.54 -4.23 1.18
N GLN A 70 -0.94 -4.23 2.36
CA GLN A 70 -1.58 -4.15 3.66
C GLN A 70 -1.09 -2.86 4.30
N VAL A 71 -2.02 -1.98 4.70
CA VAL A 71 -1.64 -0.67 5.21
C VAL A 71 -2.28 -0.51 6.58
N ASN A 72 -1.44 -0.26 7.59
CA ASN A 72 -1.84 -0.02 8.96
C ASN A 72 -1.52 1.44 9.28
N VAL A 73 -2.54 2.30 9.15
CA VAL A 73 -2.54 3.57 9.85
C VAL A 73 -2.64 3.26 11.33
N VAL A 74 -1.62 3.68 12.06
CA VAL A 74 -1.61 3.61 13.51
C VAL A 74 -1.66 5.05 14.02
N MET A 75 -2.50 5.30 15.01
CA MET A 75 -2.76 6.62 15.60
C MET A 75 -3.00 6.43 17.09
N PRO A 76 -2.71 7.43 17.93
CA PRO A 76 -2.89 7.32 19.38
C PRO A 76 -4.36 7.46 19.76
N ILE A 77 -4.69 7.13 21.01
CA ILE A 77 -6.03 7.28 21.56
C ILE A 77 -6.00 8.43 22.56
N GLY A 78 -5.74 9.64 22.07
CA GLY A 78 -5.96 10.85 22.82
C GLY A 78 -7.07 11.62 22.12
N ASP A 79 -6.78 12.84 21.71
CA ASP A 79 -7.75 13.79 21.16
C ASP A 79 -7.85 13.70 19.63
N GLY A 80 -6.98 12.89 19.04
CA GLY A 80 -6.81 12.67 17.61
C GLY A 80 -7.09 11.24 17.18
N SER A 81 -7.80 10.46 17.99
CA SER A 81 -8.35 9.18 17.54
C SER A 81 -9.43 9.42 16.46
N ARG A 82 -10.04 8.35 15.96
CA ARG A 82 -11.01 8.33 14.86
C ARG A 82 -10.46 8.81 13.51
N SER A 83 -9.21 9.29 13.45
CA SER A 83 -8.53 9.74 12.23
C SER A 83 -8.45 8.63 11.16
N ALA A 84 -8.70 7.37 11.55
CA ALA A 84 -8.92 6.23 10.68
C ALA A 84 -9.85 6.56 9.52
N GLU A 85 -10.92 7.31 9.79
CA GLU A 85 -11.98 7.59 8.83
C GLU A 85 -11.46 8.54 7.75
N GLN A 86 -10.90 9.66 8.19
CA GLN A 86 -10.30 10.67 7.35
C GLN A 86 -9.27 10.08 6.41
N VAL A 87 -8.38 9.26 6.96
CA VAL A 87 -7.33 8.60 6.20
C VAL A 87 -7.98 7.60 5.25
N ALA A 88 -8.98 6.81 5.69
CA ALA A 88 -9.58 5.80 4.84
C ALA A 88 -10.29 6.40 3.63
N ALA A 89 -10.77 7.63 3.74
CA ALA A 89 -11.29 8.38 2.60
C ALA A 89 -10.16 8.77 1.66
N GLU A 90 -9.08 9.34 2.20
CA GLU A 90 -7.95 9.80 1.40
C GLU A 90 -7.30 8.65 0.64
N LEU A 91 -6.94 7.57 1.33
CA LEU A 91 -6.34 6.39 0.76
C LEU A 91 -7.22 5.75 -0.32
N ASP A 92 -8.54 5.76 -0.15
CA ASP A 92 -9.51 5.31 -1.16
C ASP A 92 -9.43 6.19 -2.42
N ALA A 93 -9.54 7.51 -2.25
CA ALA A 93 -9.43 8.45 -3.36
C ALA A 93 -8.06 8.34 -4.05
N LEU A 94 -7.01 8.06 -3.28
CA LEU A 94 -5.64 7.95 -3.78
C LEU A 94 -5.47 6.67 -4.58
N PHE A 95 -6.07 5.55 -4.15
CA PHE A 95 -5.98 4.24 -4.81
C PHE A 95 -7.35 3.84 -5.40
N PRO A 96 -7.72 4.33 -6.60
CA PRO A 96 -8.94 3.92 -7.29
C PRO A 96 -8.81 2.50 -7.88
N VAL A 97 -9.95 1.86 -8.18
CA VAL A 97 -10.11 0.45 -8.64
C VAL A 97 -9.35 0.07 -9.94
N ASN A 98 -8.73 1.03 -10.60
CA ASN A 98 -8.08 0.85 -11.89
C ASN A 98 -6.56 0.82 -11.70
N LEU A 99 -6.06 1.69 -10.80
CA LEU A 99 -4.70 1.73 -10.24
C LEU A 99 -3.59 1.51 -11.26
N VAL A 100 -3.74 2.06 -12.46
CA VAL A 100 -2.62 2.12 -13.39
C VAL A 100 -1.52 2.90 -12.68
N MET A 101 -0.43 2.22 -12.37
CA MET A 101 0.82 2.83 -11.95
C MET A 101 1.80 2.29 -12.98
N GLN A 102 1.83 2.96 -14.13
CA GLN A 102 2.76 2.65 -15.19
C GLN A 102 4.18 2.85 -14.66
N SER A 103 5.12 2.11 -15.21
CA SER A 103 6.54 2.26 -14.95
C SER A 103 7.25 1.73 -16.19
N GLY A 104 8.59 1.80 -16.18
CA GLY A 104 9.40 1.41 -17.32
C GLY A 104 9.09 0.00 -17.81
N GLY A 105 8.80 -0.96 -16.92
CA GLY A 105 8.50 -2.31 -17.34
C GLY A 105 7.14 -2.38 -18.03
N LEU A 106 6.10 -1.94 -17.33
CA LEU A 106 4.68 -2.24 -17.51
C LEU A 106 3.91 -1.60 -16.34
N ALA A 107 2.60 -1.83 -16.24
CA ALA A 107 1.73 -1.24 -15.22
C ALA A 107 1.23 -2.29 -14.22
N VAL A 108 0.53 -1.85 -13.17
CA VAL A 108 -0.18 -2.73 -12.23
C VAL A 108 -1.67 -2.40 -12.30
N ARG A 109 -2.54 -3.20 -11.67
CA ARG A 109 -3.90 -2.80 -11.36
C ARG A 109 -4.24 -3.34 -9.97
N VAL A 110 -5.01 -2.60 -9.19
CA VAL A 110 -5.47 -2.99 -7.86
C VAL A 110 -6.40 -4.21 -7.82
N ARG A 111 -7.05 -4.55 -8.93
CA ARG A 111 -7.84 -5.75 -9.21
C ARG A 111 -9.15 -5.86 -8.43
N THR A 112 -9.25 -5.20 -7.28
CA THR A 112 -10.45 -5.08 -6.46
C THR A 112 -10.54 -3.64 -5.97
N PRO A 113 -11.72 -3.19 -5.50
CA PRO A 113 -11.84 -1.88 -4.86
C PRO A 113 -11.14 -1.92 -3.49
N ILE A 114 -10.87 -0.72 -2.95
CA ILE A 114 -10.33 -0.56 -1.60
C ILE A 114 -11.30 -1.21 -0.60
N SER A 115 -10.76 -1.92 0.39
CA SER A 115 -11.49 -2.56 1.46
C SER A 115 -11.08 -1.92 2.79
N ASN A 116 -12.02 -1.87 3.73
CA ASN A 116 -11.96 -1.18 5.00
C ASN A 116 -12.84 -1.94 5.98
N GLY A 117 -12.41 -2.06 7.24
CA GLY A 117 -13.22 -2.59 8.33
C GLY A 117 -12.98 -1.75 9.58
N GLN A 118 -13.66 -2.10 10.68
CA GLN A 118 -13.52 -1.40 11.95
C GLN A 118 -12.15 -1.68 12.58
N PRO A 119 -11.66 -0.78 13.45
CA PRO A 119 -10.39 -0.98 14.12
C PRO A 119 -10.51 -2.04 15.21
N THR A 120 -9.42 -2.75 15.48
CA THR A 120 -9.39 -3.72 16.57
C THR A 120 -8.95 -3.12 17.90
N THR A 121 -8.71 -1.81 17.91
CA THR A 121 -8.05 -1.06 18.97
C THR A 121 -6.71 -1.74 19.39
N GLY A 122 -6.08 -1.31 20.46
CA GLY A 122 -4.73 -1.69 20.83
C GLY A 122 -4.41 -1.16 22.22
N ASP A 123 -3.13 -1.11 22.53
CA ASP A 123 -2.62 -0.70 23.84
C ASP A 123 -3.02 0.73 24.13
N ALA A 124 -2.64 1.64 23.24
CA ALA A 124 -2.89 3.07 23.27
C ALA A 124 -3.11 3.59 21.87
N ASP A 125 -3.49 2.71 20.93
CA ASP A 125 -3.49 3.00 19.51
C ASP A 125 -4.67 2.31 18.86
N HIS A 126 -5.19 2.85 17.75
CA HIS A 126 -6.09 2.11 16.87
C HIS A 126 -5.38 1.84 15.54
N THR A 127 -5.89 0.84 14.83
CA THR A 127 -5.55 0.43 13.47
C THR A 127 -6.82 -0.08 12.84
N VAL A 128 -7.33 0.61 11.84
CA VAL A 128 -8.33 0.03 10.95
C VAL A 128 -7.61 -0.94 9.99
N PRO A 129 -8.24 -2.06 9.62
CA PRO A 129 -7.71 -3.02 8.68
C PRO A 129 -8.04 -2.59 7.25
N ILE A 130 -7.01 -2.29 6.45
CA ILE A 130 -7.17 -1.72 5.11
C ILE A 130 -6.15 -2.42 4.22
N SER A 131 -6.60 -2.96 3.10
CA SER A 131 -5.74 -3.60 2.12
C SER A 131 -6.43 -3.69 0.76
N LEU A 132 -5.65 -4.02 -0.27
CA LEU A 132 -6.10 -4.34 -1.61
C LEU A 132 -5.18 -5.36 -2.28
N GLY A 133 -5.66 -6.04 -3.32
CA GLY A 133 -5.10 -7.31 -3.79
C GLY A 133 -4.77 -7.32 -5.27
N TYR A 134 -3.78 -6.52 -5.61
CA TYR A 134 -3.39 -6.12 -6.95
C TYR A 134 -2.90 -7.29 -7.81
N ASP A 135 -2.98 -7.15 -9.14
CA ASP A 135 -2.28 -8.00 -10.08
C ASP A 135 -1.50 -7.18 -11.10
N VAL A 136 -0.46 -7.80 -11.68
CA VAL A 136 0.41 -7.17 -12.66
C VAL A 136 -0.32 -7.26 -13.99
N GLN A 137 -0.21 -6.21 -14.82
CA GLN A 137 -0.81 -6.17 -16.13
C GLN A 137 0.18 -5.61 -17.14
N PHE A 138 -0.11 -5.84 -18.41
CA PHE A 138 0.57 -5.26 -19.55
C PHE A 138 -0.50 -5.02 -20.60
N TYR A 139 -0.41 -3.91 -21.32
CA TYR A 139 -1.33 -3.56 -22.40
C TYR A 139 -0.51 -3.18 -23.62
N PRO A 140 -1.02 -3.39 -24.84
CA PRO A 140 -0.26 -3.22 -26.08
C PRO A 140 -0.20 -1.73 -26.46
N GLU A 141 0.48 -0.96 -25.62
CA GLU A 141 0.37 0.49 -25.43
C GLU A 141 -1.01 0.87 -24.88
N GLY A 1 16.52 -7.88 -15.45
CA GLY A 1 15.19 -8.48 -15.57
C GLY A 1 14.67 -9.06 -14.24
N MET A 2 14.88 -8.38 -13.10
CA MET A 2 14.27 -8.80 -11.83
C MET A 2 12.77 -8.51 -11.83
N SER A 3 12.31 -7.55 -12.63
CA SER A 3 10.93 -7.10 -12.78
C SER A 3 10.35 -6.46 -11.50
N GLN A 4 10.18 -7.22 -10.42
CA GLN A 4 9.50 -6.82 -9.20
C GLN A 4 10.03 -5.50 -8.59
N ASP A 5 11.32 -5.22 -8.74
CA ASP A 5 11.98 -3.97 -8.35
C ASP A 5 11.33 -2.76 -9.00
N LEU A 6 11.18 -2.86 -10.31
CA LEU A 6 10.72 -1.80 -11.15
C LEU A 6 9.25 -1.56 -10.83
N ILE A 7 8.46 -2.61 -10.74
CA ILE A 7 7.10 -2.56 -10.22
C ILE A 7 7.04 -1.76 -8.91
N ARG A 8 7.84 -2.11 -7.87
CA ARG A 8 7.90 -1.34 -6.61
C ARG A 8 8.08 0.15 -6.90
N ALA A 9 8.98 0.51 -7.81
CA ALA A 9 9.27 1.91 -8.13
C ALA A 9 8.05 2.70 -8.61
N ALA A 10 6.99 2.08 -9.13
CA ALA A 10 5.78 2.81 -9.49
C ALA A 10 4.87 3.01 -8.28
N PHE A 11 4.71 1.94 -7.49
CA PHE A 11 3.89 1.93 -6.30
C PHE A 11 4.42 3.00 -5.33
N GLU A 12 5.73 2.96 -5.07
CA GLU A 12 6.39 3.84 -4.13
C GLU A 12 6.25 5.31 -4.55
N LYS A 13 6.38 5.58 -5.86
CA LYS A 13 6.35 6.92 -6.43
C LYS A 13 5.00 7.54 -6.14
N ARG A 14 3.91 6.82 -6.47
CA ARG A 14 2.59 7.39 -6.31
C ARG A 14 2.23 7.57 -4.83
N LEU A 15 2.47 6.56 -3.97
CA LEU A 15 2.07 6.63 -2.57
C LEU A 15 2.82 7.76 -1.86
N SER A 16 4.15 7.76 -1.94
CA SER A 16 4.93 8.70 -1.13
C SER A 16 4.68 10.13 -1.62
N ASP A 17 4.50 10.32 -2.93
CA ASP A 17 4.19 11.63 -3.48
C ASP A 17 2.83 12.16 -3.00
N TRP A 18 1.89 11.31 -2.55
CA TRP A 18 0.67 11.75 -1.87
C TRP A 18 1.01 12.22 -0.46
N ALA A 19 1.60 11.35 0.38
CA ALA A 19 1.78 11.65 1.79
C ALA A 19 2.76 12.78 2.06
N LYS A 20 3.70 13.07 1.15
CA LYS A 20 4.55 14.26 1.26
C LYS A 20 3.83 15.53 0.76
N ALA A 21 2.77 15.40 -0.04
CA ALA A 21 2.03 16.51 -0.64
C ALA A 21 0.76 16.86 0.14
N ARG A 22 0.35 16.05 1.13
CA ARG A 22 -0.61 16.47 2.12
C ARG A 22 -0.11 17.62 2.97
N THR A 23 -1.08 18.30 3.56
CA THR A 23 -0.91 19.37 4.53
C THR A 23 -0.18 18.86 5.77
N PRO A 24 -0.77 17.97 6.62
CA PRO A 24 -0.08 17.54 7.83
C PRO A 24 1.12 16.68 7.51
N ALA A 25 1.07 16.04 6.33
CA ALA A 25 1.90 14.98 5.81
C ALA A 25 1.92 13.76 6.74
N LEU A 26 2.24 12.58 6.18
CA LEU A 26 2.24 11.32 6.92
C LEU A 26 3.49 10.54 6.53
N PRO A 27 4.11 9.79 7.46
CA PRO A 27 5.30 9.02 7.14
C PRO A 27 4.90 7.74 6.40
N VAL A 28 5.78 7.24 5.55
CA VAL A 28 5.54 6.08 4.70
C VAL A 28 6.58 5.02 5.08
N ALA A 29 6.23 4.14 6.01
CA ALA A 29 7.14 3.11 6.50
C ALA A 29 7.09 1.88 5.59
N TRP A 30 8.04 1.74 4.67
CA TRP A 30 8.18 0.53 3.88
C TRP A 30 8.75 -0.58 4.75
N GLN A 31 7.87 -1.44 5.27
CA GLN A 31 8.13 -2.64 6.05
C GLN A 31 9.09 -2.46 7.24
N ASN A 32 10.40 -2.33 7.04
CA ASN A 32 11.41 -2.23 8.11
C ASN A 32 12.33 -1.02 7.95
N THR A 33 12.07 -0.15 6.96
CA THR A 33 12.95 0.95 6.58
C THR A 33 13.21 1.94 7.73
N LYS A 34 14.32 2.67 7.63
CA LYS A 34 14.85 3.64 8.59
C LYS A 34 13.93 4.84 8.87
N PHE A 35 12.91 4.69 9.74
CA PHE A 35 11.91 5.73 9.94
C PHE A 35 11.22 5.61 11.31
N THR A 36 11.87 6.09 12.38
CA THR A 36 11.26 6.34 13.69
C THR A 36 12.16 7.33 14.48
N PRO A 37 11.60 8.25 15.30
CA PRO A 37 10.21 8.31 15.75
C PRO A 37 9.25 8.96 14.74
N PRO A 38 7.92 8.73 14.90
CA PRO A 38 6.86 9.45 14.19
C PRO A 38 6.73 10.91 14.64
N ALA A 39 5.69 11.59 14.14
CA ALA A 39 5.39 12.93 14.58
C ALA A 39 4.80 13.03 15.97
N ALA A 40 4.09 11.98 16.38
CA ALA A 40 3.17 12.04 17.51
C ALA A 40 2.42 10.71 17.63
N GLY A 41 3.05 9.59 17.30
CA GLY A 41 2.43 8.27 17.29
C GLY A 41 1.60 7.97 16.03
N VAL A 42 1.57 8.87 15.05
CA VAL A 42 0.72 8.78 13.86
C VAL A 42 1.57 8.35 12.67
N TYR A 43 1.26 7.21 12.06
CA TYR A 43 2.03 6.63 10.95
C TYR A 43 1.26 5.54 10.19
N LEU A 44 1.76 5.15 9.00
CA LEU A 44 1.10 4.29 8.00
C LEU A 44 2.03 3.14 7.62
N ARG A 45 1.80 1.97 8.19
CA ARG A 45 2.66 0.79 8.04
C ARG A 45 2.32 0.08 6.73
N ALA A 46 3.01 0.47 5.66
CA ALA A 46 2.88 -0.15 4.35
C ALA A 46 3.46 -1.56 4.43
N TYR A 47 2.77 -2.53 3.84
CA TYR A 47 3.28 -3.88 3.64
C TYR A 47 2.92 -4.30 2.22
N VAL A 48 3.92 -4.74 1.45
CA VAL A 48 3.77 -5.26 0.11
C VAL A 48 3.79 -6.78 0.23
N MET A 49 2.89 -7.49 -0.45
CA MET A 49 2.79 -8.95 -0.40
C MET A 49 2.86 -9.43 -1.86
N PRO A 50 4.05 -9.46 -2.46
CA PRO A 50 4.20 -9.84 -3.86
C PRO A 50 3.92 -11.34 -3.99
N ALA A 51 3.09 -11.74 -4.95
CA ALA A 51 2.87 -13.15 -5.27
C ALA A 51 4.11 -13.74 -5.92
N ALA A 52 4.13 -15.07 -6.05
CA ALA A 52 5.10 -15.88 -6.79
C ALA A 52 6.56 -15.58 -6.41
N THR A 53 7.00 -16.04 -5.24
CA THR A 53 8.43 -16.07 -4.93
C THR A 53 9.07 -17.18 -5.77
N ILE A 54 9.99 -16.84 -6.68
CA ILE A 54 10.82 -17.79 -7.44
C ILE A 54 12.27 -17.32 -7.32
N SER A 55 13.22 -18.21 -7.57
CA SER A 55 14.65 -17.97 -7.65
C SER A 55 15.22 -18.85 -8.77
N ARG A 56 16.52 -18.72 -9.07
CA ARG A 56 17.22 -19.37 -10.19
C ARG A 56 16.45 -19.26 -11.50
N ASP A 57 15.86 -18.10 -11.73
CA ASP A 57 15.23 -17.68 -12.96
C ASP A 57 15.40 -16.16 -13.07
N ALA A 58 15.07 -15.55 -14.22
CA ALA A 58 15.12 -14.10 -14.44
C ALA A 58 14.09 -13.69 -15.51
N ALA A 59 12.99 -14.44 -15.61
CA ALA A 59 12.04 -14.41 -16.70
C ALA A 59 10.61 -14.52 -16.15
N GLY A 60 9.66 -14.84 -17.02
CA GLY A 60 8.33 -15.25 -16.65
C GLY A 60 7.99 -16.46 -17.50
N ASP A 61 7.69 -16.20 -18.78
CA ASP A 61 7.25 -17.07 -19.84
C ASP A 61 5.88 -17.60 -19.46
N HIS A 62 5.85 -18.43 -18.42
CA HIS A 62 4.68 -18.90 -17.75
C HIS A 62 4.29 -18.05 -16.54
N ARG A 63 3.21 -18.48 -15.88
CA ARG A 63 2.77 -18.06 -14.54
C ARG A 63 2.18 -16.66 -14.57
N GLN A 64 1.69 -16.17 -13.43
CA GLN A 64 1.10 -14.85 -13.27
C GLN A 64 1.73 -14.16 -12.06
N TYR A 65 2.10 -12.89 -12.24
CA TYR A 65 2.39 -11.99 -11.12
C TYR A 65 1.07 -11.57 -10.47
N ARG A 66 1.10 -11.24 -9.18
CA ARG A 66 -0.03 -10.77 -8.37
C ARG A 66 0.49 -10.18 -7.06
N GLY A 67 -0.39 -9.76 -6.16
CA GLY A 67 -0.02 -9.54 -4.77
C GLY A 67 -1.19 -9.04 -3.92
N VAL A 68 -0.87 -8.64 -2.68
CA VAL A 68 -1.71 -7.81 -1.81
C VAL A 68 -0.84 -6.59 -1.49
N PHE A 69 -1.47 -5.44 -1.28
CA PHE A 69 -0.84 -4.30 -0.63
C PHE A 69 -1.70 -3.95 0.57
N GLN A 70 -1.09 -3.45 1.64
CA GLN A 70 -1.74 -3.17 2.91
C GLN A 70 -1.16 -1.87 3.45
N VAL A 71 -1.98 -1.06 4.12
CA VAL A 71 -1.52 0.08 4.90
C VAL A 71 -2.26 0.04 6.23
N ASN A 72 -1.62 -0.57 7.22
CA ASN A 72 -2.14 -0.58 8.57
C ASN A 72 -1.81 0.76 9.21
N VAL A 73 -2.72 1.72 9.08
CA VAL A 73 -2.61 3.01 9.73
C VAL A 73 -2.74 2.83 11.25
N VAL A 74 -1.82 3.43 11.98
CA VAL A 74 -1.74 3.46 13.42
C VAL A 74 -1.88 4.94 13.81
N MET A 75 -2.63 5.22 14.87
CA MET A 75 -2.61 6.51 15.58
C MET A 75 -2.78 6.19 17.08
N PRO A 76 -2.26 7.02 18.01
CA PRO A 76 -2.33 6.73 19.43
C PRO A 76 -3.74 6.98 19.94
N ILE A 77 -4.15 6.25 20.97
CA ILE A 77 -5.50 6.34 21.52
C ILE A 77 -5.54 7.52 22.51
N GLY A 78 -5.52 8.73 21.96
CA GLY A 78 -5.53 9.97 22.73
C GLY A 78 -6.93 10.22 23.28
N ASP A 79 -7.88 10.57 22.42
CA ASP A 79 -9.30 10.71 22.75
C ASP A 79 -10.10 9.94 21.73
N GLY A 80 -10.26 8.63 21.99
CA GLY A 80 -10.94 7.67 21.14
C GLY A 80 -10.30 7.43 19.77
N SER A 81 -9.32 8.24 19.36
CA SER A 81 -8.54 8.18 18.15
C SER A 81 -9.37 7.94 16.90
N ARG A 82 -9.92 8.99 16.30
CA ARG A 82 -10.86 8.88 15.19
C ARG A 82 -10.16 9.05 13.83
N SER A 83 -8.86 9.37 13.80
CA SER A 83 -8.14 9.78 12.59
C SER A 83 -8.12 8.77 11.43
N ALA A 84 -8.50 7.51 11.62
CA ALA A 84 -8.71 6.54 10.55
C ALA A 84 -9.74 7.03 9.54
N GLU A 85 -10.67 7.87 9.96
CA GLU A 85 -11.85 8.25 9.18
C GLU A 85 -11.48 9.20 8.05
N GLN A 86 -10.50 10.05 8.35
CA GLN A 86 -9.79 10.83 7.36
C GLN A 86 -8.99 9.90 6.44
N VAL A 87 -8.09 9.11 7.02
CA VAL A 87 -7.08 8.35 6.29
C VAL A 87 -7.72 7.36 5.32
N ALA A 88 -8.79 6.66 5.72
CA ALA A 88 -9.46 5.68 4.87
C ALA A 88 -10.04 6.33 3.62
N ALA A 89 -10.53 7.57 3.72
CA ALA A 89 -11.12 8.27 2.60
C ALA A 89 -10.04 8.83 1.69
N GLU A 90 -8.99 9.38 2.28
CA GLU A 90 -7.87 10.01 1.60
C GLU A 90 -7.13 8.99 0.74
N LEU A 91 -6.74 7.88 1.34
CA LEU A 91 -6.12 6.75 0.65
C LEU A 91 -7.06 6.17 -0.41
N ASP A 92 -8.35 6.00 -0.11
CA ASP A 92 -9.30 5.48 -1.10
C ASP A 92 -9.31 6.36 -2.35
N ALA A 93 -9.56 7.65 -2.17
CA ALA A 93 -9.65 8.62 -3.26
C ALA A 93 -8.31 8.77 -4.01
N LEU A 94 -7.21 8.24 -3.47
CA LEU A 94 -5.91 8.23 -4.13
C LEU A 94 -5.76 6.98 -5.00
N PHE A 95 -6.29 5.82 -4.56
CA PHE A 95 -6.12 4.51 -5.20
C PHE A 95 -7.44 4.01 -5.84
N PRO A 96 -7.80 4.47 -7.06
CA PRO A 96 -9.03 4.08 -7.76
C PRO A 96 -8.92 2.66 -8.31
N VAL A 97 -10.04 2.09 -8.79
CA VAL A 97 -10.24 0.69 -9.23
C VAL A 97 -9.45 0.30 -10.50
N ASN A 98 -8.48 1.13 -10.87
CA ASN A 98 -7.69 1.05 -12.08
C ASN A 98 -6.21 1.01 -11.79
N LEU A 99 -5.72 1.82 -10.85
CA LEU A 99 -4.31 1.93 -10.48
C LEU A 99 -3.41 1.97 -11.72
N VAL A 100 -3.61 3.01 -12.54
CA VAL A 100 -2.76 3.29 -13.68
C VAL A 100 -1.44 3.79 -13.11
N MET A 101 -0.56 2.85 -12.78
CA MET A 101 0.83 3.05 -12.41
C MET A 101 1.64 2.57 -13.60
N GLN A 102 2.09 3.49 -14.45
CA GLN A 102 3.06 3.17 -15.49
C GLN A 102 4.42 2.95 -14.84
N SER A 103 5.26 2.08 -15.40
CA SER A 103 6.57 1.75 -14.85
C SER A 103 7.54 1.34 -15.96
N GLY A 104 8.84 1.24 -15.65
CA GLY A 104 9.92 0.80 -16.53
C GLY A 104 9.85 -0.66 -17.01
N GLY A 105 8.70 -1.33 -16.88
CA GLY A 105 8.52 -2.75 -17.12
C GLY A 105 7.21 -2.96 -17.87
N LEU A 106 6.13 -2.45 -17.29
CA LEU A 106 4.75 -2.85 -17.54
C LEU A 106 3.85 -2.05 -16.61
N ALA A 107 2.56 -2.37 -16.65
CA ALA A 107 1.46 -1.73 -15.93
C ALA A 107 0.98 -2.61 -14.77
N VAL A 108 -0.05 -2.14 -14.06
CA VAL A 108 -0.60 -2.81 -12.89
C VAL A 108 -2.11 -2.61 -12.93
N ARG A 109 -2.87 -3.33 -12.11
CA ARG A 109 -4.20 -2.88 -11.71
C ARG A 109 -4.37 -3.18 -10.23
N VAL A 110 -5.19 -2.38 -9.55
CA VAL A 110 -5.62 -2.69 -8.19
C VAL A 110 -6.56 -3.90 -8.18
N ARG A 111 -7.17 -4.24 -9.33
CA ARG A 111 -8.06 -5.38 -9.55
C ARG A 111 -9.40 -5.23 -8.85
N THR A 112 -9.43 -4.76 -7.61
CA THR A 112 -10.63 -4.62 -6.81
C THR A 112 -10.73 -3.20 -6.24
N PRO A 113 -11.92 -2.77 -5.79
CA PRO A 113 -12.02 -1.51 -5.07
C PRO A 113 -11.29 -1.61 -3.73
N ILE A 114 -11.06 -0.45 -3.11
CA ILE A 114 -10.57 -0.35 -1.74
C ILE A 114 -11.62 -0.99 -0.84
N SER A 115 -11.19 -1.59 0.27
CA SER A 115 -12.09 -2.01 1.33
C SER A 115 -11.51 -1.54 2.65
N ASN A 116 -12.25 -1.71 3.73
CA ASN A 116 -12.09 -1.07 5.01
C ASN A 116 -12.78 -1.98 6.04
N GLY A 117 -12.26 -2.11 7.27
CA GLY A 117 -12.85 -2.96 8.29
C GLY A 117 -12.79 -2.33 9.69
N GLN A 118 -13.44 -2.98 10.65
CA GLN A 118 -13.41 -2.60 12.05
C GLN A 118 -11.96 -2.71 12.56
N PRO A 119 -11.53 -1.82 13.46
CA PRO A 119 -10.20 -1.91 14.05
C PRO A 119 -10.05 -3.18 14.88
N THR A 120 -8.82 -3.43 15.33
CA THR A 120 -8.48 -4.50 16.25
C THR A 120 -7.52 -4.01 17.35
N THR A 121 -7.34 -2.69 17.44
CA THR A 121 -6.66 -2.01 18.54
C THR A 121 -5.18 -2.43 18.65
N GLY A 122 -4.55 -2.10 19.77
CA GLY A 122 -3.15 -2.24 20.10
C GLY A 122 -3.00 -1.87 21.57
N ASP A 123 -1.77 -1.70 22.02
CA ASP A 123 -1.47 -1.44 23.44
C ASP A 123 -2.08 -0.09 23.86
N ALA A 124 -1.72 0.98 23.15
CA ALA A 124 -2.22 2.33 23.31
C ALA A 124 -2.24 3.05 21.96
N ASP A 125 -2.32 2.27 20.87
CA ASP A 125 -2.58 2.79 19.54
C ASP A 125 -3.64 1.90 18.93
N HIS A 126 -4.56 2.50 18.19
CA HIS A 126 -5.52 1.73 17.41
C HIS A 126 -4.87 1.42 16.07
N THR A 127 -5.28 0.31 15.46
CA THR A 127 -4.98 -0.02 14.08
C THR A 127 -6.26 -0.53 13.46
N VAL A 128 -6.58 0.03 12.30
CA VAL A 128 -7.63 -0.41 11.39
C VAL A 128 -6.98 -1.12 10.21
N PRO A 129 -7.62 -2.17 9.68
CA PRO A 129 -7.19 -2.84 8.46
C PRO A 129 -7.57 -1.99 7.24
N ILE A 130 -6.62 -1.77 6.33
CA ILE A 130 -6.89 -1.36 4.96
C ILE A 130 -5.88 -2.13 4.10
N SER A 131 -6.38 -2.74 3.03
CA SER A 131 -5.62 -3.57 2.10
C SER A 131 -6.46 -3.87 0.87
N LEU A 132 -5.83 -4.31 -0.22
CA LEU A 132 -6.41 -4.72 -1.50
C LEU A 132 -5.50 -5.74 -2.20
N GLY A 133 -6.03 -6.52 -3.15
CA GLY A 133 -5.31 -7.64 -3.76
C GLY A 133 -5.08 -7.38 -5.23
N TYR A 134 -3.93 -6.79 -5.55
CA TYR A 134 -3.58 -6.31 -6.88
C TYR A 134 -3.15 -7.42 -7.83
N ASP A 135 -3.06 -7.10 -9.12
CA ASP A 135 -2.45 -7.92 -10.15
C ASP A 135 -1.80 -7.05 -11.21
N VAL A 136 -1.20 -7.72 -12.18
CA VAL A 136 -0.27 -7.11 -13.09
C VAL A 136 -1.01 -6.81 -14.38
N GLN A 137 -0.51 -5.85 -15.15
CA GLN A 137 -0.92 -5.63 -16.51
C GLN A 137 0.28 -5.38 -17.39
N PHE A 138 0.06 -5.57 -18.67
CA PHE A 138 0.97 -5.18 -19.71
C PHE A 138 0.15 -5.03 -20.98
N TYR A 139 0.66 -4.26 -21.93
CA TYR A 139 0.06 -4.09 -23.23
C TYR A 139 1.14 -3.71 -24.24
N PRO A 140 0.88 -3.94 -25.53
CA PRO A 140 1.78 -3.54 -26.61
C PRO A 140 1.77 -2.01 -26.79
N GLU A 141 2.67 -1.54 -27.63
CA GLU A 141 2.87 -0.16 -28.01
C GLU A 141 3.35 -0.13 -29.45
N GLY A 1 14.96 -9.86 -13.83
CA GLY A 1 15.84 -8.77 -14.30
C GLY A 1 15.00 -7.80 -15.11
N MET A 2 15.20 -6.48 -14.91
CA MET A 2 14.27 -5.46 -15.37
C MET A 2 12.86 -5.77 -14.85
N SER A 3 11.83 -5.13 -15.42
CA SER A 3 10.43 -5.51 -15.32
C SER A 3 9.91 -5.43 -13.87
N GLN A 4 10.07 -6.46 -13.04
CA GLN A 4 9.71 -6.43 -11.62
C GLN A 4 10.39 -5.26 -10.89
N ASP A 5 11.60 -4.86 -11.32
CA ASP A 5 12.29 -3.67 -10.82
C ASP A 5 11.38 -2.43 -10.87
N LEU A 6 10.76 -2.17 -12.03
CA LEU A 6 9.87 -1.04 -12.25
C LEU A 6 8.65 -1.14 -11.34
N ILE A 7 8.02 -2.32 -11.28
CA ILE A 7 6.86 -2.55 -10.42
C ILE A 7 7.20 -2.23 -8.95
N ARG A 8 8.37 -2.64 -8.44
CA ARG A 8 8.82 -2.31 -7.08
C ARG A 8 8.80 -0.78 -6.92
N ALA A 9 9.50 -0.06 -7.81
CA ALA A 9 9.61 1.39 -7.76
C ALA A 9 8.25 2.09 -7.87
N ALA A 10 7.32 1.52 -8.65
CA ALA A 10 6.04 2.13 -8.98
C ALA A 10 5.18 2.37 -7.74
N PHE A 11 5.31 1.55 -6.71
CA PHE A 11 4.50 1.64 -5.50
C PHE A 11 4.79 2.98 -4.81
N GLU A 12 6.08 3.26 -4.57
CA GLU A 12 6.54 4.47 -3.90
C GLU A 12 6.12 5.74 -4.65
N LYS A 13 5.96 5.65 -5.98
CA LYS A 13 5.67 6.76 -6.87
C LYS A 13 4.25 7.27 -6.69
N ARG A 14 3.36 6.48 -6.09
CA ARG A 14 2.07 6.98 -5.60
C ARG A 14 2.05 7.14 -4.09
N LEU A 15 2.55 6.17 -3.31
CA LEU A 15 2.33 6.20 -1.86
C LEU A 15 3.08 7.38 -1.23
N SER A 16 4.40 7.42 -1.37
CA SER A 16 5.22 8.48 -0.79
C SER A 16 4.73 9.83 -1.34
N ASP A 17 4.49 9.86 -2.65
CA ASP A 17 4.10 11.03 -3.42
C ASP A 17 2.73 11.60 -2.99
N TRP A 18 1.87 10.80 -2.34
CA TRP A 18 0.66 11.27 -1.66
C TRP A 18 1.00 11.69 -0.24
N ALA A 19 1.74 10.87 0.51
CA ALA A 19 2.02 11.13 1.92
C ALA A 19 2.70 12.48 2.11
N LYS A 20 3.69 12.81 1.28
CA LYS A 20 4.36 14.11 1.25
C LYS A 20 3.46 15.26 0.80
N ALA A 21 2.45 14.99 -0.03
CA ALA A 21 1.51 15.98 -0.51
C ALA A 21 0.44 16.29 0.55
N ARG A 22 0.19 15.37 1.48
CA ARG A 22 -0.87 15.50 2.47
C ARG A 22 -0.61 16.67 3.41
N THR A 23 -1.63 17.04 4.16
CA THR A 23 -1.57 18.05 5.20
C THR A 23 -0.66 17.59 6.37
N PRO A 24 -1.01 16.59 7.20
CA PRO A 24 -0.16 16.20 8.33
C PRO A 24 1.18 15.56 7.95
N ALA A 25 1.37 15.31 6.66
CA ALA A 25 2.54 14.75 5.98
C ALA A 25 3.14 13.52 6.69
N LEU A 26 2.71 12.33 6.28
CA LEU A 26 2.97 11.10 7.05
C LEU A 26 4.32 10.47 6.70
N PRO A 27 4.96 9.81 7.67
CA PRO A 27 6.01 8.83 7.42
C PRO A 27 5.42 7.54 6.83
N VAL A 28 6.22 6.81 6.07
CA VAL A 28 5.79 5.68 5.25
C VAL A 28 6.84 4.56 5.39
N ALA A 29 6.56 3.54 6.21
CA ALA A 29 7.48 2.45 6.54
C ALA A 29 7.20 1.21 5.70
N TRP A 30 8.03 0.94 4.69
CA TRP A 30 7.93 -0.26 3.85
C TRP A 30 8.46 -1.47 4.61
N GLN A 31 7.58 -2.25 5.22
CA GLN A 31 7.86 -3.47 5.97
C GLN A 31 8.83 -3.21 7.16
N ASN A 32 10.14 -3.23 6.90
CA ASN A 32 11.21 -3.08 7.88
C ASN A 32 12.23 -2.02 7.41
N THR A 33 11.98 -1.39 6.26
CA THR A 33 12.75 -0.24 5.80
C THR A 33 12.68 0.83 6.89
N LYS A 34 13.85 1.38 7.20
CA LYS A 34 14.11 2.14 8.42
C LYS A 34 13.17 3.34 8.56
N PHE A 35 12.81 3.64 9.80
CA PHE A 35 11.72 4.50 10.18
C PHE A 35 11.87 4.84 11.67
N THR A 36 11.02 5.76 12.13
CA THR A 36 10.79 6.17 13.50
C THR A 36 11.87 7.21 13.95
N PRO A 37 11.53 8.20 14.80
CA PRO A 37 10.23 8.39 15.46
C PRO A 37 9.14 8.77 14.44
N PRO A 38 7.86 8.57 14.80
CA PRO A 38 6.74 9.04 14.00
C PRO A 38 6.69 10.56 13.90
N ALA A 39 5.64 11.05 13.24
CA ALA A 39 5.44 12.47 13.08
C ALA A 39 4.95 13.21 14.30
N ALA A 40 4.26 12.48 15.16
CA ALA A 40 3.36 13.06 16.14
C ALA A 40 2.74 11.95 16.99
N GLY A 41 3.47 10.85 17.17
CA GLY A 41 2.95 9.55 17.57
C GLY A 41 2.30 8.79 16.42
N VAL A 42 1.75 9.49 15.45
CA VAL A 42 1.00 9.00 14.29
C VAL A 42 1.92 8.52 13.18
N TYR A 43 1.58 7.41 12.51
CA TYR A 43 2.30 6.91 11.33
C TYR A 43 1.47 5.90 10.55
N LEU A 44 2.07 5.31 9.52
CA LEU A 44 1.47 4.44 8.51
C LEU A 44 2.34 3.18 8.47
N ARG A 45 1.74 2.01 8.29
CA ARG A 45 2.43 0.71 8.29
C ARG A 45 2.06 -0.01 7.01
N ALA A 46 2.98 -0.10 6.05
CA ALA A 46 2.72 -0.67 4.74
C ALA A 46 3.46 -2.00 4.63
N TYR A 47 2.77 -3.05 4.17
CA TYR A 47 3.33 -4.37 4.00
C TYR A 47 2.94 -4.90 2.62
N VAL A 48 3.85 -4.76 1.66
CA VAL A 48 3.82 -5.42 0.34
C VAL A 48 3.98 -6.91 0.59
N MET A 49 3.00 -7.73 0.18
CA MET A 49 3.00 -9.18 0.24
C MET A 49 2.95 -9.67 -1.22
N PRO A 50 4.10 -9.78 -1.90
CA PRO A 50 4.16 -10.13 -3.31
C PRO A 50 3.77 -11.61 -3.51
N ALA A 51 3.28 -11.95 -4.71
CA ALA A 51 2.63 -13.23 -5.06
C ALA A 51 3.39 -14.44 -4.50
N ALA A 52 2.87 -15.02 -3.42
CA ALA A 52 3.49 -16.10 -2.67
C ALA A 52 2.42 -17.12 -2.28
N THR A 53 1.79 -17.72 -3.28
CA THR A 53 1.22 -19.05 -3.11
C THR A 53 2.38 -19.99 -2.76
N ILE A 54 2.10 -21.12 -2.11
CA ILE A 54 3.09 -21.99 -1.47
C ILE A 54 2.71 -23.43 -1.81
N SER A 55 3.57 -24.40 -1.50
CA SER A 55 3.29 -25.82 -1.66
C SER A 55 3.11 -26.16 -3.15
N ARG A 56 2.37 -27.22 -3.47
CA ARG A 56 2.05 -27.64 -4.84
C ARG A 56 0.75 -27.02 -5.37
N ASP A 57 0.36 -25.89 -4.80
CA ASP A 57 -0.87 -25.14 -5.07
C ASP A 57 -0.86 -24.61 -6.51
N ALA A 58 -1.81 -23.75 -6.86
CA ALA A 58 -1.71 -22.83 -7.97
C ALA A 58 -0.49 -21.92 -7.73
N ALA A 59 0.71 -22.39 -8.08
CA ALA A 59 2.00 -21.77 -7.84
C ALA A 59 2.27 -20.62 -8.82
N GLY A 60 3.51 -20.14 -8.83
CA GLY A 60 4.08 -19.29 -9.87
C GLY A 60 5.42 -19.86 -10.32
N ASP A 61 6.03 -19.21 -11.30
CA ASP A 61 7.36 -19.53 -11.84
C ASP A 61 7.92 -18.25 -12.45
N HIS A 62 7.51 -17.97 -13.68
CA HIS A 62 8.19 -17.02 -14.56
C HIS A 62 8.03 -15.57 -14.16
N ARG A 63 6.84 -15.26 -13.67
CA ARG A 63 6.30 -13.92 -13.46
C ARG A 63 4.95 -14.07 -12.81
N GLN A 64 4.77 -13.47 -11.65
CA GLN A 64 3.49 -13.27 -11.01
C GLN A 64 3.60 -12.06 -10.08
N TYR A 65 2.48 -11.35 -9.89
CA TYR A 65 2.42 -10.18 -9.01
C TYR A 65 1.06 -10.11 -8.30
N ARG A 66 0.27 -11.16 -8.43
CA ARG A 66 -1.01 -11.38 -7.77
C ARG A 66 -0.77 -11.51 -6.27
N GLY A 67 -0.74 -10.37 -5.61
CA GLY A 67 -0.29 -10.21 -4.24
C GLY A 67 -1.37 -9.55 -3.39
N VAL A 68 -1.00 -9.16 -2.18
CA VAL A 68 -1.79 -8.29 -1.32
C VAL A 68 -0.86 -7.20 -0.77
N PHE A 69 -1.41 -6.12 -0.27
CA PHE A 69 -0.67 -5.04 0.38
C PHE A 69 -1.53 -4.55 1.53
N GLN A 70 -1.09 -4.77 2.76
CA GLN A 70 -1.67 -4.18 3.96
C GLN A 70 -1.17 -2.74 4.05
N VAL A 71 -2.01 -1.80 4.51
CA VAL A 71 -1.61 -0.43 4.78
C VAL A 71 -2.47 0.12 5.92
N ASN A 72 -1.90 0.03 7.12
CA ASN A 72 -2.56 0.45 8.34
C ASN A 72 -2.11 1.82 8.78
N VAL A 73 -2.92 2.40 9.64
CA VAL A 73 -2.87 3.79 9.97
C VAL A 73 -2.83 3.74 11.49
N VAL A 74 -1.63 3.82 12.06
CA VAL A 74 -1.51 3.79 13.51
C VAL A 74 -1.79 5.23 13.95
N MET A 75 -2.65 5.43 14.96
CA MET A 75 -2.74 6.71 15.66
C MET A 75 -2.87 6.44 17.16
N PRO A 76 -2.34 7.32 18.03
CA PRO A 76 -2.36 7.16 19.47
C PRO A 76 -3.76 7.42 20.05
N ILE A 77 -4.03 6.82 21.21
CA ILE A 77 -5.23 7.06 21.99
C ILE A 77 -4.91 8.19 22.98
N GLY A 78 -4.78 9.40 22.45
CA GLY A 78 -4.71 10.60 23.28
C GLY A 78 -6.13 10.91 23.75
N ASP A 79 -7.03 11.14 22.80
CA ASP A 79 -8.45 11.25 23.02
C ASP A 79 -9.16 10.73 21.78
N GLY A 80 -9.95 9.67 21.92
CA GLY A 80 -10.79 9.13 20.85
C GLY A 80 -10.01 8.23 19.90
N SER A 81 -9.07 8.79 19.13
CA SER A 81 -8.26 8.13 18.12
C SER A 81 -9.11 7.71 16.92
N ARG A 82 -9.99 8.61 16.47
CA ARG A 82 -10.97 8.39 15.40
C ARG A 82 -10.45 8.90 14.04
N SER A 83 -9.15 9.20 13.92
CA SER A 83 -8.55 9.71 12.68
C SER A 83 -8.40 8.66 11.57
N ALA A 84 -8.72 7.39 11.83
CA ALA A 84 -8.70 6.30 10.85
C ALA A 84 -9.58 6.63 9.63
N GLU A 85 -10.86 6.92 9.87
CA GLU A 85 -11.85 7.09 8.81
C GLU A 85 -11.52 8.28 7.91
N GLN A 86 -10.84 9.27 8.47
CA GLN A 86 -10.25 10.39 7.77
C GLN A 86 -9.31 9.88 6.66
N VAL A 87 -8.24 9.17 7.04
CA VAL A 87 -7.24 8.66 6.13
C VAL A 87 -7.86 7.66 5.17
N ALA A 88 -8.76 6.79 5.62
CA ALA A 88 -9.37 5.78 4.76
C ALA A 88 -10.09 6.41 3.57
N ALA A 89 -10.68 7.60 3.74
CA ALA A 89 -11.36 8.29 2.65
C ALA A 89 -10.37 8.99 1.72
N GLU A 90 -9.21 9.40 2.23
CA GLU A 90 -8.18 10.05 1.42
C GLU A 90 -7.45 9.04 0.55
N LEU A 91 -7.01 7.94 1.16
CA LEU A 91 -6.33 6.81 0.54
C LEU A 91 -7.10 6.27 -0.66
N ASP A 92 -8.37 5.89 -0.45
CA ASP A 92 -9.19 5.26 -1.49
C ASP A 92 -9.32 6.15 -2.72
N ALA A 93 -9.51 7.46 -2.52
CA ALA A 93 -9.56 8.40 -3.61
C ALA A 93 -8.21 8.59 -4.33
N LEU A 94 -7.13 8.01 -3.80
CA LEU A 94 -5.79 8.02 -4.38
C LEU A 94 -5.40 6.64 -4.91
N PHE A 95 -6.07 5.58 -4.48
CA PHE A 95 -5.87 4.21 -4.97
C PHE A 95 -7.18 3.57 -5.50
N PRO A 96 -7.89 4.18 -6.47
CA PRO A 96 -9.10 3.61 -7.06
C PRO A 96 -8.80 2.42 -7.98
N VAL A 97 -9.85 1.70 -8.42
CA VAL A 97 -9.77 0.32 -8.91
C VAL A 97 -8.93 0.09 -10.18
N ASN A 98 -8.46 1.15 -10.85
CA ASN A 98 -7.62 1.02 -12.03
C ASN A 98 -6.15 1.05 -11.64
N LEU A 99 -5.75 2.02 -10.81
CA LEU A 99 -4.42 2.18 -10.24
C LEU A 99 -3.27 2.24 -11.25
N VAL A 100 -3.50 2.76 -12.45
CA VAL A 100 -2.53 2.70 -13.53
C VAL A 100 -1.23 3.41 -13.13
N MET A 101 -0.12 2.67 -13.05
CA MET A 101 1.21 3.23 -12.80
C MET A 101 2.14 2.71 -13.88
N GLN A 102 2.21 3.44 -15.00
CA GLN A 102 3.19 3.17 -16.04
C GLN A 102 4.59 3.52 -15.52
N SER A 103 5.49 2.54 -15.41
CA SER A 103 6.75 2.74 -14.67
C SER A 103 8.00 2.25 -15.38
N GLY A 104 7.98 2.05 -16.70
CA GLY A 104 9.13 1.66 -17.51
C GLY A 104 9.09 0.20 -17.96
N GLY A 105 8.21 -0.60 -17.37
CA GLY A 105 7.98 -1.99 -17.70
C GLY A 105 6.61 -2.03 -18.33
N LEU A 106 5.59 -1.99 -17.47
CA LEU A 106 4.18 -2.02 -17.79
C LEU A 106 3.43 -1.01 -16.91
N ALA A 107 2.09 -1.13 -16.93
CA ALA A 107 1.12 -0.27 -16.29
C ALA A 107 0.35 -1.07 -15.23
N VAL A 108 0.92 -1.21 -14.03
CA VAL A 108 0.39 -2.02 -12.92
C VAL A 108 -1.03 -1.57 -12.54
N ARG A 109 -1.80 -2.46 -11.87
CA ARG A 109 -3.13 -2.17 -11.35
C ARG A 109 -3.35 -2.82 -9.99
N VAL A 110 -4.33 -2.28 -9.30
CA VAL A 110 -4.86 -2.72 -8.01
C VAL A 110 -5.81 -3.92 -8.12
N ARG A 111 -6.41 -4.16 -9.29
CA ARG A 111 -7.37 -5.24 -9.57
C ARG A 111 -8.69 -5.10 -8.80
N THR A 112 -8.67 -5.01 -7.47
CA THR A 112 -9.87 -4.98 -6.63
C THR A 112 -9.94 -3.65 -5.87
N PRO A 113 -11.14 -3.20 -5.45
CA PRO A 113 -11.28 -1.93 -4.74
C PRO A 113 -10.76 -2.05 -3.31
N ILE A 114 -10.49 -0.92 -2.69
CA ILE A 114 -9.95 -0.81 -1.34
C ILE A 114 -10.88 -1.48 -0.35
N SER A 115 -10.35 -2.44 0.42
CA SER A 115 -11.10 -3.05 1.47
C SER A 115 -11.02 -2.22 2.74
N ASN A 116 -12.05 -2.43 3.56
CA ASN A 116 -12.46 -1.60 4.65
C ASN A 116 -13.11 -2.50 5.73
N GLY A 117 -13.07 -2.06 6.98
CA GLY A 117 -13.72 -2.64 8.13
C GLY A 117 -13.57 -1.70 9.32
N GLN A 118 -14.23 -2.01 10.43
CA GLN A 118 -14.11 -1.23 11.67
C GLN A 118 -12.71 -1.44 12.26
N PRO A 119 -12.16 -0.45 13.00
CA PRO A 119 -10.83 -0.57 13.57
C PRO A 119 -10.75 -1.65 14.64
N THR A 120 -9.53 -2.10 14.89
CA THR A 120 -9.19 -2.85 16.06
C THR A 120 -8.27 -1.97 16.92
N THR A 121 -8.08 -2.36 18.17
CA THR A 121 -7.35 -1.59 19.15
C THR A 121 -5.99 -2.26 19.33
N GLY A 122 -5.01 -1.48 19.78
CA GLY A 122 -3.62 -1.85 19.93
C GLY A 122 -3.25 -1.79 21.40
N ASP A 123 -2.07 -1.25 21.71
CA ASP A 123 -1.58 -1.18 23.08
C ASP A 123 -2.01 0.14 23.70
N ALA A 124 -1.77 1.24 22.97
CA ALA A 124 -2.16 2.62 23.23
C ALA A 124 -2.46 3.31 21.90
N ASP A 125 -2.85 2.53 20.89
CA ASP A 125 -3.04 2.91 19.52
C ASP A 125 -4.26 2.16 18.97
N HIS A 126 -4.75 2.54 17.79
CA HIS A 126 -5.70 1.74 17.01
C HIS A 126 -5.16 1.60 15.59
N THR A 127 -5.88 0.81 14.79
CA THR A 127 -5.59 0.45 13.42
C THR A 127 -6.90 0.05 12.74
N VAL A 128 -7.12 0.48 11.52
CA VAL A 128 -8.21 0.02 10.66
C VAL A 128 -7.70 -1.03 9.66
N PRO A 129 -8.52 -2.03 9.35
CA PRO A 129 -8.15 -3.07 8.40
C PRO A 129 -8.31 -2.54 6.99
N ILE A 130 -7.23 -2.10 6.35
CA ILE A 130 -7.22 -1.60 4.98
C ILE A 130 -6.14 -2.39 4.23
N SER A 131 -6.56 -3.06 3.16
CA SER A 131 -5.66 -3.69 2.19
C SER A 131 -6.32 -3.68 0.82
N LEU A 132 -5.56 -4.02 -0.21
CA LEU A 132 -6.06 -4.38 -1.53
C LEU A 132 -5.20 -5.49 -2.16
N GLY A 133 -5.64 -6.12 -3.27
CA GLY A 133 -4.93 -7.24 -3.87
C GLY A 133 -4.71 -7.08 -5.37
N TYR A 134 -3.62 -6.40 -5.72
CA TYR A 134 -3.14 -6.12 -7.07
C TYR A 134 -2.74 -7.38 -7.80
N ASP A 135 -2.61 -7.25 -9.13
CA ASP A 135 -2.28 -8.39 -9.99
C ASP A 135 -1.15 -8.09 -10.98
N VAL A 136 -0.82 -6.80 -11.14
CA VAL A 136 -0.15 -6.23 -12.31
C VAL A 136 -0.95 -6.56 -13.59
N GLN A 137 -0.70 -5.84 -14.66
CA GLN A 137 -1.06 -6.19 -16.01
C GLN A 137 0.08 -5.69 -16.88
N PHE A 138 0.30 -6.29 -18.04
CA PHE A 138 1.26 -5.89 -19.03
C PHE A 138 0.67 -6.27 -20.38
N TYR A 139 0.67 -5.32 -21.31
CA TYR A 139 0.50 -5.62 -22.73
C TYR A 139 1.69 -6.46 -23.20
N PRO A 140 1.58 -7.15 -24.34
CA PRO A 140 2.76 -7.65 -25.04
C PRO A 140 3.67 -6.46 -25.33
N GLU A 141 4.99 -6.68 -25.25
CA GLU A 141 5.90 -5.95 -26.11
C GLU A 141 5.72 -6.57 -27.49
N GLY A 1 14.86 -5.62 -18.14
CA GLY A 1 14.48 -6.71 -17.23
C GLY A 1 14.13 -6.15 -15.87
N MET A 2 14.42 -6.93 -14.83
CA MET A 2 13.88 -6.86 -13.47
C MET A 2 12.37 -7.04 -13.47
N SER A 3 11.64 -6.13 -14.10
CA SER A 3 10.17 -6.05 -14.16
C SER A 3 9.63 -5.72 -12.77
N GLN A 4 9.79 -6.63 -11.81
CA GLN A 4 9.40 -6.57 -10.40
C GLN A 4 9.76 -5.22 -9.79
N ASP A 5 11.01 -4.78 -9.96
CA ASP A 5 11.51 -3.56 -9.32
C ASP A 5 10.66 -2.34 -9.74
N LEU A 6 10.19 -2.33 -10.97
CA LEU A 6 9.43 -1.23 -11.56
C LEU A 6 7.96 -1.31 -11.14
N ILE A 7 7.42 -2.51 -10.95
CA ILE A 7 6.12 -2.71 -10.32
C ILE A 7 6.15 -2.09 -8.91
N ARG A 8 7.23 -2.30 -8.14
CA ARG A 8 7.43 -1.62 -6.86
C ARG A 8 7.54 -0.10 -7.09
N ALA A 9 8.35 0.34 -8.05
CA ALA A 9 8.59 1.75 -8.31
C ALA A 9 7.31 2.51 -8.68
N ALA A 10 6.33 1.85 -9.30
CA ALA A 10 5.05 2.48 -9.61
C ALA A 10 4.30 2.78 -8.30
N PHE A 11 4.27 1.81 -7.39
CA PHE A 11 3.62 1.93 -6.09
C PHE A 11 4.29 3.03 -5.26
N GLU A 12 5.63 3.09 -5.27
CA GLU A 12 6.46 4.09 -4.61
C GLU A 12 6.09 5.50 -5.08
N LYS A 13 5.90 5.68 -6.39
CA LYS A 13 5.63 6.97 -7.03
C LYS A 13 4.20 7.41 -6.83
N ARG A 14 3.32 6.53 -6.36
CA ARG A 14 2.06 6.96 -5.77
C ARG A 14 2.27 7.29 -4.29
N LEU A 15 2.64 6.31 -3.48
CA LEU A 15 2.47 6.39 -2.04
C LEU A 15 3.25 7.57 -1.44
N SER A 16 4.55 7.65 -1.71
CA SER A 16 5.40 8.71 -1.15
C SER A 16 4.92 10.08 -1.65
N ASP A 17 4.54 10.16 -2.92
CA ASP A 17 4.18 11.42 -3.55
C ASP A 17 2.91 12.00 -2.94
N TRP A 18 1.96 11.14 -2.58
CA TRP A 18 0.79 11.53 -1.79
C TRP A 18 1.21 11.88 -0.37
N ALA A 19 2.00 11.02 0.29
CA ALA A 19 2.31 11.15 1.70
C ALA A 19 3.03 12.47 1.99
N LYS A 20 3.88 12.94 1.08
CA LYS A 20 4.52 14.24 1.17
C LYS A 20 3.55 15.36 0.79
N ALA A 21 2.68 15.15 -0.21
CA ALA A 21 1.78 16.18 -0.74
C ALA A 21 0.58 16.45 0.17
N ARG A 22 0.32 15.57 1.15
CA ARG A 22 -0.74 15.81 2.13
C ARG A 22 -0.42 17.05 2.96
N THR A 23 -1.40 17.55 3.72
CA THR A 23 -1.22 18.63 4.68
C THR A 23 -0.07 18.34 5.65
N PRO A 24 -0.18 17.42 6.63
CA PRO A 24 0.80 17.33 7.71
C PRO A 24 2.15 16.77 7.25
N ALA A 25 2.12 16.14 6.08
CA ALA A 25 2.95 15.01 5.65
C ALA A 25 2.93 13.85 6.67
N LEU A 26 3.26 12.63 6.23
CA LEU A 26 3.24 11.44 7.07
C LEU A 26 4.39 10.51 6.69
N PRO A 27 4.83 9.61 7.60
CA PRO A 27 5.90 8.66 7.31
C PRO A 27 5.46 7.63 6.26
N VAL A 28 6.43 6.90 5.73
CA VAL A 28 6.21 5.70 4.93
C VAL A 28 7.18 4.65 5.47
N ALA A 29 6.67 3.68 6.23
CA ALA A 29 7.44 2.49 6.58
C ALA A 29 6.99 1.38 5.64
N TRP A 30 7.82 1.05 4.65
CA TRP A 30 7.63 -0.10 3.78
C TRP A 30 7.73 -1.42 4.56
N GLN A 31 7.90 -2.53 3.85
CA GLN A 31 8.34 -3.80 4.42
C GLN A 31 9.51 -3.61 5.40
N ASN A 32 10.66 -3.18 4.86
CA ASN A 32 11.95 -3.11 5.52
C ASN A 32 12.65 -1.87 4.97
N THR A 33 12.13 -0.69 5.28
CA THR A 33 12.82 0.57 5.04
C THR A 33 13.43 1.12 6.34
N LYS A 34 14.16 2.23 6.22
CA LYS A 34 14.82 2.94 7.31
C LYS A 34 13.91 3.81 8.17
N PHE A 35 12.74 3.30 8.48
CA PHE A 35 11.68 4.08 9.12
C PHE A 35 11.99 4.33 10.60
N THR A 36 11.14 5.16 11.20
CA THR A 36 11.07 5.56 12.60
C THR A 36 12.00 6.76 12.82
N PRO A 37 11.71 7.66 13.78
CA PRO A 37 10.58 7.67 14.72
C PRO A 37 9.22 7.96 14.04
N PRO A 38 8.08 7.76 14.75
CA PRO A 38 6.74 8.06 14.27
C PRO A 38 6.46 9.58 14.26
N ALA A 39 5.21 9.95 14.01
CA ALA A 39 4.69 11.29 14.03
C ALA A 39 3.65 11.39 15.15
N ALA A 40 4.14 11.55 16.39
CA ALA A 40 3.33 11.75 17.59
C ALA A 40 2.18 10.73 17.69
N GLY A 41 2.57 9.45 17.78
CA GLY A 41 1.70 8.31 17.95
C GLY A 41 1.01 7.86 16.67
N VAL A 42 1.14 8.63 15.60
CA VAL A 42 0.61 8.34 14.27
C VAL A 42 1.76 7.88 13.41
N TYR A 43 1.47 6.90 12.56
CA TYR A 43 2.38 6.36 11.57
C TYR A 43 1.61 5.40 10.66
N LEU A 44 2.31 4.83 9.70
CA LEU A 44 1.79 3.91 8.71
C LEU A 44 2.78 2.76 8.58
N ARG A 45 2.28 1.58 8.21
CA ARG A 45 3.07 0.39 7.93
C ARG A 45 2.52 -0.13 6.60
N ALA A 46 3.24 0.20 5.54
CA ALA A 46 2.97 0.00 4.13
C ALA A 46 3.64 -1.30 3.69
N TYR A 47 3.13 -2.45 4.13
CA TYR A 47 3.72 -3.73 3.71
C TYR A 47 3.22 -4.04 2.31
N VAL A 48 4.13 -4.29 1.36
CA VAL A 48 3.81 -4.75 0.02
C VAL A 48 4.10 -6.24 0.02
N MET A 49 3.27 -7.05 -0.62
CA MET A 49 3.26 -8.51 -0.54
C MET A 49 3.36 -9.07 -1.97
N PRO A 50 4.56 -9.09 -2.58
CA PRO A 50 4.73 -9.60 -3.93
C PRO A 50 4.48 -11.12 -4.02
N ALA A 51 4.14 -11.61 -5.21
CA ALA A 51 3.85 -13.02 -5.46
C ALA A 51 5.12 -13.77 -5.94
N ALA A 52 5.11 -15.10 -5.92
CA ALA A 52 6.24 -15.95 -6.30
C ALA A 52 5.83 -17.39 -6.65
N THR A 53 4.63 -17.59 -7.21
CA THR A 53 4.03 -18.93 -7.37
C THR A 53 3.53 -19.13 -8.80
N ILE A 54 4.45 -19.20 -9.76
CA ILE A 54 4.17 -19.55 -11.16
C ILE A 54 5.24 -20.55 -11.60
N SER A 55 4.85 -21.54 -12.40
CA SER A 55 5.70 -22.51 -13.05
C SER A 55 6.52 -21.87 -14.19
N ARG A 56 7.10 -22.72 -15.05
CA ARG A 56 7.88 -22.38 -16.24
C ARG A 56 7.34 -23.19 -17.42
N ASP A 57 6.07 -23.60 -17.33
CA ASP A 57 5.51 -24.79 -17.95
C ASP A 57 4.11 -24.46 -18.45
N ALA A 58 3.47 -25.36 -19.21
CA ALA A 58 2.05 -25.31 -19.55
C ALA A 58 1.18 -25.76 -18.36
N ALA A 59 1.55 -25.38 -17.13
CA ALA A 59 0.90 -25.71 -15.87
C ALA A 59 -0.51 -25.11 -15.72
N GLY A 60 -1.00 -24.37 -16.70
CA GLY A 60 -2.34 -23.81 -16.75
C GLY A 60 -2.43 -22.44 -16.08
N ASP A 61 -1.52 -22.18 -15.14
CA ASP A 61 -1.26 -20.98 -14.37
C ASP A 61 -2.55 -20.40 -13.82
N HIS A 62 -2.88 -20.81 -12.60
CA HIS A 62 -4.18 -20.50 -12.01
C HIS A 62 -4.42 -19.00 -11.94
N ARG A 63 -3.35 -18.25 -11.69
CA ARG A 63 -3.33 -16.81 -11.70
C ARG A 63 -1.91 -16.32 -11.91
N GLN A 64 -1.85 -15.31 -12.76
CA GLN A 64 -0.64 -14.61 -13.10
C GLN A 64 -0.16 -13.73 -11.93
N TYR A 65 0.91 -12.97 -12.16
CA TYR A 65 1.63 -12.23 -11.13
C TYR A 65 0.75 -11.16 -10.47
N ARG A 66 0.84 -11.08 -9.14
CA ARG A 66 0.02 -10.23 -8.29
C ARG A 66 0.87 -9.62 -7.18
N GLY A 67 0.22 -8.88 -6.29
CA GLY A 67 0.67 -8.78 -4.91
C GLY A 67 -0.53 -8.44 -4.03
N VAL A 68 -0.27 -8.13 -2.76
CA VAL A 68 -1.19 -7.46 -1.85
C VAL A 68 -0.44 -6.20 -1.41
N PHE A 69 -1.16 -5.16 -1.03
CA PHE A 69 -0.60 -3.99 -0.37
C PHE A 69 -1.47 -3.75 0.85
N GLN A 70 -0.83 -3.45 1.99
CA GLN A 70 -1.43 -3.32 3.29
C GLN A 70 -0.96 -1.98 3.85
N VAL A 71 -1.87 -1.18 4.38
CA VAL A 71 -1.63 0.11 4.97
C VAL A 71 -2.40 0.15 6.29
N ASN A 72 -1.71 -0.19 7.37
CA ASN A 72 -2.30 -0.21 8.69
C ASN A 72 -2.22 1.20 9.24
N VAL A 73 -3.30 1.97 9.11
CA VAL A 73 -3.37 3.32 9.69
C VAL A 73 -3.58 3.15 11.19
N VAL A 74 -2.79 3.88 11.97
CA VAL A 74 -2.85 3.92 13.41
C VAL A 74 -2.86 5.39 13.83
N MET A 75 -3.54 5.67 14.94
CA MET A 75 -3.49 6.95 15.63
C MET A 75 -3.65 6.68 17.13
N PRO A 76 -3.09 7.55 17.99
CA PRO A 76 -3.11 7.39 19.43
C PRO A 76 -4.48 7.75 19.98
N ILE A 77 -4.80 7.23 21.15
CA ILE A 77 -5.98 7.60 21.90
C ILE A 77 -5.59 8.83 22.73
N GLY A 78 -5.36 9.93 22.03
CA GLY A 78 -5.31 11.27 22.58
C GLY A 78 -6.67 11.89 22.26
N ASP A 79 -6.66 12.94 21.44
CA ASP A 79 -7.86 13.58 20.89
C ASP A 79 -7.88 13.57 19.35
N GLY A 80 -6.77 13.11 18.78
CA GLY A 80 -6.58 12.83 17.35
C GLY A 80 -6.91 11.39 17.00
N SER A 81 -7.65 10.69 17.88
CA SER A 81 -8.24 9.39 17.63
C SER A 81 -9.32 9.54 16.54
N ARG A 82 -9.89 8.41 16.11
CA ARG A 82 -10.84 8.26 15.01
C ARG A 82 -10.29 8.64 13.64
N SER A 83 -9.29 9.53 13.55
CA SER A 83 -8.72 10.09 12.33
C SER A 83 -8.09 9.07 11.35
N ALA A 84 -8.15 7.76 11.63
CA ALA A 84 -7.95 6.71 10.63
C ALA A 84 -8.92 6.87 9.47
N GLU A 85 -10.17 7.21 9.77
CA GLU A 85 -11.28 7.29 8.82
C GLU A 85 -10.93 8.26 7.70
N GLN A 86 -10.36 9.39 8.11
CA GLN A 86 -9.79 10.44 7.31
C GLN A 86 -8.84 9.82 6.26
N VAL A 87 -7.78 9.14 6.72
CA VAL A 87 -6.77 8.54 5.86
C VAL A 87 -7.39 7.52 4.94
N ALA A 88 -8.29 6.66 5.43
CA ALA A 88 -8.90 5.63 4.62
C ALA A 88 -9.56 6.22 3.37
N ALA A 89 -10.19 7.40 3.48
CA ALA A 89 -10.81 8.08 2.35
C ALA A 89 -9.79 8.76 1.44
N GLU A 90 -8.73 9.36 2.00
CA GLU A 90 -7.71 10.05 1.20
C GLU A 90 -6.91 9.05 0.37
N LEU A 91 -6.60 7.94 1.00
CA LEU A 91 -6.00 6.77 0.39
C LEU A 91 -6.86 6.33 -0.78
N ASP A 92 -8.15 6.11 -0.54
CA ASP A 92 -9.11 5.61 -1.52
C ASP A 92 -9.24 6.57 -2.73
N ALA A 93 -9.16 7.88 -2.48
CA ALA A 93 -9.13 8.91 -3.52
C ALA A 93 -7.82 8.88 -4.32
N LEU A 94 -6.72 8.42 -3.73
CA LEU A 94 -5.42 8.30 -4.39
C LEU A 94 -5.33 6.98 -5.15
N PHE A 95 -5.95 5.94 -4.60
CA PHE A 95 -5.90 4.57 -5.04
C PHE A 95 -7.31 4.02 -5.35
N PRO A 96 -8.08 4.63 -6.28
CA PRO A 96 -9.35 4.06 -6.70
C PRO A 96 -9.13 2.69 -7.37
N VAL A 97 -10.22 1.92 -7.52
CA VAL A 97 -10.31 0.58 -8.13
C VAL A 97 -9.71 0.47 -9.56
N ASN A 98 -9.21 1.56 -10.13
CA ASN A 98 -8.60 1.64 -11.44
C ASN A 98 -7.06 1.63 -11.31
N LEU A 99 -6.49 2.41 -10.40
CA LEU A 99 -5.06 2.46 -10.03
C LEU A 99 -4.07 2.57 -11.20
N VAL A 100 -4.47 3.18 -12.31
CA VAL A 100 -3.73 3.09 -13.56
C VAL A 100 -2.33 3.72 -13.38
N MET A 101 -1.27 2.95 -13.68
CA MET A 101 0.11 3.42 -13.80
C MET A 101 0.89 2.54 -14.77
N GLN A 102 2.07 2.97 -15.21
CA GLN A 102 3.08 2.19 -15.88
C GLN A 102 4.45 2.60 -15.37
N SER A 103 5.44 1.72 -15.51
CA SER A 103 6.82 1.97 -15.15
C SER A 103 7.72 1.24 -16.15
N GLY A 104 9.02 1.19 -15.87
CA GLY A 104 10.07 0.75 -16.78
C GLY A 104 9.89 -0.68 -17.29
N GLY A 105 9.19 -1.50 -16.51
CA GLY A 105 8.75 -2.81 -16.92
C GLY A 105 7.50 -2.62 -17.75
N LEU A 106 6.35 -2.51 -17.06
CA LEU A 106 5.02 -2.57 -17.62
C LEU A 106 4.03 -1.90 -16.67
N ALA A 107 2.72 -2.03 -16.95
CA ALA A 107 1.61 -1.49 -16.18
C ALA A 107 1.12 -2.42 -15.06
N VAL A 108 0.34 -1.89 -14.13
CA VAL A 108 -0.19 -2.61 -12.96
C VAL A 108 -1.55 -1.98 -12.58
N ARG A 109 -2.49 -2.70 -11.94
CA ARG A 109 -3.79 -2.17 -11.49
C ARG A 109 -4.14 -2.82 -10.14
N VAL A 110 -4.95 -2.13 -9.34
CA VAL A 110 -5.38 -2.56 -8.00
C VAL A 110 -6.26 -3.81 -8.03
N ARG A 111 -6.91 -4.10 -9.15
CA ARG A 111 -7.83 -5.19 -9.39
C ARG A 111 -9.09 -5.03 -8.54
N THR A 112 -8.95 -5.18 -7.25
CA THR A 112 -9.99 -5.07 -6.25
C THR A 112 -10.23 -3.59 -5.95
N PRO A 113 -11.34 -3.22 -5.30
CA PRO A 113 -11.42 -1.96 -4.58
C PRO A 113 -10.47 -2.01 -3.38
N ILE A 114 -10.44 -0.90 -2.64
CA ILE A 114 -9.95 -0.84 -1.27
C ILE A 114 -10.69 -1.89 -0.44
N SER A 115 -10.13 -2.32 0.69
CA SER A 115 -10.90 -2.89 1.77
C SER A 115 -10.48 -2.21 3.06
N ASN A 116 -11.41 -2.24 4.02
CA ASN A 116 -11.40 -1.50 5.25
C ASN A 116 -12.15 -2.38 6.24
N GLY A 117 -11.46 -3.10 7.11
CA GLY A 117 -12.08 -3.96 8.11
C GLY A 117 -12.48 -3.18 9.36
N GLN A 118 -13.05 -3.88 10.33
CA GLN A 118 -13.15 -3.39 11.69
C GLN A 118 -11.73 -3.16 12.21
N PRO A 119 -11.51 -2.13 13.04
CA PRO A 119 -10.23 -1.92 13.70
C PRO A 119 -9.88 -3.01 14.72
N THR A 120 -8.73 -2.86 15.37
CA THR A 120 -8.42 -3.43 16.66
C THR A 120 -7.60 -2.35 17.39
N THR A 121 -7.55 -2.39 18.72
CA THR A 121 -6.65 -1.58 19.52
C THR A 121 -5.95 -2.52 20.48
N GLY A 122 -4.74 -2.16 20.88
CA GLY A 122 -4.05 -2.78 21.99
C GLY A 122 -4.57 -2.15 23.24
N ASP A 123 -4.14 -0.93 23.45
CA ASP A 123 -3.82 -0.39 24.75
C ASP A 123 -4.05 1.11 24.75
N ALA A 124 -3.55 1.81 23.72
CA ALA A 124 -3.54 3.26 23.69
C ALA A 124 -3.50 3.81 22.27
N ASP A 125 -3.58 2.96 21.25
CA ASP A 125 -3.63 3.33 19.84
C ASP A 125 -4.49 2.27 19.16
N HIS A 126 -5.38 2.66 18.25
CA HIS A 126 -6.14 1.70 17.47
C HIS A 126 -5.55 1.65 16.07
N THR A 127 -5.53 0.47 15.45
CA THR A 127 -5.01 0.25 14.11
C THR A 127 -6.13 -0.37 13.26
N VAL A 128 -6.59 0.36 12.24
CA VAL A 128 -7.49 -0.15 11.22
C VAL A 128 -6.70 -1.04 10.24
N PRO A 129 -7.30 -2.12 9.74
CA PRO A 129 -6.78 -2.98 8.68
C PRO A 129 -7.25 -2.46 7.32
N ILE A 130 -6.36 -1.85 6.54
CA ILE A 130 -6.65 -1.44 5.16
C ILE A 130 -5.69 -2.24 4.28
N SER A 131 -6.22 -2.92 3.28
CA SER A 131 -5.42 -3.67 2.30
C SER A 131 -6.26 -4.02 1.06
N LEU A 132 -5.56 -4.36 -0.01
CA LEU A 132 -6.04 -4.61 -1.37
C LEU A 132 -5.10 -5.60 -2.09
N GLY A 133 -5.58 -6.26 -3.15
CA GLY A 133 -4.88 -7.35 -3.81
C GLY A 133 -4.74 -7.10 -5.31
N TYR A 134 -3.66 -6.42 -5.68
CA TYR A 134 -3.39 -5.92 -7.02
C TYR A 134 -2.87 -7.01 -7.96
N ASP A 135 -2.83 -6.68 -9.26
CA ASP A 135 -2.37 -7.56 -10.31
C ASP A 135 -1.48 -6.81 -11.29
N VAL A 136 -0.71 -7.59 -12.04
CA VAL A 136 0.37 -7.10 -12.88
C VAL A 136 0.04 -7.46 -14.33
N GLN A 137 0.42 -6.59 -15.26
CA GLN A 137 0.35 -6.84 -16.69
C GLN A 137 1.74 -7.16 -17.23
N PHE A 138 1.83 -7.45 -18.52
CA PHE A 138 3.00 -7.89 -19.23
C PHE A 138 2.85 -7.37 -20.64
N TYR A 139 3.72 -6.44 -21.02
CA TYR A 139 3.69 -5.63 -22.24
C TYR A 139 5.08 -5.79 -22.90
N PRO A 140 5.31 -6.82 -23.72
CA PRO A 140 6.56 -7.00 -24.47
C PRO A 140 6.73 -5.88 -25.52
N GLU A 141 7.80 -5.97 -26.32
CA GLU A 141 8.12 -5.08 -27.44
C GLU A 141 8.14 -3.63 -26.97
N GLY A 1 19.05 -5.55 -9.64
CA GLY A 1 17.60 -5.54 -9.48
C GLY A 1 16.90 -5.43 -10.83
N MET A 2 15.99 -6.34 -11.14
CA MET A 2 15.10 -6.27 -12.32
C MET A 2 13.66 -6.44 -11.84
N SER A 3 12.70 -5.96 -12.66
CA SER A 3 11.26 -5.97 -12.45
C SER A 3 10.88 -5.52 -11.02
N GLN A 4 10.86 -6.42 -10.03
CA GLN A 4 10.30 -6.22 -8.69
C GLN A 4 10.74 -4.93 -7.98
N ASP A 5 11.95 -4.41 -8.22
CA ASP A 5 12.37 -3.13 -7.64
C ASP A 5 11.46 -2.02 -8.14
N LEU A 6 11.43 -1.92 -9.47
CA LEU A 6 10.78 -0.88 -10.23
C LEU A 6 9.27 -0.93 -9.92
N ILE A 7 8.68 -2.12 -9.82
CA ILE A 7 7.30 -2.28 -9.36
C ILE A 7 7.11 -1.58 -7.99
N ARG A 8 7.98 -1.81 -7.00
CA ARG A 8 7.88 -1.06 -5.73
C ARG A 8 8.06 0.46 -5.93
N ALA A 9 8.89 0.88 -6.89
CA ALA A 9 9.10 2.30 -7.18
C ALA A 9 7.79 2.97 -7.63
N ALA A 10 7.00 2.28 -8.45
CA ALA A 10 5.71 2.78 -8.92
C ALA A 10 4.78 3.12 -7.76
N PHE A 11 4.81 2.28 -6.71
CA PHE A 11 4.00 2.44 -5.52
C PHE A 11 4.45 3.66 -4.73
N GLU A 12 5.76 3.94 -4.61
CA GLU A 12 6.21 5.20 -4.00
C GLU A 12 5.68 6.40 -4.79
N LYS A 13 5.64 6.30 -6.12
CA LYS A 13 5.25 7.35 -7.04
C LYS A 13 3.75 7.60 -6.99
N ARG A 14 3.02 6.87 -6.14
CA ARG A 14 1.68 7.20 -5.75
C ARG A 14 1.64 7.53 -4.26
N LEU A 15 2.00 6.56 -3.42
CA LEU A 15 1.80 6.58 -1.98
C LEU A 15 2.67 7.65 -1.32
N SER A 16 3.97 7.62 -1.57
CA SER A 16 4.91 8.60 -1.04
C SER A 16 4.54 9.98 -1.59
N ASP A 17 4.31 10.05 -2.91
CA ASP A 17 3.92 11.24 -3.66
C ASP A 17 2.80 12.00 -2.93
N TRP A 18 1.78 11.27 -2.51
CA TRP A 18 0.64 11.79 -1.76
C TRP A 18 1.03 12.14 -0.34
N ALA A 19 1.64 11.20 0.39
CA ALA A 19 1.88 11.35 1.81
C ALA A 19 2.88 12.46 2.09
N LYS A 20 3.75 12.84 1.14
CA LYS A 20 4.64 14.00 1.33
C LYS A 20 4.03 15.30 0.80
N ALA A 21 2.81 15.22 0.25
CA ALA A 21 2.06 16.35 -0.27
C ALA A 21 0.74 16.60 0.47
N ARG A 22 0.33 15.74 1.43
CA ARG A 22 -0.89 15.95 2.17
C ARG A 22 -0.58 17.03 3.23
N THR A 23 -1.60 17.53 3.92
CA THR A 23 -1.42 18.38 5.09
C THR A 23 -0.52 17.74 6.17
N PRO A 24 -0.93 16.70 6.93
CA PRO A 24 -0.17 16.24 8.11
C PRO A 24 1.09 15.48 7.73
N ALA A 25 1.17 15.09 6.45
CA ALA A 25 2.30 14.52 5.75
C ALA A 25 3.00 13.36 6.49
N LEU A 26 2.55 12.14 6.23
CA LEU A 26 2.94 10.95 6.98
C LEU A 26 4.18 10.29 6.36
N PRO A 27 4.96 9.52 7.13
CA PRO A 27 5.95 8.60 6.59
C PRO A 27 5.33 7.24 6.25
N VAL A 28 6.05 6.42 5.48
CA VAL A 28 5.57 5.18 4.87
C VAL A 28 6.66 4.11 5.06
N ALA A 29 6.45 3.10 5.90
CA ALA A 29 7.45 2.07 6.19
C ALA A 29 7.18 0.80 5.38
N TRP A 30 7.78 0.66 4.19
CA TRP A 30 7.68 -0.56 3.40
C TRP A 30 8.38 -1.71 4.12
N GLN A 31 7.62 -2.57 4.81
CA GLN A 31 8.07 -3.82 5.43
C GLN A 31 9.18 -3.60 6.47
N ASN A 32 10.46 -3.55 6.07
CA ASN A 32 11.64 -3.27 6.90
C ASN A 32 12.67 -2.42 6.14
N THR A 33 12.21 -1.70 5.10
CA THR A 33 12.92 -0.55 4.54
C THR A 33 13.13 0.47 5.67
N LYS A 34 14.16 1.30 5.56
CA LYS A 34 14.51 2.30 6.57
C LYS A 34 13.33 3.26 6.77
N PHE A 35 13.18 3.71 8.01
CA PHE A 35 12.01 4.37 8.54
C PHE A 35 12.38 4.95 9.93
N THR A 36 11.41 5.57 10.59
CA THR A 36 11.45 6.11 11.95
C THR A 36 12.29 7.40 12.03
N PRO A 37 11.89 8.41 12.82
CA PRO A 37 10.77 8.46 13.77
C PRO A 37 9.38 8.47 13.08
N PRO A 38 8.27 8.29 13.83
CA PRO A 38 6.94 8.51 13.30
C PRO A 38 6.56 10.00 13.23
N ALA A 39 5.45 10.25 12.56
CA ALA A 39 4.69 11.49 12.63
C ALA A 39 3.87 11.44 13.91
N ALA A 40 4.56 11.68 15.03
CA ALA A 40 4.00 11.81 16.37
C ALA A 40 3.01 10.69 16.72
N GLY A 41 3.54 9.47 16.85
CA GLY A 41 2.79 8.28 17.16
C GLY A 41 1.97 7.72 15.99
N VAL A 42 1.98 8.39 14.83
CA VAL A 42 1.27 7.98 13.64
C VAL A 42 2.27 7.63 12.54
N TYR A 43 2.00 6.55 11.83
CA TYR A 43 2.74 6.15 10.63
C TYR A 43 1.90 5.12 9.86
N LEU A 44 2.35 4.77 8.66
CA LEU A 44 1.65 3.84 7.77
C LEU A 44 2.52 2.60 7.62
N ARG A 45 2.07 1.49 8.21
CA ARG A 45 2.76 0.20 8.21
C ARG A 45 2.49 -0.48 6.86
N ALA A 46 3.34 -0.25 5.87
CA ALA A 46 3.09 -0.64 4.48
C ALA A 46 3.67 -2.04 4.22
N TYR A 47 2.83 -3.03 3.88
CA TYR A 47 3.22 -4.39 3.55
C TYR A 47 2.62 -4.77 2.20
N VAL A 48 3.37 -4.59 1.13
CA VAL A 48 3.13 -5.27 -0.15
C VAL A 48 3.53 -6.75 0.01
N MET A 49 2.86 -7.64 -0.72
CA MET A 49 2.90 -9.09 -0.59
C MET A 49 3.13 -9.69 -1.98
N PRO A 50 4.34 -9.54 -2.54
CA PRO A 50 4.60 -9.83 -3.94
C PRO A 50 4.60 -11.33 -4.21
N ALA A 51 3.87 -11.78 -5.23
CA ALA A 51 3.89 -13.17 -5.68
C ALA A 51 5.18 -13.51 -6.48
N ALA A 52 6.23 -12.70 -6.39
CA ALA A 52 7.52 -12.89 -7.00
C ALA A 52 8.60 -12.30 -6.09
N THR A 53 9.58 -13.13 -5.72
CA THR A 53 10.88 -12.66 -5.26
C THR A 53 11.62 -11.99 -6.44
N ILE A 54 12.63 -11.16 -6.15
CA ILE A 54 13.41 -10.49 -7.19
C ILE A 54 14.22 -11.54 -7.95
N SER A 55 14.14 -11.48 -9.26
CA SER A 55 15.03 -12.11 -10.21
C SER A 55 15.00 -11.28 -11.50
N ARG A 56 15.55 -11.81 -12.59
CA ARG A 56 15.38 -11.30 -13.95
C ARG A 56 14.58 -12.27 -14.83
N ASP A 57 14.06 -13.34 -14.23
CA ASP A 57 13.53 -14.58 -14.84
C ASP A 57 14.49 -15.20 -15.85
N ALA A 58 14.19 -16.43 -16.28
CA ALA A 58 15.04 -17.21 -17.18
C ALA A 58 14.32 -18.38 -17.85
N ALA A 59 13.01 -18.41 -17.73
CA ALA A 59 12.06 -19.24 -18.46
C ALA A 59 10.83 -18.35 -18.69
N GLY A 60 9.75 -18.90 -19.24
CA GLY A 60 8.43 -18.29 -19.17
C GLY A 60 7.58 -19.01 -18.13
N ASP A 61 6.42 -18.41 -17.86
CA ASP A 61 5.32 -18.92 -17.05
C ASP A 61 4.12 -18.05 -17.42
N HIS A 62 2.99 -18.71 -17.68
CA HIS A 62 1.71 -18.10 -18.00
C HIS A 62 1.18 -17.26 -16.83
N ARG A 63 -0.12 -16.91 -16.88
CA ARG A 63 -0.73 -16.02 -15.90
C ARG A 63 -0.06 -14.64 -15.94
N GLN A 64 -0.41 -13.77 -15.01
CA GLN A 64 0.19 -12.47 -14.83
C GLN A 64 0.67 -12.40 -13.38
N TYR A 65 1.37 -11.32 -13.01
CA TYR A 65 1.81 -11.09 -11.65
C TYR A 65 0.59 -11.00 -10.72
N ARG A 66 0.83 -10.95 -9.42
CA ARG A 66 -0.22 -10.81 -8.42
C ARG A 66 0.41 -10.38 -7.10
N GLY A 67 -0.41 -9.99 -6.13
CA GLY A 67 0.02 -9.79 -4.76
C GLY A 67 -1.06 -9.04 -3.99
N VAL A 68 -0.73 -8.70 -2.74
CA VAL A 68 -1.60 -7.88 -1.90
C VAL A 68 -0.80 -6.64 -1.51
N PHE A 69 -1.49 -5.59 -1.10
CA PHE A 69 -0.93 -4.49 -0.34
C PHE A 69 -1.79 -4.37 0.90
N GLN A 70 -1.16 -4.22 2.05
CA GLN A 70 -1.79 -3.93 3.32
C GLN A 70 -1.15 -2.67 3.85
N VAL A 71 -1.95 -1.79 4.44
CA VAL A 71 -1.49 -0.65 5.20
C VAL A 71 -2.31 -0.65 6.48
N ASN A 72 -1.74 -0.09 7.54
CA ASN A 72 -2.28 -0.10 8.87
C ASN A 72 -1.97 1.30 9.40
N VAL A 73 -3.01 2.14 9.50
CA VAL A 73 -2.92 3.56 9.81
C VAL A 73 -2.81 3.70 11.33
N VAL A 74 -1.73 3.23 11.92
CA VAL A 74 -1.64 3.16 13.37
C VAL A 74 -1.61 4.60 13.91
N MET A 75 -2.45 4.93 14.90
CA MET A 75 -2.55 6.27 15.48
C MET A 75 -2.68 6.13 17.01
N PRO A 76 -2.20 7.10 17.82
CA PRO A 76 -2.17 6.97 19.28
C PRO A 76 -3.51 7.33 19.93
N ILE A 77 -3.80 6.76 21.10
CA ILE A 77 -4.97 7.10 21.89
C ILE A 77 -4.59 8.29 22.78
N GLY A 78 -4.88 9.50 22.31
CA GLY A 78 -4.83 10.72 23.10
C GLY A 78 -6.20 11.38 23.02
N ASP A 79 -6.35 12.31 22.09
CA ASP A 79 -7.53 13.01 21.69
C ASP A 79 -7.46 13.01 20.17
N GLY A 80 -8.59 12.71 19.57
CA GLY A 80 -8.79 12.72 18.13
C GLY A 80 -8.15 11.50 17.47
N SER A 81 -8.18 10.34 18.12
CA SER A 81 -7.76 9.04 17.58
C SER A 81 -8.73 8.51 16.50
N ARG A 82 -9.38 9.41 15.78
CA ARG A 82 -10.52 9.16 14.91
C ARG A 82 -10.13 9.48 13.47
N SER A 83 -8.84 9.41 13.16
CA SER A 83 -8.28 9.77 11.86
C SER A 83 -8.50 8.70 10.79
N ALA A 84 -8.95 7.49 11.14
CA ALA A 84 -9.15 6.39 10.22
C ALA A 84 -9.99 6.79 9.01
N GLU A 85 -11.19 7.35 9.24
CA GLU A 85 -12.08 7.75 8.15
C GLU A 85 -11.39 8.77 7.24
N GLN A 86 -10.75 9.79 7.82
CA GLN A 86 -10.03 10.82 7.11
C GLN A 86 -8.97 10.24 6.18
N VAL A 87 -8.05 9.44 6.73
CA VAL A 87 -6.93 8.86 6.00
C VAL A 87 -7.43 7.87 4.96
N ALA A 88 -8.43 7.04 5.27
CA ALA A 88 -9.07 6.21 4.26
C ALA A 88 -9.66 7.09 3.17
N ALA A 89 -10.30 8.20 3.51
CA ALA A 89 -10.99 9.02 2.53
C ALA A 89 -9.98 9.67 1.57
N GLU A 90 -8.82 10.09 2.08
CA GLU A 90 -7.73 10.59 1.27
C GLU A 90 -7.16 9.48 0.37
N LEU A 91 -6.74 8.37 0.99
CA LEU A 91 -6.04 7.28 0.33
C LEU A 91 -6.92 6.65 -0.74
N ASP A 92 -8.17 6.39 -0.43
CA ASP A 92 -9.07 5.64 -1.29
C ASP A 92 -9.48 6.50 -2.49
N ALA A 93 -9.43 7.84 -2.37
CA ALA A 93 -9.54 8.71 -3.53
C ALA A 93 -8.31 8.52 -4.43
N LEU A 94 -7.12 8.55 -3.84
CA LEU A 94 -5.86 8.37 -4.55
C LEU A 94 -5.73 6.98 -5.18
N PHE A 95 -6.34 5.95 -4.57
CA PHE A 95 -6.22 4.56 -4.95
C PHE A 95 -7.59 3.99 -5.34
N PRO A 96 -8.09 4.34 -6.54
CA PRO A 96 -9.35 3.84 -7.07
C PRO A 96 -9.18 2.41 -7.60
N VAL A 97 -10.29 1.79 -8.00
CA VAL A 97 -10.40 0.46 -8.62
C VAL A 97 -9.61 0.30 -9.94
N ASN A 98 -8.91 1.34 -10.40
CA ASN A 98 -8.03 1.28 -11.57
C ASN A 98 -6.59 1.08 -11.12
N LEU A 99 -6.07 1.97 -10.26
CA LEU A 99 -4.73 1.92 -9.68
C LEU A 99 -3.63 1.92 -10.76
N VAL A 100 -3.84 2.64 -11.87
CA VAL A 100 -2.89 2.66 -12.99
C VAL A 100 -1.62 3.38 -12.53
N MET A 101 -0.49 2.66 -12.58
CA MET A 101 0.84 3.22 -12.38
C MET A 101 1.69 2.68 -13.53
N GLN A 102 1.83 3.43 -14.61
CA GLN A 102 2.65 3.14 -15.79
C GLN A 102 4.12 3.32 -15.40
N SER A 103 4.71 2.27 -14.86
CA SER A 103 6.06 2.31 -14.29
C SER A 103 7.13 1.95 -15.33
N GLY A 104 8.41 2.03 -14.93
CA GLY A 104 9.61 1.64 -15.66
C GLY A 104 9.70 0.17 -16.13
N GLY A 105 8.66 -0.63 -15.94
CA GLY A 105 8.61 -2.06 -16.11
C GLY A 105 7.33 -2.37 -16.87
N LEU A 106 6.23 -2.27 -16.14
CA LEU A 106 4.90 -2.46 -16.68
C LEU A 106 3.89 -1.68 -15.84
N ALA A 107 2.66 -1.57 -16.33
CA ALA A 107 1.54 -0.94 -15.65
C ALA A 107 1.00 -1.90 -14.57
N VAL A 108 0.31 -1.39 -13.55
CA VAL A 108 -0.33 -2.21 -12.51
C VAL A 108 -1.82 -1.88 -12.51
N ARG A 109 -2.66 -2.79 -12.00
CA ARG A 109 -4.09 -2.62 -11.83
C ARG A 109 -4.47 -3.30 -10.52
N VAL A 110 -5.22 -2.61 -9.66
CA VAL A 110 -5.64 -3.14 -8.37
C VAL A 110 -6.54 -4.37 -8.47
N ARG A 111 -7.31 -4.51 -9.57
CA ARG A 111 -8.29 -5.57 -9.80
C ARG A 111 -9.53 -5.39 -8.91
N THR A 112 -9.39 -5.15 -7.62
CA THR A 112 -10.47 -5.03 -6.66
C THR A 112 -10.63 -3.55 -6.26
N PRO A 113 -11.74 -3.16 -5.61
CA PRO A 113 -11.79 -1.91 -4.88
C PRO A 113 -10.91 -1.99 -3.64
N ILE A 114 -10.75 -0.87 -2.92
CA ILE A 114 -10.18 -0.87 -1.58
C ILE A 114 -11.02 -1.80 -0.70
N SER A 115 -10.39 -2.50 0.24
CA SER A 115 -11.10 -3.12 1.36
C SER A 115 -10.73 -2.45 2.68
N ASN A 116 -11.68 -2.51 3.59
CA ASN A 116 -11.85 -1.87 4.87
C ASN A 116 -12.33 -2.94 5.84
N GLY A 117 -12.23 -2.71 7.15
CA GLY A 117 -12.94 -3.48 8.17
C GLY A 117 -13.00 -2.68 9.46
N GLN A 118 -13.64 -3.23 10.48
CA GLN A 118 -13.59 -2.66 11.82
C GLN A 118 -12.12 -2.60 12.28
N PRO A 119 -11.74 -1.58 13.05
CA PRO A 119 -10.39 -1.47 13.60
C PRO A 119 -10.17 -2.51 14.71
N THR A 120 -8.91 -2.83 14.93
CA THR A 120 -8.46 -3.57 16.10
C THR A 120 -7.63 -2.57 16.92
N THR A 121 -8.00 -2.39 18.19
CA THR A 121 -7.27 -1.54 19.11
C THR A 121 -5.93 -2.21 19.42
N GLY A 122 -4.95 -1.43 19.88
CA GLY A 122 -3.67 -1.90 20.39
C GLY A 122 -3.43 -1.31 21.76
N ASP A 123 -2.17 -1.38 22.21
CA ASP A 123 -1.76 -1.13 23.59
C ASP A 123 -2.15 0.29 24.00
N ALA A 124 -1.82 1.27 23.15
CA ALA A 124 -2.19 2.67 23.29
C ALA A 124 -2.45 3.28 21.91
N ASP A 125 -2.89 2.46 20.96
CA ASP A 125 -3.12 2.79 19.58
C ASP A 125 -4.47 2.23 19.13
N HIS A 126 -4.96 2.73 18.00
CA HIS A 126 -5.96 2.06 17.18
C HIS A 126 -5.35 1.90 15.79
N THR A 127 -5.80 0.88 15.06
CA THR A 127 -5.45 0.69 13.66
C THR A 127 -6.66 0.13 12.94
N VAL A 128 -7.08 0.79 11.86
CA VAL A 128 -7.98 0.18 10.89
C VAL A 128 -7.19 -0.71 9.91
N PRO A 129 -7.79 -1.84 9.48
CA PRO A 129 -7.31 -2.69 8.41
C PRO A 129 -7.66 -2.06 7.06
N ILE A 130 -6.67 -1.68 6.25
CA ILE A 130 -6.91 -1.24 4.87
C ILE A 130 -5.99 -2.07 3.97
N SER A 131 -6.53 -2.66 2.91
CA SER A 131 -5.76 -3.48 1.97
C SER A 131 -6.46 -3.60 0.61
N LEU A 132 -5.80 -4.25 -0.35
CA LEU A 132 -6.25 -4.52 -1.71
C LEU A 132 -5.34 -5.57 -2.34
N GLY A 133 -5.78 -6.27 -3.40
CA GLY A 133 -5.07 -7.43 -3.94
C GLY A 133 -4.93 -7.36 -5.45
N TYR A 134 -3.85 -6.71 -5.88
CA TYR A 134 -3.52 -6.46 -7.28
C TYR A 134 -3.13 -7.75 -8.02
N ASP A 135 -3.33 -7.70 -9.33
CA ASP A 135 -2.98 -8.72 -10.33
C ASP A 135 -2.00 -8.13 -11.35
N VAL A 136 -1.61 -6.86 -11.16
CA VAL A 136 -0.85 -6.07 -12.10
C VAL A 136 -1.67 -5.99 -13.39
N GLN A 137 -1.10 -5.46 -14.46
CA GLN A 137 -1.56 -5.63 -15.82
C GLN A 137 -0.32 -5.61 -16.71
N PHE A 138 -0.48 -5.64 -18.03
CA PHE A 138 0.62 -5.64 -18.98
C PHE A 138 0.19 -4.72 -20.12
N TYR A 139 1.02 -3.76 -20.49
CA TYR A 139 0.81 -2.89 -21.66
C TYR A 139 2.11 -2.93 -22.47
N PRO A 140 2.34 -3.99 -23.26
CA PRO A 140 3.46 -4.07 -24.17
C PRO A 140 3.16 -3.14 -25.33
N GLU A 141 3.99 -2.12 -25.52
CA GLU A 141 3.76 -1.02 -26.43
C GLU A 141 5.05 -0.66 -27.16
N GLY A 1 16.47 -1.33 -14.14
CA GLY A 1 15.18 -1.90 -13.76
C GLY A 1 14.91 -3.16 -14.57
N MET A 2 14.95 -4.34 -13.94
CA MET A 2 14.82 -5.65 -14.55
C MET A 2 13.35 -6.07 -14.73
N SER A 3 12.44 -5.14 -15.05
CA SER A 3 10.99 -5.30 -15.04
C SER A 3 10.50 -5.34 -13.59
N GLN A 4 10.81 -6.40 -12.83
CA GLN A 4 10.27 -6.62 -11.49
C GLN A 4 10.55 -5.43 -10.56
N ASP A 5 11.66 -4.73 -10.76
CA ASP A 5 12.06 -3.58 -9.97
C ASP A 5 10.99 -2.50 -10.08
N LEU A 6 10.53 -2.24 -11.30
CA LEU A 6 9.67 -1.12 -11.63
C LEU A 6 8.26 -1.33 -11.10
N ILE A 7 7.80 -2.57 -10.98
CA ILE A 7 6.56 -2.92 -10.30
C ILE A 7 6.66 -2.43 -8.86
N ARG A 8 7.63 -2.91 -8.08
CA ARG A 8 7.77 -2.49 -6.68
C ARG A 8 7.97 -0.97 -6.60
N ALA A 9 8.78 -0.40 -7.50
CA ALA A 9 9.06 1.04 -7.52
C ALA A 9 7.87 1.88 -7.98
N ALA A 10 6.85 1.30 -8.61
CA ALA A 10 5.69 2.05 -9.10
C ALA A 10 4.91 2.62 -7.91
N PHE A 11 4.79 1.79 -6.88
CA PHE A 11 4.12 2.11 -5.64
C PHE A 11 4.80 3.28 -4.95
N GLU A 12 6.13 3.26 -4.77
CA GLU A 12 6.81 4.39 -4.15
C GLU A 12 6.87 5.62 -5.08
N LYS A 13 6.38 5.50 -6.31
CA LYS A 13 6.19 6.62 -7.22
C LYS A 13 4.78 7.21 -7.17
N ARG A 14 3.88 6.65 -6.37
CA ARG A 14 2.56 7.22 -6.05
C ARG A 14 2.39 7.47 -4.55
N LEU A 15 2.59 6.46 -3.71
CA LEU A 15 2.21 6.49 -2.30
C LEU A 15 3.02 7.52 -1.50
N SER A 16 4.28 7.70 -1.84
CA SER A 16 5.20 8.65 -1.21
C SER A 16 4.71 10.07 -1.49
N ASP A 17 4.31 10.31 -2.75
CA ASP A 17 3.89 11.57 -3.32
C ASP A 17 2.70 12.08 -2.54
N TRP A 18 1.67 11.24 -2.37
CA TRP A 18 0.53 11.58 -1.52
C TRP A 18 0.99 11.80 -0.08
N ALA A 19 1.81 10.90 0.48
CA ALA A 19 2.03 10.96 1.91
C ALA A 19 2.73 12.24 2.33
N LYS A 20 3.60 12.83 1.49
CA LYS A 20 4.20 14.14 1.75
C LYS A 20 3.33 15.30 1.24
N ALA A 21 2.51 15.08 0.22
CA ALA A 21 1.59 16.07 -0.31
C ALA A 21 0.51 16.42 0.70
N ARG A 22 0.06 15.42 1.47
CA ARG A 22 -1.06 15.56 2.37
C ARG A 22 -0.76 16.60 3.44
N THR A 23 -1.82 17.13 4.03
CA THR A 23 -1.74 18.10 5.12
C THR A 23 -0.83 17.65 6.28
N PRO A 24 -1.13 16.55 7.01
CA PRO A 24 -0.33 16.16 8.18
C PRO A 24 1.04 15.58 7.83
N ALA A 25 1.22 15.27 6.55
CA ALA A 25 2.39 14.72 5.90
C ALA A 25 3.03 13.55 6.67
N LEU A 26 2.60 12.33 6.39
CA LEU A 26 2.85 11.13 7.19
C LEU A 26 4.11 10.37 6.75
N PRO A 27 4.70 9.52 7.61
CA PRO A 27 5.83 8.66 7.24
C PRO A 27 5.33 7.36 6.59
N VAL A 28 6.20 6.59 5.93
CA VAL A 28 5.80 5.44 5.13
C VAL A 28 6.70 4.24 5.46
N ALA A 29 6.23 3.34 6.32
CA ALA A 29 6.96 2.17 6.74
C ALA A 29 6.77 1.07 5.69
N TRP A 30 7.52 1.18 4.58
CA TRP A 30 7.67 0.14 3.60
C TRP A 30 8.31 -1.11 4.21
N GLN A 31 8.32 -2.21 3.44
CA GLN A 31 8.95 -3.45 3.86
C GLN A 31 10.41 -3.19 4.23
N ASN A 32 10.81 -3.72 5.39
CA ASN A 32 12.14 -3.65 5.97
C ASN A 32 12.71 -2.24 6.12
N THR A 33 11.93 -1.17 5.95
CA THR A 33 12.47 0.19 5.91
C THR A 33 12.91 0.65 7.31
N LYS A 34 13.57 1.80 7.31
CA LYS A 34 13.82 2.63 8.48
C LYS A 34 12.77 3.73 8.52
N PHE A 35 12.00 3.83 9.60
CA PHE A 35 10.91 4.80 9.75
C PHE A 35 10.75 5.30 11.18
N THR A 36 11.74 5.04 12.04
CA THR A 36 11.80 5.65 13.35
C THR A 36 12.65 6.93 13.21
N PRO A 37 12.36 8.02 13.93
CA PRO A 37 11.19 8.17 14.80
C PRO A 37 9.90 8.25 13.98
N PRO A 38 8.74 7.86 14.57
CA PRO A 38 7.44 8.08 13.97
C PRO A 38 7.04 9.53 14.09
N ALA A 39 5.90 9.86 13.52
CA ALA A 39 5.42 11.20 13.40
C ALA A 39 4.56 11.52 14.61
N ALA A 40 5.24 11.75 15.73
CA ALA A 40 4.64 11.97 17.05
C ALA A 40 3.81 10.75 17.45
N GLY A 41 4.30 9.55 17.08
CA GLY A 41 3.64 8.29 17.37
C GLY A 41 2.57 7.89 16.36
N VAL A 42 2.32 8.71 15.34
CA VAL A 42 1.48 8.39 14.19
C VAL A 42 2.39 7.74 13.14
N TYR A 43 1.99 6.60 12.56
CA TYR A 43 2.74 5.92 11.51
C TYR A 43 1.83 4.99 10.70
N LEU A 44 2.40 4.32 9.71
CA LEU A 44 1.76 3.75 8.52
C LEU A 44 2.61 2.57 8.06
N ARG A 45 2.17 1.34 8.34
CA ARG A 45 2.75 0.09 7.79
C ARG A 45 2.26 -0.09 6.36
N ALA A 46 2.91 0.56 5.40
CA ALA A 46 2.59 0.50 3.98
C ALA A 46 3.24 -0.77 3.40
N TYR A 47 2.64 -1.92 3.65
CA TYR A 47 3.27 -3.22 3.49
C TYR A 47 2.69 -3.94 2.27
N VAL A 48 3.35 -3.77 1.14
CA VAL A 48 3.13 -4.40 -0.16
C VAL A 48 3.62 -5.86 -0.14
N MET A 49 2.90 -6.68 0.62
CA MET A 49 3.06 -8.13 0.67
C MET A 49 3.03 -8.73 -0.75
N PRO A 50 3.81 -9.80 -0.99
CA PRO A 50 3.91 -10.46 -2.29
C PRO A 50 2.67 -11.34 -2.53
N ALA A 51 2.64 -12.07 -3.65
CA ALA A 51 1.54 -12.98 -3.96
C ALA A 51 1.54 -14.20 -3.03
N ALA A 52 0.40 -14.91 -3.01
CA ALA A 52 0.25 -16.25 -2.45
C ALA A 52 -0.96 -16.98 -3.07
N THR A 53 -1.33 -16.64 -4.30
CA THR A 53 -2.43 -17.30 -4.97
C THR A 53 -2.02 -18.72 -5.38
N ILE A 54 -3.03 -19.60 -5.45
CA ILE A 54 -2.94 -20.92 -6.05
C ILE A 54 -2.87 -20.75 -7.57
N SER A 55 -2.90 -21.86 -8.30
CA SER A 55 -3.15 -21.91 -9.73
C SER A 55 -4.49 -21.23 -9.99
N ARG A 56 -4.48 -20.05 -10.59
CA ARG A 56 -5.65 -19.31 -11.08
C ARG A 56 -5.19 -18.41 -12.22
N ASP A 57 -4.26 -18.91 -13.03
CA ASP A 57 -3.38 -18.11 -13.86
C ASP A 57 -3.38 -18.69 -15.28
N ALA A 58 -2.96 -17.88 -16.25
CA ALA A 58 -3.21 -18.08 -17.67
C ALA A 58 -2.20 -19.08 -18.26
N ALA A 59 -2.27 -20.33 -17.81
CA ALA A 59 -1.34 -21.41 -18.10
C ALA A 59 0.12 -21.00 -17.80
N GLY A 60 0.32 -20.34 -16.67
CA GLY A 60 1.60 -19.80 -16.21
C GLY A 60 1.88 -18.44 -16.85
N ASP A 61 1.80 -18.40 -18.18
CA ASP A 61 2.19 -17.32 -19.07
C ASP A 61 3.68 -17.08 -18.86
N HIS A 62 4.06 -16.26 -17.89
CA HIS A 62 5.43 -16.08 -17.45
C HIS A 62 5.51 -15.37 -16.11
N ARG A 63 4.55 -14.50 -15.84
CA ARG A 63 4.47 -13.69 -14.63
C ARG A 63 3.17 -13.97 -13.92
N GLN A 64 3.26 -13.96 -12.59
CA GLN A 64 2.16 -14.21 -11.68
C GLN A 64 2.33 -13.32 -10.45
N TYR A 65 2.73 -12.07 -10.67
CA TYR A 65 2.88 -11.09 -9.61
C TYR A 65 1.50 -10.62 -9.21
N ARG A 66 1.00 -11.07 -8.07
CA ARG A 66 -0.35 -10.74 -7.57
C ARG A 66 -0.41 -10.59 -6.05
N GLY A 67 0.11 -9.49 -5.55
CA GLY A 67 0.33 -9.25 -4.13
C GLY A 67 -0.86 -8.62 -3.41
N VAL A 68 -0.69 -8.32 -2.13
CA VAL A 68 -1.64 -7.63 -1.29
C VAL A 68 -0.90 -6.44 -0.66
N PHE A 69 -1.42 -5.24 -0.85
CA PHE A 69 -0.85 -4.02 -0.29
C PHE A 69 -1.72 -3.67 0.89
N GLN A 70 -1.10 -3.71 2.06
CA GLN A 70 -1.68 -3.41 3.34
C GLN A 70 -1.22 -2.03 3.78
N VAL A 71 -2.09 -1.31 4.49
CA VAL A 71 -1.80 -0.03 5.11
C VAL A 71 -2.34 -0.16 6.53
N ASN A 72 -1.51 -0.71 7.42
CA ASN A 72 -1.80 -0.71 8.85
C ASN A 72 -1.49 0.71 9.35
N VAL A 73 -2.46 1.60 9.19
CA VAL A 73 -2.44 2.99 9.65
C VAL A 73 -2.65 2.99 11.17
N VAL A 74 -1.68 3.51 11.93
CA VAL A 74 -1.68 3.52 13.39
C VAL A 74 -1.75 4.97 13.86
N MET A 75 -2.63 5.29 14.83
CA MET A 75 -2.68 6.64 15.38
C MET A 75 -3.09 6.55 16.86
N PRO A 76 -2.67 7.49 17.72
CA PRO A 76 -2.89 7.40 19.17
C PRO A 76 -4.35 7.69 19.52
N ILE A 77 -4.85 7.02 20.57
CA ILE A 77 -6.16 7.23 21.14
C ILE A 77 -5.98 8.28 22.23
N GLY A 78 -6.29 9.53 21.91
CA GLY A 78 -6.41 10.61 22.89
C GLY A 78 -7.82 10.58 23.45
N ASP A 79 -8.81 10.91 22.60
CA ASP A 79 -10.21 11.04 23.01
C ASP A 79 -11.19 10.26 22.12
N GLY A 80 -10.67 9.50 21.16
CA GLY A 80 -11.46 8.54 20.39
C GLY A 80 -10.98 8.30 18.97
N SER A 81 -10.02 9.10 18.48
CA SER A 81 -9.21 8.90 17.29
C SER A 81 -9.99 8.42 16.08
N ARG A 82 -10.45 9.36 15.25
CA ARG A 82 -11.29 9.06 14.09
C ARG A 82 -10.50 9.14 12.78
N SER A 83 -9.21 9.46 12.86
CA SER A 83 -8.41 9.74 11.66
C SER A 83 -8.25 8.52 10.74
N ALA A 84 -8.53 7.30 11.19
CA ALA A 84 -8.62 6.12 10.34
C ALA A 84 -9.63 6.29 9.20
N GLU A 85 -10.73 7.01 9.45
CA GLU A 85 -11.85 7.13 8.52
C GLU A 85 -11.48 8.11 7.41
N GLN A 86 -10.99 9.28 7.80
CA GLN A 86 -10.47 10.29 6.89
C GLN A 86 -9.41 9.69 5.98
N VAL A 87 -8.48 8.92 6.55
CA VAL A 87 -7.45 8.22 5.82
C VAL A 87 -8.02 7.21 4.84
N ALA A 88 -9.03 6.44 5.23
CA ALA A 88 -9.62 5.47 4.32
C ALA A 88 -10.17 6.18 3.05
N ALA A 89 -10.74 7.38 3.20
CA ALA A 89 -11.24 8.17 2.07
C ALA A 89 -10.09 8.79 1.27
N GLU A 90 -9.05 9.25 1.95
CA GLU A 90 -7.89 9.90 1.34
C GLU A 90 -7.18 8.94 0.40
N LEU A 91 -6.90 7.73 0.89
CA LEU A 91 -6.37 6.60 0.16
C LEU A 91 -7.28 6.24 -1.01
N ASP A 92 -8.54 5.89 -0.79
CA ASP A 92 -9.43 5.44 -1.88
C ASP A 92 -9.49 6.44 -3.04
N ALA A 93 -9.45 7.76 -2.78
CA ALA A 93 -9.48 8.74 -3.86
C ALA A 93 -8.20 8.73 -4.72
N LEU A 94 -7.09 8.22 -4.15
CA LEU A 94 -5.75 8.21 -4.73
C LEU A 94 -5.38 6.82 -5.25
N PHE A 95 -5.98 5.79 -4.65
CA PHE A 95 -5.98 4.39 -5.01
C PHE A 95 -7.41 3.98 -5.41
N PRO A 96 -8.00 4.54 -6.49
CA PRO A 96 -9.25 4.02 -7.03
C PRO A 96 -9.03 2.63 -7.65
N VAL A 97 -10.09 1.94 -8.05
CA VAL A 97 -10.15 0.55 -8.59
C VAL A 97 -9.41 0.35 -9.94
N ASN A 98 -8.55 1.29 -10.30
CA ASN A 98 -7.86 1.38 -11.56
C ASN A 98 -6.37 1.33 -11.33
N LEU A 99 -5.84 2.26 -10.56
CA LEU A 99 -4.42 2.39 -10.25
C LEU A 99 -3.53 2.21 -11.48
N VAL A 100 -3.62 3.16 -12.42
CA VAL A 100 -2.72 3.18 -13.55
C VAL A 100 -1.37 3.69 -13.04
N MET A 101 -0.51 2.78 -12.58
CA MET A 101 0.89 3.07 -12.32
C MET A 101 1.70 2.44 -13.45
N GLN A 102 1.79 3.16 -14.57
CA GLN A 102 2.58 2.78 -15.73
C GLN A 102 4.04 3.16 -15.48
N SER A 103 4.72 2.30 -14.72
CA SER A 103 6.10 2.46 -14.29
C SER A 103 7.03 2.17 -15.47
N GLY A 104 8.34 2.23 -15.22
CA GLY A 104 9.38 1.97 -16.22
C GLY A 104 9.33 0.59 -16.87
N GLY A 105 8.52 -0.34 -16.36
CA GLY A 105 8.39 -1.69 -16.90
C GLY A 105 7.05 -1.82 -17.58
N LEU A 106 5.97 -1.71 -16.79
CA LEU A 106 4.61 -2.05 -17.21
C LEU A 106 3.60 -1.21 -16.43
N ALA A 107 2.33 -1.37 -16.78
CA ALA A 107 1.19 -0.71 -16.16
C ALA A 107 0.51 -1.66 -15.19
N VAL A 108 0.76 -1.48 -13.89
CA VAL A 108 0.12 -2.27 -12.84
C VAL A 108 -1.38 -1.89 -12.79
N ARG A 109 -2.21 -2.64 -12.05
CA ARG A 109 -3.61 -2.32 -11.72
C ARG A 109 -3.87 -2.88 -10.33
N VAL A 110 -4.80 -2.26 -9.61
CA VAL A 110 -5.20 -2.71 -8.28
C VAL A 110 -6.06 -3.98 -8.33
N ARG A 111 -6.76 -4.25 -9.44
CA ARG A 111 -7.61 -5.42 -9.64
C ARG A 111 -8.89 -5.36 -8.81
N THR A 112 -8.81 -5.20 -7.50
CA THR A 112 -9.94 -5.10 -6.59
C THR A 112 -10.28 -3.62 -6.37
N PRO A 113 -11.46 -3.31 -5.81
CA PRO A 113 -11.66 -2.08 -5.05
C PRO A 113 -10.82 -2.14 -3.75
N ILE A 114 -10.98 -1.11 -2.92
CA ILE A 114 -10.45 -1.03 -1.57
C ILE A 114 -11.42 -1.73 -0.61
N SER A 115 -10.94 -2.11 0.57
CA SER A 115 -11.78 -2.42 1.72
C SER A 115 -11.16 -1.85 3.00
N ASN A 116 -11.97 -1.70 4.05
CA ASN A 116 -11.62 -1.20 5.38
C ASN A 116 -12.55 -1.88 6.40
N GLY A 117 -12.11 -2.08 7.63
CA GLY A 117 -12.86 -2.69 8.72
C GLY A 117 -12.68 -1.93 10.03
N GLN A 118 -13.22 -2.45 11.14
CA GLN A 118 -13.08 -1.88 12.46
C GLN A 118 -11.63 -2.03 12.94
N PRO A 119 -11.12 -1.10 13.78
CA PRO A 119 -9.75 -1.13 14.25
C PRO A 119 -9.52 -2.14 15.37
N THR A 120 -8.33 -2.75 15.37
CA THR A 120 -7.77 -3.43 16.51
C THR A 120 -7.34 -2.35 17.52
N THR A 121 -8.01 -2.26 18.67
CA THR A 121 -7.61 -1.35 19.74
C THR A 121 -6.34 -1.92 20.40
N GLY A 122 -5.28 -1.12 20.48
CA GLY A 122 -4.06 -1.41 21.22
C GLY A 122 -4.05 -0.68 22.55
N ASP A 123 -2.88 -0.65 23.20
CA ASP A 123 -2.65 -0.04 24.52
C ASP A 123 -3.20 1.38 24.58
N ALA A 124 -2.75 2.21 23.64
CA ALA A 124 -3.13 3.60 23.46
C ALA A 124 -3.02 4.00 21.98
N ASP A 125 -2.98 3.04 21.07
CA ASP A 125 -2.97 3.25 19.62
C ASP A 125 -4.06 2.36 19.05
N HIS A 126 -4.40 2.52 17.77
CA HIS A 126 -5.33 1.61 17.09
C HIS A 126 -4.98 1.50 15.62
N THR A 127 -5.39 0.38 14.98
CA THR A 127 -5.03 0.08 13.60
C THR A 127 -6.24 -0.55 12.90
N VAL A 128 -6.77 0.14 11.89
CA VAL A 128 -7.79 -0.41 10.99
C VAL A 128 -7.15 -1.38 9.98
N PRO A 129 -7.91 -2.35 9.45
CA PRO A 129 -7.50 -3.28 8.41
C PRO A 129 -7.85 -2.74 7.03
N ILE A 130 -6.94 -1.99 6.42
CA ILE A 130 -7.07 -1.46 5.06
C ILE A 130 -6.12 -2.25 4.15
N SER A 131 -6.63 -2.76 3.03
CA SER A 131 -5.82 -3.37 1.98
C SER A 131 -6.60 -3.61 0.68
N LEU A 132 -5.85 -3.88 -0.40
CA LEU A 132 -6.34 -4.29 -1.71
C LEU A 132 -5.38 -5.33 -2.32
N GLY A 133 -5.79 -6.03 -3.38
CA GLY A 133 -5.12 -7.23 -3.88
C GLY A 133 -4.81 -7.11 -5.37
N TYR A 134 -3.62 -6.58 -5.66
CA TYR A 134 -3.19 -6.14 -6.98
C TYR A 134 -2.65 -7.29 -7.83
N ASP A 135 -2.36 -6.99 -9.10
CA ASP A 135 -1.87 -7.92 -10.12
C ASP A 135 -1.00 -7.17 -11.11
N VAL A 136 -0.77 -7.73 -12.30
CA VAL A 136 0.16 -7.17 -13.27
C VAL A 136 -0.47 -7.35 -14.65
N GLN A 137 0.08 -6.65 -15.64
CA GLN A 137 -0.20 -6.79 -17.06
C GLN A 137 1.00 -7.36 -17.78
N PHE A 138 0.79 -7.63 -19.06
CA PHE A 138 1.70 -8.22 -20.02
C PHE A 138 1.24 -7.88 -21.45
N TYR A 139 0.75 -6.65 -21.62
CA TYR A 139 0.29 -6.15 -22.92
C TYR A 139 1.44 -6.18 -23.95
N PRO A 140 1.12 -6.20 -25.25
CA PRO A 140 2.11 -5.97 -26.29
C PRO A 140 2.62 -4.53 -26.17
N GLU A 141 3.93 -4.34 -26.06
CA GLU A 141 4.56 -3.01 -25.97
C GLU A 141 4.62 -2.34 -27.34
N GLY A 1 15.64 -11.62 -10.78
CA GLY A 1 14.57 -10.66 -10.54
C GLY A 1 14.12 -10.08 -11.86
N MET A 2 14.35 -8.78 -12.08
CA MET A 2 13.83 -7.99 -13.20
C MET A 2 12.30 -7.85 -13.11
N SER A 3 11.75 -6.85 -13.81
CA SER A 3 10.33 -6.53 -13.86
C SER A 3 9.87 -5.98 -12.51
N GLN A 4 9.80 -6.80 -11.46
CA GLN A 4 9.30 -6.47 -10.14
C GLN A 4 9.81 -5.13 -9.63
N ASP A 5 11.10 -4.84 -9.76
CA ASP A 5 11.74 -3.61 -9.25
C ASP A 5 10.98 -2.38 -9.75
N LEU A 6 10.52 -2.43 -10.99
CA LEU A 6 9.83 -1.34 -11.66
C LEU A 6 8.43 -1.22 -11.09
N ILE A 7 7.68 -2.31 -10.97
CA ILE A 7 6.39 -2.31 -10.30
C ILE A 7 6.52 -1.76 -8.87
N ARG A 8 7.54 -2.16 -8.10
CA ARG A 8 7.82 -1.64 -6.76
C ARG A 8 8.00 -0.13 -6.84
N ALA A 9 8.82 0.35 -7.78
CA ALA A 9 9.11 1.76 -7.95
C ALA A 9 7.89 2.60 -8.32
N ALA A 10 6.82 2.00 -8.86
CA ALA A 10 5.60 2.74 -9.13
C ALA A 10 4.82 3.02 -7.85
N PHE A 11 4.99 2.20 -6.80
CA PHE A 11 4.15 2.29 -5.61
C PHE A 11 4.61 3.46 -4.73
N GLU A 12 5.93 3.69 -4.61
CA GLU A 12 6.49 4.87 -3.96
C GLU A 12 6.06 6.16 -4.67
N LYS A 13 5.96 6.15 -6.01
CA LYS A 13 5.51 7.29 -6.82
C LYS A 13 4.03 7.57 -6.59
N ARG A 14 3.33 6.76 -5.80
CA ARG A 14 1.95 6.97 -5.46
C ARG A 14 1.84 7.21 -3.97
N LEU A 15 2.07 6.19 -3.15
CA LEU A 15 1.82 6.26 -1.71
C LEU A 15 2.72 7.28 -1.03
N SER A 16 4.03 7.26 -1.32
CA SER A 16 4.95 8.22 -0.73
C SER A 16 4.64 9.61 -1.28
N ASP A 17 4.50 9.69 -2.60
CA ASP A 17 4.33 10.94 -3.32
C ASP A 17 3.04 11.68 -2.95
N TRP A 18 2.01 10.97 -2.48
CA TRP A 18 0.82 11.53 -1.82
C TRP A 18 1.15 11.95 -0.38
N ALA A 19 1.69 11.06 0.45
CA ALA A 19 1.83 11.31 1.88
C ALA A 19 2.65 12.56 2.23
N LYS A 20 3.50 13.04 1.31
CA LYS A 20 4.27 14.27 1.50
C LYS A 20 3.51 15.54 1.07
N ALA A 21 2.48 15.38 0.23
CA ALA A 21 1.64 16.42 -0.35
C ALA A 21 0.28 16.50 0.37
N ARG A 22 0.14 15.69 1.42
CA ARG A 22 -0.98 15.58 2.33
C ARG A 22 -1.02 16.81 3.23
N THR A 23 -2.09 16.98 4.01
CA THR A 23 -2.05 17.98 5.07
C THR A 23 -1.27 17.44 6.29
N PRO A 24 -1.73 16.43 7.06
CA PRO A 24 -1.11 16.10 8.33
C PRO A 24 0.30 15.50 8.22
N ALA A 25 0.73 15.23 7.01
CA ALA A 25 2.02 14.72 6.54
C ALA A 25 2.59 13.52 7.31
N LEU A 26 2.46 12.31 6.74
CA LEU A 26 2.81 11.08 7.47
C LEU A 26 4.05 10.43 6.84
N PRO A 27 4.87 9.75 7.65
CA PRO A 27 6.04 9.02 7.21
C PRO A 27 5.64 7.72 6.51
N VAL A 28 6.59 7.08 5.83
CA VAL A 28 6.33 6.01 4.86
C VAL A 28 7.30 4.86 5.14
N ALA A 29 7.12 4.13 6.24
CA ALA A 29 7.93 2.98 6.61
C ALA A 29 7.50 1.77 5.78
N TRP A 30 8.22 1.53 4.68
CA TRP A 30 8.16 0.26 3.97
C TRP A 30 8.75 -0.85 4.85
N GLN A 31 8.34 -2.09 4.58
CA GLN A 31 9.00 -3.32 5.03
C GLN A 31 10.49 -3.33 4.67
N ASN A 32 11.28 -4.08 5.45
CA ASN A 32 12.74 -4.23 5.49
C ASN A 32 13.50 -2.93 5.76
N THR A 33 13.04 -1.85 5.14
CA THR A 33 13.63 -0.52 5.07
C THR A 33 13.79 0.08 6.47
N LYS A 34 14.76 0.99 6.61
CA LYS A 34 15.05 1.75 7.82
C LYS A 34 13.80 2.54 8.20
N PHE A 35 13.48 2.62 9.49
CA PHE A 35 12.29 3.30 10.00
C PHE A 35 12.56 3.94 11.37
N THR A 36 11.58 4.66 11.89
CA THR A 36 11.65 5.52 13.07
C THR A 36 12.51 6.77 12.81
N PRO A 37 12.31 7.89 13.53
CA PRO A 37 11.28 8.12 14.55
C PRO A 37 9.86 8.12 13.95
N PRO A 38 8.80 7.90 14.75
CA PRO A 38 7.44 8.15 14.29
C PRO A 38 7.22 9.65 14.12
N ALA A 39 6.03 10.03 13.64
CA ALA A 39 5.60 11.39 13.52
C ALA A 39 4.58 11.64 14.62
N ALA A 40 5.11 11.91 15.83
CA ALA A 40 4.36 12.19 17.04
C ALA A 40 3.47 11.01 17.43
N GLY A 41 4.05 9.82 17.41
CA GLY A 41 3.39 8.56 17.73
C GLY A 41 2.53 7.99 16.60
N VAL A 42 2.34 8.75 15.52
CA VAL A 42 1.55 8.36 14.36
C VAL A 42 2.53 8.03 13.24
N TYR A 43 2.27 6.94 12.50
CA TYR A 43 3.06 6.55 11.33
C TYR A 43 2.29 5.51 10.49
N LEU A 44 2.87 5.06 9.37
CA LEU A 44 2.28 4.12 8.42
C LEU A 44 3.23 2.95 8.21
N ARG A 45 2.77 1.71 8.33
CA ARG A 45 3.60 0.51 8.08
C ARG A 45 3.09 -0.19 6.84
N ALA A 46 3.83 -0.09 5.73
CA ALA A 46 3.46 -0.58 4.41
C ALA A 46 4.12 -1.95 4.15
N TYR A 47 3.34 -2.95 3.73
CA TYR A 47 3.80 -4.31 3.48
C TYR A 47 3.33 -4.78 2.10
N VAL A 48 4.32 -5.07 1.27
CA VAL A 48 4.23 -5.67 -0.05
C VAL A 48 4.18 -7.21 0.13
N MET A 49 3.05 -7.86 -0.17
CA MET A 49 2.95 -9.33 -0.23
C MET A 49 2.90 -9.74 -1.72
N PRO A 50 4.05 -9.88 -2.41
CA PRO A 50 4.05 -10.31 -3.81
C PRO A 50 3.73 -11.81 -3.87
N ALA A 51 3.19 -12.28 -5.00
CA ALA A 51 3.08 -13.72 -5.22
C ALA A 51 4.49 -14.28 -5.34
N ALA A 52 4.74 -15.39 -4.64
CA ALA A 52 5.98 -16.13 -4.61
C ALA A 52 6.21 -16.69 -6.00
N THR A 53 6.94 -15.93 -6.80
CA THR A 53 7.31 -16.27 -8.17
C THR A 53 8.15 -17.55 -8.18
N ILE A 54 8.06 -18.33 -9.26
CA ILE A 54 8.73 -19.61 -9.37
C ILE A 54 10.21 -19.35 -9.64
N SER A 55 11.03 -20.07 -8.89
CA SER A 55 12.48 -19.95 -8.89
C SER A 55 13.20 -20.53 -10.10
N ARG A 56 12.41 -21.00 -11.06
CA ARG A 56 12.83 -21.42 -12.39
C ARG A 56 11.84 -21.02 -13.49
N ASP A 57 11.01 -19.99 -13.24
CA ASP A 57 9.93 -19.50 -14.11
C ASP A 57 8.87 -20.56 -14.39
N ALA A 58 7.82 -20.14 -15.08
CA ALA A 58 6.68 -20.95 -15.45
C ALA A 58 5.90 -20.29 -16.60
N ALA A 59 6.52 -20.30 -17.79
CA ALA A 59 5.86 -19.99 -19.07
C ALA A 59 5.07 -18.66 -19.05
N GLY A 60 4.06 -18.53 -19.90
CA GLY A 60 3.11 -17.42 -19.93
C GLY A 60 1.66 -17.90 -20.01
N ASP A 61 1.44 -19.20 -19.81
CA ASP A 61 0.21 -19.89 -20.16
C ASP A 61 -0.51 -20.43 -18.91
N HIS A 62 0.20 -20.61 -17.79
CA HIS A 62 -0.31 -21.27 -16.60
C HIS A 62 -0.06 -20.47 -15.33
N ARG A 63 0.71 -19.36 -15.39
CA ARG A 63 1.09 -18.57 -14.23
C ARG A 63 1.52 -17.18 -14.64
N GLN A 64 1.18 -16.22 -13.77
CA GLN A 64 1.67 -14.86 -13.82
C GLN A 64 2.05 -14.34 -12.43
N TYR A 65 2.57 -13.10 -12.38
CA TYR A 65 2.71 -12.32 -11.15
C TYR A 65 1.34 -12.04 -10.53
N ARG A 66 1.32 -11.60 -9.28
CA ARG A 66 0.15 -11.19 -8.51
C ARG A 66 0.62 -10.57 -7.20
N GLY A 67 -0.29 -10.02 -6.39
CA GLY A 67 -0.01 -9.70 -5.00
C GLY A 67 -1.24 -9.20 -4.26
N VAL A 68 -0.97 -8.79 -3.02
CA VAL A 68 -1.78 -7.87 -2.22
C VAL A 68 -0.78 -6.84 -1.67
N PHE A 69 -1.26 -5.65 -1.38
CA PHE A 69 -0.55 -4.59 -0.69
C PHE A 69 -1.33 -4.30 0.59
N GLN A 70 -0.64 -3.94 1.67
CA GLN A 70 -1.25 -3.67 2.95
C GLN A 70 -0.62 -2.42 3.55
N VAL A 71 -1.39 -1.66 4.34
CA VAL A 71 -0.86 -0.64 5.24
C VAL A 71 -1.54 -0.83 6.60
N ASN A 72 -1.01 -0.20 7.64
CA ASN A 72 -1.70 0.14 8.87
C ASN A 72 -1.42 1.59 9.24
N VAL A 73 -2.41 2.24 9.87
CA VAL A 73 -2.53 3.62 10.31
C VAL A 73 -2.58 3.57 11.83
N VAL A 74 -1.43 3.30 12.46
CA VAL A 74 -1.33 3.30 13.90
C VAL A 74 -1.42 4.76 14.38
N MET A 75 -2.34 5.07 15.29
CA MET A 75 -2.51 6.40 15.89
C MET A 75 -2.85 6.21 17.37
N PRO A 76 -2.39 7.08 18.28
CA PRO A 76 -2.68 6.95 19.71
C PRO A 76 -4.11 7.42 20.03
N ILE A 77 -4.59 7.12 21.24
CA ILE A 77 -5.94 7.41 21.69
C ILE A 77 -5.89 8.66 22.59
N GLY A 78 -5.86 9.85 21.99
CA GLY A 78 -5.69 11.13 22.65
C GLY A 78 -6.94 12.02 22.58
N ASP A 79 -8.13 11.38 22.57
CA ASP A 79 -9.42 11.93 22.14
C ASP A 79 -9.27 12.67 20.81
N GLY A 80 -9.02 11.91 19.75
CA GLY A 80 -8.68 12.46 18.45
C GLY A 80 -8.21 11.44 17.42
N SER A 81 -8.58 10.16 17.57
CA SER A 81 -8.09 9.06 16.74
C SER A 81 -9.05 8.69 15.59
N ARG A 82 -10.14 9.43 15.36
CA ARG A 82 -11.11 9.07 14.30
C ARG A 82 -10.57 9.39 12.90
N SER A 83 -9.36 9.94 12.79
CA SER A 83 -8.65 10.23 11.55
C SER A 83 -8.48 9.01 10.63
N ALA A 84 -8.67 7.78 11.14
CA ALA A 84 -8.71 6.55 10.35
C ALA A 84 -9.62 6.69 9.11
N GLU A 85 -10.82 7.26 9.26
CA GLU A 85 -11.75 7.37 8.14
C GLU A 85 -11.16 8.31 7.09
N GLN A 86 -10.78 9.51 7.53
CA GLN A 86 -10.18 10.53 6.70
C GLN A 86 -9.05 9.95 5.86
N VAL A 87 -8.10 9.29 6.50
CA VAL A 87 -6.95 8.68 5.87
C VAL A 87 -7.41 7.63 4.86
N ALA A 88 -8.29 6.70 5.24
CA ALA A 88 -8.76 5.66 4.33
C ALA A 88 -9.43 6.26 3.10
N ALA A 89 -10.09 7.41 3.23
CA ALA A 89 -10.82 8.08 2.15
C ALA A 89 -9.88 8.91 1.27
N GLU A 90 -8.86 9.56 1.84
CA GLU A 90 -7.85 10.27 1.05
C GLU A 90 -7.09 9.29 0.14
N LEU A 91 -6.77 8.15 0.75
CA LEU A 91 -6.21 6.96 0.12
C LEU A 91 -7.14 6.45 -0.99
N ASP A 92 -8.43 6.22 -0.71
CA ASP A 92 -9.43 5.73 -1.69
C ASP A 92 -9.57 6.68 -2.88
N ALA A 93 -9.57 7.98 -2.64
CA ALA A 93 -9.68 9.00 -3.67
C ALA A 93 -8.42 9.06 -4.55
N LEU A 94 -7.29 8.47 -4.12
CA LEU A 94 -6.08 8.32 -4.94
C LEU A 94 -6.08 6.98 -5.67
N PHE A 95 -6.61 5.92 -5.06
CA PHE A 95 -6.43 4.53 -5.46
C PHE A 95 -7.76 3.92 -5.90
N PRO A 96 -8.31 4.31 -7.08
CA PRO A 96 -9.56 3.77 -7.59
C PRO A 96 -9.38 2.31 -8.02
N VAL A 97 -10.48 1.65 -8.40
CA VAL A 97 -10.56 0.26 -8.87
C VAL A 97 -9.75 -0.01 -10.16
N ASN A 98 -9.03 0.99 -10.67
CA ASN A 98 -8.14 0.89 -11.81
C ASN A 98 -6.71 0.73 -11.32
N LEU A 99 -6.21 1.69 -10.54
CA LEU A 99 -4.85 1.69 -9.98
C LEU A 99 -3.81 1.58 -11.11
N VAL A 100 -4.07 2.29 -12.21
CA VAL A 100 -3.27 2.23 -13.42
C VAL A 100 -2.02 3.04 -13.17
N MET A 101 -0.91 2.34 -12.95
CA MET A 101 0.39 2.90 -12.62
C MET A 101 1.39 2.39 -13.64
N GLN A 102 1.63 3.12 -14.73
CA GLN A 102 2.73 2.81 -15.63
C GLN A 102 4.05 3.08 -14.91
N SER A 103 4.88 2.06 -14.71
CA SER A 103 6.26 2.25 -14.28
C SER A 103 7.16 2.53 -15.51
N GLY A 104 8.47 2.44 -15.31
CA GLY A 104 9.49 2.28 -16.36
C GLY A 104 9.58 0.85 -16.85
N GLY A 105 8.73 -0.04 -16.33
CA GLY A 105 8.47 -1.33 -16.92
C GLY A 105 7.14 -1.16 -17.63
N LEU A 106 6.09 -1.61 -16.97
CA LEU A 106 4.76 -1.80 -17.50
C LEU A 106 3.72 -1.28 -16.51
N ALA A 107 2.44 -1.39 -16.86
CA ALA A 107 1.33 -0.94 -16.03
C ALA A 107 0.83 -2.02 -15.07
N VAL A 108 0.17 -1.58 -14.02
CA VAL A 108 -0.36 -2.39 -12.91
C VAL A 108 -1.90 -2.23 -12.94
N ARG A 109 -2.67 -3.11 -12.28
CA ARG A 109 -4.07 -2.88 -11.93
C ARG A 109 -4.36 -3.43 -10.56
N VAL A 110 -5.23 -2.77 -9.80
CA VAL A 110 -5.71 -3.28 -8.52
C VAL A 110 -6.64 -4.46 -8.71
N ARG A 111 -7.45 -4.43 -9.79
CA ARG A 111 -8.60 -5.30 -10.05
C ARG A 111 -9.73 -5.04 -9.06
N THR A 112 -9.46 -5.08 -7.75
CA THR A 112 -10.44 -4.98 -6.67
C THR A 112 -10.63 -3.52 -6.24
N PRO A 113 -11.70 -3.20 -5.49
CA PRO A 113 -11.77 -1.95 -4.75
C PRO A 113 -10.82 -1.98 -3.53
N ILE A 114 -10.72 -0.85 -2.86
CA ILE A 114 -10.20 -0.68 -1.50
C ILE A 114 -10.88 -1.66 -0.55
N SER A 115 -10.14 -2.14 0.45
CA SER A 115 -10.72 -2.63 1.70
C SER A 115 -10.30 -1.71 2.84
N ASN A 116 -11.04 -1.82 3.95
CA ASN A 116 -11.14 -0.96 5.11
C ASN A 116 -11.92 -1.80 6.14
N GLY A 117 -11.71 -1.63 7.45
CA GLY A 117 -12.60 -2.22 8.45
C GLY A 117 -12.53 -1.53 9.82
N GLN A 118 -13.23 -2.11 10.79
CA GLN A 118 -13.34 -1.60 12.16
C GLN A 118 -11.98 -1.70 12.86
N PRO A 119 -11.63 -0.73 13.74
CA PRO A 119 -10.39 -0.77 14.50
C PRO A 119 -10.45 -1.86 15.54
N THR A 120 -9.33 -2.54 15.81
CA THR A 120 -9.39 -3.69 16.74
C THR A 120 -8.95 -3.30 18.15
N THR A 121 -8.63 -2.02 18.25
CA THR A 121 -8.06 -1.34 19.42
C THR A 121 -6.75 -2.03 19.88
N GLY A 122 -6.11 -1.46 20.89
CA GLY A 122 -4.78 -1.82 21.34
C GLY A 122 -4.46 -1.05 22.60
N ASP A 123 -3.19 -1.08 23.00
CA ASP A 123 -2.75 -0.68 24.33
C ASP A 123 -3.06 0.79 24.62
N ALA A 124 -2.82 1.66 23.66
CA ALA A 124 -3.11 3.09 23.67
C ALA A 124 -3.33 3.57 22.25
N ASP A 125 -3.68 2.66 21.34
CA ASP A 125 -3.54 2.87 19.91
C ASP A 125 -4.55 1.93 19.28
N HIS A 126 -5.39 2.41 18.36
CA HIS A 126 -6.10 1.52 17.47
C HIS A 126 -5.30 1.37 16.17
N THR A 127 -5.76 0.43 15.35
CA THR A 127 -5.33 0.21 13.97
C THR A 127 -6.55 -0.33 13.26
N VAL A 128 -6.97 0.35 12.19
CA VAL A 128 -7.98 -0.13 11.27
C VAL A 128 -7.34 -0.96 10.13
N PRO A 129 -7.97 -2.04 9.67
CA PRO A 129 -7.40 -2.94 8.65
C PRO A 129 -7.65 -2.42 7.23
N ILE A 130 -6.59 -2.21 6.44
CA ILE A 130 -6.64 -1.63 5.09
C ILE A 130 -5.68 -2.42 4.19
N SER A 131 -6.19 -2.92 3.06
CA SER A 131 -5.38 -3.58 2.03
C SER A 131 -6.13 -3.67 0.70
N LEU A 132 -5.42 -3.95 -0.39
CA LEU A 132 -5.96 -4.17 -1.73
C LEU A 132 -5.13 -5.22 -2.47
N GLY A 133 -5.76 -5.99 -3.36
CA GLY A 133 -5.07 -6.86 -4.29
C GLY A 133 -4.35 -6.05 -5.37
N TYR A 134 -3.54 -6.69 -6.20
CA TYR A 134 -3.23 -6.20 -7.53
C TYR A 134 -2.66 -7.33 -8.37
N ASP A 135 -2.67 -7.15 -9.69
CA ASP A 135 -2.03 -8.04 -10.66
C ASP A 135 -1.11 -7.21 -11.56
N VAL A 136 -0.34 -7.88 -12.41
CA VAL A 136 0.82 -7.30 -13.08
C VAL A 136 0.87 -7.90 -14.48
N GLN A 137 0.81 -7.04 -15.49
CA GLN A 137 0.73 -7.45 -16.89
C GLN A 137 1.86 -6.81 -17.68
N PHE A 138 2.40 -7.50 -18.67
CA PHE A 138 3.43 -6.96 -19.56
C PHE A 138 2.93 -5.83 -20.45
N TYR A 139 1.60 -5.76 -20.62
CA TYR A 139 0.82 -4.98 -21.56
C TYR A 139 1.19 -5.36 -23.01
N PRO A 140 0.23 -5.38 -23.95
CA PRO A 140 0.47 -5.81 -25.32
C PRO A 140 1.28 -4.79 -26.12
N GLU A 141 1.91 -5.30 -27.19
CA GLU A 141 2.79 -4.60 -28.12
C GLU A 141 3.80 -3.73 -27.36
N GLY A 1 18.04 -6.49 -11.70
CA GLY A 1 16.98 -5.52 -11.37
C GLY A 1 16.05 -5.44 -12.56
N MET A 2 14.90 -6.10 -12.46
CA MET A 2 13.96 -6.19 -13.55
C MET A 2 12.55 -6.38 -13.02
N SER A 3 11.58 -6.13 -13.87
CA SER A 3 10.16 -6.43 -13.71
C SER A 3 9.60 -6.05 -12.33
N GLN A 4 9.71 -6.89 -11.29
CA GLN A 4 9.29 -6.57 -9.93
C GLN A 4 9.93 -5.26 -9.42
N ASP A 5 11.16 -4.99 -9.83
CA ASP A 5 11.95 -3.79 -9.58
C ASP A 5 11.15 -2.55 -9.98
N LEU A 6 10.82 -2.49 -11.26
CA LEU A 6 10.09 -1.41 -11.91
C LEU A 6 8.71 -1.29 -11.30
N ILE A 7 8.00 -2.42 -11.23
CA ILE A 7 6.70 -2.56 -10.60
C ILE A 7 6.67 -1.87 -9.23
N ARG A 8 7.63 -2.13 -8.34
CA ARG A 8 7.60 -1.59 -6.97
C ARG A 8 7.62 -0.07 -6.98
N ALA A 9 8.46 0.51 -7.84
CA ALA A 9 8.64 1.94 -8.02
C ALA A 9 7.31 2.68 -8.06
N ALA A 10 6.35 2.16 -8.82
CA ALA A 10 5.08 2.81 -9.03
C ALA A 10 4.27 2.95 -7.75
N PHE A 11 4.36 1.96 -6.85
CA PHE A 11 3.63 1.94 -5.59
C PHE A 11 4.18 3.05 -4.71
N GLU A 12 5.50 3.25 -4.70
CA GLU A 12 6.19 4.31 -3.96
C GLU A 12 5.83 5.68 -4.53
N LYS A 13 5.78 5.79 -5.87
CA LYS A 13 5.31 6.93 -6.64
C LYS A 13 3.80 7.12 -6.50
N ARG A 14 3.13 6.30 -5.69
CA ARG A 14 1.82 6.62 -5.16
C ARG A 14 1.91 6.93 -3.69
N LEU A 15 2.19 5.96 -2.82
CA LEU A 15 2.04 6.08 -1.37
C LEU A 15 2.98 7.14 -0.78
N SER A 16 4.28 7.06 -1.07
CA SER A 16 5.25 8.01 -0.55
C SER A 16 5.01 9.39 -1.14
N ASP A 17 4.65 9.44 -2.42
CA ASP A 17 4.31 10.65 -3.18
C ASP A 17 3.07 11.34 -2.58
N TRP A 18 2.08 10.54 -2.16
CA TRP A 18 0.84 10.98 -1.55
C TRP A 18 1.14 11.53 -0.17
N ALA A 19 1.74 10.72 0.71
CA ALA A 19 1.85 11.07 2.12
C ALA A 19 2.62 12.39 2.28
N LYS A 20 3.61 12.70 1.43
CA LYS A 20 4.32 13.99 1.49
C LYS A 20 3.50 15.17 0.97
N ALA A 21 2.58 14.93 0.03
CA ALA A 21 1.69 15.94 -0.52
C ALA A 21 0.50 16.22 0.42
N ARG A 22 0.06 15.20 1.17
CA ARG A 22 -1.04 15.23 2.12
C ARG A 22 -0.82 16.27 3.22
N THR A 23 -1.86 16.53 4.00
CA THR A 23 -1.92 17.62 4.96
C THR A 23 -0.93 17.45 6.12
N PRO A 24 -1.14 16.56 7.11
CA PRO A 24 -0.19 16.43 8.24
C PRO A 24 1.18 15.90 7.83
N ALA A 25 1.27 15.42 6.60
CA ALA A 25 2.41 14.85 5.92
C ALA A 25 3.21 13.86 6.78
N LEU A 26 2.83 12.60 6.65
CA LEU A 26 3.22 11.46 7.48
C LEU A 26 4.33 10.64 6.80
N PRO A 27 5.11 9.85 7.57
CA PRO A 27 6.14 8.97 7.00
C PRO A 27 5.56 7.63 6.51
N VAL A 28 6.30 6.91 5.68
CA VAL A 28 5.82 5.74 4.93
C VAL A 28 6.85 4.61 5.08
N ALA A 29 6.63 3.70 6.03
CA ALA A 29 7.56 2.62 6.31
C ALA A 29 7.29 1.43 5.37
N TRP A 30 8.04 1.31 4.28
CA TRP A 30 8.04 0.12 3.42
C TRP A 30 8.79 -1.07 4.07
N GLN A 31 8.83 -2.24 3.39
CA GLN A 31 9.20 -3.51 4.01
C GLN A 31 10.57 -3.43 4.67
N ASN A 32 11.60 -3.16 3.86
CA ASN A 32 13.00 -3.27 4.27
C ASN A 32 13.57 -1.87 4.48
N THR A 33 12.73 -0.97 4.99
CA THR A 33 13.00 0.44 5.17
C THR A 33 12.69 0.78 6.63
N LYS A 34 13.18 1.91 7.13
CA LYS A 34 12.85 2.45 8.43
C LYS A 34 12.25 3.84 8.24
N PHE A 35 11.42 4.25 9.20
CA PHE A 35 10.94 5.62 9.33
C PHE A 35 10.61 5.85 10.80
N THR A 36 11.51 6.53 11.49
CA THR A 36 11.52 6.80 12.92
C THR A 36 12.30 8.12 13.08
N PRO A 37 11.96 9.01 14.03
CA PRO A 37 10.79 8.96 14.91
C PRO A 37 9.48 9.06 14.12
N PRO A 38 8.33 8.66 14.71
CA PRO A 38 7.03 8.79 14.07
C PRO A 38 6.60 10.25 13.93
N ALA A 39 5.45 10.47 13.30
CA ALA A 39 4.72 11.73 13.35
C ALA A 39 4.03 11.83 14.71
N ALA A 40 4.84 12.06 15.74
CA ALA A 40 4.46 12.23 17.15
C ALA A 40 3.69 11.05 17.75
N GLY A 41 3.72 9.89 17.08
CA GLY A 41 3.05 8.66 17.47
C GLY A 41 2.06 8.14 16.43
N VAL A 42 1.77 8.93 15.42
CA VAL A 42 1.08 8.52 14.20
C VAL A 42 2.15 8.04 13.21
N TYR A 43 1.82 7.00 12.44
CA TYR A 43 2.67 6.47 11.40
C TYR A 43 1.86 5.50 10.53
N LEU A 44 2.56 4.86 9.59
CA LEU A 44 1.98 4.12 8.48
C LEU A 44 2.89 2.92 8.21
N ARG A 45 2.35 1.71 8.16
CA ARG A 45 3.12 0.47 8.02
C ARG A 45 2.65 -0.26 6.77
N ALA A 46 3.25 0.07 5.63
CA ALA A 46 3.00 -0.60 4.36
C ALA A 46 3.52 -2.04 4.42
N TYR A 47 2.85 -2.97 3.76
CA TYR A 47 3.41 -4.26 3.38
C TYR A 47 2.94 -4.54 1.95
N VAL A 48 3.76 -5.19 1.13
CA VAL A 48 3.38 -5.62 -0.19
C VAL A 48 3.86 -7.07 -0.37
N MET A 49 2.89 -7.98 -0.38
CA MET A 49 3.13 -9.39 -0.63
C MET A 49 3.21 -9.55 -2.15
N PRO A 50 4.08 -10.44 -2.66
CA PRO A 50 4.09 -10.85 -4.04
C PRO A 50 2.90 -11.77 -4.35
N ALA A 51 2.84 -12.25 -5.58
CA ALA A 51 1.84 -13.22 -6.02
C ALA A 51 1.93 -14.50 -5.22
N ALA A 52 0.79 -15.16 -5.03
CA ALA A 52 0.68 -16.51 -4.49
C ALA A 52 -0.38 -17.25 -5.31
N THR A 53 -0.20 -17.31 -6.64
CA THR A 53 -0.96 -18.18 -7.50
C THR A 53 0.04 -18.78 -8.48
N ILE A 54 0.06 -20.11 -8.57
CA ILE A 54 0.88 -20.91 -9.46
C ILE A 54 -0.06 -22.03 -9.90
N SER A 55 0.00 -22.41 -11.17
CA SER A 55 -0.68 -23.54 -11.79
C SER A 55 -2.20 -23.44 -11.81
N ARG A 56 -2.69 -22.29 -11.40
CA ARG A 56 -4.06 -21.86 -11.31
C ARG A 56 -4.11 -20.48 -11.96
N ASP A 57 -4.17 -20.48 -13.28
CA ASP A 57 -4.11 -19.33 -14.16
C ASP A 57 -5.02 -19.68 -15.34
N ALA A 58 -5.49 -18.69 -16.13
CA ALA A 58 -6.49 -18.97 -17.18
C ALA A 58 -6.35 -18.10 -18.44
N ALA A 59 -5.23 -17.42 -18.64
CA ALA A 59 -4.92 -16.76 -19.91
C ALA A 59 -4.44 -17.81 -20.93
N GLY A 60 -4.43 -17.49 -22.22
CA GLY A 60 -3.83 -18.33 -23.26
C GLY A 60 -2.31 -18.14 -23.30
N ASP A 61 -1.68 -18.06 -22.13
CA ASP A 61 -0.35 -17.59 -21.89
C ASP A 61 0.04 -18.08 -20.50
N HIS A 62 1.30 -18.41 -20.31
CA HIS A 62 1.87 -18.93 -19.07
C HIS A 62 1.86 -17.88 -17.96
N ARG A 63 2.03 -18.38 -16.72
CA ARG A 63 2.33 -17.59 -15.52
C ARG A 63 1.19 -16.62 -15.17
N GLN A 64 1.43 -15.79 -14.15
CA GLN A 64 0.68 -14.60 -13.82
C GLN A 64 1.68 -13.62 -13.20
N TYR A 65 1.23 -12.39 -12.94
CA TYR A 65 1.68 -11.63 -11.78
C TYR A 65 0.49 -11.50 -10.84
N ARG A 66 0.68 -10.98 -9.64
CA ARG A 66 -0.33 -10.82 -8.60
C ARG A 66 0.32 -10.18 -7.39
N GLY A 67 -0.47 -9.91 -6.36
CA GLY A 67 -0.02 -9.77 -4.99
C GLY A 67 -1.12 -9.06 -4.20
N VAL A 68 -0.80 -8.64 -2.99
CA VAL A 68 -1.67 -7.78 -2.18
C VAL A 68 -0.79 -6.73 -1.53
N PHE A 69 -1.23 -5.48 -1.55
CA PHE A 69 -0.67 -4.39 -0.78
C PHE A 69 -1.54 -4.22 0.47
N GLN A 70 -0.95 -3.79 1.58
CA GLN A 70 -1.61 -3.61 2.87
C GLN A 70 -1.03 -2.37 3.54
N VAL A 71 -1.83 -1.60 4.26
CA VAL A 71 -1.35 -0.40 4.94
C VAL A 71 -2.10 -0.17 6.26
N ASN A 72 -1.58 -0.73 7.35
CA ASN A 72 -2.02 -0.36 8.69
C ASN A 72 -1.63 1.08 8.98
N VAL A 73 -2.64 1.93 9.17
CA VAL A 73 -2.52 3.22 9.81
C VAL A 73 -2.53 3.00 11.32
N VAL A 74 -1.53 3.53 12.00
CA VAL A 74 -1.54 3.63 13.46
C VAL A 74 -1.75 5.10 13.82
N MET A 75 -2.65 5.36 14.77
CA MET A 75 -2.77 6.63 15.43
C MET A 75 -2.99 6.39 16.94
N PRO A 76 -2.51 7.30 17.81
CA PRO A 76 -2.71 7.20 19.25
C PRO A 76 -4.17 7.48 19.63
N ILE A 77 -4.48 7.39 20.93
CA ILE A 77 -5.83 7.61 21.46
C ILE A 77 -5.81 8.88 22.31
N GLY A 78 -6.24 9.99 21.72
CA GLY A 78 -6.41 11.26 22.41
C GLY A 78 -7.19 12.18 21.49
N ASP A 79 -6.54 13.23 20.98
CA ASP A 79 -7.17 14.32 20.24
C ASP A 79 -7.45 13.99 18.77
N GLY A 80 -7.32 12.72 18.35
CA GLY A 80 -7.68 12.28 17.00
C GLY A 80 -7.69 10.77 16.84
N SER A 81 -8.52 10.04 17.61
CA SER A 81 -8.53 8.59 17.53
C SER A 81 -9.28 8.05 16.30
N ARG A 82 -10.31 8.75 15.81
CA ARG A 82 -11.11 8.31 14.64
C ARG A 82 -10.55 8.85 13.33
N SER A 83 -9.31 9.35 13.35
CA SER A 83 -8.59 9.78 12.15
C SER A 83 -8.44 8.65 11.11
N ALA A 84 -8.65 7.40 11.51
CA ALA A 84 -8.79 6.24 10.63
C ALA A 84 -9.77 6.50 9.48
N GLU A 85 -10.85 7.24 9.71
CA GLU A 85 -11.84 7.56 8.69
C GLU A 85 -11.24 8.47 7.63
N GLN A 86 -10.67 9.60 8.06
CA GLN A 86 -9.93 10.55 7.24
C GLN A 86 -8.96 9.78 6.34
N VAL A 87 -8.05 9.03 6.94
CA VAL A 87 -6.96 8.33 6.30
C VAL A 87 -7.46 7.34 5.25
N ALA A 88 -8.37 6.43 5.60
CA ALA A 88 -8.87 5.47 4.62
C ALA A 88 -9.58 6.19 3.47
N ALA A 89 -10.21 7.34 3.74
CA ALA A 89 -10.87 8.10 2.69
C ALA A 89 -9.87 8.80 1.77
N GLU A 90 -8.77 9.31 2.32
CA GLU A 90 -7.70 9.94 1.53
C GLU A 90 -7.09 8.91 0.60
N LEU A 91 -6.61 7.81 1.19
CA LEU A 91 -5.93 6.74 0.50
C LEU A 91 -6.83 6.17 -0.61
N ASP A 92 -8.14 6.04 -0.37
CA ASP A 92 -9.11 5.50 -1.33
C ASP A 92 -9.10 6.28 -2.65
N ALA A 93 -9.16 7.61 -2.58
CA ALA A 93 -9.19 8.46 -3.76
C ALA A 93 -7.86 8.39 -4.52
N LEU A 94 -6.77 8.11 -3.82
CA LEU A 94 -5.44 8.01 -4.40
C LEU A 94 -5.20 6.63 -5.03
N PHE A 95 -5.91 5.61 -4.55
CA PHE A 95 -5.76 4.22 -4.98
C PHE A 95 -7.07 3.63 -5.53
N PRO A 96 -7.69 4.26 -6.54
CA PRO A 96 -8.96 3.79 -7.09
C PRO A 96 -8.78 2.54 -7.95
N VAL A 97 -9.89 1.91 -8.34
CA VAL A 97 -9.98 0.54 -8.90
C VAL A 97 -9.27 0.35 -10.25
N ASN A 98 -8.68 1.40 -10.82
CA ASN A 98 -7.86 1.33 -12.02
C ASN A 98 -6.36 1.26 -11.71
N LEU A 99 -5.92 1.89 -10.61
CA LEU A 99 -4.57 1.89 -10.07
C LEU A 99 -3.54 2.11 -11.19
N VAL A 100 -3.52 3.30 -11.78
CA VAL A 100 -2.63 3.73 -12.86
C VAL A 100 -1.21 4.02 -12.35
N MET A 101 -0.69 3.01 -11.68
CA MET A 101 0.65 2.86 -11.19
C MET A 101 1.54 2.48 -12.37
N GLN A 102 1.82 3.46 -13.25
CA GLN A 102 2.84 3.36 -14.30
C GLN A 102 4.23 3.24 -13.70
N SER A 103 5.12 2.58 -14.44
CA SER A 103 6.48 2.29 -14.02
C SER A 103 7.37 2.10 -15.25
N GLY A 104 8.68 1.97 -15.03
CA GLY A 104 9.67 1.77 -16.08
C GLY A 104 9.59 0.43 -16.82
N GLY A 105 8.52 -0.33 -16.64
CA GLY A 105 8.24 -1.59 -17.31
C GLY A 105 6.90 -1.48 -17.99
N LEU A 106 5.87 -1.33 -17.18
CA LEU A 106 4.45 -1.32 -17.54
C LEU A 106 3.66 -0.80 -16.34
N ALA A 107 2.33 -0.70 -16.45
CA ALA A 107 1.47 -0.24 -15.39
C ALA A 107 0.78 -1.43 -14.72
N VAL A 108 0.82 -1.51 -13.39
CA VAL A 108 0.13 -2.56 -12.64
C VAL A 108 -1.40 -2.27 -12.70
N ARG A 109 -2.25 -3.18 -12.23
CA ARG A 109 -3.68 -2.89 -12.05
C ARG A 109 -4.16 -3.62 -10.80
N VAL A 110 -4.94 -2.90 -9.97
CA VAL A 110 -5.46 -3.42 -8.72
C VAL A 110 -6.44 -4.58 -8.89
N ARG A 111 -7.25 -4.57 -9.97
CA ARG A 111 -8.31 -5.53 -10.26
C ARG A 111 -9.47 -5.50 -9.27
N THR A 112 -9.25 -5.23 -7.98
CA THR A 112 -10.28 -5.17 -6.97
C THR A 112 -10.35 -3.75 -6.38
N PRO A 113 -11.46 -3.37 -5.72
CA PRO A 113 -11.57 -2.08 -5.07
C PRO A 113 -10.78 -2.04 -3.75
N ILE A 114 -10.74 -0.84 -3.16
CA ILE A 114 -10.36 -0.59 -1.78
C ILE A 114 -11.28 -1.39 -0.86
N SER A 115 -10.77 -1.77 0.30
CA SER A 115 -11.55 -2.32 1.40
C SER A 115 -10.94 -1.78 2.71
N ASN A 116 -11.65 -1.94 3.82
CA ASN A 116 -11.23 -1.56 5.16
C ASN A 116 -12.00 -2.40 6.19
N GLY A 117 -11.71 -2.23 7.48
CA GLY A 117 -12.51 -2.81 8.56
C GLY A 117 -12.51 -1.91 9.78
N GLN A 118 -13.09 -2.38 10.88
CA GLN A 118 -13.11 -1.68 12.14
C GLN A 118 -11.72 -1.70 12.81
N PRO A 119 -11.42 -0.74 13.69
CA PRO A 119 -10.15 -0.73 14.39
C PRO A 119 -10.13 -1.79 15.48
N THR A 120 -8.94 -2.32 15.79
CA THR A 120 -8.80 -3.34 16.82
C THR A 120 -8.27 -2.78 18.15
N THR A 121 -8.11 -1.46 18.20
CA THR A 121 -7.45 -0.74 19.30
C THR A 121 -6.05 -1.34 19.57
N GLY A 122 -5.43 -1.04 20.70
CA GLY A 122 -4.11 -1.43 21.12
C GLY A 122 -3.93 -1.00 22.56
N ASP A 123 -2.67 -0.89 22.99
CA ASP A 123 -2.31 -0.41 24.32
C ASP A 123 -2.85 0.99 24.53
N ALA A 124 -2.51 1.89 23.60
CA ALA A 124 -2.95 3.28 23.57
C ALA A 124 -2.94 3.77 22.12
N ASP A 125 -3.28 2.90 21.17
CA ASP A 125 -3.28 3.16 19.73
C ASP A 125 -4.54 2.52 19.13
N HIS A 126 -4.90 2.88 17.90
CA HIS A 126 -5.80 2.10 17.06
C HIS A 126 -5.17 1.80 15.70
N THR A 127 -5.65 0.72 15.08
CA THR A 127 -5.30 0.23 13.76
C THR A 127 -6.56 -0.29 13.09
N VAL A 128 -7.04 0.42 12.08
CA VAL A 128 -8.01 -0.15 11.15
C VAL A 128 -7.21 -0.99 10.14
N PRO A 129 -7.73 -2.14 9.69
CA PRO A 129 -7.16 -2.98 8.65
C PRO A 129 -7.53 -2.40 7.29
N ILE A 130 -6.59 -2.37 6.35
CA ILE A 130 -6.74 -1.84 4.99
C ILE A 130 -5.82 -2.68 4.11
N SER A 131 -6.34 -3.32 3.05
CA SER A 131 -5.55 -3.99 2.01
C SER A 131 -6.29 -3.98 0.67
N LEU A 132 -5.56 -4.22 -0.43
CA LEU A 132 -6.07 -4.38 -1.79
C LEU A 132 -5.18 -5.34 -2.56
N GLY A 133 -5.77 -6.17 -3.42
CA GLY A 133 -5.03 -7.06 -4.30
C GLY A 133 -4.48 -6.28 -5.48
N TYR A 134 -3.67 -6.93 -6.32
CA TYR A 134 -3.27 -6.40 -7.62
C TYR A 134 -2.83 -7.57 -8.51
N ASP A 135 -2.62 -7.32 -9.79
CA ASP A 135 -1.84 -8.11 -10.75
C ASP A 135 -1.31 -7.15 -11.83
N VAL A 136 -0.68 -7.63 -12.91
CA VAL A 136 -0.15 -6.80 -13.99
C VAL A 136 -1.13 -6.85 -15.17
N GLN A 137 -0.89 -6.01 -16.18
CA GLN A 137 -1.51 -6.03 -17.49
C GLN A 137 -0.42 -5.70 -18.50
N PHE A 138 -0.69 -5.85 -19.80
CA PHE A 138 0.19 -5.39 -20.87
C PHE A 138 -0.64 -4.51 -21.80
N TYR A 139 0.05 -3.63 -22.52
CA TYR A 139 -0.49 -2.76 -23.56
C TYR A 139 0.38 -2.98 -24.81
N PRO A 140 0.10 -4.06 -25.57
CA PRO A 140 0.70 -4.28 -26.88
C PRO A 140 0.05 -3.32 -27.89
N GLU A 141 0.35 -3.52 -29.17
CA GLU A 141 -0.54 -3.13 -30.25
C GLU A 141 -0.89 -4.42 -30.96
N GLY A 1 17.71 -6.17 -12.46
CA GLY A 1 16.51 -6.87 -12.94
C GLY A 1 15.68 -5.95 -13.81
N MET A 2 14.59 -6.45 -14.37
CA MET A 2 13.66 -5.66 -15.16
C MET A 2 12.27 -5.97 -14.65
N SER A 3 11.25 -5.39 -15.29
CA SER A 3 9.83 -5.47 -14.94
C SER A 3 9.57 -5.26 -13.46
N GLN A 4 9.64 -6.27 -12.58
CA GLN A 4 9.23 -6.15 -11.18
C GLN A 4 10.03 -5.08 -10.43
N ASP A 5 11.25 -4.77 -10.86
CA ASP A 5 12.01 -3.59 -10.46
C ASP A 5 11.08 -2.38 -10.49
N LEU A 6 10.57 -2.10 -11.70
CA LEU A 6 9.75 -0.96 -12.01
C LEU A 6 8.34 -1.10 -11.43
N ILE A 7 7.80 -2.33 -11.36
CA ILE A 7 6.47 -2.58 -10.80
C ILE A 7 6.44 -2.03 -9.38
N ARG A 8 7.40 -2.44 -8.55
CA ARG A 8 7.37 -2.09 -7.13
C ARG A 8 7.56 -0.59 -6.97
N ALA A 9 8.36 -0.01 -7.86
CA ALA A 9 8.68 1.39 -7.86
C ALA A 9 7.43 2.24 -8.18
N ALA A 10 6.42 1.70 -8.88
CA ALA A 10 5.15 2.39 -9.08
C ALA A 10 4.45 2.71 -7.75
N PHE A 11 4.62 1.86 -6.73
CA PHE A 11 3.94 1.99 -5.45
C PHE A 11 4.42 3.28 -4.77
N GLU A 12 5.74 3.47 -4.63
CA GLU A 12 6.29 4.65 -3.98
C GLU A 12 6.17 5.89 -4.88
N LYS A 13 6.06 5.70 -6.20
CA LYS A 13 5.77 6.76 -7.17
C LYS A 13 4.35 7.32 -6.96
N ARG A 14 3.55 6.71 -6.06
CA ARG A 14 2.25 7.21 -5.66
C ARG A 14 2.13 7.43 -4.16
N LEU A 15 2.42 6.43 -3.31
CA LEU A 15 2.15 6.53 -1.88
C LEU A 15 2.93 7.69 -1.25
N SER A 16 4.26 7.73 -1.44
CA SER A 16 5.10 8.78 -0.87
C SER A 16 4.72 10.13 -1.47
N ASP A 17 4.37 10.15 -2.76
CA ASP A 17 3.96 11.36 -3.48
C ASP A 17 2.75 12.02 -2.84
N TRP A 18 1.79 11.22 -2.38
CA TRP A 18 0.64 11.71 -1.62
C TRP A 18 1.04 12.04 -0.20
N ALA A 19 1.80 11.15 0.46
CA ALA A 19 2.06 11.25 1.88
C ALA A 19 2.78 12.54 2.23
N LYS A 20 3.75 12.97 1.41
CA LYS A 20 4.41 14.26 1.60
C LYS A 20 3.46 15.43 1.32
N ALA A 21 2.59 15.27 0.32
CA ALA A 21 1.73 16.33 -0.20
C ALA A 21 0.48 16.53 0.65
N ARG A 22 0.17 15.61 1.57
CA ARG A 22 -0.92 15.72 2.50
C ARG A 22 -0.58 16.78 3.55
N THR A 23 -1.62 17.20 4.26
CA THR A 23 -1.59 18.13 5.39
C THR A 23 -0.48 17.78 6.41
N PRO A 24 -0.59 16.75 7.28
CA PRO A 24 0.36 16.55 8.39
C PRO A 24 1.73 16.06 7.92
N ALA A 25 1.79 15.59 6.67
CA ALA A 25 2.82 14.79 6.04
C ALA A 25 3.07 13.48 6.78
N LEU A 26 2.71 12.35 6.16
CA LEU A 26 2.88 11.05 6.80
C LEU A 26 4.23 10.42 6.44
N PRO A 27 4.86 9.68 7.36
CA PRO A 27 5.99 8.81 7.06
C PRO A 27 5.52 7.57 6.28
N VAL A 28 6.39 6.92 5.49
CA VAL A 28 6.03 5.80 4.62
C VAL A 28 7.05 4.68 4.76
N ALA A 29 6.77 3.80 5.73
CA ALA A 29 7.54 2.60 6.01
C ALA A 29 7.17 1.50 5.01
N TRP A 30 8.14 1.01 4.24
CA TRP A 30 7.99 -0.19 3.41
C TRP A 30 8.74 -1.37 4.06
N GLN A 31 8.77 -2.51 3.37
CA GLN A 31 9.43 -3.74 3.78
C GLN A 31 10.85 -3.55 4.30
N ASN A 32 11.76 -3.02 3.47
CA ASN A 32 13.21 -3.13 3.62
C ASN A 32 13.77 -1.71 3.76
N THR A 33 13.19 -0.96 4.69
CA THR A 33 13.25 0.50 4.72
C THR A 33 13.36 0.99 6.17
N LYS A 34 13.75 2.25 6.36
CA LYS A 34 13.57 2.91 7.65
C LYS A 34 12.07 3.12 7.88
N PHE A 35 11.68 3.30 9.13
CA PHE A 35 10.29 3.37 9.55
C PHE A 35 10.09 4.11 10.87
N THR A 36 11.09 4.88 11.29
CA THR A 36 11.06 5.55 12.59
C THR A 36 11.95 6.80 12.54
N PRO A 37 11.78 7.81 13.43
CA PRO A 37 10.73 7.88 14.45
C PRO A 37 9.35 8.04 13.80
N PRO A 38 8.26 7.71 14.51
CA PRO A 38 6.93 8.09 14.07
C PRO A 38 6.76 9.62 14.05
N ALA A 39 5.59 10.07 13.62
CA ALA A 39 5.23 11.45 13.46
C ALA A 39 4.23 11.81 14.55
N ALA A 40 4.76 12.05 15.74
CA ALA A 40 4.04 12.24 16.99
C ALA A 40 3.15 11.04 17.28
N GLY A 41 3.75 9.85 17.18
CA GLY A 41 3.12 8.55 17.40
C GLY A 41 2.28 8.05 16.23
N VAL A 42 2.01 8.88 15.23
CA VAL A 42 1.28 8.51 14.03
C VAL A 42 2.31 7.97 13.03
N TYR A 43 2.08 6.78 12.49
CA TYR A 43 2.91 6.22 11.42
C TYR A 43 2.13 5.17 10.63
N LEU A 44 2.71 4.68 9.55
CA LEU A 44 2.11 3.65 8.70
C LEU A 44 3.03 2.43 8.74
N ARG A 45 2.48 1.33 8.27
CA ARG A 45 3.20 0.16 7.79
C ARG A 45 2.57 -0.08 6.43
N ALA A 46 3.36 -0.39 5.42
CA ALA A 46 2.91 -0.57 4.03
C ALA A 46 3.68 -1.75 3.46
N TYR A 47 3.20 -2.95 3.76
CA TYR A 47 3.92 -4.18 3.46
C TYR A 47 3.25 -4.83 2.26
N VAL A 48 3.88 -4.71 1.10
CA VAL A 48 3.54 -5.53 -0.06
C VAL A 48 4.02 -6.95 0.23
N MET A 49 3.34 -7.94 -0.30
CA MET A 49 3.63 -9.36 -0.09
C MET A 49 3.64 -10.06 -1.46
N PRO A 50 4.33 -11.19 -1.58
CA PRO A 50 4.47 -11.91 -2.84
C PRO A 50 3.17 -12.62 -3.23
N ALA A 51 3.15 -13.20 -4.43
CA ALA A 51 2.07 -14.06 -4.89
C ALA A 51 2.17 -15.42 -4.20
N ALA A 52 1.32 -15.67 -3.20
CA ALA A 52 1.12 -16.98 -2.59
C ALA A 52 0.33 -17.95 -3.50
N THR A 53 0.45 -17.84 -4.82
CA THR A 53 -0.20 -18.70 -5.81
C THR A 53 0.86 -19.52 -6.54
N ILE A 54 0.47 -20.46 -7.41
CA ILE A 54 1.41 -21.42 -8.00
C ILE A 54 2.40 -20.66 -8.89
N SER A 55 3.65 -21.11 -8.86
CA SER A 55 4.76 -20.62 -9.67
C SER A 55 5.59 -21.77 -10.26
N ARG A 56 5.06 -22.99 -10.19
CA ARG A 56 5.63 -24.21 -10.77
C ARG A 56 4.96 -24.62 -12.06
N ASP A 57 4.04 -23.79 -12.54
CA ASP A 57 3.23 -24.01 -13.72
C ASP A 57 3.81 -23.09 -14.78
N ALA A 58 4.11 -23.63 -15.96
CA ALA A 58 4.48 -22.93 -17.19
C ALA A 58 5.68 -21.97 -17.13
N ALA A 59 6.36 -21.97 -15.99
CA ALA A 59 7.43 -21.10 -15.50
C ALA A 59 7.16 -19.59 -15.60
N GLY A 60 8.04 -18.84 -14.93
CA GLY A 60 8.03 -17.40 -14.95
C GLY A 60 9.38 -16.88 -14.53
N ASP A 61 9.56 -16.59 -13.23
CA ASP A 61 10.70 -15.96 -12.59
C ASP A 61 10.99 -14.57 -13.21
N HIS A 62 10.03 -14.08 -14.01
CA HIS A 62 9.99 -12.73 -14.51
C HIS A 62 8.54 -12.21 -14.71
N ARG A 63 7.50 -12.98 -14.36
CA ARG A 63 6.13 -12.73 -14.81
C ARG A 63 5.10 -13.22 -13.79
N GLN A 64 3.81 -13.23 -14.14
CA GLN A 64 2.68 -13.81 -13.44
C GLN A 64 2.42 -13.29 -12.03
N TYR A 65 2.68 -12.01 -11.87
CA TYR A 65 2.51 -11.34 -10.60
C TYR A 65 1.05 -11.19 -10.19
N ARG A 66 0.78 -11.30 -8.88
CA ARG A 66 -0.51 -11.16 -8.17
C ARG A 66 -0.31 -11.42 -6.68
N GLY A 67 0.29 -10.43 -6.08
CA GLY A 67 0.54 -10.32 -4.64
C GLY A 67 -0.61 -9.63 -3.90
N VAL A 68 -0.38 -9.31 -2.63
CA VAL A 68 -1.26 -8.48 -1.82
C VAL A 68 -0.44 -7.28 -1.32
N PHE A 69 -1.12 -6.26 -0.81
CA PHE A 69 -0.56 -5.10 -0.15
C PHE A 69 -1.40 -4.88 1.10
N GLN A 70 -0.75 -4.53 2.21
CA GLN A 70 -1.30 -4.55 3.54
C GLN A 70 -0.84 -3.27 4.24
N VAL A 71 -1.77 -2.39 4.62
CA VAL A 71 -1.46 -1.09 5.20
C VAL A 71 -2.14 -0.99 6.57
N ASN A 72 -1.49 -0.33 7.53
CA ASN A 72 -1.96 -0.18 8.90
C ASN A 72 -1.70 1.26 9.34
N VAL A 73 -2.71 2.11 9.23
CA VAL A 73 -2.74 3.44 9.83
C VAL A 73 -2.93 3.25 11.33
N VAL A 74 -1.86 3.40 12.10
CA VAL A 74 -1.85 3.45 13.57
C VAL A 74 -1.84 4.93 13.96
N MET A 75 -2.74 5.37 14.85
CA MET A 75 -2.74 6.74 15.36
C MET A 75 -3.02 6.64 16.87
N PRO A 76 -2.62 7.62 17.70
CA PRO A 76 -2.86 7.59 19.13
C PRO A 76 -4.32 7.85 19.48
N ILE A 77 -4.71 7.67 20.73
CA ILE A 77 -6.09 7.87 21.19
C ILE A 77 -6.16 9.13 22.07
N GLY A 78 -5.82 10.27 21.48
CA GLY A 78 -5.55 11.49 22.22
C GLY A 78 -6.63 12.54 22.02
N ASP A 79 -6.93 12.91 20.77
CA ASP A 79 -7.99 13.86 20.45
C ASP A 79 -9.03 13.20 19.54
N GLY A 80 -9.71 12.18 20.08
CA GLY A 80 -10.80 11.50 19.42
C GLY A 80 -10.27 10.60 18.32
N SER A 81 -10.18 9.31 18.59
CA SER A 81 -9.59 8.29 17.71
C SER A 81 -10.41 7.98 16.45
N ARG A 82 -10.81 8.99 15.66
CA ARG A 82 -11.68 8.85 14.50
C ARG A 82 -10.93 9.12 13.18
N SER A 83 -9.62 9.38 13.24
CA SER A 83 -8.82 9.74 12.07
C SER A 83 -8.61 8.59 11.08
N ALA A 84 -8.95 7.35 11.45
CA ALA A 84 -8.91 6.17 10.58
C ALA A 84 -9.70 6.42 9.29
N GLU A 85 -10.86 7.06 9.38
CA GLU A 85 -11.71 7.32 8.22
C GLU A 85 -11.07 8.35 7.30
N GLN A 86 -10.54 9.43 7.87
CA GLN A 86 -9.83 10.46 7.13
C GLN A 86 -8.74 9.84 6.25
N VAL A 87 -7.92 8.96 6.82
CA VAL A 87 -6.82 8.33 6.11
C VAL A 87 -7.31 7.31 5.11
N ALA A 88 -8.29 6.46 5.47
CA ALA A 88 -8.84 5.50 4.54
C ALA A 88 -9.39 6.21 3.29
N ALA A 89 -10.05 7.36 3.48
CA ALA A 89 -10.72 8.14 2.44
C ALA A 89 -9.70 8.81 1.52
N GLU A 90 -8.72 9.50 2.13
CA GLU A 90 -7.61 10.15 1.43
C GLU A 90 -6.89 9.13 0.53
N LEU A 91 -6.55 7.98 1.11
CA LEU A 91 -5.84 6.92 0.43
C LEU A 91 -6.73 6.24 -0.62
N ASP A 92 -8.03 6.05 -0.37
CA ASP A 92 -8.95 5.49 -1.36
C ASP A 92 -9.05 6.38 -2.59
N ALA A 93 -9.09 7.70 -2.40
CA ALA A 93 -9.10 8.66 -3.50
C ALA A 93 -7.80 8.54 -4.32
N LEU A 94 -6.68 8.26 -3.65
CA LEU A 94 -5.40 8.08 -4.32
C LEU A 94 -5.34 6.74 -5.04
N PHE A 95 -5.90 5.67 -4.47
CA PHE A 95 -5.79 4.30 -4.96
C PHE A 95 -7.20 3.75 -5.31
N PRO A 96 -7.88 4.29 -6.35
CA PRO A 96 -9.19 3.82 -6.78
C PRO A 96 -9.07 2.51 -7.57
N VAL A 97 -10.21 1.88 -7.86
CA VAL A 97 -10.44 0.56 -8.48
C VAL A 97 -9.79 0.30 -9.85
N ASN A 98 -8.97 1.22 -10.35
CA ASN A 98 -8.18 1.05 -11.56
C ASN A 98 -6.69 1.03 -11.20
N LEU A 99 -6.24 1.98 -10.36
CA LEU A 99 -4.86 2.45 -10.21
C LEU A 99 -4.22 2.67 -11.58
N VAL A 100 -4.39 3.84 -12.17
CA VAL A 100 -3.64 4.22 -13.36
C VAL A 100 -2.23 4.65 -12.90
N MET A 101 -1.43 3.67 -12.47
CA MET A 101 -0.02 3.82 -12.18
C MET A 101 0.77 3.03 -13.20
N GLN A 102 1.69 3.70 -13.86
CA GLN A 102 2.57 3.11 -14.86
C GLN A 102 3.91 2.80 -14.20
N SER A 103 4.86 2.27 -14.95
CA SER A 103 6.20 2.02 -14.46
C SER A 103 7.18 2.22 -15.62
N GLY A 104 8.48 2.06 -15.35
CA GLY A 104 9.45 1.90 -16.42
C GLY A 104 9.19 0.65 -17.26
N GLY A 105 8.64 -0.43 -16.66
CA GLY A 105 8.57 -1.71 -17.33
C GLY A 105 7.36 -1.74 -18.24
N LEU A 106 6.20 -1.47 -17.64
CA LEU A 106 4.90 -1.50 -18.29
C LEU A 106 3.97 -0.72 -17.36
N ALA A 107 3.33 -1.37 -16.38
CA ALA A 107 2.34 -0.76 -15.48
C ALA A 107 1.81 -1.80 -14.49
N VAL A 108 0.95 -1.35 -13.58
CA VAL A 108 0.28 -2.17 -12.59
C VAL A 108 -1.13 -1.63 -12.37
N ARG A 109 -2.01 -2.34 -11.66
CA ARG A 109 -3.41 -1.99 -11.42
C ARG A 109 -3.74 -2.35 -9.98
N VAL A 110 -4.97 -2.13 -9.53
CA VAL A 110 -5.41 -2.53 -8.19
C VAL A 110 -6.24 -3.83 -8.23
N ARG A 111 -6.92 -4.12 -9.35
CA ARG A 111 -7.85 -5.23 -9.57
C ARG A 111 -9.14 -5.15 -8.77
N THR A 112 -9.09 -4.69 -7.54
CA THR A 112 -10.23 -4.72 -6.64
C THR A 112 -10.45 -3.36 -5.96
N PRO A 113 -11.66 -3.06 -5.43
CA PRO A 113 -11.88 -1.85 -4.66
C PRO A 113 -11.13 -1.93 -3.34
N ILE A 114 -10.92 -0.77 -2.70
CA ILE A 114 -10.21 -0.68 -1.42
C ILE A 114 -10.98 -1.49 -0.39
N SER A 115 -10.27 -2.34 0.36
CA SER A 115 -10.86 -3.02 1.47
C SER A 115 -10.52 -2.24 2.74
N ASN A 116 -11.47 -2.21 3.67
CA ASN A 116 -11.40 -1.56 4.97
C ASN A 116 -12.29 -2.34 5.93
N GLY A 117 -11.97 -2.34 7.23
CA GLY A 117 -12.69 -3.12 8.23
C GLY A 117 -12.59 -2.47 9.61
N GLN A 118 -13.15 -3.13 10.64
CA GLN A 118 -13.11 -2.65 12.01
C GLN A 118 -11.69 -2.73 12.59
N PRO A 119 -11.29 -1.82 13.50
CA PRO A 119 -9.99 -1.86 14.16
C PRO A 119 -9.93 -2.92 15.27
N THR A 120 -8.77 -3.01 15.93
CA THR A 120 -8.46 -3.98 16.99
C THR A 120 -7.76 -3.27 18.18
N THR A 121 -8.04 -1.98 18.33
CA THR A 121 -7.37 -1.03 19.23
C THR A 121 -7.19 -1.59 20.64
N GLY A 122 -6.06 -1.23 21.23
CA GLY A 122 -5.62 -1.68 22.54
C GLY A 122 -6.01 -0.65 23.58
N ASP A 123 -5.12 0.31 23.75
CA ASP A 123 -5.02 1.13 24.97
C ASP A 123 -4.68 2.58 24.66
N ALA A 124 -3.79 2.80 23.69
CA ALA A 124 -3.24 4.11 23.43
C ALA A 124 -3.10 4.40 21.93
N ASP A 125 -3.49 3.45 21.07
CA ASP A 125 -3.30 3.42 19.65
C ASP A 125 -4.41 2.61 19.00
N HIS A 126 -4.81 3.01 17.80
CA HIS A 126 -5.89 2.38 17.05
C HIS A 126 -5.49 2.20 15.59
N THR A 127 -5.73 0.99 15.06
CA THR A 127 -5.20 0.51 13.79
C THR A 127 -6.30 -0.24 13.06
N VAL A 128 -6.89 0.41 12.05
CA VAL A 128 -7.81 -0.23 11.13
C VAL A 128 -7.00 -1.06 10.12
N PRO A 129 -7.55 -2.18 9.64
CA PRO A 129 -6.99 -2.97 8.57
C PRO A 129 -7.33 -2.29 7.24
N ILE A 130 -6.35 -2.13 6.35
CA ILE A 130 -6.54 -1.78 4.96
C ILE A 130 -5.67 -2.75 4.17
N SER A 131 -6.18 -3.22 3.04
CA SER A 131 -5.42 -4.07 2.14
C SER A 131 -6.05 -4.08 0.75
N LEU A 132 -5.33 -4.64 -0.22
CA LEU A 132 -5.74 -4.77 -1.61
C LEU A 132 -4.91 -5.83 -2.32
N GLY A 133 -5.49 -6.47 -3.33
CA GLY A 133 -4.93 -7.65 -3.96
C GLY A 133 -4.89 -7.44 -5.46
N TYR A 134 -3.69 -7.28 -6.01
CA TYR A 134 -3.43 -6.72 -7.32
C TYR A 134 -2.75 -7.77 -8.21
N ASP A 135 -2.21 -7.34 -9.33
CA ASP A 135 -1.38 -8.14 -10.23
C ASP A 135 -0.45 -7.20 -10.96
N VAL A 136 -0.83 -6.62 -12.09
CA VAL A 136 0.07 -6.03 -13.06
C VAL A 136 -0.77 -5.50 -14.19
N GLN A 137 -0.09 -4.91 -15.17
CA GLN A 137 -0.72 -4.61 -16.41
C GLN A 137 0.32 -4.73 -17.53
N PHE A 138 -0.17 -5.09 -18.73
CA PHE A 138 0.60 -5.28 -19.97
C PHE A 138 0.04 -4.46 -21.15
N TYR A 139 -1.10 -3.80 -20.92
CA TYR A 139 -1.78 -2.81 -21.74
C TYR A 139 -2.38 -3.36 -23.05
N PRO A 140 -3.44 -2.72 -23.59
CA PRO A 140 -3.87 -2.89 -24.98
C PRO A 140 -2.88 -2.21 -25.94
N GLU A 141 -1.65 -2.73 -25.95
CA GLU A 141 -0.47 -2.40 -26.73
C GLU A 141 -0.05 -0.94 -26.76
N GLY A 1 17.21 -9.75 -12.14
CA GLY A 1 17.18 -8.33 -11.77
C GLY A 1 16.17 -7.60 -12.62
N MET A 2 16.33 -6.28 -12.81
CA MET A 2 15.35 -5.46 -13.52
C MET A 2 13.94 -5.64 -12.92
N SER A 3 12.89 -5.25 -13.64
CA SER A 3 11.48 -5.52 -13.36
C SER A 3 11.03 -5.06 -11.96
N GLN A 4 11.19 -5.83 -10.89
CA GLN A 4 10.65 -5.49 -9.57
C GLN A 4 11.20 -4.16 -9.02
N ASP A 5 12.40 -3.79 -9.47
CA ASP A 5 13.05 -2.48 -9.30
C ASP A 5 12.09 -1.36 -9.73
N LEU A 6 11.54 -1.51 -10.94
CA LEU A 6 10.62 -0.61 -11.61
C LEU A 6 9.24 -0.69 -10.98
N ILE A 7 8.82 -1.90 -10.56
CA ILE A 7 7.52 -2.13 -9.95
C ILE A 7 7.43 -1.20 -8.74
N ARG A 8 8.33 -1.37 -7.75
CA ARG A 8 8.26 -0.61 -6.52
C ARG A 8 8.55 0.88 -6.74
N ALA A 9 9.35 1.23 -7.74
CA ALA A 9 9.56 2.63 -8.11
C ALA A 9 8.24 3.32 -8.45
N ALA A 10 7.25 2.59 -8.97
CA ALA A 10 5.94 3.13 -9.25
C ALA A 10 5.14 3.40 -7.96
N PHE A 11 5.39 2.63 -6.90
CA PHE A 11 4.61 2.68 -5.67
C PHE A 11 4.91 3.95 -4.89
N GLU A 12 6.19 4.32 -4.76
CA GLU A 12 6.60 5.58 -4.15
C GLU A 12 6.14 6.78 -5.00
N LYS A 13 5.95 6.58 -6.31
CA LYS A 13 5.37 7.59 -7.18
C LYS A 13 3.88 7.77 -6.92
N ARG A 14 3.25 6.93 -6.08
CA ARG A 14 1.85 7.04 -5.71
C ARG A 14 1.72 7.29 -4.21
N LEU A 15 2.00 6.30 -3.35
CA LEU A 15 1.75 6.41 -1.92
C LEU A 15 2.54 7.57 -1.32
N SER A 16 3.84 7.65 -1.63
CA SER A 16 4.68 8.68 -1.06
C SER A 16 4.37 10.04 -1.70
N ASP A 17 3.96 10.07 -2.98
CA ASP A 17 3.57 11.30 -3.69
C ASP A 17 2.32 11.92 -3.07
N TRP A 18 1.44 11.06 -2.58
CA TRP A 18 0.22 11.43 -1.89
C TRP A 18 0.56 11.85 -0.46
N ALA A 19 1.22 10.98 0.30
CA ALA A 19 1.41 11.17 1.72
C ALA A 19 2.19 12.45 2.00
N LYS A 20 3.12 12.85 1.13
CA LYS A 20 3.86 14.11 1.31
C LYS A 20 2.98 15.32 1.02
N ALA A 21 2.09 15.24 0.03
CA ALA A 21 1.18 16.31 -0.38
C ALA A 21 0.04 16.46 0.62
N ARG A 22 -0.15 15.47 1.48
CA ARG A 22 -1.16 15.42 2.50
C ARG A 22 -0.97 16.56 3.49
N THR A 23 -2.05 16.80 4.20
CA THR A 23 -2.21 17.77 5.26
C THR A 23 -1.22 17.54 6.45
N PRO A 24 -1.37 16.53 7.31
CA PRO A 24 -0.42 16.29 8.40
C PRO A 24 0.92 15.73 7.92
N ALA A 25 0.94 15.31 6.65
CA ALA A 25 2.09 14.81 5.92
C ALA A 25 2.86 13.71 6.67
N LEU A 26 2.33 12.49 6.55
CA LEU A 26 2.82 11.30 7.26
C LEU A 26 4.01 10.71 6.53
N PRO A 27 4.94 10.06 7.25
CA PRO A 27 5.90 9.17 6.64
C PRO A 27 5.22 7.90 6.11
N VAL A 28 5.99 7.09 5.39
CA VAL A 28 5.67 5.77 4.85
C VAL A 28 6.78 4.84 5.38
N ALA A 29 6.61 3.52 5.28
CA ALA A 29 7.71 2.57 5.44
C ALA A 29 7.47 1.38 4.51
N TRP A 30 8.54 0.74 4.04
CA TRP A 30 8.52 -0.35 3.06
C TRP A 30 9.38 -1.53 3.53
N GLN A 31 9.36 -2.67 2.82
CA GLN A 31 10.21 -3.83 2.99
C GLN A 31 11.70 -3.47 2.93
N ASN A 32 12.49 -4.00 3.87
CA ASN A 32 13.95 -3.85 3.99
C ASN A 32 14.43 -2.40 3.85
N THR A 33 13.57 -1.44 4.15
CA THR A 33 13.87 -0.02 4.12
C THR A 33 13.84 0.48 5.56
N LYS A 34 14.82 1.32 5.90
CA LYS A 34 14.89 2.03 7.16
C LYS A 34 13.62 2.82 7.43
N PHE A 35 13.17 2.87 8.68
CA PHE A 35 11.97 3.56 9.10
C PHE A 35 12.17 4.08 10.53
N THR A 36 11.15 4.73 11.09
CA THR A 36 11.20 5.43 12.38
C THR A 36 12.11 6.69 12.27
N PRO A 37 12.02 7.63 13.22
CA PRO A 37 10.97 7.71 14.24
C PRO A 37 9.63 8.09 13.58
N PRO A 38 8.49 7.84 14.24
CA PRO A 38 7.18 8.18 13.72
C PRO A 38 6.91 9.69 13.80
N ALA A 39 5.71 10.09 13.35
CA ALA A 39 5.12 11.38 13.60
C ALA A 39 4.33 11.26 14.90
N ALA A 40 5.07 11.32 16.01
CA ALA A 40 4.59 11.33 17.40
C ALA A 40 3.90 10.04 17.84
N GLY A 41 4.05 8.96 17.07
CA GLY A 41 3.38 7.68 17.24
C GLY A 41 2.36 7.39 16.15
N VAL A 42 2.11 8.34 15.25
CA VAL A 42 1.37 8.13 14.02
C VAL A 42 2.38 7.79 12.94
N TYR A 43 2.19 6.68 12.23
CA TYR A 43 3.03 6.28 11.10
C TYR A 43 2.30 5.24 10.24
N LEU A 44 2.81 5.05 9.03
CA LEU A 44 2.32 4.05 8.08
C LEU A 44 3.37 2.97 7.96
N ARG A 45 2.92 1.73 7.72
CA ARG A 45 3.76 0.59 7.39
C ARG A 45 3.09 -0.03 6.18
N ALA A 46 3.71 -0.02 5.00
CA ALA A 46 3.11 -0.44 3.73
C ALA A 46 3.87 -1.65 3.21
N TYR A 47 3.45 -2.85 3.59
CA TYR A 47 4.11 -4.09 3.23
C TYR A 47 3.53 -4.56 1.89
N VAL A 48 4.39 -4.60 0.87
CA VAL A 48 4.10 -5.12 -0.44
C VAL A 48 4.27 -6.64 -0.36
N MET A 49 3.21 -7.38 -0.67
CA MET A 49 3.10 -8.83 -0.58
C MET A 49 2.99 -9.41 -1.98
N PRO A 50 4.11 -9.71 -2.66
CA PRO A 50 4.08 -10.39 -3.95
C PRO A 50 3.30 -11.71 -3.86
N ALA A 51 2.79 -12.16 -5.00
CA ALA A 51 2.26 -13.50 -5.21
C ALA A 51 3.37 -14.49 -4.88
N ALA A 52 3.14 -15.40 -3.92
CA ALA A 52 4.09 -16.43 -3.57
C ALA A 52 3.33 -17.73 -3.23
N THR A 53 2.73 -18.33 -4.24
CA THR A 53 2.22 -19.69 -4.20
C THR A 53 3.39 -20.68 -4.06
N ILE A 54 3.10 -21.95 -4.33
CA ILE A 54 4.00 -23.08 -4.38
C ILE A 54 5.28 -22.72 -5.15
N SER A 55 6.37 -23.25 -4.61
CA SER A 55 7.73 -23.16 -5.09
C SER A 55 8.44 -24.51 -4.98
N ARG A 56 7.68 -25.59 -4.84
CA ARG A 56 8.23 -26.96 -4.93
C ARG A 56 8.41 -27.45 -6.35
N ASP A 57 8.14 -26.58 -7.30
CA ASP A 57 8.17 -26.77 -8.70
C ASP A 57 8.14 -25.36 -9.30
N ALA A 58 8.93 -25.13 -10.35
CA ALA A 58 8.88 -24.04 -11.33
C ALA A 58 8.74 -22.59 -10.80
N ALA A 59 9.04 -22.38 -9.52
CA ALA A 59 8.91 -21.14 -8.75
C ALA A 59 7.45 -20.77 -8.45
N GLY A 60 7.25 -19.72 -7.66
CA GLY A 60 5.95 -19.20 -7.25
C GLY A 60 5.62 -17.89 -7.96
N ASP A 61 6.18 -17.70 -9.14
CA ASP A 61 6.09 -16.56 -10.05
C ASP A 61 6.33 -17.15 -11.44
N HIS A 62 5.68 -16.59 -12.45
CA HIS A 62 5.99 -16.92 -13.85
C HIS A 62 5.67 -15.80 -14.83
N ARG A 63 4.57 -15.10 -14.60
CA ARG A 63 4.01 -14.08 -15.48
C ARG A 63 2.79 -13.33 -14.98
N GLN A 64 2.49 -13.43 -13.70
CA GLN A 64 1.49 -12.62 -13.00
C GLN A 64 1.93 -12.44 -11.56
N TYR A 65 1.77 -11.22 -11.05
CA TYR A 65 1.99 -10.81 -9.66
C TYR A 65 0.60 -10.45 -9.14
N ARG A 66 -0.06 -11.43 -8.54
CA ARG A 66 -1.38 -11.30 -7.89
C ARG A 66 -1.18 -11.53 -6.41
N GLY A 67 -1.13 -10.43 -5.67
CA GLY A 67 -0.67 -10.37 -4.29
C GLY A 67 -1.61 -9.53 -3.44
N VAL A 68 -1.15 -8.99 -2.31
CA VAL A 68 -1.89 -8.00 -1.53
C VAL A 68 -0.93 -6.84 -1.18
N PHE A 69 -1.46 -5.64 -0.92
CA PHE A 69 -0.71 -4.60 -0.23
C PHE A 69 -1.39 -4.38 1.09
N GLN A 70 -0.60 -4.46 2.16
CA GLN A 70 -1.08 -4.45 3.54
C GLN A 70 -0.51 -3.22 4.23
N VAL A 71 -1.34 -2.19 4.40
CA VAL A 71 -0.99 -0.98 5.13
C VAL A 71 -1.68 -1.06 6.49
N ASN A 72 -1.21 -0.27 7.46
CA ASN A 72 -1.92 0.10 8.66
C ASN A 72 -1.66 1.58 8.90
N VAL A 73 -2.56 2.22 9.64
CA VAL A 73 -2.54 3.63 10.01
C VAL A 73 -2.63 3.65 11.52
N VAL A 74 -1.54 3.29 12.19
CA VAL A 74 -1.51 3.34 13.64
C VAL A 74 -1.64 4.81 14.04
N MET A 75 -2.57 5.11 14.94
CA MET A 75 -2.73 6.44 15.52
C MET A 75 -3.19 6.31 16.98
N PRO A 76 -2.76 7.21 17.87
CA PRO A 76 -2.91 7.09 19.32
C PRO A 76 -4.32 7.43 19.77
N ILE A 77 -4.72 6.99 20.96
CA ILE A 77 -6.02 7.30 21.52
C ILE A 77 -5.86 8.59 22.32
N GLY A 78 -6.17 9.72 21.67
CA GLY A 78 -6.31 11.02 22.30
C GLY A 78 -5.97 12.07 21.27
N ASP A 79 -4.69 12.45 21.23
CA ASP A 79 -4.17 13.57 20.42
C ASP A 79 -4.20 13.30 18.92
N GLY A 80 -4.63 12.10 18.53
CA GLY A 80 -4.70 11.60 17.18
C GLY A 80 -5.80 10.56 16.99
N SER A 81 -6.77 10.41 17.92
CA SER A 81 -7.77 9.35 17.79
C SER A 81 -8.59 9.54 16.51
N ARG A 82 -9.21 8.44 16.07
CA ARG A 82 -10.18 8.32 14.99
C ARG A 82 -9.82 9.05 13.70
N SER A 83 -8.53 9.31 13.48
CA SER A 83 -8.02 9.80 12.20
C SER A 83 -8.14 8.71 11.12
N ALA A 84 -8.19 7.43 11.51
CA ALA A 84 -8.25 6.28 10.61
C ALA A 84 -9.28 6.44 9.50
N GLU A 85 -10.50 6.90 9.81
CA GLU A 85 -11.51 7.11 8.77
C GLU A 85 -11.10 8.19 7.80
N GLN A 86 -10.79 9.38 8.30
CA GLN A 86 -10.34 10.51 7.51
C GLN A 86 -9.20 10.12 6.58
N VAL A 87 -8.24 9.33 7.08
CA VAL A 87 -7.15 8.80 6.29
C VAL A 87 -7.70 7.86 5.24
N ALA A 88 -8.53 6.88 5.60
CA ALA A 88 -9.09 5.94 4.64
C ALA A 88 -9.86 6.68 3.52
N ALA A 89 -10.50 7.82 3.84
CA ALA A 89 -11.18 8.64 2.84
C ALA A 89 -10.16 9.25 1.88
N GLU A 90 -9.06 9.78 2.39
CA GLU A 90 -7.98 10.32 1.56
C GLU A 90 -7.43 9.24 0.64
N LEU A 91 -7.05 8.07 1.18
CA LEU A 91 -6.56 6.98 0.37
C LEU A 91 -7.55 6.58 -0.72
N ASP A 92 -8.85 6.53 -0.43
CA ASP A 92 -9.85 6.10 -1.41
C ASP A 92 -9.90 7.04 -2.63
N ALA A 93 -9.81 8.35 -2.37
CA ALA A 93 -9.77 9.35 -3.45
C ALA A 93 -8.56 9.12 -4.37
N LEU A 94 -7.45 8.68 -3.79
CA LEU A 94 -6.17 8.60 -4.47
C LEU A 94 -5.92 7.23 -5.10
N PHE A 95 -6.55 6.17 -4.58
CA PHE A 95 -6.39 4.79 -5.05
C PHE A 95 -7.67 4.24 -5.69
N PRO A 96 -8.11 4.75 -6.86
CA PRO A 96 -9.26 4.21 -7.58
C PRO A 96 -8.95 2.80 -8.11
N VAL A 97 -10.01 2.03 -8.42
CA VAL A 97 -10.08 0.61 -8.83
C VAL A 97 -9.39 0.26 -10.15
N ASN A 98 -8.51 1.11 -10.64
CA ASN A 98 -7.62 0.80 -11.76
C ASN A 98 -6.19 0.86 -11.30
N LEU A 99 -5.80 2.02 -10.78
CA LEU A 99 -4.48 2.33 -10.28
C LEU A 99 -3.40 1.82 -11.22
N VAL A 100 -3.43 2.31 -12.46
CA VAL A 100 -2.40 2.04 -13.44
C VAL A 100 -1.12 2.72 -12.95
N MET A 101 -0.19 1.97 -12.34
CA MET A 101 1.17 2.45 -12.13
C MET A 101 2.01 1.87 -13.28
N GLN A 102 1.90 2.52 -14.43
CA GLN A 102 2.70 2.23 -15.60
C GLN A 102 4.16 2.59 -15.24
N SER A 103 5.07 1.62 -15.26
CA SER A 103 6.49 1.84 -15.02
C SER A 103 7.29 1.22 -16.17
N GLY A 104 8.61 1.30 -16.10
CA GLY A 104 9.49 0.67 -17.07
C GLY A 104 9.21 -0.82 -17.23
N GLY A 105 8.70 -1.50 -16.20
CA GLY A 105 8.36 -2.90 -16.33
C GLY A 105 7.02 -3.03 -17.02
N LEU A 106 5.95 -2.74 -16.27
CA LEU A 106 4.59 -3.20 -16.52
C LEU A 106 3.62 -2.16 -15.95
N ALA A 107 2.35 -2.54 -15.84
CA ALA A 107 1.27 -1.72 -15.31
C ALA A 107 0.62 -2.50 -14.17
N VAL A 108 1.13 -2.39 -12.95
CA VAL A 108 0.50 -3.00 -11.78
C VAL A 108 -0.87 -2.33 -11.66
N ARG A 109 -1.92 -3.14 -11.45
CA ARG A 109 -3.30 -2.62 -11.41
C ARG A 109 -4.05 -3.20 -10.23
N VAL A 110 -4.89 -2.39 -9.60
CA VAL A 110 -5.34 -2.66 -8.23
C VAL A 110 -6.38 -3.78 -8.13
N ARG A 111 -7.11 -4.05 -9.23
CA ARG A 111 -8.17 -5.05 -9.40
C ARG A 111 -9.39 -4.80 -8.52
N THR A 112 -9.21 -4.84 -7.22
CA THR A 112 -10.25 -4.62 -6.24
C THR A 112 -10.42 -3.13 -6.02
N PRO A 113 -11.59 -2.67 -5.52
CA PRO A 113 -11.68 -1.34 -4.96
C PRO A 113 -10.96 -1.36 -3.61
N ILE A 114 -10.91 -0.17 -3.01
CA ILE A 114 -10.45 0.06 -1.66
C ILE A 114 -11.38 -0.65 -0.68
N SER A 115 -10.84 -1.07 0.46
CA SER A 115 -11.62 -1.53 1.60
C SER A 115 -11.12 -0.86 2.87
N ASN A 116 -11.96 -0.93 3.91
CA ASN A 116 -11.68 -0.60 5.30
C ASN A 116 -12.70 -1.35 6.16
N GLY A 117 -12.26 -1.91 7.30
CA GLY A 117 -13.12 -2.40 8.37
C GLY A 117 -12.86 -1.63 9.67
N GLN A 118 -13.64 -1.91 10.71
CA GLN A 118 -13.48 -1.35 12.04
C GLN A 118 -12.13 -1.80 12.66
N PRO A 119 -11.59 -1.05 13.62
CA PRO A 119 -10.28 -1.34 14.20
C PRO A 119 -10.31 -2.49 15.19
N THR A 120 -9.13 -3.05 15.50
CA THR A 120 -9.06 -4.10 16.53
C THR A 120 -8.64 -3.53 17.88
N THR A 121 -8.48 -2.21 17.90
CA THR A 121 -7.80 -1.46 18.95
C THR A 121 -6.37 -1.99 19.15
N GLY A 122 -5.63 -1.34 20.04
CA GLY A 122 -4.27 -1.59 20.44
C GLY A 122 -4.13 -1.29 21.92
N ASP A 123 -2.90 -1.10 22.39
CA ASP A 123 -2.59 -0.79 23.77
C ASP A 123 -3.16 0.57 24.20
N ALA A 124 -2.92 1.59 23.38
CA ALA A 124 -3.32 2.98 23.58
C ALA A 124 -3.41 3.69 22.23
N ASP A 125 -3.60 2.90 21.18
CA ASP A 125 -3.65 3.20 19.78
C ASP A 125 -4.77 2.34 19.20
N HIS A 126 -5.15 2.58 17.94
CA HIS A 126 -5.92 1.62 17.16
C HIS A 126 -5.19 1.39 15.84
N THR A 127 -5.68 0.38 15.14
CA THR A 127 -5.22 -0.11 13.87
C THR A 127 -6.47 -0.66 13.19
N VAL A 128 -6.78 -0.13 12.01
CA VAL A 128 -7.87 -0.53 11.15
C VAL A 128 -7.29 -1.37 10.00
N PRO A 129 -8.00 -2.41 9.56
CA PRO A 129 -7.59 -3.21 8.41
C PRO A 129 -7.84 -2.38 7.14
N ILE A 130 -6.81 -2.22 6.31
CA ILE A 130 -6.85 -1.53 5.02
C ILE A 130 -5.89 -2.31 4.11
N SER A 131 -6.42 -2.92 3.05
CA SER A 131 -5.64 -3.67 2.06
C SER A 131 -6.47 -3.91 0.79
N LEU A 132 -5.82 -4.36 -0.29
CA LEU A 132 -6.37 -4.55 -1.62
C LEU A 132 -5.57 -5.62 -2.38
N GLY A 133 -6.21 -6.30 -3.35
CA GLY A 133 -5.72 -7.55 -3.95
C GLY A 133 -5.55 -7.40 -5.46
N TYR A 134 -4.40 -6.83 -5.82
CA TYR A 134 -3.99 -6.40 -7.13
C TYR A 134 -3.63 -7.54 -8.10
N ASP A 135 -3.36 -7.18 -9.36
CA ASP A 135 -2.72 -8.01 -10.35
C ASP A 135 -1.63 -7.23 -11.10
N VAL A 136 -0.91 -7.91 -11.98
CA VAL A 136 -0.17 -7.29 -13.06
C VAL A 136 -0.25 -8.25 -14.24
N GLN A 137 -0.37 -7.67 -15.42
CA GLN A 137 -0.26 -8.35 -16.71
C GLN A 137 1.07 -7.97 -17.35
N PHE A 138 1.49 -8.78 -18.31
CA PHE A 138 2.68 -8.56 -19.12
C PHE A 138 2.16 -8.26 -20.54
N TYR A 139 2.67 -7.21 -21.16
CA TYR A 139 2.44 -6.89 -22.56
C TYR A 139 3.81 -6.80 -23.21
N PRO A 140 4.45 -7.92 -23.61
CA PRO A 140 5.63 -7.87 -24.45
C PRO A 140 5.26 -7.34 -25.85
N GLU A 141 6.21 -7.41 -26.75
CA GLU A 141 5.96 -7.27 -28.18
C GLU A 141 5.25 -8.53 -28.67
#